data_6M15
#
_entry.id   6M15
#
_cell.length_a   1.00
_cell.length_b   1.00
_cell.length_c   1.00
_cell.angle_alpha   90.00
_cell.angle_beta   90.00
_cell.angle_gamma   90.00
#
_symmetry.space_group_name_H-M   'P 1'
#
loop_
_entity.id
_entity.type
_entity.pdbx_description
1 polymer 'Spike glycoprotein'
2 branched 2-acetamido-2-deoxy-beta-D-glucopyranose-(1-4)-2-acetamido-2-deoxy-beta-D-glucopyranose
3 branched beta-D-mannopyranose-(1-4)-2-acetamido-2-deoxy-beta-D-glucopyranose-(1-4)-2-acetamido-2-deoxy-beta-D-glucopyranose
4 non-polymer 2-acetamido-2-deoxy-beta-D-glucopyranose
5 water water
#
_entity_poly.entity_id   1
_entity_poly.type   'polypeptide(L)'
_entity_poly.pdbx_seq_one_letter_code
;MKLFIVFVLLFRVCYCCDYVDFRLFNGIFSTSRGLSNTTTVITGAYPSTNKAKWFCPTNVGRPVGTGVGIGVYAQTAQAS
YETGGSGAGGYTFSVSPKHVTNLTWSLWVHRPWGANANVTVRLCRWWQKFSFNETAHFQPAGPSSAFECLVNGSFPSSQH
KGYMFGVTWYNDFVRIIFPPTVFELQLDGLQWEYVQFTGPVNAGRMTKFNVVTEISSVLVLTDQSGAVTRYSYCADGFVN
GLQCKLRLFDIPPGVYSNSEVEYPVALYTVVHNMSVCPQRPESYCGSNYCPFKRVVFSNCVVNYTSWTSGLLRDYQHLVL
PNGKFNPFTECNGLNRIVDDCVTGFVLRVGRGTAVNRTVITPYLKPNECFGWSWNDYQDSIYDWWIADFVSTGAFVCEKN
PDAPRTGVCITYTIEKVTFQGVLYESNFTFAQYYNVLYFGSQLKYVRILGKVYEVAPCFEASYDVLFRSSSSFGLLYRSF
DCNQLRISASRFAERLLPSHNGTATALGCLFNATYAPNDTMVNCTNPLGDGFCADLLSNVVVRRMTFEKHDTTYVAPVTN
ERFTELPLDHQLVLTEQFLQTTMPKFSISCETYICDVSKACKNLLFRYGGFCQKIEADIRGAGVLLDSDVSGLYSTIAAK
TSSITPTTDRFNVSQFFLPKVQSNSERFESRSVIEDLLFSKIETTGPGFYGDYYNCKKNAIQDLTCAQYHNGILVIPPVM
DAETLGMYGGIAAASLTLGIFGGQAGITTWSLAMAGRLNALGVVQNALVDDVNKLANGFNQLTASVGKLALTTSSALQAI
QAVVNQNAAQVESLVSGITENFGAISTNFKVISQRLDKLEADVQMDRLINGRMNVLQLFVTNYKLKIAELRNTHRYVQSL
INECVYAQSLRNGFCGQGLHVLSLMQNAPSGIMFFHYSLIPNNTITVKTTPGLCESDELGSKCIVAKDGVLVSANLSYWQ
WSPRNLYKPENLTFANVIAVSRGANYTTLNRTFDIPELNSTFPIDEEFREYFQNMSSELQALKNLTADMSKLNISAEIQL
INEIAHNVSNMRVEVEKFQRYVNYVKLEVLFQGPGGGSGGGSGYIPEAPRDGQAYVRKDGEWVLLSTFLGWSHPQFEK
;
_entity_poly.pdbx_strand_id   B,A,C
#
loop_
_chem_comp.id
_chem_comp.type
_chem_comp.name
_chem_comp.formula
BMA D-saccharide, beta linking beta-D-mannopyranose 'C6 H12 O6'
NAG D-saccharide, beta linking 2-acetamido-2-deoxy-beta-D-glucopyranose 'C8 H15 N O6'
#
# COMPACT_ATOMS: atom_id res chain seq x y z
N CYS A 17 25.25 10.65 -48.90
CA CYS A 17 26.30 11.60 -48.55
C CYS A 17 27.60 10.85 -48.26
N ASP A 18 28.74 11.51 -48.42
CA ASP A 18 30.02 10.80 -48.35
C ASP A 18 30.63 10.85 -46.96
N TYR A 19 30.50 11.97 -46.26
CA TYR A 19 31.04 12.08 -44.91
C TYR A 19 30.19 13.02 -44.08
N VAL A 20 29.50 12.47 -43.09
CA VAL A 20 28.80 13.25 -42.06
C VAL A 20 29.61 13.13 -40.78
N ASP A 21 29.90 14.25 -40.16
CA ASP A 21 30.65 14.30 -38.90
C ASP A 21 29.72 13.91 -37.76
N PHE A 22 29.83 12.66 -37.30
CA PHE A 22 28.92 12.16 -36.27
C PHE A 22 29.33 12.60 -34.87
N ARG A 23 30.48 13.23 -34.70
CA ARG A 23 30.85 13.78 -33.40
C ARG A 23 30.18 15.11 -33.15
N LEU A 24 29.56 15.70 -34.18
CA LEU A 24 28.82 16.93 -33.98
C LEU A 24 27.43 16.67 -33.41
N PHE A 25 27.01 15.41 -33.27
CA PHE A 25 25.67 15.16 -32.75
C PHE A 25 25.58 15.47 -31.27
N ASN A 26 26.72 15.53 -30.57
CA ASN A 26 26.74 15.72 -29.11
C ASN A 26 26.14 17.06 -28.71
N GLY A 27 26.29 18.07 -29.57
CA GLY A 27 25.87 19.40 -29.19
C GLY A 27 24.38 19.64 -29.36
N ILE A 28 23.68 18.74 -30.04
CA ILE A 28 22.24 18.95 -30.15
C ILE A 28 21.48 18.07 -29.17
N PHE A 29 22.16 17.22 -28.42
CA PHE A 29 21.47 16.45 -27.40
C PHE A 29 21.48 17.21 -26.08
N SER A 30 20.37 17.15 -25.37
CA SER A 30 20.29 17.79 -24.06
C SER A 30 19.27 17.04 -23.23
N THR A 31 19.40 17.19 -21.92
CA THR A 31 18.44 16.66 -20.98
C THR A 31 17.58 17.80 -20.46
N SER A 32 16.59 17.46 -19.64
CA SER A 32 15.73 18.49 -19.06
C SER A 32 16.47 19.28 -17.99
N ARG A 33 17.22 18.60 -17.14
CA ARG A 33 18.05 19.26 -16.14
C ARG A 33 19.50 18.97 -16.44
N GLY A 34 20.39 19.70 -15.77
CA GLY A 34 21.81 19.40 -15.87
C GLY A 34 22.19 18.21 -14.98
N LEU A 35 22.84 17.23 -15.58
CA LEU A 35 23.17 15.98 -14.90
C LEU A 35 24.65 15.70 -15.05
N SER A 36 25.35 15.53 -13.92
CA SER A 36 26.78 15.32 -13.91
C SER A 36 27.08 13.82 -13.90
N ASN A 37 27.87 13.38 -14.89
CA ASN A 37 28.34 11.99 -15.05
C ASN A 37 27.23 10.94 -15.14
N THR A 38 26.07 11.30 -15.66
CA THR A 38 25.00 10.32 -15.61
C THR A 38 24.89 9.61 -16.94
N THR A 39 24.07 8.58 -16.95
CA THR A 39 23.69 7.84 -18.13
C THR A 39 22.17 7.80 -18.18
N THR A 40 21.58 8.41 -19.21
CA THR A 40 20.14 8.49 -19.27
C THR A 40 19.70 8.31 -20.72
N VAL A 41 18.42 7.96 -20.89
CA VAL A 41 17.79 7.86 -22.19
C VAL A 41 16.96 9.12 -22.42
N ILE A 42 17.16 9.76 -23.57
CA ILE A 42 16.35 10.88 -24.03
C ILE A 42 15.60 10.43 -25.26
N THR A 43 14.53 11.15 -25.59
CA THR A 43 13.63 10.73 -26.66
C THR A 43 13.08 11.95 -27.38
N GLY A 44 13.12 11.92 -28.71
CA GLY A 44 12.66 13.06 -29.48
C GLY A 44 13.01 12.88 -30.94
N ALA A 45 12.76 13.94 -31.72
CA ALA A 45 13.00 13.93 -33.15
C ALA A 45 14.47 14.27 -33.40
N TYR A 46 15.25 13.28 -33.77
CA TYR A 46 16.69 13.38 -33.82
C TYR A 46 17.22 12.96 -35.19
N PRO A 47 18.41 13.43 -35.59
CA PRO A 47 18.94 13.06 -36.90
C PRO A 47 19.37 11.60 -36.97
N SER A 48 19.11 11.01 -38.14
CA SER A 48 19.53 9.65 -38.48
C SER A 48 21.05 9.48 -38.47
N THR A 49 21.51 8.37 -37.92
CA THR A 49 22.91 8.01 -38.02
C THR A 49 23.25 7.23 -39.27
N ASN A 50 22.26 6.94 -40.12
CA ASN A 50 22.50 6.32 -41.41
C ASN A 50 22.95 7.40 -42.40
N LYS A 51 24.15 7.23 -42.96
CA LYS A 51 24.74 8.26 -43.82
C LYS A 51 24.05 8.37 -45.17
N ALA A 52 23.30 7.35 -45.58
CA ALA A 52 22.53 7.39 -46.82
C ALA A 52 21.24 8.18 -46.68
N LYS A 53 20.84 8.54 -45.46
CA LYS A 53 19.72 9.44 -45.26
C LYS A 53 20.13 10.89 -45.39
N TRP A 54 21.42 11.17 -45.49
CA TRP A 54 21.90 12.53 -45.63
C TRP A 54 22.06 12.88 -47.11
N PHE A 55 22.25 14.17 -47.37
CA PHE A 55 22.18 14.73 -48.71
C PHE A 55 23.30 15.75 -48.88
N CYS A 56 24.36 15.39 -49.60
CA CYS A 56 25.43 16.36 -49.86
C CYS A 56 26.10 16.30 -51.24
N PRO A 57 25.37 16.22 -52.39
CA PRO A 57 26.09 15.96 -53.64
C PRO A 57 26.77 17.19 -54.22
N THR A 58 27.94 16.98 -54.83
CA THR A 58 28.61 18.02 -55.59
C THR A 58 28.27 17.87 -57.08
N ASN A 59 27.91 18.99 -57.69
CA ASN A 59 27.58 19.02 -59.11
C ASN A 59 28.02 20.40 -59.64
N VAL A 60 27.58 20.73 -60.86
CA VAL A 60 27.95 22.00 -61.45
C VAL A 60 27.21 23.15 -60.79
N GLY A 61 26.00 22.89 -60.29
CA GLY A 61 25.21 23.92 -59.66
C GLY A 61 24.88 23.55 -58.23
N ARG A 62 23.92 24.27 -57.67
CA ARG A 62 23.37 23.90 -56.37
C ARG A 62 22.21 22.94 -56.56
N PRO A 63 22.30 21.71 -56.04
CA PRO A 63 21.19 20.77 -56.21
C PRO A 63 20.09 20.97 -55.17
N VAL A 64 18.84 20.81 -55.58
CA VAL A 64 17.68 21.00 -54.71
C VAL A 64 17.22 19.64 -54.22
N GLY A 65 17.34 19.39 -52.93
CA GLY A 65 16.86 18.16 -52.33
C GLY A 65 15.53 18.38 -51.63
N THR A 66 14.72 17.33 -51.55
CA THR A 66 13.42 17.41 -50.89
C THR A 66 13.29 16.29 -49.86
N GLY A 67 12.28 16.40 -49.01
CA GLY A 67 12.01 15.37 -48.02
C GLY A 67 10.66 15.57 -47.38
N VAL A 68 10.14 14.49 -46.82
CA VAL A 68 8.85 14.47 -46.13
C VAL A 68 9.07 13.91 -44.74
N GLY A 69 8.62 14.62 -43.72
CA GLY A 69 8.75 14.14 -42.36
C GLY A 69 8.41 15.19 -41.33
N ILE A 70 9.07 15.08 -40.19
CA ILE A 70 8.76 15.87 -39.01
C ILE A 70 9.86 16.86 -38.64
N GLY A 71 10.96 16.89 -39.37
CA GLY A 71 12.06 17.74 -38.94
C GLY A 71 13.14 17.76 -39.99
N VAL A 72 14.14 18.59 -39.72
CA VAL A 72 15.33 18.61 -40.57
C VAL A 72 16.51 18.97 -39.67
N TYR A 73 17.68 18.45 -40.01
CA TYR A 73 18.94 18.82 -39.37
C TYR A 73 19.96 19.11 -40.46
N ALA A 74 21.05 19.77 -40.08
CA ALA A 74 22.00 20.28 -41.04
C ALA A 74 23.36 20.47 -40.41
N GLN A 75 24.42 20.20 -41.18
CA GLN A 75 25.80 20.42 -40.74
C GLN A 75 26.54 21.22 -41.79
N THR A 76 27.21 22.28 -41.36
CA THR A 76 28.12 22.98 -42.26
C THR A 76 29.49 22.33 -42.23
N ALA A 77 30.23 22.51 -43.32
CA ALA A 77 31.52 21.84 -43.46
C ALA A 77 32.57 22.50 -42.57
N GLN A 78 33.66 21.76 -42.35
CA GLN A 78 34.78 22.28 -41.57
C GLN A 78 35.46 23.42 -42.31
N ALA A 79 35.29 24.63 -41.81
CA ALA A 79 35.75 25.84 -42.48
C ALA A 79 37.24 26.11 -42.28
N SER A 80 37.74 25.88 -41.07
CA SER A 80 39.15 26.14 -40.78
C SER A 80 40.03 25.10 -41.46
N TYR A 81 41.08 25.58 -42.13
CA TYR A 81 42.06 24.77 -42.88
C TYR A 81 41.37 23.88 -43.92
N GLU A 82 40.69 24.54 -44.86
CA GLU A 82 39.98 23.85 -45.93
C GLU A 82 40.10 24.53 -47.27
N THR A 83 40.94 25.56 -47.41
CA THR A 83 41.11 26.39 -48.61
C THR A 83 39.80 27.01 -49.07
N GLY A 84 38.96 27.43 -48.13
CA GLY A 84 37.74 28.12 -48.48
C GLY A 84 37.91 29.63 -48.46
N GLY A 85 38.44 30.15 -47.37
CA GLY A 85 38.57 31.59 -47.22
C GLY A 85 37.40 32.20 -46.49
N SER A 86 36.44 32.74 -47.24
CA SER A 86 35.29 33.41 -46.66
C SER A 86 33.95 32.81 -47.07
N GLY A 87 33.86 32.15 -48.23
CA GLY A 87 32.61 31.56 -48.67
C GLY A 87 32.28 30.32 -47.87
N ALA A 88 31.06 30.27 -47.34
CA ALA A 88 30.66 29.20 -46.45
C ALA A 88 29.57 28.31 -47.01
N GLY A 89 28.42 28.88 -47.36
CA GLY A 89 27.27 28.08 -47.70
C GLY A 89 25.97 28.73 -47.27
N GLY A 90 24.94 28.61 -48.10
CA GLY A 90 23.75 29.40 -47.90
C GLY A 90 22.62 28.64 -47.22
N TYR A 91 22.45 27.38 -47.58
CA TYR A 91 21.46 26.44 -47.03
C TYR A 91 20.04 26.99 -46.95
N THR A 92 19.58 27.60 -48.04
CA THR A 92 18.18 28.00 -48.12
C THR A 92 17.26 26.80 -48.01
N PHE A 93 16.38 26.80 -47.02
CA PHE A 93 15.40 25.74 -46.94
C PHE A 93 14.04 26.28 -46.51
N SER A 94 12.99 25.58 -46.93
CA SER A 94 11.63 25.93 -46.59
C SER A 94 10.87 24.69 -46.15
N VAL A 95 9.89 24.91 -45.27
CA VAL A 95 9.03 23.85 -44.75
C VAL A 95 7.60 24.33 -44.95
N SER A 96 6.71 23.44 -45.33
CA SER A 96 5.36 23.85 -45.71
C SER A 96 4.42 22.66 -45.56
N PRO A 97 3.12 22.90 -45.47
CA PRO A 97 2.17 21.78 -45.50
C PRO A 97 1.98 21.22 -46.91
N LYS A 98 1.05 20.27 -47.01
CA LYS A 98 0.84 19.56 -48.28
C LYS A 98 0.08 20.43 -49.28
N HIS A 99 -0.69 21.41 -48.81
CA HIS A 99 -1.42 22.32 -49.68
C HIS A 99 -1.25 23.75 -49.21
N VAL A 100 -0.36 24.48 -49.86
CA VAL A 100 -0.04 25.85 -49.53
C VAL A 100 -1.06 26.76 -50.17
N THR A 101 -1.79 27.52 -49.35
CA THR A 101 -2.75 28.49 -49.84
C THR A 101 -2.38 29.84 -49.25
N ASN A 102 -3.29 30.83 -49.42
CA ASN A 102 -3.13 32.11 -48.75
C ASN A 102 -3.26 31.99 -47.24
N LEU A 103 -3.86 30.90 -46.76
CA LEU A 103 -4.28 30.79 -45.37
C LEU A 103 -3.35 29.93 -44.53
N THR A 104 -2.30 29.35 -45.10
CA THR A 104 -1.44 28.45 -44.36
C THR A 104 -0.11 29.10 -43.99
N TRP A 105 0.45 28.67 -42.88
CA TRP A 105 1.75 29.12 -42.41
C TRP A 105 2.86 28.28 -43.02
N SER A 106 3.98 28.92 -43.34
CA SER A 106 5.15 28.19 -43.83
C SER A 106 6.40 28.78 -43.24
N LEU A 107 7.51 28.06 -43.36
CA LEU A 107 8.80 28.46 -42.83
C LEU A 107 9.75 28.75 -43.98
N TRP A 108 10.63 29.73 -43.81
CA TRP A 108 11.67 30.02 -44.78
C TRP A 108 12.94 30.45 -44.06
N VAL A 109 14.02 29.71 -44.28
CA VAL A 109 15.28 29.92 -43.57
C VAL A 109 16.38 30.09 -44.59
N HIS A 110 17.15 31.17 -44.48
CA HIS A 110 18.19 31.50 -45.45
C HIS A 110 19.44 32.01 -44.76
N ARG A 111 20.60 31.53 -45.19
CA ARG A 111 21.84 32.20 -44.85
C ARG A 111 22.47 32.69 -46.16
N PRO A 112 23.16 33.82 -46.16
CA PRO A 112 23.80 34.28 -47.40
C PRO A 112 25.23 33.75 -47.55
N TRP A 113 25.85 34.13 -48.66
CA TRP A 113 27.19 33.67 -49.01
C TRP A 113 28.23 34.50 -48.28
N GLY A 114 29.01 33.86 -47.44
CA GLY A 114 30.14 34.53 -46.81
C GLY A 114 30.21 34.19 -45.34
N ALA A 115 31.35 34.52 -44.75
CA ALA A 115 31.49 34.47 -43.31
C ALA A 115 30.93 35.74 -42.68
N ASN A 116 30.75 35.69 -41.36
CA ASN A 116 30.06 36.72 -40.57
C ASN A 116 28.68 37.03 -41.15
N ALA A 117 27.97 35.98 -41.55
CA ALA A 117 26.66 36.13 -42.16
C ALA A 117 25.58 35.83 -41.14
N ASN A 118 24.44 36.51 -41.28
CA ASN A 118 23.32 36.33 -40.39
C ASN A 118 22.31 35.36 -41.00
N VAL A 119 21.84 34.41 -40.20
CA VAL A 119 20.74 33.55 -40.61
C VAL A 119 19.45 34.34 -40.48
N THR A 120 18.61 34.31 -41.50
CA THR A 120 17.27 34.86 -41.41
C THR A 120 16.25 33.73 -41.35
N VAL A 121 15.31 33.82 -40.41
CA VAL A 121 14.29 32.80 -40.19
C VAL A 121 12.93 33.47 -40.27
N ARG A 122 12.05 32.96 -41.15
CA ARG A 122 10.76 33.59 -41.39
C ARG A 122 9.64 32.56 -41.36
N LEU A 123 8.69 32.75 -40.47
CA LEU A 123 7.48 31.94 -40.35
C LEU A 123 6.29 32.83 -40.67
N CYS A 124 5.77 32.78 -41.90
CA CYS A 124 4.82 33.78 -42.35
C CYS A 124 3.69 33.12 -43.14
N ARG A 125 2.76 33.95 -43.59
CA ARG A 125 1.74 33.58 -44.58
C ARG A 125 1.97 34.40 -45.84
N TRP A 126 2.39 33.73 -46.91
CA TRP A 126 2.72 34.38 -48.17
C TRP A 126 1.60 34.15 -49.18
N TRP A 127 1.30 35.15 -50.00
CA TRP A 127 0.38 34.94 -51.12
C TRP A 127 1.08 34.47 -52.37
N GLN A 128 2.41 34.58 -52.43
CA GLN A 128 3.18 34.12 -53.57
C GLN A 128 3.20 32.59 -53.61
N GLY A 142 12.65 32.93 -51.47
CA GLY A 142 11.64 33.37 -50.53
C GLY A 142 11.12 34.77 -50.76
N PRO A 143 9.80 34.93 -50.77
CA PRO A 143 9.20 36.20 -51.19
C PRO A 143 9.41 37.30 -50.18
N SER A 144 9.23 38.54 -50.63
CA SER A 144 9.52 39.69 -49.78
C SER A 144 8.31 40.09 -48.95
N SER A 145 7.12 40.07 -49.55
CA SER A 145 5.91 40.59 -48.93
C SER A 145 4.98 39.44 -48.54
N ALA A 146 4.52 39.48 -47.29
CA ALA A 146 3.63 38.48 -46.75
C ALA A 146 2.48 39.18 -46.04
N PHE A 147 1.44 38.43 -45.72
CA PHE A 147 0.33 38.99 -44.95
C PHE A 147 0.77 39.32 -43.54
N GLU A 148 1.44 38.38 -42.88
CA GLU A 148 1.80 38.51 -41.47
C GLU A 148 2.84 37.45 -41.15
N CYS A 149 3.64 37.71 -40.13
CA CYS A 149 4.71 36.80 -39.75
C CYS A 149 4.66 36.61 -38.24
N LEU A 150 5.01 35.41 -37.77
CA LEU A 150 5.17 35.21 -36.34
C LEU A 150 6.64 35.29 -35.95
N VAL A 151 7.53 34.80 -36.81
CA VAL A 151 8.96 34.93 -36.61
C VAL A 151 9.51 35.70 -37.80
N ASN A 152 10.15 36.82 -37.54
CA ASN A 152 10.84 37.59 -38.56
C ASN A 152 12.15 38.05 -37.93
N GLY A 153 13.17 37.18 -37.99
CA GLY A 153 14.35 37.38 -37.19
C GLY A 153 15.63 37.12 -37.99
N SER A 154 16.68 37.84 -37.59
CA SER A 154 18.02 37.68 -38.15
C SER A 154 19.01 37.67 -37.00
N PHE A 155 19.99 36.77 -37.06
CA PHE A 155 20.91 36.58 -35.95
C PHE A 155 22.20 35.96 -36.46
N PRO A 156 23.32 36.21 -35.79
CA PRO A 156 24.60 35.60 -36.22
C PRO A 156 24.65 34.11 -35.94
N SER A 157 25.62 33.45 -36.58
CA SER A 157 25.80 32.00 -36.48
C SER A 157 27.27 31.66 -36.39
N SER A 158 27.54 30.39 -36.06
CA SER A 158 28.89 29.88 -35.91
C SER A 158 29.44 29.43 -37.25
N GLN A 159 30.68 29.83 -37.55
CA GLN A 159 31.36 29.41 -38.76
C GLN A 159 32.82 29.03 -38.49
N HIS A 160 33.33 29.34 -37.30
CA HIS A 160 34.72 29.05 -36.97
C HIS A 160 35.01 27.56 -36.80
N LYS A 161 33.99 26.75 -36.58
CA LYS A 161 34.13 25.30 -36.53
C LYS A 161 33.00 24.69 -37.35
N GLY A 162 32.90 23.36 -37.29
CA GLY A 162 31.72 22.70 -37.81
C GLY A 162 30.54 22.94 -36.89
N TYR A 163 29.36 23.07 -37.50
CA TYR A 163 28.20 23.53 -36.76
C TYR A 163 26.98 22.73 -37.17
N MET A 164 26.14 22.43 -36.20
CA MET A 164 24.98 21.59 -36.46
C MET A 164 23.73 22.22 -35.84
N PHE A 165 22.64 22.23 -36.59
CA PHE A 165 21.41 22.86 -36.14
C PHE A 165 20.23 22.11 -36.74
N GLY A 166 19.03 22.52 -36.35
CA GLY A 166 17.85 21.83 -36.84
C GLY A 166 16.56 22.53 -36.47
N VAL A 167 15.50 22.14 -37.16
CA VAL A 167 14.14 22.65 -36.94
C VAL A 167 13.19 21.47 -36.95
N THR A 168 12.41 21.30 -35.88
CA THR A 168 11.48 20.19 -35.78
C THR A 168 10.07 20.71 -35.52
N TRP A 169 9.07 19.96 -35.99
CA TRP A 169 7.67 20.36 -35.89
C TRP A 169 6.77 19.18 -35.57
N TYR A 170 7.25 18.23 -34.78
CA TYR A 170 6.45 17.08 -34.37
C TYR A 170 5.29 17.51 -33.45
N ASN A 171 4.08 17.08 -33.83
CA ASN A 171 2.81 17.42 -33.16
C ASN A 171 2.60 18.93 -33.05
N ASP A 172 2.97 19.65 -34.12
CA ASP A 172 2.78 21.08 -34.31
C ASP A 172 3.52 21.94 -33.28
N PHE A 173 4.52 21.40 -32.61
CA PHE A 173 5.32 22.17 -31.67
C PHE A 173 6.64 22.52 -32.37
N VAL A 174 6.73 23.74 -32.85
CA VAL A 174 7.90 24.21 -33.61
C VAL A 174 9.04 24.39 -32.64
N ARG A 175 10.21 23.83 -32.97
CA ARG A 175 11.41 24.02 -32.18
C ARG A 175 12.53 24.39 -33.13
N ILE A 176 13.13 25.56 -32.94
CA ILE A 176 14.18 26.07 -33.81
C ILE A 176 15.48 26.04 -33.00
N ILE A 177 16.35 25.10 -33.32
CA ILE A 177 17.50 24.78 -32.49
C ILE A 177 18.73 25.26 -33.25
N PHE A 178 19.15 26.50 -33.00
CA PHE A 178 20.45 27.03 -33.41
C PHE A 178 21.26 27.19 -32.13
N PRO A 179 22.08 26.20 -31.78
CA PRO A 179 22.75 26.20 -30.47
C PRO A 179 23.72 27.36 -30.32
N PRO A 180 23.79 27.97 -29.12
CA PRO A 180 23.21 27.53 -27.84
C PRO A 180 21.70 27.83 -27.58
N THR A 181 21.02 28.61 -28.42
CA THR A 181 19.64 29.00 -28.11
C THR A 181 18.62 28.06 -28.76
N VAL A 182 17.48 27.91 -28.10
CA VAL A 182 16.35 27.12 -28.61
C VAL A 182 15.10 27.98 -28.52
N PHE A 183 14.44 28.18 -29.66
CA PHE A 183 13.17 28.89 -29.72
C PHE A 183 12.06 27.88 -29.93
N GLU A 184 11.00 27.97 -29.13
CA GLU A 184 9.91 27.01 -29.15
C GLU A 184 8.58 27.74 -29.20
N LEU A 185 7.60 27.11 -29.86
CA LEU A 185 6.26 27.66 -30.03
C LEU A 185 5.29 26.58 -30.51
N GLN A 186 4.19 26.38 -29.79
CA GLN A 186 3.12 25.46 -30.20
C GLN A 186 2.13 26.20 -31.07
N LEU A 187 1.81 25.66 -32.24
CA LEU A 187 0.89 26.26 -33.19
C LEU A 187 -0.04 25.20 -33.73
N ASP A 188 -1.24 25.11 -33.16
CA ASP A 188 -2.17 24.02 -33.46
C ASP A 188 -2.66 24.05 -34.91
N GLY A 189 -2.79 22.86 -35.48
CA GLY A 189 -3.22 22.73 -36.85
C GLY A 189 -2.20 23.16 -37.89
N LEU A 190 -0.91 23.10 -37.56
CA LEU A 190 0.12 23.55 -38.49
C LEU A 190 0.28 22.58 -39.65
N GLN A 191 0.52 21.30 -39.33
CA GLN A 191 0.54 20.17 -40.28
C GLN A 191 1.66 20.31 -41.32
N TRP A 192 2.83 20.71 -40.87
CA TRP A 192 4.01 20.77 -41.73
C TRP A 192 4.49 19.37 -42.05
N GLU A 193 4.77 19.12 -43.32
CA GLU A 193 5.38 17.85 -43.67
C GLU A 193 6.43 17.92 -44.77
N TYR A 194 6.43 18.93 -45.63
CA TYR A 194 7.20 18.90 -46.86
C TYR A 194 8.38 19.86 -46.77
N VAL A 195 9.58 19.34 -47.04
CA VAL A 195 10.82 20.06 -46.82
C VAL A 195 11.56 20.17 -48.14
N GLN A 196 12.03 21.37 -48.46
CA GLN A 196 12.88 21.60 -49.62
C GLN A 196 14.14 22.31 -49.17
N PHE A 197 15.28 22.01 -49.79
CA PHE A 197 16.53 22.62 -49.36
C PHE A 197 17.53 22.69 -50.52
N THR A 198 18.25 23.81 -50.56
CA THR A 198 19.27 24.06 -51.57
C THR A 198 20.55 24.41 -50.84
N GLY A 199 21.69 24.21 -51.50
CA GLY A 199 22.96 24.62 -50.94
C GLY A 199 24.02 24.84 -51.99
N PRO A 200 24.68 26.00 -51.96
CA PRO A 200 25.71 26.31 -52.96
C PRO A 200 26.98 25.53 -52.71
N VAL A 201 27.47 24.86 -53.76
CA VAL A 201 28.70 24.10 -53.68
C VAL A 201 29.88 25.06 -53.57
N ASN A 202 30.70 24.86 -52.56
CA ASN A 202 31.95 25.59 -52.38
C ASN A 202 33.09 24.60 -52.55
N ALA A 203 34.28 25.12 -52.87
CA ALA A 203 35.52 24.35 -53.06
C ALA A 203 35.38 23.23 -54.10
N ARG A 205 32.68 22.46 -49.09
CA ARG A 205 31.91 21.52 -49.91
C ARG A 205 30.47 22.01 -50.08
N MET A 206 29.57 21.45 -49.28
CA MET A 206 28.16 21.82 -49.28
C MET A 206 27.62 21.60 -47.87
N THR A 207 26.61 22.36 -47.48
CA THR A 207 25.90 22.03 -46.25
C THR A 207 25.08 20.75 -46.44
N LYS A 208 25.19 19.86 -45.47
CA LYS A 208 24.56 18.55 -45.51
C LYS A 208 23.18 18.61 -44.85
N PHE A 209 22.27 17.73 -45.28
CA PHE A 209 20.89 17.80 -44.84
C PHE A 209 20.31 16.41 -44.55
N ASN A 210 19.48 16.35 -43.52
CA ASN A 210 18.80 15.11 -43.14
C ASN A 210 17.37 15.43 -42.73
N VAL A 211 16.40 14.88 -43.43
CA VAL A 211 15.01 15.02 -43.04
C VAL A 211 14.68 13.92 -42.03
N VAL A 212 14.14 14.32 -40.88
CA VAL A 212 13.77 13.39 -39.82
C VAL A 212 12.37 12.86 -40.10
N THR A 213 12.20 11.54 -40.03
CA THR A 213 10.89 10.95 -40.26
C THR A 213 10.19 10.43 -39.01
N GLU A 214 10.92 10.13 -37.94
CA GLU A 214 10.25 9.54 -36.78
C GLU A 214 10.99 9.86 -35.50
N ILE A 215 10.31 9.59 -34.38
CA ILE A 215 10.82 9.83 -33.04
C ILE A 215 11.76 8.70 -32.62
N SER A 216 12.90 9.06 -32.05
CA SER A 216 13.94 8.11 -31.65
C SER A 216 14.25 8.20 -30.17
N SER A 217 14.75 7.11 -29.62
CA SER A 217 15.32 7.07 -28.29
C SER A 217 16.84 6.95 -28.39
N VAL A 218 17.56 7.69 -27.55
CA VAL A 218 19.02 7.76 -27.58
C VAL A 218 19.53 7.65 -26.14
N LEU A 219 20.43 6.71 -25.90
CA LEU A 219 21.17 6.64 -24.64
C LEU A 219 22.31 7.64 -24.70
N VAL A 220 22.54 8.40 -23.63
CA VAL A 220 23.62 9.38 -23.61
C VAL A 220 24.40 9.28 -22.33
N LEU A 221 25.69 9.64 -22.43
CA LEU A 221 26.59 9.78 -21.29
C LEU A 221 27.05 11.22 -21.20
N THR A 222 26.99 11.80 -20.00
CA THR A 222 27.40 13.17 -19.79
C THR A 222 28.75 13.22 -19.08
N ASP A 223 29.43 14.35 -19.21
CA ASP A 223 30.67 14.54 -18.47
C ASP A 223 30.36 15.29 -17.17
N GLN A 224 31.41 15.80 -16.50
CA GLN A 224 31.23 16.49 -15.23
C GLN A 224 30.35 17.74 -15.38
N SER A 225 30.50 18.46 -16.49
CA SER A 225 29.75 19.69 -16.68
C SER A 225 28.36 19.47 -17.24
N GLY A 226 27.96 18.23 -17.49
CA GLY A 226 26.64 17.96 -18.01
C GLY A 226 26.54 17.87 -19.52
N ALA A 227 27.65 18.00 -20.24
CA ALA A 227 27.63 17.93 -21.70
C ALA A 227 27.72 16.49 -22.17
N VAL A 228 26.93 16.16 -23.19
CA VAL A 228 26.91 14.81 -23.73
C VAL A 228 28.22 14.54 -24.47
N THR A 229 28.90 13.46 -24.08
CA THR A 229 30.13 13.06 -24.71
C THR A 229 30.06 11.69 -25.38
N ARG A 230 28.95 10.96 -25.24
CA ARG A 230 28.83 9.66 -25.85
C ARG A 230 27.35 9.32 -25.98
N TYR A 231 26.93 8.96 -27.19
CA TYR A 231 25.56 8.57 -27.44
C TYR A 231 25.53 7.24 -28.20
N SER A 232 24.32 6.70 -28.32
CA SER A 232 24.04 5.48 -29.05
C SER A 232 22.54 5.38 -29.25
N TYR A 233 22.10 5.20 -30.50
CA TYR A 233 20.67 5.17 -30.77
C TYR A 233 20.09 3.81 -30.41
N CYS A 234 18.89 3.81 -29.84
CA CYS A 234 18.37 2.56 -29.29
C CYS A 234 17.90 1.58 -30.35
N ALA A 235 17.73 2.02 -31.59
CA ALA A 235 17.22 1.17 -32.64
C ALA A 235 18.22 0.90 -33.77
N ASP A 236 19.49 1.27 -33.61
CA ASP A 236 20.45 0.96 -34.67
C ASP A 236 20.85 -0.51 -34.75
N GLY A 237 20.44 -1.35 -33.80
CA GLY A 237 20.83 -2.74 -33.85
C GLY A 237 20.26 -3.48 -32.66
N PHE A 238 20.62 -4.76 -32.57
CA PHE A 238 20.12 -5.61 -31.51
C PHE A 238 20.75 -5.28 -30.17
N VAL A 239 22.07 -5.09 -30.15
CA VAL A 239 22.80 -4.81 -28.90
C VAL A 239 22.45 -3.41 -28.39
N ASN A 240 22.12 -2.49 -29.30
CA ASN A 240 21.78 -1.13 -28.91
C ASN A 240 20.48 -1.08 -28.14
N GLY A 241 19.53 -1.95 -28.48
CA GLY A 241 18.29 -2.01 -27.72
C GLY A 241 18.50 -2.52 -26.30
N LEU A 242 19.45 -3.45 -26.14
CA LEU A 242 19.77 -3.96 -24.81
C LEU A 242 20.57 -2.94 -24.01
N GLN A 243 21.38 -2.12 -24.68
CA GLN A 243 22.08 -1.01 -24.04
C GLN A 243 21.11 0.00 -23.45
N CYS A 244 20.02 0.30 -24.15
CA CYS A 244 19.05 1.26 -23.66
C CYS A 244 18.17 0.66 -22.58
N LYS A 245 17.93 -0.64 -22.64
CA LYS A 245 17.15 -1.31 -21.62
C LYS A 245 17.88 -1.33 -20.29
N LEU A 246 19.20 -1.49 -20.31
CA LEU A 246 20.01 -1.61 -19.11
C LEU A 246 20.68 -0.31 -18.68
N ARG A 247 20.59 0.75 -19.49
CA ARG A 247 21.27 2.04 -19.26
C ARG A 247 22.77 1.88 -19.14
N LEU A 248 23.35 1.04 -19.98
CA LEU A 248 24.76 0.75 -19.94
C LEU A 248 25.34 0.76 -21.34
N PHE A 249 26.51 1.34 -21.48
CA PHE A 249 27.21 1.24 -22.76
C PHE A 249 28.01 -0.05 -22.88
N ASP A 250 28.77 -0.42 -21.85
CA ASP A 250 29.57 -1.64 -21.86
C ASP A 250 28.87 -2.69 -21.01
N ILE A 251 28.22 -3.65 -21.66
CA ILE A 251 27.35 -4.61 -20.98
C ILE A 251 28.21 -5.78 -20.52
N PRO A 252 28.30 -6.06 -19.23
CA PRO A 252 28.98 -7.26 -18.74
C PRO A 252 28.18 -8.50 -19.09
N PRO A 253 28.79 -9.69 -19.06
CA PRO A 253 28.04 -10.90 -19.40
C PRO A 253 26.99 -11.25 -18.36
N GLY A 254 25.83 -11.73 -18.82
CA GLY A 254 24.77 -12.08 -17.91
C GLY A 254 23.55 -12.58 -18.65
N VAL A 255 22.47 -12.73 -17.89
CA VAL A 255 21.16 -13.12 -18.41
C VAL A 255 20.20 -11.97 -18.16
N TYR A 256 19.69 -11.38 -19.23
CA TYR A 256 18.91 -10.15 -19.15
C TYR A 256 17.52 -10.41 -19.67
N SER A 257 16.53 -10.31 -18.79
CA SER A 257 15.19 -10.81 -19.08
C SER A 257 14.24 -9.73 -19.59
N ASN A 258 13.23 -10.19 -20.34
CA ASN A 258 12.03 -9.44 -20.72
C ASN A 258 12.37 -8.27 -21.67
N SER A 259 13.09 -8.58 -22.74
CA SER A 259 13.14 -7.68 -23.87
C SER A 259 11.91 -7.92 -24.74
N GLU A 260 11.32 -6.85 -25.23
CA GLU A 260 10.00 -6.95 -25.82
C GLU A 260 10.03 -6.54 -27.29
N VAL A 261 9.15 -7.14 -28.06
CA VAL A 261 8.99 -6.84 -29.48
C VAL A 261 7.76 -5.96 -29.64
N GLU A 262 7.89 -4.88 -30.39
CA GLU A 262 6.76 -4.01 -30.70
C GLU A 262 6.10 -4.45 -32.00
N TYR A 263 4.78 -4.31 -32.05
CA TYR A 263 3.94 -4.71 -33.16
C TYR A 263 3.00 -3.58 -33.52
N PRO A 264 2.58 -3.46 -34.78
CA PRO A 264 1.74 -2.32 -35.17
C PRO A 264 0.32 -2.39 -34.60
N VAL A 265 -0.46 -1.35 -34.87
CA VAL A 265 -1.74 -1.13 -34.21
C VAL A 265 -2.88 -1.18 -35.20
N ALA A 266 -4.08 -1.36 -34.67
CA ALA A 266 -5.31 -1.44 -35.47
C ALA A 266 -6.47 -1.04 -34.56
N LEU A 267 -7.06 0.12 -34.83
CA LEU A 267 -8.18 0.63 -34.08
C LEU A 267 -9.48 0.27 -34.78
N TYR A 268 -10.48 -0.16 -34.01
CA TYR A 268 -11.84 -0.31 -34.48
C TYR A 268 -12.73 0.51 -33.57
N THR A 269 -13.11 1.70 -34.03
CA THR A 269 -14.16 2.45 -33.35
C THR A 269 -15.51 1.74 -33.47
N VAL A 270 -15.75 1.09 -34.61
CA VAL A 270 -16.88 0.19 -34.79
C VAL A 270 -16.38 -1.06 -35.49
N VAL A 271 -17.22 -2.08 -35.52
CA VAL A 271 -16.90 -3.36 -36.13
C VAL A 271 -17.91 -3.79 -37.18
N HIS A 272 -19.05 -3.12 -37.29
CA HIS A 272 -20.05 -3.44 -38.29
C HIS A 272 -20.06 -2.39 -39.39
N ASN A 273 -20.82 -2.68 -40.46
CA ASN A 273 -21.09 -1.72 -41.52
C ASN A 273 -22.19 -0.75 -41.11
N MET A 274 -21.98 0.52 -41.42
CA MET A 274 -23.00 1.53 -41.22
C MET A 274 -23.55 1.99 -42.57
N SER A 275 -24.81 2.37 -42.58
CA SER A 275 -25.42 3.01 -43.73
C SER A 275 -25.09 4.50 -43.74
N VAL A 276 -25.56 5.21 -44.77
CA VAL A 276 -25.22 6.62 -44.90
C VAL A 276 -26.02 7.44 -43.90
N CYS A 277 -25.52 8.64 -43.62
CA CYS A 277 -26.16 9.58 -42.73
C CYS A 277 -27.30 10.31 -43.45
N PRO A 278 -28.19 10.97 -42.72
CA PRO A 278 -29.16 11.85 -43.37
C PRO A 278 -28.51 13.11 -43.93
N GLN A 279 -29.32 13.93 -44.58
CA GLN A 279 -28.82 15.19 -45.09
C GLN A 279 -28.77 16.24 -43.98
N ARG A 280 -27.99 17.28 -44.23
CA ARG A 280 -27.98 18.43 -43.34
C ARG A 280 -29.33 19.10 -43.40
N PRO A 281 -29.90 19.55 -42.27
CA PRO A 281 -31.15 20.32 -42.31
C PRO A 281 -31.00 21.60 -43.10
N GLU A 282 -32.02 21.93 -43.86
CA GLU A 282 -32.00 23.17 -44.64
C GLU A 282 -32.15 24.38 -43.72
N SER A 283 -31.44 25.43 -44.06
CA SER A 283 -31.34 26.62 -43.23
C SER A 283 -32.35 27.69 -43.60
N TYR A 284 -33.06 27.52 -44.70
CA TYR A 284 -34.00 28.52 -45.17
C TYR A 284 -35.28 28.46 -44.34
N CYS A 285 -35.52 29.49 -43.54
CA CYS A 285 -36.78 29.58 -42.81
C CYS A 285 -37.80 30.33 -43.65
N GLY A 286 -38.98 29.72 -43.82
CA GLY A 286 -39.93 30.08 -44.87
C GLY A 286 -40.43 31.51 -44.96
N SER A 287 -41.24 31.94 -44.00
CA SER A 287 -41.90 33.23 -44.16
C SER A 287 -41.73 34.13 -42.94
N ASN A 288 -41.44 33.55 -41.78
CA ASN A 288 -41.45 34.29 -40.53
C ASN A 288 -40.26 33.83 -39.69
N TYR A 289 -40.29 34.13 -38.40
CA TYR A 289 -39.30 33.58 -37.48
C TYR A 289 -39.71 32.17 -37.07
N CYS A 290 -38.74 31.25 -37.08
CA CYS A 290 -39.01 29.86 -36.74
C CYS A 290 -37.82 29.30 -35.98
N PRO A 291 -38.05 28.30 -35.13
CA PRO A 291 -36.93 27.64 -34.44
C PRO A 291 -36.14 26.78 -35.41
N PHE A 292 -34.97 26.34 -34.96
CA PHE A 292 -34.05 25.64 -35.84
C PHE A 292 -34.53 24.21 -36.04
N LYS A 293 -33.97 23.56 -37.06
CA LYS A 293 -34.34 22.20 -37.40
C LYS A 293 -33.23 21.24 -36.97
N ARG A 294 -33.57 20.31 -36.07
CA ARG A 294 -32.62 19.37 -35.50
C ARG A 294 -32.73 18.00 -36.15
N VAL A 295 -31.59 17.38 -36.45
CA VAL A 295 -31.52 16.03 -36.99
C VAL A 295 -30.45 15.27 -36.21
N VAL A 296 -30.74 14.01 -35.88
CA VAL A 296 -29.82 13.16 -35.12
C VAL A 296 -28.90 12.43 -36.10
N PHE A 297 -27.59 12.54 -35.90
CA PHE A 297 -26.63 11.78 -36.67
C PHE A 297 -26.03 10.74 -35.75
N SER A 298 -26.19 9.47 -36.10
CA SER A 298 -25.80 8.39 -35.21
C SER A 298 -25.74 7.10 -36.01
N ASN A 299 -24.66 6.33 -35.81
CA ASN A 299 -24.46 5.00 -36.39
C ASN A 299 -24.47 5.04 -37.92
N CYS A 300 -23.72 5.97 -38.49
CA CYS A 300 -23.78 6.19 -39.92
C CYS A 300 -22.45 6.70 -40.44
N VAL A 301 -22.34 6.71 -41.76
CA VAL A 301 -21.16 7.18 -42.48
C VAL A 301 -21.50 8.53 -43.08
N VAL A 302 -20.65 9.53 -42.84
CA VAL A 302 -20.96 10.91 -43.13
C VAL A 302 -20.04 11.44 -44.23
N ASN A 303 -20.58 12.30 -45.06
CA ASN A 303 -19.84 13.09 -46.04
C ASN A 303 -19.97 14.54 -45.58
N TYR A 304 -18.91 15.08 -44.97
CA TYR A 304 -19.04 16.41 -44.37
C TYR A 304 -19.10 17.52 -45.40
N THR A 305 -18.48 17.34 -46.57
CA THR A 305 -18.48 18.41 -47.55
C THR A 305 -19.80 18.49 -48.32
N SER A 306 -20.71 17.54 -48.07
CA SER A 306 -22.10 17.67 -48.49
C SER A 306 -22.85 18.74 -47.72
N TRP A 307 -22.31 19.20 -46.59
CA TRP A 307 -22.99 20.22 -45.79
C TRP A 307 -22.78 21.62 -46.35
N THR A 308 -21.97 21.78 -47.37
CA THR A 308 -21.75 23.07 -48.00
C THR A 308 -22.42 23.08 -49.37
N SER A 309 -22.25 24.19 -50.08
CA SER A 309 -22.81 24.29 -51.43
C SER A 309 -22.00 23.50 -52.43
N GLY A 310 -20.69 23.40 -52.21
CA GLY A 310 -19.81 22.68 -53.12
C GLY A 310 -18.84 23.57 -53.87
N LEU A 311 -19.11 24.85 -54.02
CA LEU A 311 -18.18 25.77 -54.64
C LEU A 311 -17.09 26.11 -53.63
N LEU A 312 -15.84 26.11 -54.09
CA LEU A 312 -14.70 26.21 -53.19
C LEU A 312 -14.63 27.54 -52.47
N ARG A 313 -15.08 28.62 -53.12
CA ARG A 313 -14.99 29.95 -52.52
C ARG A 313 -15.93 30.12 -51.32
N ASP A 314 -16.87 29.20 -51.13
CA ASP A 314 -17.77 29.29 -49.99
C ASP A 314 -17.17 28.67 -48.74
N TYR A 315 -16.31 27.65 -48.89
CA TYR A 315 -15.86 26.90 -47.72
C TYR A 315 -14.33 26.88 -47.53
N GLN A 316 -13.59 27.82 -48.14
CA GLN A 316 -12.11 27.82 -48.09
C GLN A 316 -11.53 27.84 -46.69
N HIS A 317 -12.21 28.49 -45.76
CA HIS A 317 -11.86 28.56 -44.35
C HIS A 317 -12.01 27.24 -43.61
N LEU A 318 -12.66 26.24 -44.21
CA LEU A 318 -12.84 24.92 -43.63
C LEU A 318 -11.87 23.89 -44.16
N VAL A 319 -11.01 24.26 -45.07
CA VAL A 319 -10.02 23.35 -45.63
C VAL A 319 -8.80 23.34 -44.73
N LEU A 320 -8.41 22.17 -44.28
CA LEU A 320 -7.23 22.08 -43.45
C LEU A 320 -5.96 22.22 -44.29
N PRO A 321 -4.81 22.56 -43.65
CA PRO A 321 -3.53 22.62 -44.38
C PRO A 321 -3.10 21.36 -45.12
N ASN A 322 -3.58 20.19 -44.72
CA ASN A 322 -3.34 18.96 -45.46
C ASN A 322 -4.33 18.72 -46.58
N GLY A 323 -5.13 19.73 -46.95
CA GLY A 323 -6.06 19.64 -48.05
C GLY A 323 -7.38 18.99 -47.71
N LYS A 324 -7.62 18.68 -46.45
CA LYS A 324 -8.79 17.93 -46.04
C LYS A 324 -9.90 18.86 -45.57
N PHE A 325 -11.13 18.50 -45.90
CA PHE A 325 -12.29 19.23 -45.40
C PHE A 325 -12.50 18.92 -43.92
N ASN A 326 -12.81 19.95 -43.14
CA ASN A 326 -13.05 19.86 -41.71
C ASN A 326 -14.36 20.58 -41.43
N PRO A 327 -15.35 19.92 -40.81
CA PRO A 327 -16.64 20.60 -40.59
C PRO A 327 -16.65 21.71 -39.55
N PHE A 328 -15.69 21.83 -38.65
CA PHE A 328 -15.85 22.72 -37.51
C PHE A 328 -14.74 23.75 -37.40
N THR A 329 -15.09 24.93 -36.88
CA THR A 329 -14.14 26.02 -36.65
C THR A 329 -13.87 26.28 -35.18
N GLU A 330 -14.70 25.76 -34.26
CA GLU A 330 -14.57 26.06 -32.85
C GLU A 330 -15.38 25.04 -32.06
N CYS A 331 -14.77 24.46 -31.03
CA CYS A 331 -15.45 23.50 -30.16
C CYS A 331 -15.29 23.90 -28.71
N ASN A 332 -16.21 23.39 -27.89
CA ASN A 332 -16.14 23.51 -26.43
C ASN A 332 -15.96 22.10 -25.90
N GLY A 333 -14.74 21.78 -25.45
CA GLY A 333 -14.46 20.52 -24.80
C GLY A 333 -14.01 19.41 -25.71
N LEU A 334 -14.08 19.60 -27.02
CA LEU A 334 -13.69 18.59 -27.99
C LEU A 334 -12.58 19.15 -28.86
N ASN A 335 -11.97 18.27 -29.64
CA ASN A 335 -10.98 18.66 -30.64
C ASN A 335 -11.73 19.08 -31.89
N ARG A 336 -11.44 20.28 -32.41
CA ARG A 336 -12.15 20.74 -33.60
C ARG A 336 -11.73 19.97 -34.85
N ILE A 337 -10.50 19.50 -34.91
CA ILE A 337 -10.06 18.65 -36.00
C ILE A 337 -10.69 17.27 -35.82
N VAL A 338 -11.40 16.80 -36.83
CA VAL A 338 -12.10 15.53 -36.78
C VAL A 338 -11.24 14.47 -37.44
N ASP A 339 -10.75 13.51 -36.64
CA ASP A 339 -9.95 12.42 -37.17
C ASP A 339 -10.74 11.13 -37.35
N ASP A 340 -11.59 11.09 -38.39
CA ASP A 340 -12.27 9.96 -39.01
C ASP A 340 -13.44 9.37 -38.22
N CYS A 341 -13.54 9.60 -36.91
CA CYS A 341 -14.69 9.06 -36.17
C CYS A 341 -14.93 9.88 -34.92
N VAL A 342 -16.19 10.25 -34.71
CA VAL A 342 -16.64 10.92 -33.49
C VAL A 342 -17.81 10.12 -32.91
N THR A 343 -18.31 10.57 -31.78
CA THR A 343 -19.54 9.97 -31.26
C THR A 343 -20.74 10.55 -32.00
N GLY A 344 -21.93 10.03 -31.70
CA GLY A 344 -23.13 10.55 -32.32
C GLY A 344 -23.47 11.95 -31.84
N PHE A 345 -24.16 12.70 -32.68
CA PHE A 345 -24.50 14.08 -32.33
C PHE A 345 -25.87 14.48 -32.84
N VAL A 346 -26.39 15.55 -32.24
CA VAL A 346 -27.60 16.22 -32.67
C VAL A 346 -27.18 17.52 -33.34
N LEU A 347 -27.61 17.73 -34.58
CA LEU A 347 -27.16 18.81 -35.43
C LEU A 347 -28.29 19.80 -35.68
N ARG A 348 -28.05 21.07 -35.39
CA ARG A 348 -28.99 22.13 -35.71
C ARG A 348 -28.35 23.16 -36.63
N VAL A 349 -29.15 23.74 -37.51
CA VAL A 349 -28.66 24.65 -38.55
C VAL A 349 -29.34 25.99 -38.40
N GLY A 350 -28.83 26.96 -39.14
CA GLY A 350 -29.39 28.30 -39.13
C GLY A 350 -28.72 29.14 -40.19
N ARG A 351 -29.04 30.43 -40.19
CA ARG A 351 -28.55 31.35 -41.22
C ARG A 351 -28.39 32.74 -40.65
N GLY A 352 -27.31 33.44 -41.05
CA GLY A 352 -27.05 34.78 -40.58
C GLY A 352 -26.47 35.67 -41.65
N THR A 353 -26.13 36.89 -41.23
CA THR A 353 -25.50 37.89 -42.07
C THR A 353 -24.22 38.37 -41.39
N ALA A 354 -23.10 38.35 -42.11
CA ALA A 354 -21.83 38.81 -41.58
C ALA A 354 -21.63 40.28 -41.90
N VAL A 355 -21.25 41.06 -40.90
CA VAL A 355 -20.85 42.44 -41.11
C VAL A 355 -19.34 42.52 -41.24
N ASN A 356 -18.89 43.13 -42.35
CA ASN A 356 -17.47 43.23 -42.75
C ASN A 356 -16.78 41.88 -42.78
N ARG A 357 -17.48 40.88 -43.36
CA ARG A 357 -16.95 39.54 -43.64
C ARG A 357 -16.51 38.78 -42.38
N THR A 358 -17.15 39.04 -41.25
CA THR A 358 -16.73 38.49 -39.97
C THR A 358 -17.87 37.69 -39.36
N VAL A 359 -17.75 36.37 -39.39
CA VAL A 359 -18.73 35.49 -38.76
C VAL A 359 -18.39 35.39 -37.28
N ILE A 360 -19.36 35.69 -36.43
CA ILE A 360 -19.16 35.68 -34.99
C ILE A 360 -19.51 34.31 -34.44
N THR A 361 -18.60 33.74 -33.68
CA THR A 361 -18.88 32.49 -32.99
C THR A 361 -19.82 32.76 -31.83
N PRO A 362 -20.94 32.05 -31.73
CA PRO A 362 -21.87 32.26 -30.61
C PRO A 362 -21.42 31.57 -29.34
N TYR A 363 -22.26 31.63 -28.32
CA TYR A 363 -22.01 30.96 -27.05
C TYR A 363 -22.14 29.45 -27.23
N LEU A 364 -21.11 28.71 -26.86
CA LEU A 364 -21.11 27.27 -27.04
C LEU A 364 -21.21 26.59 -25.68
N LYS A 365 -22.25 25.77 -25.52
CA LYS A 365 -22.37 24.89 -24.38
C LYS A 365 -21.28 23.82 -24.44
N PRO A 366 -20.95 23.17 -23.31
CA PRO A 366 -19.95 22.09 -23.36
C PRO A 366 -20.40 20.92 -24.20
N ASN A 367 -19.43 20.31 -24.89
CA ASN A 367 -19.61 19.27 -25.92
C ASN A 367 -20.37 19.79 -27.13
N GLU A 368 -20.07 21.00 -27.56
CA GLU A 368 -20.61 21.52 -28.80
C GLU A 368 -19.51 22.06 -29.69
N CYS A 369 -19.74 21.99 -30.99
CA CYS A 369 -18.83 22.44 -32.02
C CYS A 369 -19.58 23.28 -33.03
N PHE A 370 -18.91 24.28 -33.57
CA PHE A 370 -19.53 25.25 -34.47
C PHE A 370 -18.81 25.27 -35.81
N GLY A 371 -19.57 25.48 -36.89
CA GLY A 371 -18.99 25.65 -38.20
C GLY A 371 -19.93 26.40 -39.12
N TRP A 372 -19.39 26.83 -40.26
CA TRP A 372 -20.14 27.69 -41.17
C TRP A 372 -19.50 27.70 -42.55
N SER A 373 -20.30 28.01 -43.57
CA SER A 373 -19.79 28.27 -44.91
C SER A 373 -20.68 29.32 -45.57
N TRP A 374 -20.16 29.96 -46.61
CA TRP A 374 -20.93 31.00 -47.30
C TRP A 374 -22.10 30.40 -48.08
N ASN A 375 -23.23 31.09 -48.03
CA ASN A 375 -24.39 30.75 -48.85
C ASN A 375 -24.55 31.68 -50.02
N ASP A 376 -24.67 32.99 -49.78
CA ASP A 376 -24.65 34.01 -50.81
C ASP A 376 -23.52 34.96 -50.44
N TYR A 377 -22.35 34.73 -51.04
CA TYR A 377 -21.13 35.43 -50.66
C TYR A 377 -21.21 36.92 -50.95
N GLN A 378 -21.83 37.31 -52.07
CA GLN A 378 -21.89 38.72 -52.42
C GLN A 378 -22.80 39.49 -51.48
N ASP A 379 -23.86 38.86 -51.00
CA ASP A 379 -24.76 39.47 -50.04
C ASP A 379 -24.35 39.24 -48.60
N SER A 380 -23.21 38.57 -48.37
CA SER A 380 -22.69 38.19 -47.04
C SER A 380 -23.72 37.39 -46.24
N ILE A 381 -24.25 36.33 -46.84
CA ILE A 381 -25.17 35.41 -46.18
C ILE A 381 -24.44 34.09 -45.98
N TYR A 382 -24.54 33.52 -44.78
CA TYR A 382 -23.87 32.26 -44.49
C TYR A 382 -24.82 31.29 -43.80
N ASP A 383 -24.59 30.01 -44.01
CA ASP A 383 -25.21 28.97 -43.21
C ASP A 383 -24.29 28.62 -42.06
N TRP A 384 -24.86 28.25 -40.93
CA TRP A 384 -24.07 27.73 -39.82
C TRP A 384 -24.70 26.46 -39.31
N TRP A 385 -23.92 25.72 -38.53
CA TRP A 385 -24.38 24.49 -37.90
C TRP A 385 -23.68 24.30 -36.56
N ILE A 386 -24.46 23.92 -35.55
CA ILE A 386 -23.94 23.54 -34.24
C ILE A 386 -24.26 22.07 -34.01
N ALA A 387 -23.24 21.30 -33.67
CA ALA A 387 -23.37 19.87 -33.37
C ALA A 387 -23.21 19.67 -31.88
N ASP A 388 -24.22 19.10 -31.24
CA ASP A 388 -24.25 18.88 -29.80
C ASP A 388 -24.04 17.39 -29.56
N PHE A 389 -22.86 17.02 -29.08
CA PHE A 389 -22.50 15.61 -29.00
C PHE A 389 -23.04 15.09 -27.68
N VAL A 390 -24.18 14.44 -27.75
CA VAL A 390 -24.85 13.88 -26.57
C VAL A 390 -24.55 12.39 -26.51
N SER A 391 -24.80 11.80 -25.34
CA SER A 391 -24.55 10.38 -25.13
C SER A 391 -25.51 9.54 -25.97
N THR A 392 -24.95 8.77 -26.87
CA THR A 392 -25.72 7.89 -27.74
C THR A 392 -25.26 6.46 -27.70
N GLY A 393 -23.97 6.23 -27.43
CA GLY A 393 -23.39 4.90 -27.54
C GLY A 393 -22.95 4.56 -28.96
N ALA A 394 -23.31 5.39 -29.93
CA ALA A 394 -23.01 5.10 -31.31
C ALA A 394 -22.04 6.15 -31.88
N PHE A 395 -21.61 5.91 -33.11
CA PHE A 395 -20.49 6.64 -33.66
C PHE A 395 -20.81 7.11 -35.07
N VAL A 396 -20.18 8.20 -35.46
CA VAL A 396 -20.32 8.75 -36.80
C VAL A 396 -18.94 8.73 -37.42
N CYS A 397 -18.76 7.97 -38.49
CA CYS A 397 -17.45 7.85 -39.11
C CYS A 397 -17.50 8.34 -40.55
N GLU A 398 -16.32 8.45 -41.15
CA GLU A 398 -16.18 8.83 -42.54
C GLU A 398 -15.94 7.66 -43.47
N LYS A 399 -15.74 6.46 -42.92
CA LYS A 399 -15.65 5.25 -43.73
C LYS A 399 -15.98 4.05 -42.86
N ASN A 400 -16.24 2.93 -43.52
CA ASN A 400 -16.50 1.66 -42.88
C ASN A 400 -15.20 0.94 -42.54
N PRO A 401 -15.22 0.05 -41.54
CA PRO A 401 -14.00 -0.71 -41.22
C PRO A 401 -13.68 -1.77 -42.27
N ASP A 402 -12.46 -2.28 -42.18
CA ASP A 402 -11.95 -3.32 -43.06
C ASP A 402 -11.83 -4.63 -42.30
N ALA A 403 -11.67 -5.72 -43.04
CA ALA A 403 -11.42 -7.00 -42.42
C ALA A 403 -10.01 -7.03 -41.83
N PRO A 404 -9.81 -7.71 -40.70
CA PRO A 404 -8.48 -7.74 -40.10
C PRO A 404 -7.54 -8.62 -40.89
N ARG A 405 -6.24 -8.35 -40.73
CA ARG A 405 -5.21 -9.22 -41.27
C ARG A 405 -4.97 -10.35 -40.28
N THR A 406 -5.28 -11.57 -40.69
CA THR A 406 -5.17 -12.71 -39.78
C THR A 406 -3.74 -13.24 -39.75
N GLY A 407 -3.41 -13.90 -38.65
CA GLY A 407 -2.14 -14.59 -38.53
C GLY A 407 -0.91 -13.74 -38.28
N VAL A 408 -1.07 -12.49 -37.83
CA VAL A 408 0.04 -11.65 -37.40
C VAL A 408 -0.31 -11.04 -36.04
N CYS A 409 0.70 -10.77 -35.24
CA CYS A 409 0.45 -10.18 -33.92
C CYS A 409 0.31 -8.67 -34.04
N ILE A 410 -0.84 -8.16 -33.62
CA ILE A 410 -1.23 -6.76 -33.75
C ILE A 410 -1.73 -6.30 -32.38
N THR A 411 -1.40 -5.06 -32.01
CA THR A 411 -2.07 -4.44 -30.87
C THR A 411 -3.42 -3.89 -31.34
N TYR A 412 -4.50 -4.57 -31.03
CA TYR A 412 -5.85 -4.14 -31.42
C TYR A 412 -6.48 -3.28 -30.34
N THR A 413 -7.47 -2.49 -30.75
CA THR A 413 -8.42 -1.85 -29.85
C THR A 413 -9.81 -2.11 -30.39
N ILE A 414 -10.60 -2.87 -29.63
CA ILE A 414 -11.94 -3.28 -30.05
C ILE A 414 -12.86 -3.15 -28.84
N GLU A 415 -13.94 -2.38 -29.00
CA GLU A 415 -14.94 -2.10 -27.97
C GLU A 415 -14.30 -1.43 -26.75
N LYS A 416 -13.47 -0.41 -27.04
CA LYS A 416 -12.78 0.46 -26.08
C LYS A 416 -11.76 -0.26 -25.22
N VAL A 417 -11.37 -1.48 -25.59
CA VAL A 417 -10.43 -2.28 -24.83
C VAL A 417 -9.28 -2.64 -25.75
N THR A 418 -8.06 -2.42 -25.28
CA THR A 418 -6.84 -2.63 -26.05
C THR A 418 -6.23 -3.97 -25.67
N PHE A 419 -5.86 -4.76 -26.67
CA PHE A 419 -5.23 -6.05 -26.44
C PHE A 419 -4.28 -6.36 -27.57
N GLN A 420 -3.19 -7.03 -27.23
CA GLN A 420 -2.20 -7.50 -28.19
C GLN A 420 -2.47 -8.98 -28.48
N GLY A 421 -2.38 -9.37 -29.75
CA GLY A 421 -2.75 -10.74 -30.07
C GLY A 421 -2.82 -11.00 -31.56
N VAL A 422 -3.29 -12.20 -31.89
CA VAL A 422 -3.36 -12.74 -33.24
C VAL A 422 -4.79 -13.19 -33.49
N LEU A 423 -5.36 -12.86 -34.65
CA LEU A 423 -6.70 -13.27 -35.01
C LEU A 423 -6.67 -14.40 -36.02
N TYR A 424 -7.48 -15.42 -35.80
CA TYR A 424 -7.71 -16.50 -36.77
C TYR A 424 -9.20 -16.63 -37.04
N GLU A 425 -9.53 -16.96 -38.28
CA GLU A 425 -10.92 -17.22 -38.64
C GLU A 425 -11.42 -18.47 -37.93
N SER A 426 -12.67 -18.43 -37.49
CA SER A 426 -13.22 -19.43 -36.59
C SER A 426 -14.63 -19.79 -37.01
N ASN A 427 -15.03 -21.02 -36.70
CA ASN A 427 -16.41 -21.47 -36.88
C ASN A 427 -17.23 -21.33 -35.62
N PHE A 428 -16.74 -20.60 -34.64
CA PHE A 428 -17.45 -20.43 -33.40
C PHE A 428 -18.58 -19.41 -33.60
N THR A 429 -19.65 -19.56 -32.82
CA THR A 429 -20.78 -18.66 -32.87
C THR A 429 -21.14 -18.24 -31.47
N PHE A 430 -21.35 -16.93 -31.28
CA PHE A 430 -21.91 -16.41 -30.05
C PHE A 430 -23.02 -15.44 -30.41
N ALA A 431 -23.69 -14.91 -29.41
CA ALA A 431 -24.94 -14.18 -29.63
C ALA A 431 -24.73 -12.86 -30.34
N GLN A 432 -25.73 -12.45 -31.12
CA GLN A 432 -25.57 -11.35 -32.07
C GLN A 432 -25.54 -10.00 -31.40
N TYR A 433 -25.98 -9.94 -30.15
CA TYR A 433 -25.94 -8.67 -29.43
C TYR A 433 -24.51 -8.30 -29.04
N TYR A 434 -23.61 -9.26 -29.00
CA TYR A 434 -22.25 -9.01 -28.54
C TYR A 434 -21.26 -9.02 -29.69
N ASN A 435 -20.21 -8.22 -29.53
CA ASN A 435 -19.13 -8.18 -30.50
C ASN A 435 -17.84 -8.77 -29.95
N VAL A 436 -17.75 -9.04 -28.66
CA VAL A 436 -16.62 -9.70 -28.02
C VAL A 436 -17.16 -10.77 -27.09
N LEU A 437 -16.36 -11.81 -26.85
CA LEU A 437 -16.77 -12.88 -25.96
C LEU A 437 -15.63 -13.26 -25.01
N TYR A 438 -15.91 -13.23 -23.72
CA TYR A 438 -14.94 -13.53 -22.67
C TYR A 438 -15.17 -14.93 -22.12
N PHE A 439 -14.08 -15.62 -21.78
CA PHE A 439 -14.13 -16.81 -20.92
C PHE A 439 -13.48 -16.42 -19.60
N GLY A 440 -14.30 -16.15 -18.60
CA GLY A 440 -13.78 -15.61 -17.35
C GLY A 440 -13.34 -14.17 -17.56
N SER A 441 -12.05 -13.89 -17.39
CA SER A 441 -11.52 -12.57 -17.70
C SER A 441 -10.63 -12.58 -18.94
N GLN A 442 -10.68 -13.62 -19.75
CA GLN A 442 -9.83 -13.75 -20.92
C GLN A 442 -10.67 -13.53 -22.18
N LEU A 443 -10.23 -12.62 -23.03
CA LEU A 443 -10.88 -12.38 -24.32
C LEU A 443 -10.58 -13.53 -25.26
N LYS A 444 -11.62 -14.24 -25.70
CA LYS A 444 -11.47 -15.41 -26.55
C LYS A 444 -11.91 -15.19 -27.98
N TYR A 445 -13.04 -14.52 -28.22
CA TYR A 445 -13.58 -14.34 -29.56
C TYR A 445 -14.06 -12.92 -29.76
N VAL A 446 -13.85 -12.40 -30.97
CA VAL A 446 -14.42 -11.12 -31.39
C VAL A 446 -15.21 -11.35 -32.67
N ARG A 447 -15.97 -10.34 -33.06
CA ARG A 447 -16.73 -10.36 -34.31
C ARG A 447 -16.47 -9.07 -35.07
N ILE A 448 -15.97 -9.19 -36.29
CA ILE A 448 -15.66 -8.02 -37.10
C ILE A 448 -16.32 -8.22 -38.47
N LEU A 449 -17.20 -7.29 -38.84
CA LEU A 449 -17.93 -7.28 -40.11
C LEU A 449 -18.75 -8.55 -40.30
N GLY A 450 -19.29 -9.07 -39.20
CA GLY A 450 -20.12 -10.25 -39.24
C GLY A 450 -19.38 -11.57 -39.14
N LYS A 451 -18.05 -11.58 -39.19
CA LYS A 451 -17.26 -12.80 -39.10
C LYS A 451 -16.62 -12.90 -37.73
N VAL A 452 -16.51 -14.13 -37.20
CA VAL A 452 -16.01 -14.39 -35.85
C VAL A 452 -14.56 -14.83 -35.91
N TYR A 453 -13.72 -14.23 -35.06
CA TYR A 453 -12.30 -14.50 -35.00
C TYR A 453 -11.89 -14.98 -33.61
N GLU A 454 -11.13 -16.05 -33.56
CA GLU A 454 -10.46 -16.48 -32.34
C GLU A 454 -9.25 -15.61 -32.05
N VAL A 455 -9.16 -15.12 -30.82
CA VAL A 455 -8.03 -14.33 -30.36
C VAL A 455 -6.97 -15.28 -29.83
N ALA A 456 -5.80 -15.24 -30.41
CA ALA A 456 -4.73 -16.10 -29.93
C ALA A 456 -3.59 -15.27 -29.36
N PRO A 457 -2.84 -15.77 -28.39
CA PRO A 457 -1.70 -15.00 -27.86
C PRO A 457 -0.47 -15.13 -28.75
N CYS A 458 0.19 -14.00 -28.97
CA CYS A 458 1.49 -14.03 -29.63
C CYS A 458 2.57 -14.28 -28.56
N PHE A 459 3.06 -15.51 -28.52
CA PHE A 459 3.99 -16.02 -27.54
C PHE A 459 5.41 -15.48 -27.73
N GLU A 460 5.70 -14.89 -28.88
CA GLU A 460 7.04 -14.48 -29.25
C GLU A 460 7.28 -12.99 -29.01
N ALA A 461 6.46 -12.36 -28.18
CA ALA A 461 6.62 -10.95 -27.88
C ALA A 461 7.70 -10.67 -26.85
N SER A 462 8.15 -11.67 -26.11
CA SER A 462 9.10 -11.47 -25.02
C SER A 462 10.26 -12.45 -25.15
N TYR A 463 11.48 -11.97 -24.99
CA TYR A 463 12.64 -12.87 -25.02
C TYR A 463 13.71 -12.40 -24.03
N ASP A 464 14.58 -13.31 -23.64
CA ASP A 464 15.73 -12.99 -22.82
C ASP A 464 17.01 -13.13 -23.65
N VAL A 465 18.07 -12.47 -23.20
CA VAL A 465 19.36 -12.50 -23.88
C VAL A 465 20.40 -13.14 -22.96
N LEU A 466 21.02 -14.21 -23.44
CA LEU A 466 22.05 -14.97 -22.73
C LEU A 466 23.38 -14.51 -23.30
N PHE A 467 23.92 -13.46 -22.72
CA PHE A 467 24.84 -12.54 -23.38
C PHE A 467 26.27 -12.79 -22.91
N ARG A 468 27.16 -13.13 -23.84
CA ARG A 468 28.59 -13.10 -23.53
C ARG A 468 29.20 -11.77 -23.94
N SER A 469 29.02 -11.39 -25.19
CA SER A 469 29.56 -10.18 -25.77
C SER A 469 28.70 -9.83 -26.96
N SER A 470 29.11 -8.79 -27.69
CA SER A 470 28.28 -8.28 -28.79
C SER A 470 28.29 -9.21 -29.99
N SER A 471 29.21 -10.18 -30.02
CA SER A 471 29.33 -11.11 -31.13
C SER A 471 28.98 -12.54 -30.74
N SER A 472 28.48 -12.76 -29.53
CA SER A 472 28.15 -14.10 -29.07
C SER A 472 27.06 -14.00 -28.01
N PHE A 473 25.82 -14.30 -28.40
CA PHE A 473 24.71 -14.32 -27.46
C PHE A 473 23.71 -15.37 -27.90
N GLY A 474 22.89 -15.81 -26.96
CA GLY A 474 21.82 -16.74 -27.24
C GLY A 474 20.49 -16.15 -26.80
N LEU A 475 19.41 -16.62 -27.41
CA LEU A 475 18.08 -16.09 -27.15
C LEU A 475 17.18 -17.16 -26.54
N LEU A 476 16.39 -16.75 -25.55
CA LEU A 476 15.46 -17.64 -24.86
C LEU A 476 14.07 -17.05 -24.92
N TYR A 477 13.17 -17.73 -25.61
CA TYR A 477 11.78 -17.28 -25.72
C TYR A 477 10.98 -18.06 -24.67
N ARG A 478 10.83 -17.47 -23.48
CA ARG A 478 10.42 -18.21 -22.29
C ARG A 478 8.96 -18.65 -22.33
N SER A 479 8.12 -18.00 -23.14
CA SER A 479 6.73 -18.41 -23.17
C SER A 479 6.33 -19.08 -24.48
N PHE A 480 7.29 -19.60 -25.23
CA PHE A 480 7.04 -20.08 -26.58
C PHE A 480 7.51 -21.52 -26.71
N ASP A 481 6.57 -22.44 -26.83
CA ASP A 481 6.84 -23.85 -27.10
C ASP A 481 7.06 -24.05 -28.59
N CYS A 482 8.32 -24.12 -29.00
CA CYS A 482 8.67 -24.19 -30.42
C CYS A 482 8.95 -25.62 -30.88
N ASN A 483 7.98 -26.51 -30.70
CA ASN A 483 8.11 -27.82 -31.33
C ASN A 483 7.89 -27.71 -32.83
N GLN A 484 8.43 -28.67 -33.57
CA GLN A 484 8.53 -28.54 -35.02
C GLN A 484 7.17 -28.66 -35.70
N LEU A 485 6.18 -29.23 -35.02
CA LEU A 485 4.84 -29.31 -35.59
C LEU A 485 4.18 -27.93 -35.64
N ARG A 486 4.44 -27.09 -34.64
CA ARG A 486 3.75 -25.80 -34.54
C ARG A 486 4.32 -24.78 -35.52
N ILE A 487 5.65 -24.67 -35.59
CA ILE A 487 6.25 -23.64 -36.43
C ILE A 487 6.26 -24.01 -37.91
N SER A 488 5.90 -25.24 -38.26
CA SER A 488 5.78 -25.66 -39.65
C SER A 488 4.37 -25.54 -40.19
N ALA A 489 3.39 -25.29 -39.32
CA ALA A 489 2.01 -25.24 -39.77
C ALA A 489 1.73 -23.98 -40.58
N SER A 490 0.60 -23.99 -41.27
CA SER A 490 0.11 -22.79 -41.94
C SER A 490 -0.39 -21.74 -40.95
N ARG A 491 -0.65 -22.16 -39.71
CA ARG A 491 -1.03 -21.25 -38.64
C ARG A 491 0.09 -20.27 -38.31
N PHE A 492 1.34 -20.72 -38.35
CA PHE A 492 2.48 -19.92 -37.93
C PHE A 492 3.27 -19.39 -39.12
N ALA A 493 2.68 -19.37 -40.32
CA ALA A 493 3.43 -19.06 -41.52
C ALA A 493 3.85 -17.59 -41.56
N GLU A 494 2.92 -16.68 -41.27
CA GLU A 494 3.21 -15.25 -41.28
C GLU A 494 4.00 -14.79 -40.06
N ARG A 495 4.15 -15.63 -39.04
CA ARG A 495 4.80 -15.26 -37.80
C ARG A 495 6.23 -15.77 -37.67
N LEU A 496 6.66 -16.64 -38.57
CA LEU A 496 7.98 -17.26 -38.46
C LEU A 496 9.10 -16.28 -38.81
N LEU A 497 9.96 -16.05 -37.84
CA LEU A 497 11.25 -15.39 -37.95
C LEU A 497 12.35 -16.46 -37.97
N PRO A 498 13.58 -16.14 -38.40
CA PRO A 498 14.63 -17.17 -38.36
C PRO A 498 15.03 -17.60 -36.95
N SER A 499 14.88 -16.73 -35.96
CA SER A 499 15.27 -17.07 -34.60
C SER A 499 14.26 -17.95 -33.87
N HIS A 500 13.11 -18.28 -34.47
CA HIS A 500 12.18 -19.16 -33.79
C HIS A 500 12.45 -20.63 -34.04
N ASN A 501 13.50 -20.97 -34.78
CA ASN A 501 13.81 -22.35 -35.06
C ASN A 501 14.91 -22.79 -34.09
N GLY A 502 14.55 -22.94 -32.83
CA GLY A 502 15.52 -23.33 -31.84
C GLY A 502 15.15 -24.61 -31.15
N THR A 503 15.61 -24.79 -29.92
CA THR A 503 15.37 -26.02 -29.18
C THR A 503 14.22 -25.78 -28.21
N ALA A 504 13.27 -26.70 -28.19
CA ALA A 504 12.19 -26.65 -27.22
C ALA A 504 12.67 -27.25 -25.91
N THR A 505 12.66 -26.44 -24.86
CA THR A 505 13.10 -26.83 -23.53
C THR A 505 11.93 -26.64 -22.57
N ALA A 506 12.16 -27.01 -21.31
CA ALA A 506 11.19 -26.70 -20.26
C ALA A 506 11.20 -25.24 -19.87
N LEU A 507 12.20 -24.48 -20.32
CA LEU A 507 12.25 -23.05 -20.10
C LEU A 507 11.73 -22.24 -21.28
N GLY A 508 11.29 -22.86 -22.35
CA GLY A 508 10.91 -22.17 -23.55
C GLY A 508 11.83 -22.51 -24.70
N CYS A 509 11.83 -21.63 -25.69
CA CYS A 509 12.54 -21.87 -26.95
C CYS A 509 13.92 -21.24 -26.88
N LEU A 510 14.94 -22.06 -26.99
CA LEU A 510 16.33 -21.65 -26.84
C LEU A 510 16.95 -21.54 -28.23
N PHE A 511 17.38 -20.34 -28.62
CA PHE A 511 17.95 -20.15 -29.95
C PHE A 511 19.43 -19.81 -29.85
N ASN A 512 20.20 -20.39 -30.78
CA ASN A 512 21.68 -20.40 -30.92
C ASN A 512 22.42 -20.42 -29.59
N ALA A 513 21.97 -21.28 -28.71
CA ALA A 513 22.71 -21.75 -27.56
C ALA A 513 22.63 -23.27 -27.58
N THR A 514 23.69 -23.93 -27.15
CA THR A 514 23.61 -25.38 -27.07
C THR A 514 22.97 -25.79 -25.74
N TYR A 515 22.17 -26.84 -25.81
CA TYR A 515 21.39 -27.29 -24.68
C TYR A 515 21.88 -28.67 -24.26
N ALA A 516 22.36 -28.77 -23.02
CA ALA A 516 23.01 -29.97 -22.51
C ALA A 516 22.46 -30.29 -21.12
N PRO A 517 21.26 -30.88 -21.05
CA PRO A 517 20.64 -31.14 -19.74
C PRO A 517 21.19 -32.35 -18.99
N ASN A 518 22.24 -33.01 -19.47
CA ASN A 518 22.86 -34.08 -18.71
C ASN A 518 24.12 -33.64 -17.98
N ASP A 519 24.67 -32.49 -18.32
CA ASP A 519 25.82 -31.99 -17.61
C ASP A 519 25.37 -31.21 -16.39
N THR A 520 26.26 -31.08 -15.41
CA THR A 520 25.94 -30.47 -14.14
C THR A 520 26.93 -29.37 -13.81
N MET A 521 26.51 -28.49 -12.91
CA MET A 521 27.33 -27.42 -12.37
C MET A 521 26.93 -27.24 -10.91
N VAL A 522 27.92 -27.24 -10.03
CA VAL A 522 27.65 -26.88 -8.64
C VAL A 522 27.95 -25.41 -8.41
N ASN A 523 28.67 -24.77 -9.32
CA ASN A 523 29.03 -23.36 -9.21
C ASN A 523 28.27 -22.64 -10.33
N CYS A 524 27.07 -22.15 -10.01
CA CYS A 524 26.21 -21.48 -10.98
C CYS A 524 26.20 -19.99 -10.70
N THR A 525 26.83 -19.22 -11.58
CA THR A 525 26.77 -17.78 -11.50
C THR A 525 25.59 -17.19 -12.27
N ASN A 526 25.03 -17.92 -13.23
CA ASN A 526 23.98 -17.39 -14.10
C ASN A 526 22.79 -18.34 -14.12
N PRO A 527 21.90 -18.25 -13.14
CA PRO A 527 20.77 -19.17 -13.10
C PRO A 527 19.67 -18.74 -14.06
N LEU A 528 18.97 -19.73 -14.59
CA LEU A 528 17.88 -19.49 -15.52
C LEU A 528 16.52 -19.79 -14.91
N GLY A 529 16.47 -20.41 -13.75
CA GLY A 529 15.23 -20.93 -13.22
C GLY A 529 15.11 -22.42 -13.52
N ASP A 530 14.34 -23.10 -12.68
CA ASP A 530 13.96 -24.52 -12.83
C ASP A 530 15.18 -25.46 -12.79
N GLY A 531 16.21 -25.08 -12.05
CA GLY A 531 17.40 -25.91 -11.96
C GLY A 531 18.31 -25.87 -13.16
N PHE A 532 18.19 -24.86 -14.01
CA PHE A 532 19.07 -24.69 -15.15
C PHE A 532 19.99 -23.53 -14.90
N CYS A 533 21.12 -23.54 -15.59
CA CYS A 533 22.13 -22.51 -15.44
C CYS A 533 22.70 -22.22 -16.82
N ALA A 534 23.16 -21.00 -17.01
CA ALA A 534 23.78 -20.60 -18.28
C ALA A 534 25.29 -20.46 -18.09
N ASP A 535 26.05 -21.27 -18.81
CA ASP A 535 27.50 -21.22 -18.77
C ASP A 535 27.97 -20.30 -19.89
N LEU A 536 28.58 -19.18 -19.51
CA LEU A 536 28.89 -18.10 -20.44
C LEU A 536 30.39 -17.87 -20.51
N LEU A 537 31.18 -18.93 -20.38
CA LEU A 537 32.63 -18.85 -20.38
C LEU A 537 33.23 -18.92 -21.79
N SER A 538 32.97 -20.00 -22.52
CA SER A 538 33.49 -20.17 -23.87
C SER A 538 32.45 -19.83 -24.93
N ASN A 539 31.32 -20.51 -24.91
CA ASN A 539 30.16 -20.19 -25.71
C ASN A 539 28.95 -20.38 -24.82
N VAL A 540 27.76 -20.20 -25.36
CA VAL A 540 26.55 -20.14 -24.56
C VAL A 540 26.00 -21.55 -24.44
N VAL A 541 26.05 -22.11 -23.23
CA VAL A 541 25.57 -23.47 -22.97
C VAL A 541 24.59 -23.41 -21.81
N VAL A 542 23.57 -24.24 -21.87
CA VAL A 542 22.62 -24.41 -20.77
C VAL A 542 22.86 -25.76 -20.12
N ARG A 543 23.25 -25.74 -18.84
CA ARG A 543 23.50 -26.92 -18.02
C ARG A 543 22.46 -27.02 -16.90
N ARG A 544 22.58 -28.09 -16.12
CA ARG A 544 21.81 -28.28 -14.89
C ARG A 544 22.59 -27.83 -13.67
N MET A 545 21.85 -27.40 -12.66
CA MET A 545 22.42 -27.11 -11.35
C MET A 545 22.40 -28.37 -10.49
N THR A 546 23.39 -28.49 -9.63
CA THR A 546 23.36 -29.44 -8.54
C THR A 546 23.69 -28.74 -7.24
N PHE A 547 23.56 -29.48 -6.16
CA PHE A 547 23.85 -29.00 -4.83
C PHE A 547 24.73 -30.03 -4.16
N GLU A 548 25.59 -29.57 -3.26
CA GLU A 548 26.47 -30.47 -2.55
C GLU A 548 25.71 -31.18 -1.44
N LYS A 549 25.87 -32.50 -1.37
CA LYS A 549 25.13 -33.31 -0.41
C LYS A 549 25.81 -33.25 0.96
N HIS A 550 25.02 -33.03 2.00
CA HIS A 550 25.53 -33.03 3.35
C HIS A 550 25.08 -34.27 4.11
N ASP A 551 25.63 -34.42 5.31
CA ASP A 551 25.43 -35.52 6.23
C ASP A 551 24.69 -34.99 7.47
N THR A 552 24.56 -35.81 8.50
CA THR A 552 23.88 -35.46 9.74
C THR A 552 24.76 -35.86 10.93
N THR A 553 24.41 -35.37 12.13
CA THR A 553 25.16 -35.72 13.34
C THR A 553 24.46 -36.77 14.19
N TYR A 554 23.19 -37.02 13.97
CA TYR A 554 22.51 -38.12 14.63
C TYR A 554 23.09 -39.46 14.20
N VAL A 555 23.53 -40.24 15.18
CA VAL A 555 23.99 -41.60 14.94
C VAL A 555 22.94 -42.56 15.48
N ALA A 556 22.51 -43.49 14.64
CA ALA A 556 21.54 -44.47 15.06
C ALA A 556 22.19 -45.43 16.05
N PRO A 557 21.45 -45.88 17.05
CA PRO A 557 22.07 -46.74 18.08
C PRO A 557 22.40 -48.12 17.53
N VAL A 558 23.45 -48.69 18.09
CA VAL A 558 23.93 -50.00 17.69
C VAL A 558 23.29 -51.03 18.62
N THR A 559 22.40 -51.85 18.08
CA THR A 559 21.69 -52.80 18.91
C THR A 559 22.11 -54.24 18.68
N ASN A 560 22.81 -54.53 17.58
CA ASN A 560 23.36 -55.86 17.34
C ASN A 560 24.67 -55.70 16.56
N GLU A 561 25.36 -56.81 16.37
CA GLU A 561 26.62 -56.78 15.64
C GLU A 561 26.38 -56.57 14.16
N ARG A 562 27.00 -55.54 13.59
CA ARG A 562 26.80 -55.18 12.20
C ARG A 562 27.97 -54.33 11.74
N PHE A 563 27.93 -53.94 10.47
CA PHE A 563 28.89 -52.99 9.92
C PHE A 563 28.42 -51.57 10.16
N THR A 564 29.38 -50.69 10.38
CA THR A 564 29.13 -49.27 10.56
C THR A 564 30.22 -48.53 9.82
N GLU A 565 29.93 -47.28 9.49
CA GLU A 565 30.83 -46.47 8.69
C GLU A 565 31.32 -45.29 9.52
N LEU A 566 32.55 -45.39 10.00
CA LEU A 566 33.14 -44.33 10.83
C LEU A 566 34.05 -43.43 9.99
N PRO A 567 34.11 -42.14 10.30
CA PRO A 567 35.04 -41.26 9.59
C PRO A 567 36.49 -41.48 10.00
N LEU A 568 37.39 -41.23 9.05
CA LEU A 568 38.82 -41.31 9.32
C LEU A 568 39.43 -39.99 9.72
N ASP A 569 38.93 -38.89 9.17
CA ASP A 569 39.40 -37.56 9.56
C ASP A 569 38.30 -36.56 9.24
N HIS A 570 38.47 -35.35 9.73
CA HIS A 570 37.46 -34.31 9.62
C HIS A 570 38.03 -33.06 8.96
N GLN A 571 37.12 -32.34 8.32
CA GLN A 571 37.44 -31.07 7.70
C GLN A 571 36.83 -29.96 8.56
N LEU A 572 37.62 -28.96 8.88
CA LEU A 572 37.09 -27.82 9.61
C LEU A 572 36.53 -26.80 8.63
N VAL A 573 35.31 -26.34 8.90
CA VAL A 573 34.50 -25.55 7.97
C VAL A 573 34.03 -24.29 8.67
N LEU A 574 34.15 -23.15 7.99
CA LEU A 574 33.57 -21.89 8.42
C LEU A 574 32.39 -21.55 7.54
N THR A 575 31.22 -21.37 8.15
CA THR A 575 30.03 -20.92 7.46
C THR A 575 29.56 -19.59 8.05
N GLU A 576 29.30 -18.62 7.18
CA GLU A 576 28.84 -17.29 7.60
C GLU A 576 27.34 -17.17 7.48
N GLN A 577 26.74 -16.31 8.29
CA GLN A 577 25.28 -16.13 8.29
C GLN A 577 24.93 -14.70 8.67
N PHE A 578 24.36 -13.95 7.74
CA PHE A 578 23.95 -12.58 7.99
C PHE A 578 22.47 -12.49 8.29
N LEU A 579 22.14 -11.68 9.29
CA LEU A 579 20.77 -11.42 9.70
C LEU A 579 20.63 -9.94 9.99
N GLN A 580 19.69 -9.29 9.32
CA GLN A 580 19.44 -7.87 9.54
C GLN A 580 18.73 -7.68 10.87
N THR A 581 19.25 -6.77 11.69
CA THR A 581 18.65 -6.50 12.98
C THR A 581 18.15 -5.07 13.16
N THR A 582 18.62 -4.11 12.39
CA THR A 582 18.34 -2.74 12.74
C THR A 582 18.03 -1.90 11.51
N MET A 583 17.40 -0.76 11.76
CA MET A 583 17.16 0.32 10.82
C MET A 583 17.29 1.63 11.59
N PRO A 584 17.46 2.75 10.89
CA PRO A 584 17.31 4.04 11.57
C PRO A 584 15.84 4.34 11.87
N LYS A 585 15.64 5.21 12.84
CA LYS A 585 14.29 5.69 13.11
C LYS A 585 14.00 6.89 12.23
N PHE A 586 12.73 7.17 12.02
CA PHE A 586 12.32 8.34 11.26
C PHE A 586 11.31 9.16 12.04
N SER A 587 11.49 10.48 11.99
CA SER A 587 10.47 11.41 12.43
C SER A 587 10.02 12.18 11.20
N ILE A 588 8.71 12.28 11.00
CA ILE A 588 8.15 12.83 9.78
C ILE A 588 7.23 13.98 10.14
N SER A 589 7.48 15.14 9.57
CA SER A 589 6.51 16.22 9.58
C SER A 589 5.83 16.17 8.22
N CYS A 590 4.62 15.62 8.17
CA CYS A 590 4.00 15.34 6.87
C CYS A 590 3.46 16.61 6.23
N GLU A 591 3.17 17.63 7.05
CA GLU A 591 2.82 18.94 6.49
C GLU A 591 4.01 19.57 5.79
N THR A 592 5.22 19.32 6.28
CA THR A 592 6.40 19.91 5.65
C THR A 592 6.73 19.17 4.36
N TYR A 593 6.52 17.86 4.32
CA TYR A 593 6.85 17.10 3.13
C TYR A 593 5.89 17.42 2.00
N ILE A 594 4.61 17.59 2.32
CA ILE A 594 3.61 17.84 1.29
C ILE A 594 3.59 19.31 0.90
N CYS A 595 3.47 20.19 1.88
CA CYS A 595 3.14 21.61 1.68
C CYS A 595 4.23 22.42 2.37
N ASP A 596 5.36 22.64 1.69
CA ASP A 596 6.62 22.98 2.38
C ASP A 596 6.57 24.22 3.28
N VAL A 597 6.22 25.39 2.75
CA VAL A 597 5.97 26.57 3.58
C VAL A 597 4.62 27.18 3.25
N SER A 598 3.91 26.64 2.26
CA SER A 598 2.65 27.19 1.79
C SER A 598 1.56 27.04 2.84
N LYS A 599 1.06 28.17 3.35
CA LYS A 599 -0.06 28.12 4.27
C LYS A 599 -1.36 27.78 3.55
N ALA A 600 -1.44 28.07 2.26
CA ALA A 600 -2.64 27.73 1.50
C ALA A 600 -2.79 26.24 1.34
N CYS A 601 -1.69 25.52 1.16
CA CYS A 601 -1.74 24.07 1.02
C CYS A 601 -2.09 23.39 2.34
N LYS A 602 -1.54 23.91 3.45
CA LYS A 602 -1.83 23.35 4.77
C LYS A 602 -3.28 23.54 5.19
N ASN A 603 -3.94 24.58 4.69
CA ASN A 603 -5.36 24.72 4.92
C ASN A 603 -6.20 23.78 4.08
N LEU A 604 -5.62 23.11 3.10
CA LEU A 604 -6.34 22.11 2.32
C LEU A 604 -6.14 20.69 2.81
N LEU A 605 -5.24 20.44 3.76
CA LEU A 605 -4.89 19.06 4.09
C LEU A 605 -5.96 18.39 4.94
N PHE A 606 -6.83 19.16 5.59
CA PHE A 606 -7.81 18.57 6.48
C PHE A 606 -8.88 17.79 5.71
N ARG A 607 -9.03 18.07 4.42
CA ARG A 607 -10.03 17.41 3.59
C ARG A 607 -9.75 15.93 3.44
N TYR A 608 -8.49 15.53 3.43
CA TYR A 608 -8.16 14.15 3.20
C TYR A 608 -8.33 13.39 4.51
N GLY A 609 -8.89 12.20 4.41
CA GLY A 609 -9.53 11.56 5.54
C GLY A 609 -8.60 11.09 6.62
N GLY A 610 -7.99 12.04 7.33
CA GLY A 610 -7.08 11.78 8.41
C GLY A 610 -5.70 11.32 8.01
N PHE A 611 -5.23 11.72 6.82
CA PHE A 611 -3.96 11.23 6.28
C PHE A 611 -2.79 11.57 7.19
N CYS A 612 -2.68 12.83 7.59
CA CYS A 612 -1.45 13.28 8.20
C CYS A 612 -1.39 12.85 9.66
N GLN A 613 -2.56 12.62 10.26
CA GLN A 613 -2.61 12.02 11.59
C GLN A 613 -2.22 10.55 11.56
N LYS A 614 -2.60 9.85 10.50
CA LYS A 614 -2.35 8.42 10.43
C LYS A 614 -0.90 8.11 10.06
N ILE A 615 -0.28 8.97 9.22
CA ILE A 615 1.14 8.84 8.89
C ILE A 615 2.00 8.98 10.15
N GLU A 616 1.73 10.00 10.95
CA GLU A 616 2.56 10.28 12.11
C GLU A 616 2.34 9.30 13.25
N ALA A 617 1.17 8.67 13.31
CA ALA A 617 0.97 7.58 14.25
C ALA A 617 1.62 6.28 13.80
N ASP A 618 1.72 6.01 12.50
CA ASP A 618 2.30 4.77 12.02
C ASP A 618 3.83 4.79 12.06
N ILE A 619 4.45 5.93 11.77
CA ILE A 619 5.92 5.93 11.70
C ILE A 619 6.50 5.98 13.11
N ARG A 620 5.75 6.51 14.08
CA ARG A 620 6.19 6.60 15.45
C ARG A 620 5.97 5.30 16.21
N GLY A 621 4.89 4.58 15.91
CA GLY A 621 4.65 3.30 16.56
C GLY A 621 5.58 2.23 16.05
N ALA A 622 6.00 2.35 14.78
CA ALA A 622 6.95 1.40 14.23
C ALA A 622 8.33 1.57 14.83
N GLY A 623 8.75 2.79 15.13
CA GLY A 623 10.01 3.00 15.82
C GLY A 623 9.99 2.55 17.26
N VAL A 624 8.83 2.56 17.89
CA VAL A 624 8.68 2.00 19.23
C VAL A 624 8.87 0.49 19.20
N LEU A 625 8.35 -0.18 18.17
CA LEU A 625 8.56 -1.61 18.02
C LEU A 625 10.01 -1.91 17.66
N LEU A 626 10.64 -1.03 16.88
CA LEU A 626 12.06 -1.19 16.58
C LEU A 626 12.91 -1.02 17.82
N ASP A 627 12.61 -0.03 18.65
CA ASP A 627 13.38 0.15 19.87
C ASP A 627 13.15 -0.95 20.87
N SER A 628 11.95 -1.52 20.90
CA SER A 628 11.66 -2.64 21.80
C SER A 628 12.40 -3.91 21.39
N ASP A 629 12.69 -4.08 20.10
CA ASP A 629 13.41 -5.28 19.69
C ASP A 629 14.90 -5.14 19.90
N VAL A 630 15.45 -3.97 19.54
CA VAL A 630 16.88 -3.72 19.65
C VAL A 630 17.33 -3.71 21.11
N SER A 631 16.47 -3.24 22.02
CA SER A 631 16.78 -3.28 23.45
C SER A 631 16.84 -4.71 23.97
N GLY A 632 15.92 -5.57 23.52
CA GLY A 632 15.97 -6.96 23.94
C GLY A 632 17.18 -7.69 23.40
N LEU A 633 17.61 -7.32 22.19
CA LEU A 633 18.83 -7.87 21.62
C LEU A 633 20.06 -7.53 22.44
N TYR A 634 20.20 -6.28 22.88
CA TYR A 634 21.38 -5.89 23.61
C TYR A 634 21.37 -6.28 25.08
N SER A 635 20.22 -6.67 25.62
CA SER A 635 20.30 -7.28 26.93
C SER A 635 20.66 -8.75 26.84
N THR A 636 20.37 -9.40 25.71
CA THR A 636 20.87 -10.73 25.41
C THR A 636 22.36 -10.73 25.08
N ILE A 637 22.84 -9.70 24.38
CA ILE A 637 24.25 -9.63 24.01
C ILE A 637 25.14 -9.40 25.23
N ALA A 638 24.69 -8.60 26.20
CA ALA A 638 25.53 -8.18 27.32
C ALA A 638 25.69 -9.34 28.30
N ALA A 639 26.93 -9.74 28.56
CA ALA A 639 27.21 -10.99 29.22
C ALA A 639 28.49 -10.88 30.04
N LYS A 640 28.58 -11.71 31.07
CA LYS A 640 29.70 -11.65 32.01
C LYS A 640 30.94 -12.33 31.45
N THR A 641 32.10 -11.73 31.71
CA THR A 641 33.38 -12.33 31.41
C THR A 641 33.99 -12.88 32.70
N SER A 642 35.04 -13.67 32.54
CA SER A 642 35.83 -14.10 33.67
C SER A 642 36.72 -12.97 34.15
N SER A 643 36.93 -12.91 35.46
CA SER A 643 37.77 -11.88 36.06
C SER A 643 39.24 -12.09 35.71
N ILE A 644 39.64 -13.33 35.42
CA ILE A 644 40.95 -13.62 34.87
C ILE A 644 40.76 -13.99 33.41
N THR A 645 41.37 -13.23 32.51
CA THR A 645 41.16 -13.44 31.08
C THR A 645 42.02 -14.60 30.62
N PRO A 646 41.44 -15.62 29.96
CA PRO A 646 42.23 -16.74 29.47
C PRO A 646 43.14 -16.33 28.33
N THR A 647 44.19 -17.09 28.12
CA THR A 647 45.15 -16.76 27.08
C THR A 647 44.86 -17.56 25.82
N THR A 648 44.81 -16.87 24.70
CA THR A 648 44.73 -17.50 23.39
C THR A 648 46.14 -17.92 23.02
N ASP A 649 46.36 -19.21 22.88
CA ASP A 649 47.72 -19.71 22.70
C ASP A 649 48.15 -19.57 21.24
N ARG A 650 47.49 -20.29 20.35
CA ARG A 650 47.81 -20.25 18.94
C ARG A 650 46.58 -19.90 18.13
N PHE A 651 45.42 -19.82 18.76
CA PHE A 651 44.19 -19.36 18.14
C PHE A 651 44.25 -17.85 18.04
N ASN A 652 44.19 -17.33 16.81
CA ASN A 652 44.26 -15.87 16.60
C ASN A 652 42.87 -15.27 16.58
N VAL A 653 42.23 -15.28 17.74
CA VAL A 653 40.88 -14.74 17.81
C VAL A 653 40.92 -13.25 18.16
N SER A 654 41.90 -12.82 18.97
CA SER A 654 41.94 -11.42 19.36
C SER A 654 42.39 -10.50 18.22
N GLN A 655 43.15 -11.02 17.26
CA GLN A 655 43.61 -10.19 16.16
C GLN A 655 42.51 -9.92 15.14
N PHE A 656 41.47 -10.74 15.13
CA PHE A 656 40.42 -10.65 14.12
C PHE A 656 39.07 -10.23 14.67
N PHE A 657 38.71 -10.62 15.88
CA PHE A 657 37.36 -10.41 16.37
C PHE A 657 37.25 -9.34 17.44
N LEU A 658 38.26 -8.96 17.99
CA LEU A 658 38.37 -8.01 19.08
C LEU A 658 38.78 -6.64 18.57
N PRO A 659 38.30 -5.58 19.25
CA PRO A 659 38.53 -4.21 18.76
C PRO A 659 40.01 -3.87 18.66
N LYS A 660 40.33 -3.06 17.66
CA LYS A 660 41.72 -2.73 17.37
C LYS A 660 42.26 -1.78 18.42
N VAL A 661 43.47 -2.06 18.89
CA VAL A 661 44.08 -1.25 19.94
C VAL A 661 44.52 0.08 19.35
N GLN A 662 44.36 1.14 20.15
CA GLN A 662 44.63 2.49 19.68
C GLN A 662 46.12 2.68 19.38
N SER A 663 46.42 3.04 18.15
CA SER A 663 47.80 3.18 17.68
C SER A 663 48.36 4.52 18.13
N ASN A 664 49.50 4.91 17.54
CA ASN A 664 50.14 6.19 17.85
C ASN A 664 49.48 7.33 17.07
N SER A 665 48.20 7.55 17.36
CA SER A 665 47.35 8.48 16.64
C SER A 665 46.08 8.69 17.45
N GLU A 666 45.61 9.93 17.49
CA GLU A 666 44.37 10.26 18.21
C GLU A 666 43.15 10.06 17.31
N ARG A 667 43.03 8.85 16.79
CA ARG A 667 41.91 8.43 15.95
C ARG A 667 41.43 7.10 16.54
N PHE A 668 40.54 7.19 17.52
CA PHE A 668 40.05 6.01 18.22
C PHE A 668 39.15 5.18 17.32
N GLU A 669 39.30 3.86 17.38
CA GLU A 669 38.51 2.93 16.60
C GLU A 669 37.89 1.88 17.50
N SER A 670 36.59 1.66 17.36
CA SER A 670 35.89 0.66 18.14
C SER A 670 35.72 -0.68 17.42
N ARG A 671 36.01 -0.74 16.13
CA ARG A 671 35.76 -1.93 15.33
C ARG A 671 36.93 -2.89 15.35
N SER A 672 36.63 -4.16 15.14
CA SER A 672 37.65 -5.17 14.89
C SER A 672 38.05 -5.17 13.42
N VAL A 673 39.03 -6.01 13.10
CA VAL A 673 39.53 -6.11 11.73
C VAL A 673 38.46 -6.71 10.80
N ILE A 674 37.72 -7.69 11.30
CA ILE A 674 36.66 -8.31 10.50
C ILE A 674 35.52 -7.32 10.28
N GLU A 675 35.16 -6.55 11.31
CA GLU A 675 34.07 -5.60 11.21
C GLU A 675 34.39 -4.48 10.21
N ASP A 676 35.67 -4.11 10.08
CA ASP A 676 36.05 -3.12 9.08
C ASP A 676 35.96 -3.66 7.66
N LEU A 677 36.39 -4.90 7.45
CA LEU A 677 36.33 -5.51 6.13
C LEU A 677 34.90 -5.69 5.65
N LEU A 678 33.95 -5.86 6.57
CA LEU A 678 32.57 -6.02 6.14
C LEU A 678 31.96 -4.71 5.68
N PHE A 679 32.33 -3.59 6.31
CA PHE A 679 31.90 -2.28 5.83
C PHE A 679 32.55 -1.88 4.51
N SER A 680 33.79 -2.27 4.27
CA SER A 680 34.53 -1.77 3.11
C SER A 680 34.33 -2.59 1.85
N LYS A 681 33.83 -3.83 1.94
CA LYS A 681 33.55 -4.62 0.75
C LYS A 681 32.16 -4.36 0.17
N ILE A 682 31.31 -3.60 0.83
CA ILE A 682 29.98 -3.31 0.30
C ILE A 682 30.10 -2.17 -0.69
N GLU A 683 29.56 -2.39 -1.89
CA GLU A 683 29.69 -1.41 -2.98
C GLU A 683 28.88 -0.14 -2.69
N THR A 684 29.28 0.94 -3.33
CA THR A 684 28.57 2.20 -3.21
C THR A 684 27.29 2.17 -4.05
N THR A 685 26.38 3.07 -3.73
CA THR A 685 25.18 3.28 -4.53
C THR A 685 25.24 4.58 -5.32
N GLY A 686 26.39 5.22 -5.40
CA GLY A 686 26.55 6.41 -6.20
C GLY A 686 26.37 7.67 -5.38
N PRO A 687 26.27 8.81 -6.05
CA PRO A 687 26.01 10.07 -5.34
C PRO A 687 24.58 10.12 -4.84
N GLY A 688 24.36 10.89 -3.79
CA GLY A 688 23.04 11.07 -3.25
C GLY A 688 23.09 11.15 -1.74
N PHE A 689 21.89 11.17 -1.14
CA PHE A 689 21.80 11.31 0.30
C PHE A 689 22.14 10.02 1.04
N TYR A 690 21.74 8.87 0.49
CA TYR A 690 21.99 7.62 1.19
C TYR A 690 23.45 7.23 1.12
N GLY A 691 24.10 7.51 -0.01
CA GLY A 691 25.52 7.25 -0.12
C GLY A 691 26.34 8.16 0.78
N ASP A 692 25.83 9.37 1.05
CA ASP A 692 26.42 10.21 2.08
C ASP A 692 26.16 9.64 3.46
N TYR A 693 25.03 8.97 3.67
CA TYR A 693 24.74 8.39 4.97
C TYR A 693 25.61 7.17 5.25
N TYR A 694 25.79 6.32 4.23
CA TYR A 694 26.58 5.10 4.39
C TYR A 694 28.03 5.43 4.68
N ASN A 695 28.57 6.42 3.99
CA ASN A 695 29.97 6.76 4.14
C ASN A 695 30.26 7.43 5.46
N CYS A 696 29.25 8.04 6.09
CA CYS A 696 29.42 8.54 7.45
C CYS A 696 29.49 7.38 8.44
N LYS A 697 28.66 6.36 8.23
CA LYS A 697 28.68 5.18 9.08
C LYS A 697 29.93 4.34 8.86
N LYS A 698 30.40 4.27 7.62
CA LYS A 698 31.60 3.52 7.31
C LYS A 698 32.84 4.19 7.90
N ASN A 699 32.91 5.52 7.85
CA ASN A 699 34.13 6.19 8.27
C ASN A 699 34.26 6.23 9.78
N ALA A 700 33.14 6.29 10.51
CA ALA A 700 33.06 6.14 11.97
C ALA A 700 33.92 7.17 12.71
N ILE A 701 33.84 8.41 12.26
CA ILE A 701 34.60 9.51 12.85
C ILE A 701 33.99 9.87 14.21
N GLN A 702 34.85 10.04 15.21
CA GLN A 702 34.41 10.30 16.57
C GLN A 702 33.74 11.66 16.71
N ASP A 703 32.60 11.68 17.41
CA ASP A 703 31.82 12.88 17.74
C ASP A 703 31.31 13.61 16.50
N LEU A 704 31.07 12.87 15.42
CA LEU A 704 30.51 13.42 14.19
C LEU A 704 29.13 12.84 13.98
N THR A 705 28.14 13.71 13.85
CA THR A 705 26.76 13.25 13.68
C THR A 705 26.52 12.78 12.25
N CYS A 706 25.75 11.70 12.11
CA CYS A 706 25.37 11.17 10.81
C CYS A 706 23.90 11.41 10.50
N ALA A 707 23.17 12.08 11.39
CA ALA A 707 21.76 12.37 11.16
C ALA A 707 21.60 13.40 10.04
N GLN A 708 20.56 13.21 9.23
CA GLN A 708 20.26 14.16 8.17
C GLN A 708 18.82 14.63 8.32
N TYR A 709 18.53 15.80 7.77
CA TYR A 709 17.19 16.34 7.70
C TYR A 709 16.92 16.82 6.29
N HIS A 710 15.80 16.40 5.71
CA HIS A 710 15.43 16.83 4.37
C HIS A 710 13.91 16.87 4.30
N ASN A 711 13.37 18.07 4.09
CA ASN A 711 12.00 18.26 3.63
C ASN A 711 10.98 17.81 4.65
N GLY A 712 11.31 17.95 5.93
CA GLY A 712 10.44 17.50 6.99
C GLY A 712 10.74 16.12 7.53
N ILE A 713 11.84 15.49 7.13
CA ILE A 713 12.14 14.10 7.50
C ILE A 713 13.46 14.06 8.26
N LEU A 714 13.41 13.62 9.50
CA LEU A 714 14.60 13.46 10.32
C LEU A 714 14.99 11.98 10.37
N VAL A 715 16.28 11.71 10.26
CA VAL A 715 16.84 10.36 10.33
C VAL A 715 17.55 10.24 11.66
N ILE A 716 16.97 9.50 12.60
CA ILE A 716 17.43 9.42 13.98
C ILE A 716 18.05 8.05 14.20
N PRO A 717 19.14 7.92 14.96
CA PRO A 717 19.67 6.58 15.25
C PRO A 717 18.70 5.81 16.12
N PRO A 718 18.74 4.47 16.06
CA PRO A 718 17.97 3.67 17.01
C PRO A 718 18.58 3.70 18.41
N VAL A 719 18.01 2.92 19.33
CA VAL A 719 18.38 3.02 20.75
C VAL A 719 19.82 2.55 21.01
N MET A 720 20.35 1.63 20.21
CA MET A 720 21.75 1.27 20.43
C MET A 720 22.67 1.50 19.25
N ASP A 721 22.23 1.24 18.02
CA ASP A 721 22.99 1.48 16.77
C ASP A 721 24.30 0.69 16.71
N ALA A 722 24.14 -0.59 16.34
CA ALA A 722 25.25 -1.52 16.06
C ALA A 722 26.33 -0.97 15.15
N GLU A 723 26.00 -0.05 14.25
CA GLU A 723 26.94 0.44 13.25
C GLU A 723 28.06 1.31 13.82
N THR A 724 28.00 1.77 15.07
CA THR A 724 29.13 2.47 15.69
C THR A 724 29.83 1.66 16.77
N LEU A 725 29.44 0.43 17.01
CA LEU A 725 29.97 -0.37 18.10
C LEU A 725 30.79 -1.54 17.57
N GLY A 726 31.81 -1.92 18.33
CA GLY A 726 32.44 -3.22 18.18
C GLY A 726 31.70 -4.21 19.05
N MET A 727 31.60 -5.46 18.57
CA MET A 727 30.84 -6.50 19.26
C MET A 727 31.45 -6.84 20.61
N TYR A 728 32.78 -6.96 20.67
CA TYR A 728 33.42 -7.45 21.88
C TYR A 728 34.15 -6.34 22.65
N GLY A 729 33.73 -5.09 22.51
CA GLY A 729 34.19 -4.05 23.40
C GLY A 729 33.03 -3.18 23.84
N GLY A 730 33.31 -2.13 24.59
CA GLY A 730 32.31 -1.13 24.88
C GLY A 730 31.56 -1.35 26.18
N ILE A 731 30.45 -0.62 26.30
CA ILE A 731 29.64 -0.66 27.51
C ILE A 731 28.78 -1.91 27.52
N ALA A 732 28.23 -2.27 26.37
CA ALA A 732 27.34 -3.42 26.23
C ALA A 732 28.06 -4.61 25.60
N ALA A 733 29.28 -4.90 26.05
CA ALA A 733 30.15 -5.86 25.38
C ALA A 733 29.62 -7.29 25.48
N ALA A 734 29.87 -8.05 24.43
CA ALA A 734 29.58 -9.47 24.38
C ALA A 734 30.76 -10.25 24.93
N SER A 735 30.46 -11.43 25.44
CA SER A 735 31.47 -12.31 26.01
C SER A 735 32.10 -13.14 24.90
N LEU A 736 33.42 -13.22 24.91
CA LEU A 736 34.14 -14.03 23.94
C LEU A 736 34.28 -15.47 24.40
N THR A 737 34.15 -15.72 25.70
CA THR A 737 34.53 -16.98 26.28
C THR A 737 33.34 -17.82 26.74
N LEU A 738 32.13 -17.28 26.68
CA LEU A 738 31.03 -17.84 27.44
C LEU A 738 30.53 -19.17 26.86
N GLY A 739 30.70 -19.39 25.56
CA GLY A 739 30.15 -20.59 24.97
C GLY A 739 31.11 -21.74 24.80
N ILE A 740 32.40 -21.54 25.02
CA ILE A 740 33.32 -22.67 25.07
C ILE A 740 33.99 -22.82 26.43
N PHE A 741 34.19 -21.75 27.20
CA PHE A 741 34.65 -21.88 28.57
C PHE A 741 33.49 -22.08 29.54
N GLY A 742 32.26 -21.79 29.13
CA GLY A 742 31.11 -21.98 29.98
C GLY A 742 30.90 -20.89 31.00
N GLY A 743 29.86 -21.08 31.81
CA GLY A 743 29.47 -20.17 32.85
C GLY A 743 30.06 -20.39 34.22
N GLN A 744 30.94 -21.36 34.40
CA GLN A 744 31.69 -21.56 35.64
C GLN A 744 33.17 -21.52 35.28
N ALA A 745 33.80 -20.38 35.52
CA ALA A 745 35.12 -20.09 34.95
C ALA A 745 36.22 -20.86 35.67
N GLY A 746 37.38 -20.92 35.02
CA GLY A 746 38.53 -21.59 35.59
C GLY A 746 39.42 -22.31 34.60
N ILE A 747 38.93 -22.59 33.40
CA ILE A 747 39.78 -23.14 32.36
C ILE A 747 40.76 -22.05 31.90
N THR A 748 42.05 -22.36 32.00
CA THR A 748 43.06 -21.31 31.90
C THR A 748 43.35 -20.89 30.47
N THR A 749 43.34 -21.80 29.51
CA THR A 749 43.77 -21.48 28.15
C THR A 749 42.74 -21.93 27.13
N TRP A 750 42.91 -21.42 25.91
CA TRP A 750 42.09 -21.85 24.79
C TRP A 750 42.46 -23.26 24.33
N SER A 751 43.70 -23.68 24.51
CA SER A 751 44.09 -25.05 24.18
C SER A 751 43.42 -26.06 25.09
N LEU A 752 43.26 -25.72 26.38
CA LEU A 752 42.57 -26.62 27.29
C LEU A 752 41.07 -26.56 27.09
N ALA A 753 40.56 -25.45 26.57
CA ALA A 753 39.13 -25.37 26.34
C ALA A 753 38.76 -26.14 25.08
N MET A 754 39.59 -26.05 24.05
CA MET A 754 39.36 -26.76 22.79
C MET A 754 39.58 -28.25 22.91
N ALA A 755 40.48 -28.68 23.79
CA ALA A 755 40.66 -30.11 24.02
C ALA A 755 39.43 -30.73 24.68
N GLY A 756 38.85 -30.03 25.65
CA GLY A 756 37.59 -30.48 26.24
C GLY A 756 36.43 -30.46 25.25
N ARG A 757 36.43 -29.54 24.30
CA ARG A 757 35.38 -29.49 23.29
C ARG A 757 35.52 -30.63 22.29
N LEU A 758 36.76 -30.99 21.93
CA LEU A 758 36.95 -32.12 21.04
C LEU A 758 36.62 -33.44 21.73
N ASN A 759 36.84 -33.51 23.05
CA ASN A 759 36.46 -34.68 23.83
C ASN A 759 34.95 -34.85 23.88
N ALA A 760 34.22 -33.75 24.08
CA ALA A 760 32.77 -33.82 24.17
C ALA A 760 32.11 -34.01 22.81
N LEU A 761 32.82 -33.77 21.71
CA LEU A 761 32.26 -34.09 20.41
C LEU A 761 32.61 -35.50 19.96
N GLY A 762 33.35 -36.24 20.77
CA GLY A 762 33.64 -37.62 20.47
C GLY A 762 34.61 -37.88 19.35
N VAL A 763 35.57 -37.00 19.11
CA VAL A 763 36.52 -37.19 18.03
C VAL A 763 37.92 -37.51 18.54
N VAL A 764 38.26 -37.10 19.75
CA VAL A 764 39.51 -37.47 20.42
C VAL A 764 39.16 -37.75 21.87
N GLN A 765 39.69 -38.82 22.45
CA GLN A 765 39.46 -39.04 23.88
C GLN A 765 40.25 -38.05 24.74
N ASN A 766 41.54 -37.90 24.48
CA ASN A 766 42.40 -37.03 25.29
C ASN A 766 43.32 -36.31 24.32
N ALA A 767 43.05 -35.03 24.08
CA ALA A 767 43.70 -34.33 22.99
C ALA A 767 45.13 -33.97 23.35
N LEU A 768 46.06 -34.35 22.47
CA LEU A 768 47.45 -33.97 22.62
C LEU A 768 47.70 -32.62 21.97
N VAL A 769 48.97 -32.20 21.99
CA VAL A 769 49.32 -30.89 21.50
C VAL A 769 49.26 -30.84 19.97
N ASP A 770 49.48 -31.96 19.29
CA ASP A 770 49.31 -31.98 17.85
C ASP A 770 47.84 -31.98 17.42
N ASP A 771 46.95 -32.50 18.26
CA ASP A 771 45.52 -32.46 17.92
C ASP A 771 44.96 -31.06 18.05
N VAL A 772 45.43 -30.31 19.05
CA VAL A 772 44.95 -28.95 19.29
C VAL A 772 45.60 -27.97 18.32
N ASN A 773 46.87 -28.20 17.95
CA ASN A 773 47.53 -27.31 16.99
C ASN A 773 46.95 -27.47 15.60
N LYS A 774 46.56 -28.69 15.23
CA LYS A 774 45.88 -28.93 13.97
C LYS A 774 44.54 -28.20 13.92
N LEU A 775 43.85 -28.10 15.05
CA LEU A 775 42.62 -27.31 15.11
C LEU A 775 42.92 -25.82 15.12
N ALA A 776 44.06 -25.40 15.66
CA ALA A 776 44.39 -23.98 15.68
C ALA A 776 44.85 -23.50 14.32
N ASN A 777 45.47 -24.35 13.52
CA ASN A 777 45.87 -23.95 12.18
C ASN A 777 44.66 -23.83 11.27
N GLY A 778 43.74 -24.79 11.37
CA GLY A 778 42.55 -24.75 10.55
C GLY A 778 41.62 -23.60 10.90
N PHE A 779 41.61 -23.20 12.17
CA PHE A 779 40.89 -22.00 12.55
C PHE A 779 41.51 -20.75 11.91
N ASN A 780 42.84 -20.65 11.96
CA ASN A 780 43.51 -19.41 11.56
C ASN A 780 43.53 -19.25 10.05
N GLN A 781 43.55 -20.35 9.31
CA GLN A 781 43.48 -20.25 7.85
C GLN A 781 42.10 -19.82 7.40
N LEU A 782 41.04 -20.37 8.01
CA LEU A 782 39.67 -19.97 7.66
C LEU A 782 39.40 -18.52 8.01
N THR A 783 39.85 -18.08 9.18
CA THR A 783 39.63 -16.70 9.62
C THR A 783 40.40 -15.71 8.74
N ALA A 784 41.57 -16.09 8.25
CA ALA A 784 42.27 -15.25 7.31
C ALA A 784 41.65 -15.29 5.92
N SER A 785 40.77 -16.25 5.64
CA SER A 785 40.15 -16.29 4.32
C SER A 785 38.92 -15.40 4.25
N VAL A 786 38.50 -14.84 5.38
CA VAL A 786 37.37 -13.92 5.39
C VAL A 786 37.76 -12.61 4.69
N GLY A 787 39.04 -12.24 4.79
CA GLY A 787 39.53 -11.02 4.17
C GLY A 787 39.68 -11.08 2.67
N LYS A 788 39.38 -12.23 2.07
CA LYS A 788 39.44 -12.41 0.63
C LYS A 788 38.08 -12.73 0.03
N LEU A 789 37.00 -12.60 0.82
CA LEU A 789 35.66 -12.77 0.29
C LEU A 789 35.35 -11.67 -0.72
N ALA A 790 34.89 -12.08 -1.89
CA ALA A 790 34.42 -11.16 -2.91
C ALA A 790 32.91 -11.07 -2.82
N LEU A 791 32.35 -10.02 -3.41
CA LEU A 791 30.90 -9.89 -3.43
C LEU A 791 30.27 -10.93 -4.35
N THR A 792 30.95 -11.33 -5.41
CA THR A 792 30.35 -12.22 -6.39
C THR A 792 30.25 -13.65 -5.90
N THR A 793 31.08 -14.04 -4.93
CA THR A 793 31.13 -15.42 -4.48
C THR A 793 30.53 -15.66 -3.10
N SER A 794 30.43 -14.62 -2.28
CA SER A 794 30.02 -14.76 -0.88
C SER A 794 28.53 -14.46 -0.75
N SER A 795 27.75 -15.46 -0.36
CA SER A 795 26.33 -15.27 -0.17
C SER A 795 26.00 -14.49 1.10
N ALA A 796 26.97 -14.29 2.00
CA ALA A 796 26.75 -13.43 3.14
C ALA A 796 26.96 -11.97 2.79
N LEU A 797 27.99 -11.68 1.98
CA LEU A 797 28.18 -10.33 1.46
C LEU A 797 27.05 -9.94 0.51
N GLN A 798 26.47 -10.91 -0.20
CA GLN A 798 25.35 -10.65 -1.09
C GLN A 798 24.08 -10.33 -0.32
N ALA A 799 23.94 -10.89 0.87
CA ALA A 799 22.76 -10.59 1.67
C ALA A 799 22.85 -9.21 2.30
N ILE A 800 24.07 -8.71 2.52
CA ILE A 800 24.23 -7.36 3.04
C ILE A 800 23.96 -6.34 1.95
N GLN A 801 24.50 -6.58 0.74
CA GLN A 801 24.34 -5.68 -0.39
C GLN A 801 22.88 -5.56 -0.81
N ALA A 802 22.11 -6.63 -0.66
CA ALA A 802 20.68 -6.57 -0.95
C ALA A 802 19.94 -5.64 0.01
N VAL A 803 20.41 -5.52 1.26
CA VAL A 803 19.79 -4.60 2.19
C VAL A 803 20.18 -3.18 1.85
N VAL A 804 21.45 -2.98 1.51
CA VAL A 804 21.98 -1.67 1.17
C VAL A 804 21.40 -1.18 -0.16
N ASN A 805 21.11 -2.09 -1.09
CA ASN A 805 20.51 -1.65 -2.35
C ASN A 805 19.04 -1.30 -2.18
N GLN A 806 18.33 -1.98 -1.28
CA GLN A 806 16.92 -1.63 -1.07
C GLN A 806 16.78 -0.32 -0.31
N ASN A 807 17.76 0.05 0.50
CA ASN A 807 17.67 1.33 1.19
C ASN A 807 17.87 2.51 0.26
N ALA A 808 18.79 2.38 -0.72
CA ALA A 808 19.02 3.46 -1.66
C ALA A 808 17.84 3.68 -2.58
N ALA A 809 17.16 2.60 -2.99
CA ALA A 809 16.02 2.69 -3.90
C ALA A 809 14.83 3.35 -3.23
N GLN A 810 14.71 3.18 -1.92
CA GLN A 810 13.65 3.83 -1.15
C GLN A 810 13.95 5.30 -0.95
N VAL A 811 15.23 5.66 -0.83
CA VAL A 811 15.59 7.05 -0.63
C VAL A 811 15.37 7.87 -1.89
N GLU A 812 15.70 7.29 -3.06
CA GLU A 812 15.45 7.95 -4.34
C GLU A 812 13.97 8.21 -4.56
N SER A 813 13.12 7.33 -4.05
CA SER A 813 11.68 7.49 -4.17
C SER A 813 11.18 8.70 -3.39
N LEU A 814 11.75 8.93 -2.21
CA LEU A 814 11.40 10.12 -1.43
C LEU A 814 11.99 11.37 -2.04
N VAL A 815 13.18 11.26 -2.65
CA VAL A 815 13.77 12.41 -3.32
C VAL A 815 13.00 12.77 -4.59
N SER A 816 12.58 11.77 -5.37
CA SER A 816 11.79 12.04 -6.57
C SER A 816 10.38 12.53 -6.28
N GLY A 817 9.84 12.24 -5.10
CA GLY A 817 8.48 12.62 -4.78
C GLY A 817 8.28 14.09 -4.54
N ILE A 818 9.35 14.82 -4.28
CA ILE A 818 9.32 16.27 -4.13
C ILE A 818 10.08 16.97 -5.23
N THR A 819 10.65 16.24 -6.17
CA THR A 819 11.28 16.89 -7.31
C THR A 819 10.32 17.08 -8.46
N GLU A 820 9.47 16.09 -8.75
CA GLU A 820 8.62 16.08 -9.92
C GLU A 820 7.31 16.81 -9.62
N ASN A 821 6.58 17.19 -10.68
CA ASN A 821 5.44 18.07 -10.47
C ASN A 821 4.09 17.37 -10.68
N PHE A 822 4.09 16.09 -11.06
CA PHE A 822 2.90 15.24 -11.18
C PHE A 822 1.87 15.77 -12.19
N GLY A 823 2.28 16.66 -13.07
CA GLY A 823 1.38 17.28 -14.02
C GLY A 823 0.99 18.72 -13.75
N ALA A 824 1.22 19.23 -12.56
CA ALA A 824 0.95 20.63 -12.28
C ALA A 824 2.04 21.51 -12.89
N ILE A 825 1.73 22.80 -13.02
CA ILE A 825 2.63 23.74 -13.68
C ILE A 825 3.87 24.06 -12.88
N SER A 826 3.88 23.81 -11.57
CA SER A 826 5.02 24.09 -10.73
C SER A 826 4.89 23.27 -9.46
N THR A 827 5.98 23.17 -8.71
CA THR A 827 5.88 22.68 -7.35
C THR A 827 5.66 23.79 -6.33
N ASN A 828 5.59 25.03 -6.76
CA ASN A 828 5.28 26.14 -5.88
C ASN A 828 3.77 26.36 -5.88
N PHE A 829 3.17 26.31 -4.69
CA PHE A 829 1.72 26.43 -4.59
C PHE A 829 1.24 27.84 -4.86
N LYS A 830 2.02 28.86 -4.48
CA LYS A 830 1.59 30.23 -4.68
C LYS A 830 1.64 30.60 -6.16
N VAL A 831 2.57 29.99 -6.91
CA VAL A 831 2.61 30.15 -8.36
C VAL A 831 1.33 29.63 -9.00
N ILE A 832 0.85 28.48 -8.53
CA ILE A 832 -0.31 27.81 -9.13
C ILE A 832 -1.57 28.65 -8.97
N SER A 833 -1.80 29.15 -7.76
CA SER A 833 -3.00 29.94 -7.52
C SER A 833 -2.93 31.32 -8.16
N GLN A 834 -1.74 31.84 -8.43
CA GLN A 834 -1.62 33.14 -9.07
C GLN A 834 -1.82 33.12 -10.56
N ARG A 835 -1.46 32.05 -11.26
CA ARG A 835 -1.55 32.06 -12.71
C ARG A 835 -2.82 31.48 -13.27
N LEU A 836 -3.48 30.58 -12.54
CA LEU A 836 -4.65 29.87 -13.02
C LEU A 836 -5.90 30.49 -12.43
N ASP A 837 -7.06 30.12 -12.99
CA ASP A 837 -8.31 30.50 -12.36
C ASP A 837 -8.66 29.49 -11.26
N LYS A 838 -9.81 29.71 -10.61
CA LYS A 838 -10.14 28.98 -9.38
C LYS A 838 -10.37 27.49 -9.63
N LEU A 839 -10.97 27.13 -10.75
CA LEU A 839 -11.25 25.72 -11.02
C LEU A 839 -9.97 24.97 -11.38
N GLU A 840 -9.09 25.60 -12.17
CA GLU A 840 -7.89 24.90 -12.60
C GLU A 840 -6.80 24.93 -11.54
N ALA A 841 -6.82 25.92 -10.65
CA ALA A 841 -5.88 25.92 -9.53
C ALA A 841 -6.21 24.82 -8.54
N ASP A 842 -7.49 24.46 -8.41
CA ASP A 842 -7.88 23.43 -7.47
C ASP A 842 -7.67 22.04 -8.06
N VAL A 843 -7.70 21.93 -9.39
CA VAL A 843 -7.38 20.67 -10.04
C VAL A 843 -5.89 20.35 -9.92
N GLN A 844 -5.03 21.37 -10.07
CA GLN A 844 -3.60 21.08 -10.13
C GLN A 844 -2.98 20.95 -8.75
N MET A 845 -3.49 21.68 -7.76
CA MET A 845 -3.05 21.48 -6.39
C MET A 845 -3.43 20.09 -5.89
N ASP A 846 -4.60 19.59 -6.29
CA ASP A 846 -4.99 18.22 -5.97
C ASP A 846 -4.05 17.21 -6.61
N ARG A 847 -3.43 17.54 -7.74
CA ARG A 847 -2.47 16.64 -8.36
C ARG A 847 -1.16 16.58 -7.58
N LEU A 848 -0.69 17.72 -7.07
CA LEU A 848 0.54 17.73 -6.27
C LEU A 848 0.35 17.07 -4.92
N ILE A 849 -0.77 17.35 -4.25
CA ILE A 849 -0.97 16.83 -2.91
C ILE A 849 -1.12 15.32 -2.94
N ASN A 850 -1.90 14.80 -3.89
CA ASN A 850 -2.07 13.35 -4.02
C ASN A 850 -0.79 12.67 -4.50
N GLY A 851 -0.02 13.34 -5.34
CA GLY A 851 1.25 12.75 -5.79
C GLY A 851 2.26 12.63 -4.67
N ARG A 852 2.31 13.62 -3.80
CA ARG A 852 3.22 13.55 -2.67
C ARG A 852 2.68 12.67 -1.56
N MET A 853 1.35 12.57 -1.43
CA MET A 853 0.75 11.69 -0.43
C MET A 853 1.02 10.24 -0.76
N ASN A 854 0.97 9.88 -2.03
CA ASN A 854 1.20 8.51 -2.48
C ASN A 854 2.62 8.04 -2.23
N VAL A 855 3.61 8.89 -2.51
CA VAL A 855 5.02 8.56 -2.27
C VAL A 855 5.31 8.43 -0.79
N LEU A 856 4.84 9.38 0.01
CA LEU A 856 5.06 9.35 1.45
C LEU A 856 4.36 8.16 2.09
N GLN A 857 3.13 7.85 1.66
CA GLN A 857 2.40 6.70 2.20
C GLN A 857 3.08 5.38 1.84
N LEU A 858 3.68 5.30 0.65
CA LEU A 858 4.37 4.09 0.22
C LEU A 858 5.64 3.84 1.05
N PHE A 859 6.31 4.91 1.49
CA PHE A 859 7.46 4.77 2.36
C PHE A 859 7.07 4.22 3.72
N VAL A 860 5.94 4.66 4.28
CA VAL A 860 5.51 4.19 5.59
C VAL A 860 5.08 2.73 5.54
N THR A 861 4.43 2.32 4.44
CA THR A 861 4.05 0.92 4.26
C THR A 861 5.27 0.00 4.16
N ASN A 862 6.26 0.39 3.35
CA ASN A 862 7.49 -0.39 3.23
C ASN A 862 8.24 -0.44 4.54
N TYR A 863 8.22 0.66 5.30
CA TYR A 863 8.87 0.69 6.60
C TYR A 863 8.15 -0.20 7.61
N LYS A 864 6.82 -0.23 7.57
CA LYS A 864 6.06 -1.13 8.44
C LYS A 864 6.23 -2.59 8.02
N LEU A 865 6.35 -2.84 6.72
CA LEU A 865 6.59 -4.19 6.23
C LEU A 865 7.95 -4.70 6.66
N LYS A 866 8.95 -3.83 6.77
CA LYS A 866 10.26 -4.28 7.22
C LYS A 866 10.30 -4.51 8.72
N ILE A 867 9.54 -3.73 9.51
CA ILE A 867 9.45 -3.93 10.96
C ILE A 867 8.81 -5.28 11.28
N ALA A 868 7.77 -5.65 10.52
CA ALA A 868 7.02 -6.86 10.82
C ALA A 868 7.82 -8.12 10.53
N GLU A 869 8.69 -8.07 9.51
CA GLU A 869 9.65 -9.15 9.28
C GLU A 869 10.67 -9.24 10.42
N LEU A 870 11.10 -8.10 10.95
CA LEU A 870 12.20 -8.13 11.91
C LEU A 870 11.77 -8.53 13.31
N ARG A 871 10.46 -8.62 13.58
CA ARG A 871 10.00 -9.11 14.87
C ARG A 871 10.37 -10.57 15.07
N ASN A 872 10.09 -11.39 14.05
CA ASN A 872 10.41 -12.81 14.13
C ASN A 872 11.85 -13.10 13.71
N THR A 873 12.52 -12.18 13.02
CA THR A 873 13.96 -12.31 12.81
C THR A 873 14.73 -12.14 14.12
N HIS A 874 14.31 -11.21 14.98
CA HIS A 874 14.97 -11.01 16.27
C HIS A 874 14.84 -12.20 17.20
N ARG A 875 13.71 -12.89 17.18
CA ARG A 875 13.57 -14.08 18.02
C ARG A 875 14.47 -15.20 17.51
N TYR A 876 14.70 -15.24 16.20
CA TYR A 876 15.66 -16.18 15.67
C TYR A 876 17.08 -15.79 16.05
N VAL A 877 17.37 -14.48 16.07
CA VAL A 877 18.71 -14.01 16.39
C VAL A 877 19.02 -14.23 17.86
N GLN A 878 18.04 -14.03 18.74
CA GLN A 878 18.25 -14.30 20.16
C GLN A 878 18.46 -15.77 20.42
N SER A 879 17.89 -16.64 19.60
CA SER A 879 18.13 -18.05 19.79
C SER A 879 19.53 -18.45 19.32
N LEU A 880 20.09 -17.78 18.30
CA LEU A 880 21.45 -18.12 17.89
C LEU A 880 22.49 -17.66 18.90
N ILE A 881 22.27 -16.52 19.56
CA ILE A 881 23.21 -16.06 20.56
C ILE A 881 23.17 -16.98 21.79
N ASN A 882 21.96 -17.30 22.29
CA ASN A 882 21.80 -18.11 23.50
C ASN A 882 22.22 -19.56 23.32
N GLU A 883 22.07 -20.11 22.13
CA GLU A 883 22.22 -21.56 21.98
C GLU A 883 23.43 -21.96 21.17
N CYS A 884 23.93 -21.09 20.28
CA CYS A 884 25.15 -21.36 19.52
C CYS A 884 26.35 -20.59 20.01
N VAL A 885 26.16 -19.36 20.48
CA VAL A 885 27.30 -18.55 20.86
C VAL A 885 27.63 -18.69 22.34
N TYR A 886 26.61 -18.65 23.20
CA TYR A 886 26.80 -18.65 24.64
C TYR A 886 26.53 -20.00 25.28
N ALA A 887 26.33 -21.04 24.48
CA ALA A 887 26.12 -22.38 24.99
C ALA A 887 26.51 -23.37 23.90
N GLN A 888 26.41 -24.64 24.23
CA GLN A 888 26.66 -25.73 23.28
C GLN A 888 25.35 -26.44 23.01
N SER A 889 24.94 -26.45 21.75
CA SER A 889 23.61 -26.87 21.35
C SER A 889 23.56 -28.35 21.03
N LEU A 890 22.37 -28.93 21.16
CA LEU A 890 22.13 -30.32 20.79
C LEU A 890 21.33 -30.45 19.52
N ARG A 891 21.02 -29.35 18.86
CA ARG A 891 20.12 -29.34 17.70
C ARG A 891 20.93 -29.50 16.42
N ASN A 892 20.70 -30.62 15.70
CA ASN A 892 21.32 -30.91 14.40
C ASN A 892 21.11 -29.79 13.39
N GLY A 893 22.21 -29.32 12.83
CA GLY A 893 22.18 -28.38 11.74
C GLY A 893 21.76 -26.97 12.11
N PHE A 894 21.64 -26.66 13.40
CA PHE A 894 21.15 -25.35 13.78
C PHE A 894 22.27 -24.32 13.83
N CYS A 895 23.50 -24.75 14.10
CA CYS A 895 24.65 -23.88 14.09
C CYS A 895 25.55 -24.20 12.90
N GLY A 896 24.99 -24.56 11.76
CA GLY A 896 25.73 -25.13 10.65
C GLY A 896 25.67 -26.65 10.67
N GLN A 897 25.99 -27.25 9.53
CA GLN A 897 26.01 -28.70 9.44
C GLN A 897 27.32 -29.25 10.01
N GLY A 898 27.23 -30.39 10.67
CA GLY A 898 28.39 -31.04 11.24
C GLY A 898 28.53 -30.80 12.72
N LEU A 899 29.65 -31.30 13.26
CA LEU A 899 29.89 -31.27 14.70
C LEU A 899 30.43 -29.89 15.11
N HIS A 900 29.74 -29.24 16.04
CA HIS A 900 29.93 -27.82 16.24
C HIS A 900 31.04 -27.52 17.24
N VAL A 901 32.02 -26.74 16.81
CA VAL A 901 33.18 -26.42 17.61
C VAL A 901 33.07 -25.06 18.27
N LEU A 902 32.71 -24.03 17.52
CA LEU A 902 32.73 -22.67 18.03
C LEU A 902 31.83 -21.79 17.16
N SER A 903 31.19 -20.80 17.78
CA SER A 903 30.49 -19.76 17.05
C SER A 903 30.82 -18.41 17.64
N LEU A 904 31.10 -17.44 16.77
CA LEU A 904 31.42 -16.08 17.15
C LEU A 904 30.50 -15.14 16.36
N MET A 905 30.43 -13.89 16.78
CA MET A 905 29.54 -12.94 16.14
C MET A 905 30.18 -11.57 15.99
N GLN A 906 29.83 -10.88 14.90
CA GLN A 906 30.42 -9.60 14.54
C GLN A 906 29.32 -8.68 14.02
N ASN A 907 29.51 -7.39 14.22
CA ASN A 907 28.62 -6.40 13.63
C ASN A 907 28.89 -6.26 12.14
N ALA A 908 27.85 -5.94 11.41
CA ALA A 908 27.83 -5.79 9.97
C ALA A 908 27.01 -4.54 9.64
N PRO A 909 27.02 -4.05 8.38
CA PRO A 909 26.05 -3.01 8.00
C PRO A 909 24.60 -3.44 8.16
N SER A 910 23.94 -2.79 9.11
CA SER A 910 22.54 -2.99 9.52
C SER A 910 22.28 -4.40 10.02
N GLY A 911 23.09 -4.94 10.91
CA GLY A 911 22.83 -6.28 11.39
C GLY A 911 24.02 -6.96 12.03
N ILE A 912 24.03 -8.28 11.97
CA ILE A 912 24.95 -9.12 12.73
C ILE A 912 25.38 -10.28 11.84
N MET A 913 26.64 -10.67 11.91
CA MET A 913 27.13 -11.82 11.17
C MET A 913 27.64 -12.87 12.15
N PHE A 914 27.17 -14.09 11.99
CA PHE A 914 27.55 -15.23 12.83
C PHE A 914 28.55 -16.09 12.08
N PHE A 915 29.65 -16.42 12.75
CA PHE A 915 30.73 -17.21 12.20
C PHE A 915 30.70 -18.59 12.86
N HIS A 916 30.21 -19.60 12.16
CA HIS A 916 30.04 -20.93 12.72
C HIS A 916 31.15 -21.87 12.25
N TYR A 917 31.84 -22.52 13.19
CA TYR A 917 32.95 -23.41 12.91
C TYR A 917 32.55 -24.85 13.21
N SER A 918 32.71 -25.74 12.22
CA SER A 918 32.25 -27.12 12.37
C SER A 918 33.25 -28.11 11.81
N LEU A 919 33.14 -29.36 12.26
CA LEU A 919 33.89 -30.49 11.74
C LEU A 919 32.95 -31.39 10.96
N ILE A 920 33.14 -31.47 9.65
CA ILE A 920 32.40 -32.43 8.84
C ILE A 920 33.38 -33.52 8.42
N PRO A 921 32.94 -34.76 8.23
CA PRO A 921 33.88 -35.84 7.89
C PRO A 921 34.41 -35.73 6.46
N ASN A 922 35.60 -36.30 6.26
CA ASN A 922 36.26 -36.26 4.96
C ASN A 922 36.40 -37.65 4.36
N ASN A 923 37.11 -38.56 5.02
CA ASN A 923 37.30 -39.92 4.57
C ASN A 923 36.67 -40.86 5.59
N THR A 924 36.02 -41.90 5.11
CA THR A 924 35.37 -42.85 5.98
C THR A 924 36.02 -44.23 5.86
N ILE A 925 35.73 -45.07 6.85
CA ILE A 925 36.12 -46.46 6.85
C ILE A 925 34.93 -47.25 7.38
N THR A 926 34.79 -48.48 6.91
CA THR A 926 33.67 -49.35 7.26
C THR A 926 34.19 -50.49 8.13
N VAL A 927 33.80 -50.51 9.40
CA VAL A 927 34.28 -51.52 10.32
C VAL A 927 33.11 -52.32 10.85
N LYS A 928 33.42 -53.37 11.60
CA LYS A 928 32.44 -54.13 12.36
C LYS A 928 32.26 -53.48 13.72
N THR A 929 31.06 -53.56 14.27
CA THR A 929 30.78 -52.98 15.59
C THR A 929 29.77 -53.86 16.30
N THR A 930 29.68 -53.70 17.62
CA THR A 930 28.84 -54.54 18.46
C THR A 930 28.53 -53.79 19.74
N PRO A 931 27.37 -54.03 20.37
CA PRO A 931 27.05 -53.32 21.61
C PRO A 931 27.91 -53.73 22.79
N GLY A 932 28.26 -55.00 22.90
CA GLY A 932 29.15 -55.43 23.95
C GLY A 932 29.76 -56.76 23.62
N LEU A 933 30.68 -57.18 24.48
CA LEU A 933 31.42 -58.42 24.34
C LEU A 933 31.27 -59.25 25.60
N CYS A 934 30.93 -60.52 25.42
CA CYS A 934 30.84 -61.45 26.54
C CYS A 934 31.80 -62.61 26.32
N GLU A 935 32.22 -63.23 27.42
CA GLU A 935 33.11 -64.38 27.33
C GLU A 935 32.39 -65.59 26.74
N SER A 936 31.33 -66.04 27.39
CA SER A 936 30.71 -67.29 27.02
C SER A 936 29.23 -67.07 26.72
N ASP A 937 28.60 -68.13 26.25
CA ASP A 937 27.19 -68.14 25.88
C ASP A 937 26.26 -68.20 27.09
N GLU A 938 26.76 -68.64 28.24
CA GLU A 938 25.88 -68.87 29.38
C GLU A 938 25.48 -67.55 30.04
N LEU A 939 24.24 -67.48 30.48
CA LEU A 939 23.75 -66.32 31.21
C LEU A 939 24.40 -66.24 32.57
N GLY A 940 25.00 -65.08 32.86
CA GLY A 940 25.86 -64.93 34.02
C GLY A 940 27.32 -64.84 33.67
N SER A 941 27.67 -64.72 32.41
CA SER A 941 29.04 -64.56 31.95
C SER A 941 29.55 -63.16 32.28
N LYS A 942 30.87 -63.01 32.26
CA LYS A 942 31.48 -61.69 32.38
C LYS A 942 31.40 -60.96 31.05
N CYS A 943 30.80 -59.79 31.05
CA CYS A 943 30.61 -59.01 29.84
C CYS A 943 31.22 -57.63 30.03
N ILE A 944 31.62 -57.02 28.91
CA ILE A 944 32.13 -55.66 28.91
C ILE A 944 31.48 -54.87 27.79
N VAL A 945 31.30 -53.58 28.02
CA VAL A 945 30.95 -52.61 27.00
C VAL A 945 32.03 -51.54 26.97
N ALA A 946 32.06 -50.79 25.89
CA ALA A 946 33.08 -49.75 25.74
C ALA A 946 32.76 -48.57 26.64
N LYS A 947 33.80 -48.00 27.22
CA LYS A 947 33.68 -46.84 28.10
C LYS A 947 33.94 -45.58 27.30
N ASP A 948 32.90 -44.76 27.11
CA ASP A 948 32.93 -43.49 26.39
C ASP A 948 33.48 -43.65 24.97
N GLY A 949 33.10 -44.74 24.32
CA GLY A 949 33.59 -45.03 22.99
C GLY A 949 32.84 -46.21 22.43
N VAL A 950 33.35 -46.75 21.33
CA VAL A 950 32.67 -47.83 20.63
C VAL A 950 33.63 -48.99 20.39
N LEU A 951 33.08 -50.19 20.42
CA LEU A 951 33.83 -51.41 20.12
C LEU A 951 33.86 -51.60 18.61
N VAL A 952 35.04 -51.61 18.02
CA VAL A 952 35.20 -51.71 16.58
C VAL A 952 36.14 -52.84 16.24
N SER A 953 36.05 -53.35 15.01
CA SER A 953 36.97 -54.35 14.48
C SER A 953 37.07 -54.18 12.97
N ALA A 954 38.27 -53.89 12.49
CA ALA A 954 38.47 -53.65 11.06
C ALA A 954 38.80 -54.96 10.32
N ASN A 955 37.84 -55.88 10.37
CA ASN A 955 37.94 -57.25 9.85
C ASN A 955 39.16 -57.96 10.42
N LEU A 956 39.37 -57.77 11.71
CA LEU A 956 40.46 -58.39 12.45
C LEU A 956 39.95 -59.65 13.14
N SER A 957 40.80 -60.26 13.94
CA SER A 957 40.38 -61.37 14.77
C SER A 957 40.13 -60.97 16.22
N TYR A 958 40.26 -59.69 16.53
CA TYR A 958 40.14 -59.19 17.89
C TYR A 958 39.43 -57.83 17.84
N TRP A 959 39.05 -57.33 19.01
CA TRP A 959 38.26 -56.12 19.11
C TRP A 959 39.06 -54.98 19.70
N GLN A 960 38.71 -53.76 19.31
CA GLN A 960 39.40 -52.56 19.74
C GLN A 960 38.40 -51.47 20.11
N TRP A 961 38.94 -50.37 20.63
CA TRP A 961 38.19 -49.23 21.11
C TRP A 961 38.47 -48.02 20.23
N SER A 962 37.42 -47.26 19.91
CA SER A 962 37.56 -46.03 19.15
C SER A 962 36.69 -44.96 19.76
N PRO A 963 36.99 -43.67 19.56
CA PRO A 963 35.99 -42.62 19.84
C PRO A 963 34.77 -42.79 18.96
N ARG A 964 33.62 -42.31 19.45
CA ARG A 964 32.36 -42.57 18.79
C ARG A 964 32.23 -41.85 17.44
N ASN A 965 32.96 -40.75 17.22
CA ASN A 965 32.85 -40.01 15.96
C ASN A 965 34.16 -39.96 15.18
N LEU A 966 35.12 -40.82 15.48
CA LEU A 966 36.36 -40.87 14.71
C LEU A 966 36.99 -42.23 14.91
N TYR A 967 37.51 -42.82 13.83
CA TYR A 967 38.16 -44.12 13.90
C TYR A 967 39.61 -43.91 14.30
N LYS A 968 39.94 -44.31 15.52
CA LYS A 968 41.30 -44.15 16.05
C LYS A 968 41.55 -45.29 17.02
N PRO A 969 41.87 -46.47 16.51
CA PRO A 969 41.74 -47.69 17.31
C PRO A 969 42.87 -47.91 18.32
N GLU A 970 42.50 -48.55 19.43
CA GLU A 970 43.48 -48.96 20.42
C GLU A 970 42.97 -50.19 21.14
N ASN A 971 43.89 -51.00 21.63
CA ASN A 971 43.53 -52.29 22.22
C ASN A 971 42.76 -52.11 23.53
N LEU A 972 41.97 -53.13 23.87
CA LEU A 972 41.08 -53.04 25.01
C LEU A 972 41.88 -53.18 26.30
N THR A 973 41.56 -52.35 27.28
CA THR A 973 42.33 -52.25 28.50
C THR A 973 41.33 -52.10 29.64
N PHE A 974 41.77 -52.39 30.86
CA PHE A 974 41.15 -51.82 32.04
C PHE A 974 41.24 -50.30 31.95
N ALA A 975 40.24 -49.60 32.48
CA ALA A 975 40.00 -48.16 32.29
C ALA A 975 39.79 -47.80 30.82
N ASN A 976 39.30 -48.75 30.05
CA ASN A 976 38.84 -48.50 28.69
C ASN A 976 37.50 -49.15 28.45
N VAL A 977 37.12 -50.14 29.25
CA VAL A 977 35.85 -50.83 29.16
C VAL A 977 35.15 -50.72 30.52
N ILE A 978 33.94 -51.24 30.57
CA ILE A 978 33.10 -51.24 31.78
C ILE A 978 32.51 -52.63 31.92
N ALA A 979 32.69 -53.25 33.09
CA ALA A 979 32.11 -54.57 33.34
C ALA A 979 30.62 -54.42 33.62
N VAL A 980 29.81 -55.09 32.82
CA VAL A 980 28.36 -55.03 32.91
C VAL A 980 27.83 -56.45 32.93
N SER A 981 26.51 -56.58 32.99
CA SER A 981 25.85 -57.85 32.77
C SER A 981 25.43 -57.96 31.30
N ARG A 982 25.08 -59.18 30.91
CA ARG A 982 24.80 -59.49 29.52
C ARG A 982 23.53 -58.80 29.05
N GLY A 983 23.66 -57.97 28.02
CA GLY A 983 22.53 -57.36 27.35
C GLY A 983 22.10 -58.18 26.15
N ALA A 984 21.27 -57.56 25.33
CA ALA A 984 20.73 -58.24 24.15
C ALA A 984 21.72 -58.15 22.99
N ASN A 985 21.92 -59.28 22.32
CA ASN A 985 22.73 -59.41 21.09
C ASN A 985 24.19 -59.01 21.27
N TYR A 986 24.82 -59.33 22.41
CA TYR A 986 26.25 -59.10 22.50
C TYR A 986 27.01 -60.20 21.75
N THR A 987 28.23 -59.88 21.36
CA THR A 987 29.07 -60.82 20.62
C THR A 987 29.79 -61.73 21.61
N THR A 988 29.69 -63.04 21.38
CA THR A 988 30.34 -64.03 22.22
C THR A 988 31.73 -64.34 21.66
N LEU A 989 32.73 -64.32 22.55
CA LEU A 989 34.11 -64.59 22.15
C LEU A 989 34.49 -66.06 22.28
N ASN A 990 33.95 -66.77 23.28
CA ASN A 990 34.43 -68.08 23.74
C ASN A 990 35.94 -68.06 23.99
N ARG A 991 36.40 -67.03 24.71
CA ARG A 991 37.84 -66.80 24.77
C ARG A 991 38.38 -66.39 26.14
N THR A 992 37.58 -65.78 27.02
CA THR A 992 38.01 -65.23 28.32
C THR A 992 39.11 -64.19 28.14
N PHE A 993 38.67 -63.01 27.67
CA PHE A 993 39.52 -61.86 27.38
C PHE A 993 40.45 -61.49 28.54
N ASP A 994 41.61 -60.94 28.21
CA ASP A 994 42.67 -60.70 29.19
C ASP A 994 42.90 -59.20 29.39
N ILE A 995 42.31 -58.66 30.46
CA ILE A 995 42.61 -57.30 30.88
C ILE A 995 43.03 -57.32 32.35
N CYS B 17 -53.25 -9.21 -14.90
CA CYS B 17 -53.14 -10.00 -16.12
C CYS B 17 -53.18 -11.49 -15.77
N ASP B 18 -53.59 -12.32 -16.72
CA ASP B 18 -53.84 -13.73 -16.40
C ASP B 18 -52.63 -14.60 -16.69
N TYR B 19 -51.90 -14.33 -17.77
CA TYR B 19 -50.70 -15.11 -18.08
C TYR B 19 -49.67 -14.24 -18.79
N VAL B 20 -48.56 -13.98 -18.12
CA VAL B 20 -47.39 -13.35 -18.71
C VAL B 20 -46.34 -14.43 -18.88
N ASP B 21 -45.78 -14.54 -20.08
CA ASP B 21 -44.73 -15.50 -20.39
C ASP B 21 -43.42 -15.01 -19.80
N PHE B 22 -43.02 -15.58 -18.67
CA PHE B 22 -41.82 -15.11 -17.99
C PHE B 22 -40.54 -15.68 -18.59
N ARG B 23 -40.64 -16.63 -19.52
CA ARG B 23 -39.45 -17.11 -20.21
C ARG B 23 -39.02 -16.16 -21.32
N LEU B 24 -39.86 -15.19 -21.67
CA LEU B 24 -39.46 -14.19 -22.65
C LEU B 24 -38.59 -13.10 -22.04
N PHE B 25 -38.39 -13.10 -20.72
CA PHE B 25 -37.57 -12.05 -20.12
C PHE B 25 -36.10 -12.22 -20.47
N ASN B 26 -35.69 -13.42 -20.88
CA ASN B 26 -34.28 -13.72 -21.13
C ASN B 26 -33.72 -12.88 -22.27
N GLY B 27 -34.56 -12.52 -23.24
CA GLY B 27 -34.07 -11.85 -24.42
C GLY B 27 -33.88 -10.36 -24.23
N ILE B 28 -34.40 -9.80 -23.13
CA ILE B 28 -34.17 -8.37 -22.92
C ILE B 28 -33.05 -8.14 -21.91
N PHE B 29 -32.49 -9.19 -21.33
CA PHE B 29 -31.35 -9.00 -20.44
C PHE B 29 -30.07 -9.09 -21.24
N SER B 30 -29.11 -8.24 -20.91
CA SER B 30 -27.82 -8.29 -21.56
C SER B 30 -26.78 -7.75 -20.60
N THR B 31 -25.54 -8.13 -20.85
CA THR B 31 -24.40 -7.60 -20.12
C THR B 31 -23.67 -6.60 -20.99
N SER B 32 -22.66 -5.97 -20.43
CA SER B 32 -21.87 -5.01 -21.20
C SER B 32 -20.99 -5.72 -22.22
N ARG B 33 -20.35 -6.80 -21.82
CA ARG B 33 -19.55 -7.61 -22.73
C ARG B 33 -20.19 -8.98 -22.85
N GLY B 34 -19.74 -9.76 -23.83
CA GLY B 34 -20.18 -11.14 -23.93
C GLY B 34 -19.43 -12.03 -22.94
N LEU B 35 -20.17 -12.78 -22.15
CA LEU B 35 -19.62 -13.60 -21.08
C LEU B 35 -20.11 -15.03 -21.23
N SER B 36 -19.19 -15.97 -21.30
CA SER B 36 -19.52 -17.37 -21.50
C SER B 36 -19.61 -18.08 -20.15
N ASN B 37 -20.77 -18.72 -19.90
CA ASN B 37 -21.06 -19.51 -18.70
C ASN B 37 -20.90 -18.75 -17.38
N THR B 38 -21.12 -17.45 -17.37
CA THR B 38 -20.85 -16.75 -16.14
C THR B 38 -22.14 -16.54 -15.36
N THR B 39 -21.95 -16.06 -14.13
CA THR B 39 -23.04 -15.65 -13.27
C THR B 39 -22.73 -14.23 -12.80
N THR B 40 -23.57 -13.28 -13.17
CA THR B 40 -23.30 -11.90 -12.84
C THR B 40 -24.60 -11.20 -12.47
N VAL B 41 -24.48 -10.07 -11.77
CA VAL B 41 -25.61 -9.21 -11.43
C VAL B 41 -25.60 -8.03 -12.39
N ILE B 42 -26.75 -7.77 -13.01
CA ILE B 42 -26.98 -6.59 -13.83
C ILE B 42 -28.02 -5.74 -13.13
N THR B 43 -28.07 -4.46 -13.51
CA THR B 43 -28.90 -3.49 -12.80
C THR B 43 -29.46 -2.48 -13.78
N GLY B 44 -30.75 -2.21 -13.70
CA GLY B 44 -31.38 -1.29 -14.63
C GLY B 44 -32.88 -1.32 -14.48
N ALA B 45 -33.56 -0.61 -15.39
CA ALA B 45 -35.01 -0.51 -15.38
C ALA B 45 -35.58 -1.72 -16.10
N TYR B 46 -36.15 -2.64 -15.35
CA TYR B 46 -36.54 -3.94 -15.85
C TYR B 46 -37.99 -4.24 -15.53
N PRO B 47 -38.66 -5.12 -16.29
CA PRO B 47 -40.06 -5.42 -16.02
C PRO B 47 -40.26 -6.22 -14.73
N SER B 48 -41.35 -5.88 -14.04
CA SER B 48 -41.80 -6.57 -12.84
C SER B 48 -42.15 -8.02 -13.10
N THR B 49 -41.75 -8.90 -12.19
CA THR B 49 -42.17 -10.29 -12.24
C THR B 49 -43.49 -10.53 -11.53
N ASN B 50 -44.09 -9.51 -10.93
CA ASN B 50 -45.42 -9.60 -10.34
C ASN B 50 -46.45 -9.49 -11.45
N LYS B 51 -47.29 -10.53 -11.60
CA LYS B 51 -48.24 -10.58 -12.71
C LYS B 51 -49.39 -9.59 -12.55
N ALA B 52 -49.64 -9.09 -11.34
CA ALA B 52 -50.65 -8.08 -11.11
C ALA B 52 -50.20 -6.69 -11.52
N LYS B 53 -48.92 -6.49 -11.80
CA LYS B 53 -48.44 -5.24 -12.36
C LYS B 53 -48.64 -5.18 -13.87
N TRP B 54 -49.03 -6.28 -14.48
CA TRP B 54 -49.26 -6.31 -15.91
C TRP B 54 -50.72 -6.02 -16.23
N PHE B 55 -50.99 -5.77 -17.50
CA PHE B 55 -52.27 -5.24 -17.96
C PHE B 55 -52.67 -5.95 -19.24
N CYS B 56 -53.64 -6.88 -19.16
CA CYS B 56 -54.12 -7.53 -20.37
C CYS B 56 -55.62 -7.86 -20.44
N PRO B 57 -56.57 -6.94 -20.09
CA PRO B 57 -57.96 -7.40 -19.99
C PRO B 57 -58.66 -7.55 -21.33
N THR B 58 -59.53 -8.55 -21.43
CA THR B 58 -60.40 -8.70 -22.57
C THR B 58 -61.77 -8.09 -22.27
N ASN B 59 -62.26 -7.29 -23.21
CA ASN B 59 -63.57 -6.65 -23.08
C ASN B 59 -64.15 -6.54 -24.49
N VAL B 60 -65.22 -5.75 -24.62
CA VAL B 60 -65.87 -5.61 -25.92
C VAL B 60 -65.03 -4.74 -26.85
N GLY B 61 -64.26 -3.80 -26.29
CA GLY B 61 -63.45 -2.92 -27.08
C GLY B 61 -61.99 -3.06 -26.70
N ARG B 62 -61.21 -2.09 -27.15
CA ARG B 62 -59.82 -1.98 -26.71
C ARG B 62 -59.76 -1.13 -25.45
N PRO B 63 -59.29 -1.68 -24.32
CA PRO B 63 -59.21 -0.87 -23.10
C PRO B 63 -57.93 -0.04 -23.04
N VAL B 64 -58.05 1.18 -22.51
CA VAL B 64 -56.92 2.11 -22.42
C VAL B 64 -56.37 2.04 -21.00
N GLY B 65 -55.14 1.56 -20.87
CA GLY B 65 -54.47 1.52 -19.57
C GLY B 65 -53.48 2.66 -19.45
N THR B 66 -53.23 3.10 -18.23
CA THR B 66 -52.28 4.18 -17.97
C THR B 66 -51.27 3.74 -16.91
N GLY B 67 -50.20 4.53 -16.76
CA GLY B 67 -49.20 4.25 -15.75
C GLY B 67 -48.25 5.42 -15.59
N VAL B 68 -47.61 5.47 -14.44
CA VAL B 68 -46.64 6.50 -14.09
C VAL B 68 -45.34 5.82 -13.69
N GLY B 69 -44.23 6.21 -14.30
CA GLY B 69 -42.96 5.63 -13.93
C GLY B 69 -41.86 6.01 -14.90
N ILE B 70 -40.90 5.10 -15.03
CA ILE B 70 -39.67 5.34 -15.77
C ILE B 70 -39.55 4.52 -17.03
N GLY B 71 -40.52 3.67 -17.34
CA GLY B 71 -40.34 2.79 -18.49
C GLY B 71 -41.61 2.03 -18.75
N VAL B 72 -41.58 1.27 -19.83
CA VAL B 72 -42.67 0.36 -20.16
C VAL B 72 -42.07 -0.84 -20.87
N TYR B 73 -42.69 -2.00 -20.69
CA TYR B 73 -42.36 -3.21 -21.42
C TYR B 73 -43.65 -3.84 -21.94
N ALA B 74 -43.51 -4.75 -22.89
CA ALA B 74 -44.67 -5.27 -23.60
C ALA B 74 -44.37 -6.63 -24.20
N GLN B 75 -45.37 -7.51 -24.19
CA GLN B 75 -45.26 -8.82 -24.80
C GLN B 75 -46.44 -9.05 -25.74
N THR B 76 -46.16 -9.48 -26.96
CA THR B 76 -47.23 -9.91 -27.84
C THR B 76 -47.54 -11.38 -27.61
N ALA B 77 -48.76 -11.76 -27.93
CA ALA B 77 -49.22 -13.12 -27.65
C ALA B 77 -48.60 -14.13 -28.61
N GLN B 78 -48.66 -15.40 -28.22
CA GLN B 78 -48.15 -16.47 -29.07
C GLN B 78 -49.01 -16.61 -30.31
N ALA B 79 -48.46 -16.23 -31.46
CA ALA B 79 -49.18 -16.15 -32.71
C ALA B 79 -49.33 -17.51 -33.40
N SER B 80 -48.28 -18.32 -33.38
CA SER B 80 -48.34 -19.62 -34.03
C SER B 80 -49.21 -20.58 -33.25
N TYR B 81 -50.11 -21.27 -33.97
CA TYR B 81 -51.08 -22.24 -33.43
C TYR B 81 -51.95 -21.62 -32.34
N GLU B 82 -52.68 -20.57 -32.73
CA GLU B 82 -53.57 -19.86 -31.82
C GLU B 82 -54.90 -19.47 -32.43
N THR B 83 -55.20 -19.93 -33.67
CA THR B 83 -56.40 -19.58 -34.45
C THR B 83 -56.52 -18.07 -34.65
N GLY B 84 -55.40 -17.39 -34.86
CA GLY B 84 -55.43 -15.97 -35.16
C GLY B 84 -55.43 -15.71 -36.65
N GLY B 85 -54.49 -16.30 -37.36
CA GLY B 85 -54.35 -16.06 -38.78
C GLY B 85 -53.35 -14.96 -39.07
N SER B 86 -53.85 -13.74 -39.29
CA SER B 86 -53.00 -12.61 -39.64
C SER B 86 -53.10 -11.45 -38.66
N GLY B 87 -54.21 -11.28 -37.96
CA GLY B 87 -54.35 -10.18 -37.02
C GLY B 87 -53.52 -10.41 -35.77
N ALA B 88 -52.73 -9.41 -35.41
CA ALA B 88 -51.78 -9.55 -34.31
C ALA B 88 -52.09 -8.65 -33.13
N GLY B 89 -52.14 -7.34 -33.33
CA GLY B 89 -52.22 -6.41 -32.23
C GLY B 89 -51.49 -5.13 -32.52
N GLY B 90 -52.06 -4.01 -32.07
CA GLY B 90 -51.57 -2.72 -32.49
C GLY B 90 -50.66 -2.04 -31.49
N TYR B 91 -50.99 -2.16 -30.21
CA TYR B 91 -50.24 -1.63 -29.07
C TYR B 91 -49.82 -0.17 -29.20
N THR B 92 -50.76 0.68 -29.60
CA THR B 92 -50.50 2.11 -29.59
C THR B 92 -50.20 2.60 -28.19
N PHE B 93 -49.03 3.20 -27.99
CA PHE B 93 -48.74 3.79 -26.69
C PHE B 93 -47.99 5.11 -26.85
N SER B 94 -48.17 5.98 -25.87
CA SER B 94 -47.51 7.27 -25.85
C SER B 94 -46.93 7.53 -24.46
N VAL B 95 -45.85 8.30 -24.44
CA VAL B 95 -45.15 8.68 -23.21
C VAL B 95 -45.01 10.19 -23.27
N SER B 96 -45.18 10.86 -22.14
CA SER B 96 -45.24 12.31 -22.13
C SER B 96 -44.89 12.81 -20.74
N PRO B 97 -44.48 14.08 -20.60
CA PRO B 97 -44.32 14.65 -19.26
C PRO B 97 -45.65 14.99 -18.61
N LYS B 98 -45.55 15.61 -17.43
CA LYS B 98 -46.75 15.90 -16.63
C LYS B 98 -47.53 17.09 -17.20
N HIS B 99 -46.87 17.97 -17.95
CA HIS B 99 -47.53 19.10 -18.58
C HIS B 99 -47.08 19.25 -20.01
N VAL B 100 -47.91 18.78 -20.93
CA VAL B 100 -47.63 18.79 -22.35
C VAL B 100 -47.99 20.15 -22.91
N THR B 101 -47.02 20.85 -23.48
CA THR B 101 -47.25 22.13 -24.11
C THR B 101 -46.73 22.04 -25.54
N ASN B 102 -46.67 23.20 -26.21
CA ASN B 102 -46.03 23.26 -27.53
C ASN B 102 -44.53 23.00 -27.45
N LEU B 103 -43.95 23.14 -26.27
CA LEU B 103 -42.50 23.17 -26.10
C LEU B 103 -41.91 21.88 -25.58
N THR B 104 -42.73 20.86 -25.29
CA THR B 104 -42.22 19.64 -24.70
C THR B 104 -42.17 18.50 -25.71
N TRP B 105 -41.23 17.60 -25.51
CA TRP B 105 -41.07 16.41 -26.35
C TRP B 105 -41.95 15.28 -25.81
N SER B 106 -42.50 14.49 -26.72
CA SER B 106 -43.27 13.31 -26.33
C SER B 106 -42.98 12.17 -27.28
N LEU B 107 -43.38 10.97 -26.88
CA LEU B 107 -43.15 9.76 -27.66
C LEU B 107 -44.49 9.22 -28.14
N TRP B 108 -44.51 8.63 -29.34
CA TRP B 108 -45.70 7.98 -29.86
C TRP B 108 -45.28 6.76 -30.66
N VAL B 109 -45.76 5.59 -30.25
CA VAL B 109 -45.37 4.30 -30.83
C VAL B 109 -46.62 3.56 -31.26
N HIS B 110 -46.66 3.13 -32.52
CA HIS B 110 -47.84 2.49 -33.07
C HIS B 110 -47.45 1.30 -33.95
N ARG B 111 -48.16 0.19 -33.79
CA ARG B 111 -48.11 -0.85 -34.80
C ARG B 111 -49.51 -1.01 -35.38
N PRO B 112 -49.66 -1.33 -36.66
CA PRO B 112 -51.01 -1.51 -37.22
C PRO B 112 -51.49 -2.95 -37.10
N TRP B 113 -52.71 -3.16 -37.59
CA TRP B 113 -53.37 -4.46 -37.50
C TRP B 113 -52.89 -5.36 -38.63
N GLY B 114 -52.28 -6.46 -38.27
CA GLY B 114 -51.91 -7.46 -39.25
C GLY B 114 -50.51 -7.97 -39.02
N ALA B 115 -50.19 -9.08 -39.70
CA ALA B 115 -48.83 -9.55 -39.75
C ALA B 115 -48.07 -8.82 -40.85
N ASN B 116 -46.73 -8.96 -40.82
CA ASN B 116 -45.79 -8.21 -41.64
C ASN B 116 -46.02 -6.71 -41.53
N ALA B 117 -46.26 -6.25 -40.30
CA ALA B 117 -46.54 -4.85 -40.05
C ALA B 117 -45.30 -4.16 -39.50
N ASN B 118 -45.17 -2.88 -39.83
CA ASN B 118 -44.03 -2.09 -39.38
C ASN B 118 -44.41 -1.29 -38.15
N VAL B 119 -43.54 -1.30 -37.14
CA VAL B 119 -43.69 -0.42 -36.00
C VAL B 119 -43.25 0.97 -36.39
N THR B 120 -44.05 1.97 -36.09
CA THR B 120 -43.63 3.36 -36.23
C THR B 120 -43.36 3.97 -34.87
N VAL B 121 -42.23 4.66 -34.74
CA VAL B 121 -41.79 5.27 -33.49
C VAL B 121 -41.54 6.75 -33.74
N ARG B 122 -42.20 7.61 -32.97
CA ARG B 122 -42.12 9.05 -33.19
C ARG B 122 -41.85 9.79 -31.90
N LEU B 123 -40.73 10.53 -31.86
CA LEU B 123 -40.37 11.40 -30.75
C LEU B 123 -40.38 12.84 -31.25
N CYS B 124 -41.45 13.58 -31.00
CA CYS B 124 -41.65 14.86 -31.67
C CYS B 124 -42.16 15.90 -30.68
N ARG B 125 -42.37 17.11 -31.18
CA ARG B 125 -43.09 18.18 -30.50
C ARG B 125 -44.36 18.49 -31.28
N TRP B 126 -45.51 18.16 -30.71
CA TRP B 126 -46.79 18.33 -31.37
C TRP B 126 -47.53 19.54 -30.78
N TRP B 127 -48.22 20.29 -31.63
CA TRP B 127 -49.10 21.34 -31.12
C TRP B 127 -50.50 20.84 -30.79
N GLN B 128 -50.85 19.66 -31.26
CA GLN B 128 -52.16 19.07 -30.98
C GLN B 128 -52.23 18.62 -29.53
N GLY B 142 -52.37 9.43 -32.60
CA GLY B 142 -51.20 10.29 -32.79
C GLY B 142 -51.27 11.21 -33.98
N PRO B 143 -50.98 12.49 -33.75
CA PRO B 143 -51.23 13.50 -34.79
C PRO B 143 -50.26 13.39 -35.95
N SER B 144 -50.64 14.01 -37.06
CA SER B 144 -49.86 13.87 -38.28
C SER B 144 -48.76 14.92 -38.38
N SER B 145 -49.07 16.16 -37.99
CA SER B 145 -48.17 17.29 -38.18
C SER B 145 -47.59 17.74 -36.84
N ALA B 146 -46.27 17.89 -36.81
CA ALA B 146 -45.55 18.31 -35.63
C ALA B 146 -44.58 19.41 -36.02
N PHE B 147 -44.04 20.10 -35.01
CA PHE B 147 -43.02 21.11 -35.28
C PHE B 147 -41.75 20.47 -35.79
N GLU B 148 -41.27 19.44 -35.11
CA GLU B 148 -39.99 18.81 -35.40
C GLU B 148 -39.95 17.47 -34.68
N CYS B 149 -39.14 16.55 -35.21
CA CYS B 149 -39.02 15.22 -34.66
C CYS B 149 -37.56 14.87 -34.53
N LEU B 150 -37.21 14.09 -33.51
CA LEU B 150 -35.86 13.55 -33.43
C LEU B 150 -35.83 12.12 -33.94
N VAL B 151 -36.87 11.35 -33.68
CA VAL B 151 -37.02 10.00 -34.21
C VAL B 151 -38.29 9.98 -35.04
N ASN B 152 -38.17 9.65 -36.31
CA ASN B 152 -39.30 9.47 -37.20
C ASN B 152 -38.99 8.23 -38.03
N GLY B 153 -39.30 7.05 -37.49
CA GLY B 153 -38.81 5.82 -38.04
C GLY B 153 -39.88 4.74 -38.11
N SER B 154 -39.73 3.87 -39.11
CA SER B 154 -40.59 2.71 -39.31
C SER B 154 -39.71 1.52 -39.63
N PHE B 155 -40.00 0.37 -39.04
CA PHE B 155 -39.15 -0.80 -39.17
C PHE B 155 -39.96 -2.05 -38.91
N PRO B 156 -39.58 -3.19 -39.49
CA PRO B 156 -40.30 -4.45 -39.25
C PRO B 156 -40.06 -4.99 -37.85
N SER B 157 -40.93 -5.93 -37.46
CA SER B 157 -40.90 -6.52 -36.12
C SER B 157 -41.17 -8.02 -36.21
N SER B 158 -40.93 -8.70 -35.09
CA SER B 158 -41.11 -10.14 -34.99
C SER B 158 -42.56 -10.47 -34.64
N GLN B 159 -43.12 -11.44 -35.36
CA GLN B 159 -44.48 -11.92 -35.09
C GLN B 159 -44.57 -13.44 -35.14
N HIS B 160 -43.52 -14.10 -35.64
CA HIS B 160 -43.53 -15.56 -35.77
C HIS B 160 -43.46 -16.29 -34.43
N LYS B 161 -43.02 -15.61 -33.37
CA LYS B 161 -43.03 -16.17 -32.03
C LYS B 161 -43.58 -15.10 -31.09
N GLY B 162 -43.52 -15.40 -29.79
CA GLY B 162 -43.76 -14.37 -28.80
C GLY B 162 -42.59 -13.41 -28.74
N TYR B 163 -42.90 -12.14 -28.51
CA TYR B 163 -41.90 -11.10 -28.66
C TYR B 163 -42.03 -10.09 -27.53
N MET B 164 -40.89 -9.62 -27.05
CA MET B 164 -40.89 -8.72 -25.92
C MET B 164 -39.97 -7.53 -26.20
N PHE B 165 -40.45 -6.33 -25.86
CA PHE B 165 -39.72 -5.11 -26.15
C PHE B 165 -40.03 -4.08 -25.07
N GLY B 166 -39.36 -2.94 -25.14
CA GLY B 166 -39.58 -1.93 -24.12
C GLY B 166 -38.91 -0.62 -24.46
N VAL B 167 -39.33 0.42 -23.75
CA VAL B 167 -38.79 1.77 -23.88
C VAL B 167 -38.59 2.33 -22.48
N THR B 168 -37.38 2.76 -22.15
CA THR B 168 -37.09 3.29 -20.83
C THR B 168 -36.48 4.70 -20.94
N TRP B 169 -36.73 5.52 -19.92
CA TRP B 169 -36.29 6.91 -19.91
C TRP B 169 -35.79 7.34 -18.55
N TYR B 170 -35.16 6.44 -17.81
CA TYR B 170 -34.59 6.76 -16.51
C TYR B 170 -33.42 7.75 -16.63
N ASN B 171 -33.50 8.85 -15.87
CA ASN B 171 -32.55 9.97 -15.88
C ASN B 171 -32.37 10.56 -17.27
N ASP B 172 -33.48 10.68 -18.00
CA ASP B 172 -33.59 11.31 -19.31
C ASP B 172 -32.76 10.63 -20.39
N PHE B 173 -32.35 9.38 -20.19
CA PHE B 173 -31.61 8.63 -21.20
C PHE B 173 -32.59 7.67 -21.86
N VAL B 174 -33.06 8.04 -23.04
CA VAL B 174 -34.05 7.26 -23.78
C VAL B 174 -33.38 6.02 -24.32
N ARG B 175 -33.99 4.86 -24.09
CA ARG B 175 -33.50 3.61 -24.66
C ARG B 175 -34.68 2.89 -25.27
N ILE B 176 -34.60 2.62 -26.57
CA ILE B 176 -35.69 1.99 -27.32
C ILE B 176 -35.22 0.59 -27.69
N ILE B 177 -35.74 -0.41 -27.01
CA ILE B 177 -35.22 -1.77 -27.08
C ILE B 177 -36.23 -2.61 -27.84
N PHE B 178 -36.07 -2.70 -29.15
CA PHE B 178 -36.76 -3.66 -30.00
C PHE B 178 -35.71 -4.67 -30.44
N PRO B 179 -35.57 -5.80 -29.76
CA PRO B 179 -34.45 -6.72 -30.00
C PRO B 179 -34.51 -7.32 -31.39
N PRO B 180 -33.35 -7.50 -32.06
CA PRO B 180 -31.98 -7.37 -31.53
C PRO B 180 -31.36 -5.95 -31.41
N THR B 181 -32.00 -4.90 -31.93
CA THR B 181 -31.38 -3.58 -31.92
C THR B 181 -31.79 -2.75 -30.71
N VAL B 182 -30.88 -1.87 -30.28
CA VAL B 182 -31.13 -0.94 -29.18
C VAL B 182 -30.74 0.45 -29.66
N PHE B 183 -31.68 1.39 -29.61
CA PHE B 183 -31.42 2.79 -29.94
C PHE B 183 -31.39 3.58 -28.64
N GLU B 184 -30.36 4.40 -28.47
CA GLU B 184 -30.14 5.16 -27.25
C GLU B 184 -29.86 6.61 -27.57
N LEU B 185 -30.29 7.50 -26.66
CA LEU B 185 -30.12 8.94 -26.80
C LEU B 185 -30.39 9.65 -25.48
N GLN B 186 -29.44 10.45 -25.01
CA GLN B 186 -29.60 11.28 -23.81
C GLN B 186 -30.19 12.62 -24.20
N LEU B 187 -31.27 13.02 -23.53
CA LEU B 187 -31.97 14.27 -23.81
C LEU B 187 -32.29 14.97 -22.50
N ASP B 188 -31.45 15.93 -22.10
CA ASP B 188 -31.55 16.55 -20.79
C ASP B 188 -32.83 17.34 -20.62
N GLY B 189 -33.39 17.25 -19.41
CA GLY B 189 -34.63 17.94 -19.09
C GLY B 189 -35.86 17.36 -19.73
N LEU B 190 -35.85 16.05 -20.06
CA LEU B 190 -36.99 15.45 -20.73
C LEU B 190 -38.17 15.28 -19.79
N GLN B 191 -37.94 14.62 -18.64
CA GLN B 191 -38.89 14.50 -17.53
C GLN B 191 -40.16 13.75 -17.91
N TRP B 192 -39.99 12.66 -18.66
CA TRP B 192 -41.10 11.78 -19.00
C TRP B 192 -41.56 11.00 -17.78
N GLU B 193 -42.86 10.97 -17.55
CA GLU B 193 -43.37 10.13 -16.49
C GLU B 193 -44.68 9.42 -16.79
N TYR B 194 -45.50 9.90 -17.72
CA TYR B 194 -46.88 9.46 -17.84
C TYR B 194 -47.05 8.62 -19.10
N VAL B 195 -47.59 7.41 -18.92
CA VAL B 195 -47.67 6.40 -19.98
C VAL B 195 -49.12 6.06 -20.23
N GLN B 196 -49.52 6.03 -21.49
CA GLN B 196 -50.84 5.58 -21.90
C GLN B 196 -50.68 4.50 -22.95
N PHE B 197 -51.56 3.50 -22.95
CA PHE B 197 -51.43 2.40 -23.90
C PHE B 197 -52.77 1.77 -24.19
N THR B 198 -52.98 1.42 -25.46
CA THR B 198 -54.19 0.78 -25.95
C THR B 198 -53.77 -0.49 -26.67
N GLY B 199 -54.68 -1.45 -26.77
CA GLY B 199 -54.43 -2.64 -27.54
C GLY B 199 -55.70 -3.33 -28.01
N PRO B 200 -55.80 -3.62 -29.31
CA PRO B 200 -57.01 -4.26 -29.83
C PRO B 200 -57.09 -5.73 -29.46
N VAL B 201 -58.23 -6.12 -28.90
CA VAL B 201 -58.45 -7.51 -28.53
C VAL B 201 -58.60 -8.35 -29.79
N ASN B 202 -57.82 -9.42 -29.87
CA ASN B 202 -57.92 -10.41 -30.93
C ASN B 202 -58.38 -11.71 -30.29
N ALA B 203 -58.95 -12.59 -31.10
CA ALA B 203 -59.44 -13.93 -30.71
C ALA B 203 -60.44 -13.88 -29.54
N ARG B 205 -54.96 -12.73 -28.28
CA ARG B 205 -55.58 -12.09 -27.14
C ARG B 205 -55.41 -10.58 -27.19
N MET B 206 -54.43 -10.07 -26.44
CA MET B 206 -54.09 -8.65 -26.40
C MET B 206 -52.61 -8.55 -26.11
N THR B 207 -51.96 -7.48 -26.57
CA THR B 207 -50.61 -7.19 -26.12
C THR B 207 -50.63 -6.75 -24.65
N LYS B 208 -49.73 -7.33 -23.87
CA LYS B 208 -49.65 -7.10 -22.44
C LYS B 208 -48.68 -5.96 -22.15
N PHE B 209 -48.90 -5.27 -21.03
CA PHE B 209 -48.15 -4.06 -20.72
C PHE B 209 -47.75 -3.98 -19.25
N ASN B 210 -46.56 -3.46 -19.00
CA ASN B 210 -46.05 -3.27 -17.64
C ASN B 210 -45.31 -1.94 -17.57
N VAL B 211 -45.78 -1.03 -16.73
CA VAL B 211 -45.08 0.22 -16.50
C VAL B 211 -44.04 -0.03 -15.41
N VAL B 212 -42.78 0.32 -15.69
CA VAL B 212 -41.68 0.17 -14.75
C VAL B 212 -41.62 1.38 -13.84
N THR B 213 -41.55 1.15 -12.52
CA THR B 213 -41.48 2.25 -11.58
C THR B 213 -40.11 2.47 -10.95
N GLU B 214 -39.24 1.47 -10.92
CA GLU B 214 -37.98 1.65 -10.23
C GLU B 214 -36.89 0.75 -10.79
N ILE B 215 -35.66 1.05 -10.40
CA ILE B 215 -34.46 0.33 -10.84
C ILE B 215 -34.30 -0.96 -10.04
N SER B 216 -34.00 -2.05 -10.74
CA SER B 216 -33.89 -3.38 -10.13
C SER B 216 -32.51 -3.98 -10.38
N SER B 217 -32.12 -4.89 -9.50
CA SER B 217 -30.96 -5.74 -9.70
C SER B 217 -31.42 -7.16 -9.99
N VAL B 218 -30.75 -7.81 -10.94
CA VAL B 218 -31.12 -9.14 -11.41
C VAL B 218 -29.85 -9.98 -11.52
N LEU B 219 -29.85 -11.15 -10.89
CA LEU B 219 -28.80 -12.14 -11.09
C LEU B 219 -29.11 -12.92 -12.37
N VAL B 220 -28.10 -13.15 -13.21
CA VAL B 220 -28.32 -13.88 -14.45
C VAL B 220 -27.26 -14.94 -14.65
N LEU B 221 -27.64 -16.00 -15.33
CA LEU B 221 -26.75 -17.07 -15.78
C LEU B 221 -26.74 -17.10 -17.30
N THR B 222 -25.56 -17.16 -17.89
CA THR B 222 -25.41 -17.20 -19.34
C THR B 222 -25.04 -18.61 -19.79
N ASP B 223 -25.31 -18.90 -21.06
CA ASP B 223 -24.88 -20.17 -21.63
C ASP B 223 -23.53 -19.96 -22.32
N GLN B 224 -23.11 -20.95 -23.13
CA GLN B 224 -21.83 -20.88 -23.82
C GLN B 224 -21.75 -19.68 -24.75
N SER B 225 -22.84 -19.35 -25.44
CA SER B 225 -22.82 -18.26 -26.40
C SER B 225 -23.04 -16.90 -25.77
N GLY B 226 -23.22 -16.83 -24.46
CA GLY B 226 -23.42 -15.55 -23.79
C GLY B 226 -24.87 -15.14 -23.61
N ALA B 227 -25.82 -15.96 -24.01
CA ALA B 227 -27.23 -15.62 -23.86
C ALA B 227 -27.74 -16.01 -22.49
N VAL B 228 -28.55 -15.13 -21.90
CA VAL B 228 -29.10 -15.37 -20.57
C VAL B 228 -30.12 -16.50 -20.65
N THR B 229 -29.93 -17.53 -19.82
CA THR B 229 -30.85 -18.65 -19.75
C THR B 229 -31.51 -18.81 -18.39
N ARG B 230 -31.13 -18.02 -17.39
CA ARG B 230 -31.71 -18.13 -16.06
C ARG B 230 -31.51 -16.83 -15.32
N TYR B 231 -32.59 -16.26 -14.81
CA TYR B 231 -32.52 -15.04 -14.03
C TYR B 231 -33.26 -15.21 -12.72
N SER B 232 -33.11 -14.20 -11.85
CA SER B 232 -33.78 -14.12 -10.56
C SER B 232 -33.63 -12.71 -10.03
N TYR B 233 -34.74 -12.06 -9.68
CA TYR B 233 -34.66 -10.67 -9.24
C TYR B 233 -34.20 -10.61 -7.80
N CYS B 234 -33.37 -9.62 -7.48
CA CYS B 234 -32.73 -9.62 -6.17
C CYS B 234 -33.68 -9.22 -5.05
N ALA B 235 -34.83 -8.64 -5.36
CA ALA B 235 -35.76 -8.17 -4.34
C ALA B 235 -37.08 -8.91 -4.32
N ASP B 236 -37.22 -10.03 -5.03
CA ASP B 236 -38.49 -10.77 -4.95
C ASP B 236 -38.67 -11.54 -3.66
N GLY B 237 -37.69 -11.62 -2.78
CA GLY B 237 -37.84 -12.36 -1.55
C GLY B 237 -36.56 -12.32 -0.75
N PHE B 238 -36.60 -13.04 0.38
CA PHE B 238 -35.46 -13.05 1.29
C PHE B 238 -34.30 -13.86 0.72
N VAL B 239 -34.58 -15.04 0.17
CA VAL B 239 -33.54 -15.92 -0.36
C VAL B 239 -32.93 -15.32 -1.63
N ASN B 240 -33.72 -14.54 -2.37
CA ASN B 240 -33.24 -13.92 -3.60
C ASN B 240 -32.18 -12.88 -3.32
N GLY B 241 -32.30 -12.17 -2.20
CA GLY B 241 -31.28 -11.21 -1.84
C GLY B 241 -29.96 -11.87 -1.48
N LEU B 242 -30.04 -13.06 -0.87
CA LEU B 242 -28.83 -13.80 -0.53
C LEU B 242 -28.23 -14.45 -1.77
N GLN B 243 -29.05 -14.81 -2.75
CA GLN B 243 -28.57 -15.29 -4.04
C GLN B 243 -27.74 -14.25 -4.77
N CYS B 244 -28.17 -12.98 -4.71
CA CYS B 244 -27.44 -11.92 -5.39
C CYS B 244 -26.20 -11.52 -4.62
N LYS B 245 -26.24 -11.66 -3.30
CA LYS B 245 -25.07 -11.34 -2.49
C LYS B 245 -23.94 -12.34 -2.74
N LEU B 246 -24.28 -13.62 -2.95
CA LEU B 246 -23.30 -14.67 -3.13
C LEU B 246 -23.02 -15.03 -4.58
N ARG B 247 -23.77 -14.46 -5.53
CA ARG B 247 -23.67 -14.78 -6.97
C ARG B 247 -23.92 -16.25 -7.25
N LEU B 248 -24.89 -16.83 -6.55
CA LEU B 248 -25.18 -18.24 -6.68
C LEU B 248 -26.68 -18.44 -6.78
N PHE B 249 -27.09 -19.35 -7.66
CA PHE B 249 -28.50 -19.73 -7.70
C PHE B 249 -28.82 -20.82 -6.68
N ASP B 250 -28.01 -21.86 -6.58
CA ASP B 250 -28.23 -22.95 -5.64
C ASP B 250 -27.25 -22.80 -4.48
N ILE B 251 -27.76 -22.32 -3.35
CA ILE B 251 -26.92 -21.93 -2.21
C ILE B 251 -26.69 -23.17 -1.35
N PRO B 252 -25.44 -23.62 -1.17
CA PRO B 252 -25.17 -24.72 -0.24
C PRO B 252 -25.33 -24.24 1.19
N PRO B 253 -25.48 -25.16 2.16
CA PRO B 253 -25.66 -24.72 3.55
C PRO B 253 -24.40 -24.08 4.14
N GLY B 254 -24.59 -23.04 4.93
CA GLY B 254 -23.45 -22.36 5.52
C GLY B 254 -23.90 -21.19 6.38
N VAL B 255 -22.91 -20.40 6.79
CA VAL B 255 -23.12 -19.18 7.56
C VAL B 255 -22.62 -18.01 6.70
N TYR B 256 -23.53 -17.12 6.33
CA TYR B 256 -23.25 -16.07 5.37
C TYR B 256 -23.44 -14.73 6.04
N SER B 257 -22.34 -13.98 6.17
CA SER B 257 -22.32 -12.81 7.04
C SER B 257 -22.57 -11.50 6.30
N ASN B 258 -23.07 -10.52 7.06
CA ASN B 258 -23.14 -9.10 6.69
C ASN B 258 -24.12 -8.86 5.53
N SER B 259 -25.33 -9.37 5.67
CA SER B 259 -26.43 -8.90 4.85
C SER B 259 -26.99 -7.63 5.46
N GLU B 260 -27.31 -6.66 4.64
CA GLU B 260 -27.58 -5.33 5.13
C GLU B 260 -29.01 -4.90 4.79
N VAL B 261 -29.56 -4.06 5.66
CA VAL B 261 -30.90 -3.50 5.49
C VAL B 261 -30.74 -2.08 4.99
N GLU B 262 -31.49 -1.72 3.96
CA GLU B 262 -31.50 -0.35 3.45
C GLU B 262 -32.62 0.44 4.12
N TYR B 263 -32.35 1.72 4.36
CA TYR B 263 -33.25 2.64 5.04
C TYR B 263 -33.34 3.92 4.23
N PRO B 264 -34.48 4.64 4.30
CA PRO B 264 -34.64 5.84 3.46
C PRO B 264 -33.75 7.00 3.88
N VAL B 265 -33.81 8.08 3.12
CA VAL B 265 -32.86 9.18 3.24
C VAL B 265 -33.57 10.46 3.66
N ALA B 266 -32.76 11.41 4.14
CA ALA B 266 -33.25 12.71 4.60
C ALA B 266 -32.09 13.69 4.49
N LEU B 267 -32.20 14.63 3.57
CA LEU B 267 -31.18 15.65 3.35
C LEU B 267 -31.57 16.93 4.11
N TYR B 268 -30.60 17.55 4.75
CA TYR B 268 -30.74 18.88 5.30
C TYR B 268 -29.63 19.74 4.72
N THR B 269 -29.97 20.53 3.71
CA THR B 269 -29.04 21.57 3.24
C THR B 269 -28.86 22.64 4.31
N VAL B 270 -29.92 22.95 5.06
CA VAL B 270 -29.84 23.79 6.25
C VAL B 270 -30.67 23.13 7.34
N VAL B 271 -30.51 23.63 8.56
CA VAL B 271 -31.21 23.11 9.72
C VAL B 271 -32.00 24.17 10.47
N HIS B 272 -31.82 25.44 10.15
CA HIS B 272 -32.57 26.52 10.78
C HIS B 272 -33.62 27.07 9.84
N ASN B 273 -34.48 27.95 10.38
CA ASN B 273 -35.43 28.72 9.59
C ASN B 273 -34.76 29.92 8.94
N MET B 274 -35.08 30.16 7.68
CA MET B 274 -34.63 31.35 6.99
C MET B 274 -35.81 32.29 6.76
N SER B 275 -35.50 33.58 6.75
CA SER B 275 -36.48 34.60 6.38
C SER B 275 -36.54 34.72 4.85
N VAL B 276 -37.41 35.59 4.36
CA VAL B 276 -37.59 35.71 2.91
C VAL B 276 -36.41 36.45 2.30
N CYS B 277 -36.23 36.26 1.00
CA CYS B 277 -35.20 36.91 0.23
C CYS B 277 -35.62 38.35 -0.11
N PRO B 278 -34.69 39.20 -0.53
CA PRO B 278 -35.08 40.50 -1.08
C PRO B 278 -35.75 40.38 -2.44
N GLN B 279 -36.17 41.53 -2.96
CA GLN B 279 -36.76 41.53 -4.29
C GLN B 279 -35.68 41.52 -5.37
N ARG B 280 -36.09 41.15 -6.57
CA ARG B 280 -35.20 41.26 -7.72
C ARG B 280 -34.93 42.73 -7.98
N PRO B 281 -33.69 43.12 -8.31
CA PRO B 281 -33.42 44.51 -8.69
C PRO B 281 -34.20 44.91 -9.93
N GLU B 282 -34.69 46.15 -9.92
CA GLU B 282 -35.43 46.65 -11.08
C GLU B 282 -34.47 46.92 -12.23
N SER B 283 -34.95 46.63 -13.43
CA SER B 283 -34.14 46.69 -14.63
C SER B 283 -34.24 48.02 -15.36
N TYR B 284 -35.15 48.89 -14.94
CA TYR B 284 -35.37 50.15 -15.62
C TYR B 284 -34.27 51.13 -15.24
N CYS B 285 -33.42 51.47 -16.20
CA CYS B 285 -32.41 52.49 -15.97
C CYS B 285 -32.96 53.85 -16.36
N GLY B 286 -32.87 54.81 -15.44
CA GLY B 286 -33.65 56.04 -15.47
C GLY B 286 -33.59 56.93 -16.69
N SER B 287 -32.46 57.59 -16.93
CA SER B 287 -32.44 58.61 -17.97
C SER B 287 -31.28 58.42 -18.94
N ASN B 288 -30.23 57.72 -18.52
CA ASN B 288 -28.99 57.65 -19.28
C ASN B 288 -28.48 56.22 -19.22
N TYR B 289 -27.20 56.04 -19.56
CA TYR B 289 -26.55 54.75 -19.36
C TYR B 289 -26.09 54.63 -17.91
N CYS B 290 -26.34 53.48 -17.30
CA CYS B 290 -25.97 53.24 -15.92
C CYS B 290 -25.52 51.80 -15.74
N PRO B 291 -24.67 51.53 -14.76
CA PRO B 291 -24.27 50.15 -14.48
C PRO B 291 -25.41 49.40 -13.82
N PHE B 292 -25.26 48.07 -13.77
CA PHE B 292 -26.34 47.23 -13.30
C PHE B 292 -26.46 47.32 -11.78
N LYS B 293 -27.59 46.85 -11.26
CA LYS B 293 -27.86 46.88 -9.83
C LYS B 293 -27.72 45.48 -9.24
N ARG B 294 -26.78 45.32 -8.31
CA ARG B 294 -26.46 44.05 -7.70
C ARG B 294 -27.11 43.91 -6.33
N VAL B 295 -27.67 42.74 -6.04
CA VAL B 295 -28.24 42.42 -4.73
C VAL B 295 -27.75 41.02 -4.34
N VAL B 296 -27.38 40.85 -3.07
CA VAL B 296 -26.88 39.59 -2.55
C VAL B 296 -28.06 38.75 -2.06
N PHE B 297 -28.16 37.52 -2.55
CA PHE B 297 -29.16 36.58 -2.05
C PHE B 297 -28.42 35.52 -1.26
N SER B 298 -28.76 35.39 0.02
CA SER B 298 -28.01 34.51 0.90
C SER B 298 -28.82 34.27 2.16
N ASN B 299 -28.89 33.00 2.58
CA ASN B 299 -29.53 32.57 3.84
C ASN B 299 -31.02 32.95 3.88
N CYS B 300 -31.73 32.64 2.80
CA CYS B 300 -33.10 33.09 2.68
C CYS B 300 -33.90 32.13 1.84
N VAL B 301 -35.21 32.32 1.86
CA VAL B 301 -36.18 31.53 1.12
C VAL B 301 -36.66 32.36 -0.06
N VAL B 302 -36.60 31.80 -1.25
CA VAL B 302 -36.79 32.55 -2.48
C VAL B 302 -38.06 32.09 -3.19
N ASN B 303 -38.72 33.03 -3.84
CA ASN B 303 -39.83 32.80 -4.75
C ASN B 303 -39.34 33.22 -6.12
N TYR B 304 -38.98 32.25 -6.96
CA TYR B 304 -38.34 32.61 -8.23
C TYR B 304 -39.31 33.22 -9.22
N THR B 305 -40.59 32.86 -9.17
CA THR B 305 -41.53 33.38 -10.15
C THR B 305 -41.96 34.81 -9.82
N SER B 306 -41.52 35.33 -8.67
CA SER B 306 -41.60 36.75 -8.39
C SER B 306 -40.65 37.58 -9.24
N TRP B 307 -39.67 36.95 -9.89
CA TRP B 307 -38.73 37.69 -10.71
C TRP B 307 -39.28 38.02 -12.08
N THR B 308 -40.47 37.56 -12.41
CA THR B 308 -41.10 37.86 -13.68
C THR B 308 -42.28 38.79 -13.44
N SER B 309 -42.99 39.12 -14.51
CA SER B 309 -44.16 39.98 -14.39
C SER B 309 -45.34 39.22 -13.81
N GLY B 310 -45.44 37.93 -14.09
CA GLY B 310 -46.53 37.12 -13.61
C GLY B 310 -47.48 36.65 -14.69
N LEU B 311 -47.54 37.30 -15.83
CA LEU B 311 -48.34 36.83 -16.94
C LEU B 311 -47.61 35.68 -17.63
N LEU B 312 -48.35 34.62 -17.95
CA LEU B 312 -47.75 33.37 -18.41
C LEU B 312 -47.03 33.53 -19.74
N ARG B 313 -47.53 34.40 -20.62
CA ARG B 313 -46.94 34.56 -21.95
C ARG B 313 -45.57 35.20 -21.90
N ASP B 314 -45.17 35.78 -20.78
CA ASP B 314 -43.85 36.37 -20.66
C ASP B 314 -42.80 35.35 -20.30
N TYR B 315 -43.15 34.30 -19.55
CA TYR B 315 -42.14 33.39 -19.02
C TYR B 315 -42.31 31.93 -19.43
N GLN B 316 -43.06 31.64 -20.52
CA GLN B 316 -43.36 30.25 -20.93
C GLN B 316 -42.13 29.40 -21.18
N HIS B 317 -41.05 30.00 -21.66
CA HIS B 317 -39.77 29.36 -21.90
C HIS B 317 -39.04 28.96 -20.62
N LEU B 318 -39.51 29.41 -19.45
CA LEU B 318 -38.90 29.08 -18.17
C LEU B 318 -39.68 28.00 -17.42
N VAL B 319 -40.76 27.52 -17.98
CA VAL B 319 -41.55 26.48 -17.34
C VAL B 319 -40.96 25.13 -17.73
N LEU B 320 -40.63 24.32 -16.74
CA LEU B 320 -40.11 23.01 -17.02
C LEU B 320 -41.22 22.06 -17.47
N PRO B 321 -40.87 20.94 -18.14
CA PRO B 321 -41.88 19.93 -18.53
C PRO B 321 -42.72 19.34 -17.41
N ASN B 322 -42.24 19.37 -16.17
CA ASN B 322 -43.04 18.96 -15.02
C ASN B 322 -43.90 20.09 -14.46
N GLY B 323 -44.05 21.19 -15.19
CA GLY B 323 -44.90 22.29 -14.78
C GLY B 323 -44.27 23.25 -13.81
N LYS B 324 -43.00 23.10 -13.51
CA LYS B 324 -42.34 23.88 -12.48
C LYS B 324 -41.61 25.07 -13.08
N PHE B 325 -41.64 26.19 -12.38
CA PHE B 325 -40.87 27.36 -12.77
C PHE B 325 -39.38 27.12 -12.50
N ASN B 326 -38.54 27.53 -13.43
CA ASN B 326 -37.09 27.40 -13.34
C ASN B 326 -36.50 28.76 -13.68
N PRO B 327 -35.67 29.35 -12.81
CA PRO B 327 -35.15 30.69 -13.11
C PRO B 327 -34.11 30.78 -14.21
N PHE B 328 -33.46 29.71 -14.64
CA PHE B 328 -32.30 29.84 -15.51
C PHE B 328 -32.43 29.08 -16.81
N THR B 329 -31.83 29.62 -17.88
CA THR B 329 -31.80 29.00 -19.19
C THR B 329 -30.43 28.47 -19.59
N GLU B 330 -29.36 28.89 -18.91
CA GLU B 330 -28.01 28.53 -19.29
C GLU B 330 -27.07 28.81 -18.13
N CYS B 331 -26.22 27.84 -17.80
CA CYS B 331 -25.24 28.00 -16.73
C CYS B 331 -23.86 27.64 -17.23
N ASN B 332 -22.85 28.15 -16.52
CA ASN B 332 -21.45 27.78 -16.73
C ASN B 332 -21.01 27.09 -15.45
N GLY B 333 -20.85 25.77 -15.51
CA GLY B 333 -20.32 25.00 -14.40
C GLY B 333 -21.32 24.47 -13.43
N LEU B 334 -22.58 24.90 -13.52
CA LEU B 334 -23.63 24.47 -12.62
C LEU B 334 -24.73 23.79 -13.43
N ASN B 335 -25.64 23.16 -12.72
CA ASN B 335 -26.84 22.58 -13.31
C ASN B 335 -27.88 23.68 -13.45
N ARG B 336 -28.42 23.88 -14.66
CA ARG B 336 -29.41 24.93 -14.84
C ARG B 336 -30.73 24.62 -14.15
N ILE B 337 -31.10 23.35 -14.05
CA ILE B 337 -32.27 22.96 -13.30
C ILE B 337 -31.97 23.11 -11.81
N VAL B 338 -32.80 23.86 -11.12
CA VAL B 338 -32.60 24.15 -9.70
C VAL B 338 -33.47 23.20 -8.90
N ASP B 339 -32.83 22.29 -8.15
CA ASP B 339 -33.55 21.35 -7.31
C ASP B 339 -33.57 21.76 -5.84
N ASP B 340 -34.37 22.79 -5.51
CA ASP B 340 -34.84 23.24 -4.21
C ASP B 340 -33.81 23.98 -3.36
N CYS B 341 -32.51 23.84 -3.60
CA CYS B 341 -31.54 24.58 -2.80
C CYS B 341 -30.25 24.76 -3.58
N VAL B 342 -29.73 25.99 -3.60
CA VAL B 342 -28.44 26.30 -4.17
C VAL B 342 -27.61 27.04 -3.11
N THR B 343 -26.38 27.37 -3.45
CA THR B 343 -25.60 28.22 -2.56
C THR B 343 -26.02 29.68 -2.73
N GLY B 344 -25.47 30.56 -1.93
CA GLY B 344 -25.78 31.98 -2.05
C GLY B 344 -25.20 32.58 -3.32
N PHE B 345 -25.85 33.63 -3.82
CA PHE B 345 -25.40 34.25 -5.06
C PHE B 345 -25.56 35.76 -5.03
N VAL B 346 -24.84 36.40 -5.95
CA VAL B 346 -24.97 37.82 -6.22
C VAL B 346 -25.69 37.96 -7.55
N LEU B 347 -26.78 38.71 -7.57
CA LEU B 347 -27.70 38.78 -8.69
C LEU B 347 -27.66 40.17 -9.32
N ARG B 348 -27.42 40.24 -10.62
CA ARG B 348 -27.47 41.50 -11.34
C ARG B 348 -28.50 41.40 -12.47
N VAL B 349 -29.16 42.51 -12.76
CA VAL B 349 -30.26 42.56 -13.72
C VAL B 349 -29.93 43.54 -14.83
N GLY B 350 -30.75 43.51 -15.86
CA GLY B 350 -30.60 44.40 -16.99
C GLY B 350 -31.76 44.27 -17.93
N ARG B 351 -31.65 44.93 -19.08
CA ARG B 351 -32.76 44.97 -20.04
C ARG B 351 -32.22 45.08 -21.46
N GLY B 352 -32.84 44.37 -22.40
CA GLY B 352 -32.42 44.40 -23.78
C GLY B 352 -33.57 44.36 -24.76
N THR B 353 -33.22 44.29 -26.04
CA THR B 353 -34.18 44.17 -27.14
C THR B 353 -33.80 42.97 -27.98
N ALA B 354 -34.77 42.09 -28.24
CA ALA B 354 -34.55 40.91 -29.07
C ALA B 354 -34.88 41.21 -30.51
N VAL B 355 -33.98 40.86 -31.41
CA VAL B 355 -34.25 40.93 -32.84
C VAL B 355 -34.73 39.57 -33.33
N ASN B 356 -35.90 39.58 -34.00
CA ASN B 356 -36.62 38.38 -34.46
C ASN B 356 -36.83 37.36 -33.36
N ARG B 357 -37.25 37.86 -32.18
CA ARG B 357 -37.67 37.05 -31.03
C ARG B 357 -36.56 36.14 -30.50
N THR B 358 -35.31 36.55 -30.61
CA THR B 358 -34.18 35.70 -30.26
C THR B 358 -33.34 36.40 -29.21
N VAL B 359 -33.41 35.93 -27.97
CA VAL B 359 -32.59 36.44 -26.88
C VAL B 359 -31.23 35.75 -26.96
N ILE B 360 -30.18 36.54 -27.01
CA ILE B 360 -28.82 36.02 -27.14
C ILE B 360 -28.23 35.83 -25.75
N THR B 361 -27.71 34.64 -25.50
CA THR B 361 -27.01 34.40 -24.25
C THR B 361 -25.65 35.08 -24.30
N PRO B 362 -25.31 35.90 -23.31
CA PRO B 362 -24.00 36.57 -23.30
C PRO B 362 -22.88 35.65 -22.84
N TYR B 363 -21.69 36.23 -22.71
CA TYR B 363 -20.53 35.50 -22.20
C TYR B 363 -20.71 35.24 -20.70
N LEU B 364 -20.59 33.98 -20.30
CA LEU B 364 -20.80 33.62 -18.91
C LEU B 364 -19.47 33.21 -18.29
N LYS B 365 -19.09 33.90 -17.22
CA LYS B 365 -17.97 33.50 -16.40
C LYS B 365 -18.30 32.19 -15.69
N PRO B 366 -17.30 31.45 -15.20
CA PRO B 366 -17.59 30.22 -14.45
C PRO B 366 -18.33 30.51 -13.16
N ASN B 367 -19.25 29.59 -12.81
CA ASN B 367 -20.22 29.69 -11.72
C ASN B 367 -21.20 30.83 -11.94
N GLU B 368 -21.67 31.00 -13.17
CA GLU B 368 -22.74 31.93 -13.45
C GLU B 368 -23.86 31.26 -14.24
N CYS B 369 -25.07 31.76 -14.04
CA CYS B 369 -26.27 31.27 -14.68
C CYS B 369 -27.06 32.44 -15.22
N PHE B 370 -27.72 32.23 -16.34
CA PHE B 370 -28.43 33.29 -17.05
C PHE B 370 -29.90 32.94 -17.21
N GLY B 371 -30.76 33.95 -17.15
CA GLY B 371 -32.18 33.76 -17.41
C GLY B 371 -32.84 35.06 -17.81
N TRP B 372 -34.06 34.95 -18.32
CA TRP B 372 -34.75 36.10 -18.90
C TRP B 372 -36.24 35.81 -19.02
N SER B 373 -37.04 36.88 -19.04
CA SER B 373 -38.46 36.79 -19.37
C SER B 373 -38.87 38.06 -20.10
N TRP B 374 -40.00 38.01 -20.80
CA TRP B 374 -40.46 39.18 -21.55
C TRP B 374 -40.96 40.27 -20.62
N ASN B 375 -40.64 41.52 -20.96
CA ASN B 375 -41.16 42.68 -20.26
C ASN B 375 -42.25 43.36 -21.06
N ASP B 376 -41.95 43.80 -22.29
CA ASP B 376 -42.94 44.31 -23.22
C ASP B 376 -42.82 43.44 -24.46
N TYR B 377 -43.69 42.42 -24.55
CA TYR B 377 -43.59 41.40 -25.58
C TYR B 377 -43.83 41.96 -26.97
N GLN B 378 -44.76 42.91 -27.12
CA GLN B 378 -45.07 43.45 -28.43
C GLN B 378 -43.92 44.30 -28.96
N ASP B 379 -43.21 44.99 -28.08
CA ASP B 379 -42.06 45.78 -28.47
C ASP B 379 -40.76 45.00 -28.43
N SER B 380 -40.82 43.70 -28.11
CA SER B 380 -39.66 42.80 -27.96
C SER B 380 -38.66 43.34 -26.94
N ILE B 381 -39.14 43.67 -25.75
CA ILE B 381 -38.30 44.12 -24.65
C ILE B 381 -38.30 43.02 -23.59
N TYR B 382 -37.12 42.67 -23.08
CA TYR B 382 -37.02 41.63 -22.06
C TYR B 382 -36.14 42.08 -20.91
N ASP B 383 -36.43 41.55 -19.73
CA ASP B 383 -35.53 41.64 -18.60
C ASP B 383 -34.63 40.42 -18.58
N TRP B 384 -33.40 40.59 -18.12
CA TRP B 384 -32.52 39.45 -17.91
C TRP B 384 -31.89 39.56 -16.53
N TRP B 385 -31.34 38.44 -16.07
CA TRP B 385 -30.64 38.37 -14.81
C TRP B 385 -29.51 37.37 -14.88
N ILE B 386 -28.35 37.75 -14.35
CA ILE B 386 -27.21 36.86 -14.19
C ILE B 386 -26.93 36.68 -12.71
N ALA B 387 -26.87 35.44 -12.26
CA ALA B 387 -26.57 35.08 -10.88
C ALA B 387 -25.16 34.52 -10.80
N ASP B 388 -24.31 35.17 -10.00
CA ASP B 388 -22.91 34.79 -9.86
C ASP B 388 -22.75 34.13 -8.50
N PHE B 389 -22.57 32.81 -8.49
CA PHE B 389 -22.60 32.05 -7.26
C PHE B 389 -21.20 32.11 -6.66
N VAL B 390 -21.01 33.00 -5.72
CA VAL B 390 -19.73 33.19 -5.05
C VAL B 390 -19.76 32.48 -3.70
N SER B 391 -18.57 32.27 -3.14
CA SER B 391 -18.46 31.59 -1.84
C SER B 391 -19.07 32.44 -0.73
N THR B 392 -20.09 31.91 -0.10
CA THR B 392 -20.77 32.58 0.99
C THR B 392 -20.87 31.72 2.23
N GLY B 393 -20.92 30.41 2.09
CA GLY B 393 -21.19 29.52 3.20
C GLY B 393 -22.67 29.33 3.47
N ALA B 394 -23.51 30.13 2.82
CA ALA B 394 -24.94 30.08 3.08
C ALA B 394 -25.69 29.62 1.84
N PHE B 395 -26.99 29.42 2.00
CA PHE B 395 -27.78 28.72 1.02
C PHE B 395 -29.06 29.47 0.72
N VAL B 396 -29.58 29.29 -0.48
CA VAL B 396 -30.83 29.88 -0.90
C VAL B 396 -31.76 28.73 -1.23
N CYS B 397 -32.85 28.60 -0.51
CA CYS B 397 -33.76 27.49 -0.73
C CYS B 397 -35.15 28.00 -1.11
N GLU B 398 -36.00 27.08 -1.52
CA GLU B 398 -37.37 27.38 -1.85
C GLU B 398 -38.35 27.03 -0.75
N LYS B 399 -37.89 26.38 0.31
CA LYS B 399 -38.72 26.14 1.48
C LYS B 399 -37.82 25.91 2.69
N ASN B 400 -38.43 25.98 3.86
CA ASN B 400 -37.77 25.72 5.13
C ASN B 400 -37.76 24.22 5.44
N PRO B 401 -36.80 23.76 6.25
CA PRO B 401 -36.79 22.34 6.62
C PRO B 401 -37.90 21.98 7.59
N ASP B 402 -38.11 20.68 7.74
CA ASP B 402 -39.10 20.11 8.64
C ASP B 402 -38.41 19.45 9.82
N ALA B 403 -39.20 19.16 10.85
CA ALA B 403 -38.68 18.42 11.98
C ALA B 403 -38.44 16.97 11.59
N PRO B 404 -37.40 16.33 12.12
CA PRO B 404 -37.13 14.94 11.75
C PRO B 404 -38.14 13.99 12.37
N ARG B 405 -38.27 12.84 11.75
CA ARG B 405 -39.07 11.75 12.32
C ARG B 405 -38.19 10.98 13.28
N THR B 406 -38.53 11.02 14.56
CA THR B 406 -37.69 10.38 15.57
C THR B 406 -38.01 8.89 15.69
N GLY B 407 -37.04 8.14 16.17
CA GLY B 407 -37.22 6.74 16.47
C GLY B 407 -37.25 5.78 15.30
N VAL B 408 -36.76 6.19 14.13
CA VAL B 408 -36.58 5.28 12.99
C VAL B 408 -35.17 5.47 12.44
N CYS B 409 -34.62 4.42 11.85
CA CYS B 409 -33.27 4.51 11.29
C CYS B 409 -33.32 5.10 9.89
N ILE B 410 -32.63 6.22 9.70
CA ILE B 410 -32.64 7.01 8.47
C ILE B 410 -31.19 7.29 8.10
N THR B 411 -30.87 7.25 6.81
CA THR B 411 -29.60 7.79 6.34
C THR B 411 -29.73 9.30 6.22
N TYR B 412 -29.19 10.05 7.17
CA TYR B 412 -29.24 11.51 7.14
C TYR B 412 -28.03 12.10 6.44
N THR B 413 -28.18 13.34 5.99
CA THR B 413 -27.07 14.19 5.59
C THR B 413 -27.27 15.54 6.26
N ILE B 414 -26.37 15.89 7.18
CA ILE B 414 -26.46 17.11 7.96
C ILE B 414 -25.07 17.72 8.03
N GLU B 415 -24.96 18.98 7.60
CA GLU B 415 -23.72 19.76 7.56
C GLU B 415 -22.67 19.08 6.68
N LYS B 416 -23.12 18.66 5.49
CA LYS B 416 -22.33 18.04 4.42
C LYS B 416 -21.76 16.69 4.79
N VAL B 417 -22.23 16.06 5.86
CA VAL B 417 -21.72 14.79 6.32
C VAL B 417 -22.89 13.83 6.38
N THR B 418 -22.73 12.64 5.80
CA THR B 418 -23.77 11.63 5.71
C THR B 418 -23.55 10.59 6.81
N PHE B 419 -24.64 10.24 7.51
CA PHE B 419 -24.58 9.25 8.56
C PHE B 419 -25.92 8.53 8.64
N GLN B 420 -25.86 7.25 8.97
CA GLN B 420 -27.02 6.43 9.19
C GLN B 420 -27.28 6.31 10.69
N GLY B 421 -28.53 6.42 11.11
CA GLY B 421 -28.79 6.45 12.54
C GLY B 421 -30.22 6.78 12.88
N VAL B 422 -30.46 6.95 14.18
CA VAL B 422 -31.77 7.17 14.78
C VAL B 422 -31.68 8.44 15.63
N LEU B 423 -32.66 9.33 15.51
CA LEU B 423 -32.70 10.55 16.31
C LEU B 423 -33.73 10.43 17.44
N TYR B 424 -33.34 10.84 18.63
CA TYR B 424 -34.24 10.98 19.77
C TYR B 424 -34.16 12.38 20.32
N GLU B 425 -35.29 12.89 20.80
CA GLU B 425 -35.32 14.18 21.45
C GLU B 425 -34.55 14.13 22.76
N SER B 426 -33.82 15.21 23.06
CA SER B 426 -32.83 15.23 24.12
C SER B 426 -32.92 16.54 24.88
N ASN B 427 -32.54 16.50 26.16
CA ASN B 427 -32.41 17.69 26.99
C ASN B 427 -30.98 18.20 27.02
N PHE B 428 -30.13 17.72 26.13
CA PHE B 428 -28.75 18.16 26.11
C PHE B 428 -28.67 19.53 25.46
N THR B 429 -27.67 20.30 25.86
CA THR B 429 -27.43 21.63 25.33
C THR B 429 -25.97 21.76 24.95
N PHE B 430 -25.71 22.29 23.75
CA PHE B 430 -24.37 22.66 23.34
C PHE B 430 -24.45 24.06 22.75
N ALA B 431 -23.30 24.61 22.36
CA ALA B 431 -23.21 26.03 22.03
C ALA B 431 -23.93 26.37 20.73
N GLN B 432 -24.44 27.60 20.67
CA GLN B 432 -25.39 27.98 19.62
C GLN B 432 -24.71 28.17 18.28
N TYR B 433 -23.39 28.32 18.28
CA TYR B 433 -22.68 28.47 17.02
C TYR B 433 -22.62 27.16 16.24
N TYR B 434 -22.82 26.04 16.92
CA TYR B 434 -22.69 24.74 16.27
C TYR B 434 -24.04 24.08 16.05
N ASN B 435 -24.12 23.29 14.98
CA ASN B 435 -25.31 22.51 14.69
C ASN B 435 -25.09 21.02 14.87
N VAL B 436 -23.85 20.57 15.04
CA VAL B 436 -23.51 19.18 15.32
C VAL B 436 -22.50 19.17 16.46
N LEU B 437 -22.48 18.07 17.22
CA LEU B 437 -21.53 17.94 18.31
C LEU B 437 -20.90 16.56 18.32
N TYR B 438 -19.57 16.53 18.30
CA TYR B 438 -18.79 15.29 18.26
C TYR B 438 -18.22 14.98 19.64
N PHE B 439 -18.17 13.69 19.98
CA PHE B 439 -17.34 13.21 21.10
C PHE B 439 -16.20 12.41 20.48
N GLY B 440 -15.03 13.01 20.40
CA GLY B 440 -13.93 12.39 19.67
C GLY B 440 -14.20 12.45 18.19
N SER B 441 -14.34 11.29 17.55
CA SER B 441 -14.75 11.24 16.15
C SER B 441 -16.15 10.69 15.96
N GLN B 442 -16.95 10.63 17.02
CA GLN B 442 -18.30 10.08 16.96
C GLN B 442 -19.31 11.21 17.04
N LEU B 443 -20.23 11.25 16.09
CA LEU B 443 -21.32 12.22 16.11
C LEU B 443 -22.33 11.84 17.17
N LYS B 444 -22.52 12.70 18.16
CA LYS B 444 -23.40 12.43 19.29
C LYS B 444 -24.70 13.23 19.27
N TYR B 445 -24.65 14.52 18.95
CA TYR B 445 -25.81 15.39 19.00
C TYR B 445 -25.87 16.28 17.77
N VAL B 446 -27.08 16.51 17.28
CA VAL B 446 -27.33 17.50 16.24
C VAL B 446 -28.40 18.47 16.74
N ARG B 447 -28.58 19.55 16.00
CA ARG B 447 -29.61 20.55 16.29
C ARG B 447 -30.39 20.84 15.02
N ILE B 448 -31.70 20.62 15.05
CA ILE B 448 -32.54 20.86 13.90
C ILE B 448 -33.72 21.72 14.33
N LEU B 449 -33.85 22.90 13.71
CA LEU B 449 -34.91 23.88 13.97
C LEU B 449 -34.93 24.32 15.42
N GLY B 450 -33.74 24.43 16.02
CA GLY B 450 -33.61 24.86 17.38
C GLY B 450 -33.71 23.78 18.44
N LYS B 451 -34.07 22.56 18.08
CA LYS B 451 -34.20 21.45 19.01
C LYS B 451 -33.01 20.51 18.86
N VAL B 452 -32.55 19.94 19.98
CA VAL B 452 -31.36 19.09 20.03
C VAL B 452 -31.77 17.63 20.06
N TYR B 453 -31.13 16.83 19.20
CA TYR B 453 -31.40 15.41 19.06
C TYR B 453 -30.16 14.57 19.33
N GLU B 454 -30.32 13.54 20.15
CA GLU B 454 -29.30 12.52 20.31
C GLU B 454 -29.28 11.57 19.12
N VAL B 455 -28.10 11.34 18.57
CA VAL B 455 -27.90 10.42 17.47
C VAL B 455 -27.64 9.04 18.06
N ALA B 456 -28.48 8.08 17.73
CA ALA B 456 -28.28 6.74 18.23
C ALA B 456 -27.98 5.78 17.08
N PRO B 457 -27.23 4.71 17.31
CA PRO B 457 -26.97 3.75 16.22
C PRO B 457 -28.12 2.78 16.04
N CYS B 458 -28.46 2.54 14.79
CA CYS B 458 -29.41 1.47 14.48
C CYS B 458 -28.63 0.15 14.37
N PHE B 459 -28.74 -0.67 15.42
CA PHE B 459 -28.02 -1.91 15.59
C PHE B 459 -28.52 -3.03 14.69
N GLU B 460 -29.70 -2.87 14.09
CA GLU B 460 -30.36 -3.91 13.34
C GLU B 460 -30.16 -3.77 11.84
N ALA B 461 -29.14 -3.02 11.42
CA ALA B 461 -28.86 -2.84 10.01
C ALA B 461 -28.11 -4.00 9.39
N SER B 462 -27.51 -4.88 10.18
CA SER B 462 -26.67 -5.95 9.67
C SER B 462 -27.10 -7.28 10.30
N TYR B 463 -27.21 -8.32 9.48
CA TYR B 463 -27.52 -9.64 10.02
C TYR B 463 -26.81 -10.73 9.22
N ASP B 464 -26.66 -11.90 9.83
CA ASP B 464 -26.13 -13.07 9.16
C ASP B 464 -27.23 -14.11 8.98
N VAL B 465 -27.04 -15.00 8.03
CA VAL B 465 -28.00 -16.06 7.73
C VAL B 465 -27.36 -17.42 8.02
N LEU B 466 -27.99 -18.19 8.88
CA LEU B 466 -27.56 -19.53 9.29
C LEU B 466 -28.42 -20.51 8.50
N PHE B 467 -27.95 -20.84 7.31
CA PHE B 467 -28.80 -21.29 6.21
C PHE B 467 -28.68 -22.80 6.02
N ARG B 468 -29.80 -23.51 6.15
CA ARG B 468 -29.84 -24.90 5.71
C ARG B 468 -30.35 -25.00 4.28
N SER B 469 -31.53 -24.43 4.03
CA SER B 469 -32.19 -24.46 2.75
C SER B 469 -33.14 -23.29 2.70
N SER B 470 -33.92 -23.20 1.64
CA SER B 470 -34.78 -22.04 1.42
C SER B 470 -35.97 -22.03 2.37
N SER B 471 -36.22 -23.15 3.04
CA SER B 471 -37.36 -23.27 3.96
C SER B 471 -36.92 -23.44 5.40
N SER B 472 -35.63 -23.32 5.70
CA SER B 472 -35.13 -23.50 7.06
C SER B 472 -33.85 -22.70 7.22
N PHE B 473 -33.94 -21.54 7.86
CA PHE B 473 -32.77 -20.73 8.15
C PHE B 473 -32.98 -19.99 9.46
N GLY B 474 -31.88 -19.57 10.07
CA GLY B 474 -31.92 -18.78 11.27
C GLY B 474 -31.17 -17.47 11.06
N LEU B 475 -31.52 -16.47 11.84
CA LEU B 475 -30.95 -15.14 11.70
C LEU B 475 -30.16 -14.73 12.94
N LEU B 476 -29.01 -14.12 12.72
CA LEU B 476 -28.14 -13.66 13.80
C LEU B 476 -27.86 -12.18 13.62
N TYR B 477 -28.32 -11.38 14.56
CA TYR B 477 -28.09 -9.94 14.52
C TYR B 477 -26.90 -9.65 15.44
N ARG B 478 -25.69 -9.63 14.86
CA ARG B 478 -24.46 -9.72 15.62
C ARG B 478 -24.16 -8.48 16.45
N SER B 479 -24.74 -7.33 16.12
CA SER B 479 -24.46 -6.14 16.90
C SER B 479 -25.65 -5.66 17.72
N PHE B 480 -26.61 -6.52 17.99
CA PHE B 480 -27.88 -6.12 18.58
C PHE B 480 -28.14 -6.93 19.84
N ASP B 481 -28.05 -6.29 20.99
CA ASP B 481 -28.39 -6.88 22.28
C ASP B 481 -29.91 -6.80 22.49
N CYS B 482 -30.61 -7.90 22.22
CA CYS B 482 -32.07 -7.92 22.25
C CYS B 482 -32.61 -8.47 23.57
N ASN B 483 -32.23 -7.86 24.69
CA ASN B 483 -32.89 -8.21 25.93
C ASN B 483 -34.29 -7.63 25.96
N GLN B 484 -35.16 -8.24 26.77
CA GLN B 484 -36.59 -7.96 26.68
C GLN B 484 -36.94 -6.58 27.22
N LEU B 485 -36.05 -5.97 28.00
CA LEU B 485 -36.29 -4.61 28.48
C LEU B 485 -36.16 -3.59 27.35
N ARG B 486 -35.23 -3.83 26.42
CA ARG B 486 -34.95 -2.85 25.38
C ARG B 486 -36.02 -2.86 24.29
N ILE B 487 -36.39 -4.05 23.81
CA ILE B 487 -37.34 -4.13 22.70
C ILE B 487 -38.77 -3.89 23.12
N SER B 488 -39.05 -3.83 24.42
CA SER B 488 -40.39 -3.52 24.92
C SER B 488 -40.58 -2.05 25.22
N ALA B 489 -39.51 -1.26 25.22
CA ALA B 489 -39.60 0.15 25.58
C ALA B 489 -40.30 0.94 24.49
N SER B 490 -40.71 2.16 24.85
CA SER B 490 -41.22 3.11 23.87
C SER B 490 -40.13 3.63 22.96
N ARG B 491 -38.87 3.47 23.37
CA ARG B 491 -37.72 3.84 22.55
C ARG B 491 -37.65 3.00 21.28
N PHE B 492 -37.99 1.72 21.37
CA PHE B 492 -37.82 0.79 20.25
C PHE B 492 -39.17 0.47 19.58
N ALA B 493 -40.19 1.30 19.79
CA ALA B 493 -41.53 0.97 19.34
C ALA B 493 -41.64 1.01 17.81
N GLU B 494 -41.11 2.07 17.19
CA GLU B 494 -41.16 2.20 15.74
C GLU B 494 -40.15 1.32 15.02
N ARG B 495 -39.22 0.70 15.73
CA ARG B 495 -38.16 -0.08 15.13
C ARG B 495 -38.37 -1.58 15.21
N LEU B 496 -39.37 -2.03 15.97
CA LEU B 496 -39.59 -3.45 16.19
C LEU B 496 -40.16 -4.13 14.96
N LEU B 497 -39.42 -5.10 14.44
CA LEU B 497 -39.83 -6.09 13.47
C LEU B 497 -40.12 -7.40 14.18
N PRO B 498 -40.82 -8.37 13.55
CA PRO B 498 -41.05 -9.64 14.24
C PRO B 498 -39.79 -10.47 14.47
N SER B 499 -38.77 -10.30 13.63
CA SER B 499 -37.54 -11.08 13.78
C SER B 499 -36.62 -10.56 14.88
N HIS B 500 -36.93 -9.44 15.54
CA HIS B 500 -36.06 -8.98 16.60
C HIS B 500 -36.40 -9.59 17.95
N ASN B 501 -37.36 -10.49 18.02
CA ASN B 501 -37.74 -11.11 19.27
C ASN B 501 -37.08 -12.48 19.35
N GLY B 502 -35.77 -12.49 19.52
CA GLY B 502 -35.04 -13.73 19.57
C GLY B 502 -34.30 -13.90 20.88
N THR B 503 -33.22 -14.66 20.86
CA THR B 503 -32.46 -14.96 22.06
C THR B 503 -31.25 -14.05 22.11
N ALA B 504 -31.02 -13.42 23.26
CA ALA B 504 -29.83 -12.62 23.47
C ALA B 504 -28.68 -13.55 23.84
N THR B 505 -27.64 -13.55 23.01
CA THR B 505 -26.46 -14.37 23.21
C THR B 505 -25.25 -13.46 23.30
N ALA B 506 -24.09 -14.06 23.54
CA ALA B 506 -22.83 -13.32 23.46
C ALA B 506 -22.44 -13.01 22.03
N LEU B 507 -23.09 -13.61 21.05
CA LEU B 507 -22.86 -13.31 19.64
C LEU B 507 -23.86 -12.33 19.07
N GLY B 508 -24.81 -11.84 19.85
CA GLY B 508 -25.87 -11.01 19.35
C GLY B 508 -27.22 -11.70 19.48
N CYS B 509 -28.16 -11.23 18.67
CA CYS B 509 -29.55 -11.65 18.78
C CYS B 509 -29.81 -12.78 17.79
N LEU B 510 -30.18 -13.94 18.29
CA LEU B 510 -30.34 -15.16 17.49
C LEU B 510 -31.83 -15.38 17.29
N PHE B 511 -32.29 -15.35 16.04
CA PHE B 511 -33.72 -15.52 15.75
C PHE B 511 -33.95 -16.82 15.01
N ASN B 512 -35.06 -17.49 15.39
CA ASN B 512 -35.53 -18.84 15.00
C ASN B 512 -34.42 -19.84 14.74
N ALA B 513 -33.47 -19.86 15.66
CA ALA B 513 -32.54 -20.96 15.84
C ALA B 513 -32.56 -21.31 17.31
N THR B 514 -32.42 -22.58 17.64
CA THR B 514 -32.34 -22.93 19.04
C THR B 514 -30.92 -22.76 19.55
N TYR B 515 -30.81 -22.30 20.78
CA TYR B 515 -29.53 -21.96 21.39
C TYR B 515 -29.27 -22.90 22.55
N ALA B 516 -28.18 -23.66 22.44
CA ALA B 516 -27.86 -24.73 23.40
C ALA B 516 -26.39 -24.62 23.79
N PRO B 517 -26.04 -23.69 24.69
CA PRO B 517 -24.64 -23.49 25.04
C PRO B 517 -24.06 -24.52 26.01
N ASN B 518 -24.79 -25.57 26.37
CA ASN B 518 -24.21 -26.63 27.19
C ASN B 518 -23.79 -27.85 26.38
N ASP B 519 -24.23 -27.95 25.14
CA ASP B 519 -23.80 -29.04 24.30
C ASP B 519 -22.49 -28.69 23.62
N THR B 520 -21.75 -29.71 23.20
CA THR B 520 -20.41 -29.53 22.64
C THR B 520 -20.31 -30.21 21.29
N MET B 521 -19.32 -29.78 20.52
CA MET B 521 -18.97 -30.37 19.24
C MET B 521 -17.46 -30.28 19.11
N VAL B 522 -16.83 -31.40 18.79
CA VAL B 522 -15.41 -31.37 18.45
C VAL B 522 -15.22 -31.28 16.95
N ASN B 523 -16.26 -31.56 16.17
CA ASN B 523 -16.23 -31.52 14.72
C ASN B 523 -17.11 -30.35 14.30
N CYS B 524 -16.52 -29.17 14.15
CA CYS B 524 -17.25 -27.96 13.80
C CYS B 524 -16.94 -27.60 12.35
N THR B 525 -17.93 -27.76 11.48
CA THR B 525 -17.81 -27.31 10.11
C THR B 525 -18.27 -25.87 9.92
N ASN B 526 -19.08 -25.33 10.81
CA ASN B 526 -19.67 -24.00 10.65
C ASN B 526 -19.43 -23.16 11.89
N PRO B 527 -18.26 -22.53 12.01
CA PRO B 527 -17.97 -21.75 13.20
C PRO B 527 -18.65 -20.39 13.15
N LEU B 528 -19.02 -19.89 14.32
CA LEU B 528 -19.65 -18.59 14.44
C LEU B 528 -18.76 -17.55 15.08
N GLY B 529 -17.62 -17.95 15.63
CA GLY B 529 -16.83 -17.07 16.45
C GLY B 529 -17.12 -17.31 17.92
N ASP B 530 -16.14 -16.97 18.76
CA ASP B 530 -16.22 -16.99 20.23
C ASP B 530 -16.49 -18.40 20.78
N GLY B 531 -16.00 -19.42 20.10
CA GLY B 531 -16.21 -20.79 20.56
C GLY B 531 -17.59 -21.35 20.31
N PHE B 532 -18.37 -20.75 19.43
CA PHE B 532 -19.68 -21.25 19.08
C PHE B 532 -19.63 -21.85 17.68
N CYS B 533 -20.57 -22.74 17.42
CA CYS B 533 -20.64 -23.42 16.14
C CYS B 533 -22.10 -23.55 15.77
N ALA B 534 -22.38 -23.60 14.47
CA ALA B 534 -23.75 -23.76 13.99
C ALA B 534 -23.92 -25.17 13.42
N ASP B 535 -24.81 -25.95 14.02
CA ASP B 535 -25.11 -27.29 13.56
C ASP B 535 -26.29 -27.21 12.60
N LEU B 536 -26.05 -27.54 11.35
CA LEU B 536 -27.00 -27.31 10.26
C LEU B 536 -27.41 -28.63 9.62
N LEU B 537 -27.49 -29.69 10.42
CA LEU B 537 -27.84 -31.02 9.93
C LEU B 537 -29.34 -31.27 9.90
N SER B 538 -30.02 -31.17 11.05
CA SER B 538 -31.45 -31.39 11.12
C SER B 538 -32.24 -30.09 11.14
N ASN B 539 -31.96 -29.23 12.11
CA ASN B 539 -32.46 -27.88 12.16
C ASN B 539 -31.31 -27.01 12.65
N VAL B 540 -31.56 -25.73 12.83
CA VAL B 540 -30.49 -24.75 13.08
C VAL B 540 -30.27 -24.68 14.58
N VAL B 541 -29.12 -25.16 15.04
CA VAL B 541 -28.79 -25.17 16.46
C VAL B 541 -27.42 -24.50 16.62
N VAL B 542 -27.25 -23.77 17.71
CA VAL B 542 -25.97 -23.19 18.08
C VAL B 542 -25.42 -23.95 19.28
N ARG B 543 -24.27 -24.60 19.08
CA ARG B 543 -23.55 -25.35 20.12
C ARG B 543 -22.22 -24.68 20.44
N ARG B 544 -21.50 -25.27 21.39
CA ARG B 544 -20.15 -24.89 21.74
C ARG B 544 -19.13 -25.77 21.03
N MET B 545 -17.97 -25.19 20.77
CA MET B 545 -16.82 -25.93 20.28
C MET B 545 -16.00 -26.47 21.44
N THR B 546 -15.40 -27.64 21.23
CA THR B 546 -14.35 -28.12 22.10
C THR B 546 -13.15 -28.54 21.27
N PHE B 547 -12.08 -28.87 21.97
CA PHE B 547 -10.85 -29.31 21.37
C PHE B 547 -10.42 -30.58 22.07
N GLU B 548 -9.74 -31.46 21.34
CA GLU B 548 -9.29 -32.70 21.93
C GLU B 548 -8.04 -32.45 22.76
N LYS B 549 -8.03 -32.98 23.98
CA LYS B 549 -6.95 -32.75 24.92
C LYS B 549 -5.77 -33.67 24.61
N HIS B 550 -4.57 -33.11 24.57
CA HIS B 550 -3.38 -33.91 24.35
C HIS B 550 -2.56 -34.02 25.64
N ASP B 551 -1.52 -34.84 25.57
CA ASP B 551 -0.61 -35.18 26.64
C ASP B 551 0.78 -34.63 26.27
N THR B 552 1.81 -34.98 27.05
CA THR B 552 3.18 -34.54 26.83
C THR B 552 4.12 -35.74 26.91
N THR B 553 5.37 -35.56 26.49
CA THR B 553 6.38 -36.62 26.55
C THR B 553 7.34 -36.47 27.71
N TYR B 554 7.42 -35.30 28.32
CA TYR B 554 8.20 -35.13 29.53
C TYR B 554 7.62 -35.96 30.67
N VAL B 555 8.45 -36.81 31.26
CA VAL B 555 8.09 -37.58 32.44
C VAL B 555 8.84 -36.99 33.63
N ALA B 556 8.10 -36.66 34.68
CA ALA B 556 8.73 -36.13 35.87
C ALA B 556 9.51 -37.24 36.56
N PRO B 557 10.65 -36.91 37.15
CA PRO B 557 11.48 -37.97 37.75
C PRO B 557 10.86 -38.54 39.01
N VAL B 558 11.14 -39.80 39.24
CA VAL B 558 10.61 -40.53 40.38
C VAL B 558 11.65 -40.44 41.49
N THR B 559 11.32 -39.73 42.56
CA THR B 559 12.27 -39.53 43.63
C THR B 559 11.91 -40.27 44.91
N ASN B 560 10.68 -40.74 45.04
CA ASN B 560 10.29 -41.58 46.17
C ASN B 560 9.24 -42.57 45.69
N GLU B 561 8.86 -43.50 46.56
CA GLU B 561 7.86 -44.49 46.22
C GLU B 561 6.48 -43.86 46.16
N ARG B 562 5.80 -44.02 45.03
CA ARG B 562 4.49 -43.42 44.81
C ARG B 562 3.79 -44.15 43.68
N PHE B 563 2.58 -43.71 43.38
CA PHE B 563 1.83 -44.20 42.24
C PHE B 563 2.21 -43.42 40.99
N THR B 564 2.22 -44.12 39.86
CA THR B 564 2.48 -43.52 38.57
C THR B 564 1.51 -44.16 37.59
N GLU B 565 1.28 -43.46 36.49
CA GLU B 565 0.31 -43.87 35.50
C GLU B 565 1.03 -44.18 34.20
N LEU B 566 1.21 -45.48 33.91
CA LEU B 566 1.88 -45.92 32.69
C LEU B 566 0.88 -46.31 31.62
N PRO B 567 1.19 -46.07 30.35
CA PRO B 567 0.30 -46.53 29.28
C PRO B 567 0.35 -48.04 29.06
N LEU B 568 -0.78 -48.58 28.62
CA LEU B 568 -0.86 -50.00 28.29
C LEU B 568 -0.59 -50.29 26.83
N ASP B 569 -0.98 -49.38 25.93
CA ASP B 569 -0.69 -49.53 24.52
C ASP B 569 -0.72 -48.15 23.88
N HIS B 570 -0.26 -48.08 22.65
CA HIS B 570 -0.11 -46.82 21.93
C HIS B 570 -0.86 -46.84 20.61
N GLN B 571 -1.26 -45.65 20.20
CA GLN B 571 -1.91 -45.43 18.92
C GLN B 571 -0.91 -44.75 18.00
N LEU B 572 -0.76 -45.28 16.80
CA LEU B 572 0.09 -44.63 15.82
C LEU B 572 -0.71 -43.60 15.05
N VAL B 573 -0.15 -42.39 14.93
CA VAL B 573 -0.85 -41.20 14.45
C VAL B 573 -0.03 -40.57 13.34
N LEU B 574 -0.70 -40.19 12.25
CA LEU B 574 -0.13 -39.40 11.18
C LEU B 574 -0.69 -37.99 11.22
N THR B 575 0.17 -37.00 11.36
CA THR B 575 -0.21 -35.61 11.28
C THR B 575 0.51 -34.93 10.12
N GLU B 576 -0.25 -34.21 9.29
CA GLU B 576 0.28 -33.51 8.13
C GLU B 576 0.52 -32.04 8.44
N GLN B 577 1.46 -31.42 7.75
CA GLN B 577 1.80 -30.02 7.98
C GLN B 577 2.29 -29.37 6.70
N PHE B 578 1.54 -28.42 6.18
CA PHE B 578 1.90 -27.71 4.96
C PHE B 578 2.55 -26.37 5.27
N LEU B 579 3.60 -26.06 4.54
CA LEU B 579 4.33 -24.80 4.66
C LEU B 579 4.66 -24.33 3.26
N GLN B 580 4.25 -23.11 2.94
CA GLN B 580 4.55 -22.53 1.64
C GLN B 580 6.02 -22.11 1.59
N THR B 581 6.70 -22.53 0.53
CA THR B 581 8.11 -22.19 0.38
C THR B 581 8.42 -21.37 -0.85
N THR B 582 7.58 -21.36 -1.88
CA THR B 582 8.02 -20.78 -3.13
C THR B 582 6.91 -19.97 -3.79
N MET B 583 7.33 -19.11 -4.71
CA MET B 583 6.49 -18.37 -5.64
C MET B 583 7.23 -18.31 -6.97
N PRO B 584 6.54 -17.98 -8.06
CA PRO B 584 7.25 -17.63 -9.28
C PRO B 584 7.89 -16.25 -9.17
N LYS B 585 8.90 -16.04 -10.00
CA LYS B 585 9.49 -14.71 -10.10
C LYS B 585 8.72 -13.90 -11.12
N PHE B 586 8.84 -12.58 -11.02
CA PHE B 586 8.21 -11.70 -12.00
C PHE B 586 9.22 -10.71 -12.54
N SER B 587 9.15 -10.48 -13.84
CA SER B 587 9.84 -9.38 -14.48
C SER B 587 8.77 -8.45 -15.03
N ILE B 588 8.88 -7.16 -14.74
CA ILE B 588 7.83 -6.20 -15.06
C ILE B 588 8.42 -5.10 -15.93
N SER B 589 7.83 -4.88 -17.07
CA SER B 589 8.08 -3.67 -17.84
C SER B 589 6.92 -2.74 -17.53
N CYS B 590 7.15 -1.75 -16.66
CA CYS B 590 6.03 -0.96 -16.16
C CYS B 590 5.56 0.05 -17.20
N GLU B 591 6.44 0.43 -18.13
CA GLU B 591 6.01 1.26 -19.26
C GLU B 591 5.06 0.48 -20.17
N THR B 592 5.24 -0.83 -20.29
CA THR B 592 4.36 -1.61 -21.15
C THR B 592 3.02 -1.84 -20.48
N TYR B 593 3.01 -2.00 -19.15
CA TYR B 593 1.76 -2.25 -18.46
C TYR B 593 0.89 -1.00 -18.44
N ILE B 594 1.51 0.17 -18.27
CA ILE B 594 0.74 1.40 -18.17
C ILE B 594 0.39 1.93 -19.55
N CYS B 595 1.39 2.06 -20.42
CA CYS B 595 1.30 2.81 -21.67
C CYS B 595 1.73 1.88 -22.78
N ASP B 596 0.82 1.05 -23.29
CA ASP B 596 1.20 -0.18 -24.00
C ASP B 596 2.10 -0.01 -25.22
N VAL B 597 1.70 0.77 -26.22
CA VAL B 597 2.58 1.16 -27.32
C VAL B 597 2.59 2.66 -27.51
N SER B 598 1.79 3.39 -26.74
CA SER B 598 1.63 4.83 -26.89
C SER B 598 2.91 5.57 -26.51
N LYS B 599 3.55 6.22 -27.47
CA LYS B 599 4.71 7.05 -27.14
C LYS B 599 4.30 8.33 -26.43
N ALA B 600 3.07 8.78 -26.62
CA ALA B 600 2.60 9.98 -25.92
C ALA B 600 2.46 9.74 -24.43
N CYS B 601 2.01 8.54 -24.05
CA CYS B 601 1.86 8.21 -22.63
C CYS B 601 3.21 8.04 -21.95
N LYS B 602 4.18 7.43 -22.65
CA LYS B 602 5.51 7.22 -22.10
C LYS B 602 6.26 8.53 -21.90
N ASN B 603 5.95 9.55 -22.69
CA ASN B 603 6.51 10.87 -22.44
C ASN B 603 5.88 11.58 -21.25
N LEU B 604 4.77 11.07 -20.73
CA LEU B 604 4.17 11.64 -19.54
C LEU B 604 4.56 10.94 -18.25
N LEU B 605 5.27 9.81 -18.31
CA LEU B 605 5.49 9.03 -17.10
C LEU B 605 6.55 9.62 -16.20
N PHE B 606 7.41 10.50 -16.74
CA PHE B 606 8.49 11.04 -15.93
C PHE B 606 7.98 11.99 -14.85
N ARG B 607 6.76 12.51 -15.01
CA ARG B 607 6.17 13.44 -14.06
C ARG B 607 5.94 12.80 -12.71
N TYR B 608 5.63 11.52 -12.69
CA TYR B 608 5.30 10.87 -11.43
C TYR B 608 6.59 10.51 -10.72
N GLY B 609 6.60 10.72 -9.42
CA GLY B 609 7.85 10.88 -8.68
C GLY B 609 8.67 9.63 -8.54
N GLY B 610 9.23 9.17 -9.66
CA GLY B 610 10.06 7.99 -9.72
C GLY B 610 9.34 6.67 -9.64
N PHE B 611 8.08 6.62 -10.10
CA PHE B 611 7.25 5.43 -9.96
C PHE B 611 7.86 4.22 -10.66
N CYS B 612 8.25 4.38 -11.92
CA CYS B 612 8.56 3.22 -12.73
C CYS B 612 9.96 2.72 -12.40
N GLN B 613 10.81 3.59 -11.88
CA GLN B 613 12.11 3.17 -11.35
C GLN B 613 11.95 2.39 -10.05
N LYS B 614 11.00 2.79 -9.23
CA LYS B 614 10.84 2.17 -7.92
C LYS B 614 10.13 0.82 -8.01
N ILE B 615 9.19 0.68 -8.96
CA ILE B 615 8.55 -0.60 -9.23
C ILE B 615 9.56 -1.65 -9.66
N GLU B 616 10.43 -1.29 -10.61
CA GLU B 616 11.36 -2.26 -11.17
C GLU B 616 12.51 -2.59 -10.22
N ALA B 617 12.82 -1.70 -9.29
CA ALA B 617 13.76 -2.03 -8.22
C ALA B 617 13.15 -2.91 -7.14
N ASP B 618 11.86 -2.78 -6.85
CA ASP B 618 11.23 -3.56 -5.80
C ASP B 618 10.90 -4.99 -6.25
N ILE B 619 10.50 -5.18 -7.50
CA ILE B 619 10.10 -6.52 -7.90
C ILE B 619 11.33 -7.38 -8.18
N ARG B 620 12.45 -6.75 -8.53
CA ARG B 620 13.69 -7.45 -8.81
C ARG B 620 14.45 -7.79 -7.53
N GLY B 621 14.41 -6.92 -6.53
CA GLY B 621 15.06 -7.21 -5.27
C GLY B 621 14.32 -8.26 -4.48
N ALA B 622 13.00 -8.32 -4.65
CA ALA B 622 12.22 -9.35 -3.98
C ALA B 622 12.48 -10.73 -4.55
N GLY B 623 12.70 -10.83 -5.86
CA GLY B 623 13.08 -12.11 -6.45
C GLY B 623 14.48 -12.55 -6.08
N VAL B 624 15.37 -11.61 -5.79
CA VAL B 624 16.69 -11.94 -5.29
C VAL B 624 16.58 -12.54 -3.88
N LEU B 625 15.69 -12.01 -3.05
CA LEU B 625 15.47 -12.58 -1.73
C LEU B 625 14.77 -13.93 -1.82
N LEU B 626 13.88 -14.08 -2.81
CA LEU B 626 13.25 -15.38 -3.03
C LEU B 626 14.27 -16.42 -3.50
N ASP B 627 15.17 -16.04 -4.40
CA ASP B 627 16.17 -17.00 -4.86
C ASP B 627 17.17 -17.31 -3.78
N SER B 628 17.47 -16.37 -2.90
CA SER B 628 18.39 -16.62 -1.79
C SER B 628 17.81 -17.58 -0.76
N ASP B 629 16.48 -17.61 -0.62
CA ASP B 629 15.88 -18.52 0.35
C ASP B 629 15.74 -19.92 -0.22
N VAL B 630 15.29 -20.01 -1.47
CA VAL B 630 15.06 -21.30 -2.12
C VAL B 630 16.38 -22.04 -2.32
N SER B 631 17.47 -21.32 -2.57
CA SER B 631 18.78 -21.95 -2.69
C SER B 631 19.26 -22.54 -1.37
N GLY B 632 19.02 -21.82 -0.26
CA GLY B 632 19.38 -22.36 1.04
C GLY B 632 18.56 -23.57 1.42
N LEU B 633 17.29 -23.59 1.00
CA LEU B 633 16.44 -24.74 1.23
C LEU B 633 16.95 -25.98 0.51
N TYR B 634 17.37 -25.86 -0.75
CA TYR B 634 17.81 -27.02 -1.50
C TYR B 634 19.23 -27.45 -1.18
N SER B 635 20.02 -26.62 -0.52
CA SER B 635 21.27 -27.16 -0.02
C SER B 635 21.06 -27.90 1.30
N THR B 636 20.02 -27.55 2.05
CA THR B 636 19.58 -28.33 3.21
C THR B 636 18.92 -29.64 2.80
N ILE B 637 18.14 -29.63 1.72
CA ILE B 637 17.44 -30.84 1.27
C ILE B 637 18.43 -31.89 0.74
N ALA B 638 19.49 -31.46 0.06
CA ALA B 638 20.40 -32.38 -0.63
C ALA B 638 21.29 -33.09 0.38
N ALA B 639 21.24 -34.41 0.40
CA ALA B 639 21.79 -35.18 1.50
C ALA B 639 22.30 -36.54 0.99
N LYS B 640 23.26 -37.09 1.70
CA LYS B 640 23.90 -38.33 1.30
C LYS B 640 23.05 -39.55 1.62
N THR B 641 23.05 -40.51 0.72
CA THR B 641 22.45 -41.81 0.95
C THR B 641 23.54 -42.82 1.25
N SER B 642 23.12 -43.99 1.71
CA SER B 642 24.04 -45.11 1.85
C SER B 642 24.31 -45.74 0.48
N SER B 643 25.54 -46.20 0.31
CA SER B 643 25.94 -46.84 -0.94
C SER B 643 25.25 -48.19 -1.14
N ILE B 644 24.85 -48.85 -0.05
CA ILE B 644 24.00 -50.02 -0.11
C ILE B 644 22.62 -49.62 0.37
N THR B 645 21.62 -49.75 -0.49
CA THR B 645 20.28 -49.29 -0.15
C THR B 645 19.60 -50.31 0.75
N PRO B 646 19.09 -49.90 1.92
CA PRO B 646 18.40 -50.85 2.78
C PRO B 646 17.09 -51.31 2.19
N THR B 647 16.61 -52.47 2.64
CA THR B 647 15.38 -53.02 2.11
C THR B 647 14.22 -52.69 3.02
N THR B 648 13.15 -52.19 2.42
CA THR B 648 11.89 -51.99 3.12
C THR B 648 11.19 -53.33 3.14
N ASP B 649 10.97 -53.87 4.33
CA ASP B 649 10.47 -55.24 4.42
C ASP B 649 8.96 -55.26 4.24
N ARG B 650 8.24 -54.65 5.16
CA ARG B 650 6.79 -54.61 5.10
C ARG B 650 6.29 -53.18 5.15
N PHE B 651 7.18 -52.22 5.37
CA PHE B 651 6.88 -50.81 5.31
C PHE B 651 6.79 -50.40 3.84
N ASN B 652 5.63 -49.93 3.41
CA ASN B 652 5.43 -49.53 2.01
C ASN B 652 5.76 -48.05 1.82
N VAL B 653 7.03 -47.72 1.97
CA VAL B 653 7.42 -46.33 1.82
C VAL B 653 7.79 -46.03 0.36
N SER B 654 8.35 -47.01 -0.36
CA SER B 654 8.74 -46.74 -1.74
C SER B 654 7.55 -46.63 -2.69
N GLN B 655 6.43 -47.27 -2.36
CA GLN B 655 5.26 -47.21 -3.23
C GLN B 655 4.54 -45.87 -3.13
N PHE B 656 4.76 -45.13 -2.05
CA PHE B 656 4.03 -43.90 -1.80
C PHE B 656 4.89 -42.65 -1.85
N PHE B 657 6.14 -42.71 -1.43
CA PHE B 657 6.94 -41.51 -1.28
C PHE B 657 8.02 -41.34 -2.33
N LEU B 658 8.32 -42.30 -3.00
CA LEU B 658 9.37 -42.39 -4.00
C LEU B 658 8.80 -42.25 -5.39
N PRO B 659 9.60 -41.67 -6.32
CA PRO B 659 9.10 -41.39 -7.67
C PRO B 659 8.66 -42.64 -8.39
N LYS B 660 7.62 -42.48 -9.22
CA LYS B 660 7.03 -43.61 -9.91
C LYS B 660 7.95 -44.09 -11.03
N VAL B 661 8.11 -45.40 -11.12
CA VAL B 661 8.99 -45.98 -12.11
C VAL B 661 8.35 -45.88 -13.48
N GLN B 662 9.17 -45.62 -14.50
CA GLN B 662 8.69 -45.38 -15.85
C GLN B 662 8.05 -46.64 -16.42
N SER B 663 6.78 -46.53 -16.79
CA SER B 663 6.02 -47.66 -17.29
C SER B 663 6.34 -47.91 -18.77
N ASN B 664 5.52 -48.73 -19.43
CA ASN B 664 5.69 -49.03 -20.85
C ASN B 664 5.10 -47.92 -21.72
N SER B 665 5.69 -46.73 -21.58
CA SER B 665 5.20 -45.50 -22.19
C SER B 665 6.29 -44.45 -22.08
N GLU B 666 6.47 -43.67 -23.14
CA GLU B 666 7.47 -42.60 -23.15
C GLU B 666 6.88 -41.30 -22.57
N ARG B 667 6.37 -41.42 -21.35
CA ARG B 667 5.82 -40.29 -20.59
C ARG B 667 6.48 -40.36 -19.22
N PHE B 668 7.65 -39.73 -19.10
CA PHE B 668 8.41 -39.77 -17.87
C PHE B 668 7.73 -38.97 -16.77
N GLU B 669 7.74 -39.49 -15.55
CA GLU B 669 7.14 -38.84 -14.40
C GLU B 669 8.15 -38.78 -13.27
N SER B 670 8.30 -37.59 -12.68
CA SER B 670 9.21 -37.40 -11.56
C SER B 670 8.53 -37.46 -10.21
N ARG B 671 7.20 -37.45 -10.15
CA ARG B 671 6.46 -37.36 -8.91
C ARG B 671 6.19 -38.74 -8.33
N SER B 672 6.02 -38.77 -7.00
CA SER B 672 5.53 -39.95 -6.31
C SER B 672 4.01 -39.98 -6.36
N VAL B 673 3.44 -41.05 -5.80
CA VAL B 673 1.99 -41.23 -5.78
C VAL B 673 1.34 -40.19 -4.87
N ILE B 674 1.97 -39.89 -3.73
CA ILE B 674 1.43 -38.90 -2.81
C ILE B 674 1.50 -37.51 -3.43
N GLU B 675 2.61 -37.19 -4.11
CA GLU B 675 2.78 -35.88 -4.72
C GLU B 675 1.75 -35.63 -5.83
N ASP B 676 1.33 -36.69 -6.54
CA ASP B 676 0.30 -36.53 -7.54
C ASP B 676 -1.07 -36.27 -6.93
N LEU B 677 -1.40 -36.98 -5.86
CA LEU B 677 -2.68 -36.78 -5.19
C LEU B 677 -2.81 -35.39 -4.59
N LEU B 678 -1.70 -34.77 -4.20
CA LEU B 678 -1.81 -33.44 -3.64
C LEU B 678 -2.09 -32.40 -4.71
N PHE B 679 -1.54 -32.56 -5.91
CA PHE B 679 -1.87 -31.68 -7.03
C PHE B 679 -3.30 -31.86 -7.53
N SER B 680 -3.83 -33.08 -7.50
CA SER B 680 -5.12 -33.36 -8.13
C SER B 680 -6.32 -33.11 -7.21
N LYS B 681 -6.13 -33.02 -5.90
CA LYS B 681 -7.23 -32.71 -5.01
C LYS B 681 -7.48 -31.21 -4.83
N ILE B 682 -6.61 -30.36 -5.35
CA ILE B 682 -6.81 -28.92 -5.24
C ILE B 682 -7.79 -28.47 -6.30
N GLU B 683 -8.84 -27.76 -5.90
CA GLU B 683 -9.89 -27.34 -6.81
C GLU B 683 -9.40 -26.30 -7.81
N THR B 684 -10.11 -26.22 -8.93
CA THR B 684 -9.79 -25.23 -9.94
C THR B 684 -10.31 -23.85 -9.52
N THR B 685 -9.76 -22.83 -10.16
CA THR B 685 -10.25 -21.47 -9.97
C THR B 685 -11.01 -20.97 -11.20
N GLY B 686 -11.35 -21.84 -12.13
CA GLY B 686 -12.14 -21.47 -13.27
C GLY B 686 -11.29 -21.14 -14.47
N PRO B 687 -11.89 -20.56 -15.51
CA PRO B 687 -11.11 -20.12 -16.67
C PRO B 687 -10.28 -18.89 -16.34
N GLY B 688 -9.20 -18.71 -17.07
CA GLY B 688 -8.36 -17.56 -16.90
C GLY B 688 -6.90 -17.93 -17.06
N PHE B 689 -6.04 -16.95 -16.79
CA PHE B 689 -4.61 -17.15 -16.96
C PHE B 689 -4.01 -18.00 -15.85
N TYR B 690 -4.46 -17.82 -14.61
CA TYR B 690 -3.86 -18.58 -13.51
C TYR B 690 -4.29 -20.04 -13.56
N GLY B 691 -5.54 -20.30 -13.95
CA GLY B 691 -5.98 -21.68 -14.09
C GLY B 691 -5.27 -22.38 -15.23
N ASP B 692 -4.88 -21.63 -16.26
CA ASP B 692 -3.99 -22.17 -17.29
C ASP B 692 -2.60 -22.42 -16.74
N TYR B 693 -2.15 -21.60 -15.79
CA TYR B 693 -0.81 -21.79 -15.22
C TYR B 693 -0.78 -23.01 -14.30
N TYR B 694 -1.83 -23.19 -13.49
CA TYR B 694 -1.88 -24.30 -12.55
C TYR B 694 -1.94 -25.63 -13.28
N ASN B 695 -2.72 -25.69 -14.35
CA ASN B 695 -2.90 -26.94 -15.07
C ASN B 695 -1.66 -27.32 -15.87
N CYS B 696 -0.80 -26.35 -16.19
CA CYS B 696 0.49 -26.69 -16.79
C CYS B 696 1.42 -27.30 -15.74
N LYS B 697 1.38 -26.77 -14.52
CA LYS B 697 2.19 -27.32 -13.44
C LYS B 697 1.66 -28.67 -12.97
N LYS B 698 0.34 -28.84 -12.97
CA LYS B 698 -0.25 -30.10 -12.58
C LYS B 698 0.03 -31.21 -13.59
N ASN B 699 0.00 -30.88 -14.88
CA ASN B 699 0.14 -31.92 -15.89
C ASN B 699 1.57 -32.38 -16.04
N ALA B 700 2.54 -31.49 -15.81
CA ALA B 700 3.97 -31.79 -15.73
C ALA B 700 4.52 -32.47 -16.99
N ILE B 701 4.13 -31.94 -18.14
CA ILE B 701 4.55 -32.47 -19.43
C ILE B 701 6.01 -32.12 -19.67
N GLN B 702 6.79 -33.09 -20.13
CA GLN B 702 8.22 -32.93 -20.32
C GLN B 702 8.54 -31.95 -21.44
N ASP B 703 9.48 -31.05 -21.17
CA ASP B 703 10.01 -30.06 -22.13
C ASP B 703 8.94 -29.08 -22.61
N LEU B 704 7.93 -28.82 -21.79
CA LEU B 704 6.88 -27.87 -22.10
C LEU B 704 6.99 -26.69 -21.14
N THR B 705 7.11 -25.49 -21.70
CA THR B 705 7.26 -24.31 -20.87
C THR B 705 5.92 -23.89 -20.27
N CYS B 706 5.94 -23.45 -19.02
CA CYS B 706 4.76 -22.94 -18.34
C CYS B 706 4.81 -21.43 -18.14
N ALA B 707 5.85 -20.76 -18.62
CA ALA B 707 5.96 -19.32 -18.50
C ALA B 707 4.93 -18.62 -19.38
N GLN B 708 4.38 -17.52 -18.88
CA GLN B 708 3.44 -16.72 -19.64
C GLN B 708 3.95 -15.29 -19.70
N TYR B 709 3.50 -14.56 -20.72
CA TYR B 709 3.76 -13.15 -20.85
C TYR B 709 2.45 -12.43 -21.16
N HIS B 710 2.14 -11.38 -20.42
CA HIS B 710 0.94 -10.60 -20.67
C HIS B 710 1.24 -9.16 -20.28
N ASN B 711 1.18 -8.26 -21.27
CA ASN B 711 1.05 -6.83 -21.04
C ASN B 711 2.28 -6.24 -20.37
N GLY B 712 3.44 -6.81 -20.66
CA GLY B 712 4.67 -6.37 -20.04
C GLY B 712 5.10 -7.16 -18.83
N ILE B 713 4.45 -8.27 -18.51
CA ILE B 713 4.71 -9.02 -17.28
C ILE B 713 5.12 -10.44 -17.64
N LEU B 714 6.35 -10.81 -17.28
CA LEU B 714 6.86 -12.15 -17.49
C LEU B 714 6.79 -12.94 -16.19
N VAL B 715 6.37 -14.19 -16.28
CA VAL B 715 6.28 -15.12 -15.16
C VAL B 715 7.41 -16.12 -15.30
N ILE B 716 8.44 -16.00 -14.47
CA ILE B 716 9.67 -16.78 -14.60
C ILE B 716 9.71 -17.79 -13.46
N PRO B 717 10.18 -19.01 -13.67
CA PRO B 717 10.33 -19.95 -12.56
C PRO B 717 11.38 -19.48 -11.59
N PRO B 718 11.29 -19.88 -10.32
CA PRO B 718 12.39 -19.60 -9.38
C PRO B 718 13.59 -20.49 -9.64
N VAL B 719 14.61 -20.40 -8.79
CA VAL B 719 15.90 -21.04 -9.05
C VAL B 719 15.82 -22.56 -9.02
N MET B 720 14.89 -23.14 -8.24
CA MET B 720 14.76 -24.60 -8.30
C MET B 720 13.41 -25.11 -8.72
N ASP B 721 12.31 -24.50 -8.29
CA ASP B 721 10.92 -24.85 -8.67
C ASP B 721 10.54 -26.28 -8.28
N ALA B 722 10.19 -26.41 -6.99
CA ALA B 722 9.65 -27.63 -6.40
C ALA B 722 8.51 -28.28 -7.18
N GLU B 723 7.73 -27.51 -7.92
CA GLU B 723 6.55 -28.01 -8.61
C GLU B 723 6.85 -28.93 -9.79
N THR B 724 8.09 -29.04 -10.27
CA THR B 724 8.45 -30.03 -11.29
C THR B 724 9.32 -31.16 -10.77
N LEU B 725 9.62 -31.19 -9.47
CA LEU B 725 10.54 -32.17 -8.92
C LEU B 725 9.81 -33.15 -8.01
N GLY B 726 10.30 -34.38 -7.96
CA GLY B 726 9.98 -35.30 -6.89
C GLY B 726 10.99 -35.08 -5.77
N MET B 727 10.51 -35.24 -4.52
CA MET B 727 11.35 -34.99 -3.35
C MET B 727 12.50 -35.97 -3.25
N TYR B 728 12.25 -37.24 -3.51
CA TYR B 728 13.27 -38.27 -3.29
C TYR B 728 13.87 -38.81 -4.59
N GLY B 729 13.85 -38.02 -5.65
CA GLY B 729 14.62 -38.37 -6.83
C GLY B 729 15.35 -37.14 -7.36
N GLY B 730 16.03 -37.29 -8.49
CA GLY B 730 16.56 -36.13 -9.17
C GLY B 730 18.01 -35.79 -8.82
N ILE B 731 18.39 -34.58 -9.22
CA ILE B 731 19.76 -34.12 -9.01
C ILE B 731 19.96 -33.67 -7.58
N ALA B 732 18.95 -33.00 -7.02
CA ALA B 732 19.00 -32.47 -5.65
C ALA B 732 18.21 -33.32 -4.68
N ALA B 733 18.34 -34.65 -4.78
CA ALA B 733 17.48 -35.58 -4.06
C ALA B 733 17.67 -35.52 -2.55
N ALA B 734 16.57 -35.72 -1.83
CA ALA B 734 16.56 -35.84 -0.39
C ALA B 734 16.80 -37.29 0.00
N SER B 735 17.35 -37.46 1.19
CA SER B 735 17.64 -38.79 1.72
C SER B 735 16.40 -39.34 2.39
N LEU B 736 16.10 -40.60 2.10
CA LEU B 736 14.98 -41.27 2.72
C LEU B 736 15.36 -41.92 4.05
N THR B 737 16.65 -42.17 4.25
CA THR B 737 17.11 -43.01 5.33
C THR B 737 17.81 -42.26 6.44
N LEU B 738 18.05 -40.96 6.27
CA LEU B 738 19.04 -40.27 7.08
C LEU B 738 18.57 -40.05 8.52
N GLY B 739 17.25 -39.97 8.75
CA GLY B 739 16.79 -39.66 10.09
C GLY B 739 16.38 -40.84 10.93
N ILE B 740 16.29 -42.04 10.36
CA ILE B 740 16.10 -43.22 11.18
C ILE B 740 17.26 -44.21 11.07
N PHE B 741 17.98 -44.26 9.96
CA PHE B 741 19.21 -45.04 9.89
C PHE B 741 20.42 -44.25 10.35
N GLY B 742 20.31 -42.93 10.45
CA GLY B 742 21.41 -42.10 10.91
C GLY B 742 22.47 -41.83 9.86
N GLY B 743 23.49 -41.11 10.30
CA GLY B 743 24.62 -40.73 9.48
C GLY B 743 25.81 -41.65 9.46
N GLN B 744 25.75 -42.79 10.14
CA GLN B 744 26.77 -43.83 10.06
C GLN B 744 26.08 -45.11 9.63
N ALA B 745 26.19 -45.43 8.35
CA ALA B 745 25.34 -46.44 7.73
C ALA B 745 25.75 -47.85 8.11
N GLY B 746 24.85 -48.80 7.88
CA GLY B 746 25.12 -50.19 8.18
C GLY B 746 23.94 -50.99 8.67
N ILE B 747 22.89 -50.34 9.13
CA ILE B 747 21.65 -51.05 9.46
C ILE B 747 21.01 -51.54 8.18
N THR B 748 20.79 -52.86 8.10
CA THR B 748 20.48 -53.48 6.82
C THR B 748 19.03 -53.30 6.41
N THR B 749 18.08 -53.33 7.33
CA THR B 749 16.66 -53.32 6.96
C THR B 749 15.90 -52.26 7.74
N TRP B 750 14.70 -51.98 7.26
CA TRP B 750 13.77 -51.09 7.95
C TRP B 750 13.23 -51.73 9.22
N SER B 751 13.10 -53.05 9.27
CA SER B 751 12.66 -53.72 10.49
C SER B 751 13.69 -53.59 11.60
N LEU B 752 14.97 -53.65 11.26
CA LEU B 752 16.00 -53.47 12.27
C LEU B 752 16.17 -52.01 12.64
N ALA B 753 15.81 -51.10 11.75
CA ALA B 753 15.91 -49.69 12.09
C ALA B 753 14.76 -49.27 12.99
N MET B 754 13.56 -49.79 12.72
CA MET B 754 12.39 -49.47 13.52
C MET B 754 12.43 -50.13 14.88
N ALA B 755 13.05 -51.30 15.01
CA ALA B 755 13.22 -51.92 16.31
C ALA B 755 14.14 -51.11 17.21
N GLY B 756 15.23 -50.59 16.66
CA GLY B 756 16.08 -49.69 17.41
C GLY B 756 15.40 -48.37 17.77
N ARG B 757 14.50 -47.89 16.93
CA ARG B 757 13.76 -46.66 17.24
C ARG B 757 12.73 -46.89 18.33
N LEU B 758 12.08 -48.06 18.35
CA LEU B 758 11.15 -48.36 19.42
C LEU B 758 11.88 -48.58 20.75
N ASN B 759 13.10 -49.11 20.69
CA ASN B 759 13.93 -49.27 21.88
C ASN B 759 14.33 -47.92 22.46
N ALA B 760 14.72 -46.97 21.60
CA ALA B 760 15.13 -45.66 22.08
C ALA B 760 13.97 -44.79 22.51
N LEU B 761 12.74 -45.13 22.13
CA LEU B 761 11.60 -44.40 22.65
C LEU B 761 11.06 -45.02 23.93
N GLY B 762 11.65 -46.11 24.39
CA GLY B 762 11.27 -46.70 25.65
C GLY B 762 9.94 -47.42 25.68
N VAL B 763 9.51 -48.01 24.58
CA VAL B 763 8.22 -48.70 24.56
C VAL B 763 8.39 -50.21 24.45
N VAL B 764 9.49 -50.69 23.90
CA VAL B 764 9.84 -52.12 23.87
C VAL B 764 11.32 -52.21 24.16
N GLN B 765 11.75 -53.13 25.01
CA GLN B 765 13.19 -53.31 25.21
C GLN B 765 13.85 -53.96 24.01
N ASN B 766 13.31 -55.06 23.51
CA ASN B 766 13.90 -55.80 22.41
C ASN B 766 12.76 -56.22 21.50
N ALA B 767 12.62 -55.56 20.36
CA ALA B 767 11.42 -55.71 19.55
C ALA B 767 11.44 -57.03 18.79
N LEU B 768 10.36 -57.79 18.94
CA LEU B 768 10.19 -59.01 18.18
C LEU B 768 9.51 -58.72 16.85
N VAL B 769 9.25 -59.78 16.09
CA VAL B 769 8.71 -59.63 14.75
C VAL B 769 7.25 -59.20 14.79
N ASP B 770 6.51 -59.56 15.85
CA ASP B 770 5.14 -59.08 15.99
C ASP B 770 5.08 -57.62 16.41
N ASP B 771 6.10 -57.13 17.12
CA ASP B 771 6.10 -55.71 17.51
C ASP B 771 6.39 -54.82 16.31
N VAL B 772 7.25 -55.28 15.41
CA VAL B 772 7.62 -54.50 14.23
C VAL B 772 6.56 -54.60 13.15
N ASN B 773 5.90 -55.77 13.03
CA ASN B 773 4.82 -55.91 12.05
C ASN B 773 3.61 -55.09 12.43
N LYS B 774 3.32 -54.99 13.72
CA LYS B 774 2.25 -54.13 14.21
C LYS B 774 2.52 -52.67 13.89
N LEU B 775 3.78 -52.25 13.92
CA LEU B 775 4.15 -50.90 13.51
C LEU B 775 4.11 -50.75 12.00
N ALA B 776 4.38 -51.83 11.25
CA ALA B 776 4.35 -51.73 9.79
C ALA B 776 2.93 -51.71 9.27
N ASN B 777 1.99 -52.34 9.96
CA ASN B 777 0.60 -52.30 9.53
C ASN B 777 0.00 -50.93 9.79
N GLY B 778 0.30 -50.37 10.96
CA GLY B 778 -0.22 -49.06 11.30
C GLY B 778 0.36 -47.95 10.44
N PHE B 779 1.61 -48.11 10.00
CA PHE B 779 2.17 -47.19 9.03
C PHE B 779 1.43 -47.27 7.69
N ASN B 780 1.16 -48.49 7.22
CA ASN B 780 0.64 -48.68 5.86
C ASN B 780 -0.83 -48.29 5.78
N GLN B 781 -1.59 -48.46 6.86
CA GLN B 781 -2.98 -48.03 6.86
C GLN B 781 -3.07 -46.51 6.86
N LEU B 782 -2.25 -45.82 7.65
CA LEU B 782 -2.26 -44.36 7.66
C LEU B 782 -1.83 -43.77 6.33
N THR B 783 -0.78 -44.34 5.72
CA THR B 783 -0.28 -43.84 4.45
C THR B 783 -1.29 -44.07 3.33
N ALA B 784 -2.05 -45.16 3.39
CA ALA B 784 -3.13 -45.36 2.43
C ALA B 784 -4.33 -44.46 2.71
N SER B 785 -4.41 -43.85 3.89
CA SER B 785 -5.55 -42.99 4.17
C SER B 785 -5.31 -41.58 3.66
N VAL B 786 -4.10 -41.28 3.19
CA VAL B 786 -3.81 -39.97 2.62
C VAL B 786 -4.55 -39.80 1.29
N GLY B 787 -4.74 -40.91 0.57
CA GLY B 787 -5.45 -40.88 -0.70
C GLY B 787 -6.94 -40.70 -0.62
N LYS B 788 -7.48 -40.61 0.60
CA LYS B 788 -8.89 -40.37 0.83
C LYS B 788 -9.16 -39.07 1.54
N LEU B 789 -8.14 -38.21 1.68
CA LEU B 789 -8.34 -36.89 2.24
C LEU B 789 -9.23 -36.05 1.33
N ALA B 790 -10.27 -35.47 1.91
CA ALA B 790 -11.12 -34.53 1.21
C ALA B 790 -10.68 -33.12 1.54
N LEU B 791 -11.11 -32.17 0.71
CA LEU B 791 -10.79 -30.78 1.00
C LEU B 791 -11.55 -30.27 2.21
N THR B 792 -12.75 -30.78 2.46
CA THR B 792 -13.58 -30.24 3.53
C THR B 792 -13.11 -30.66 4.91
N THR B 793 -12.36 -31.77 5.01
CA THR B 793 -11.96 -32.31 6.29
C THR B 793 -10.49 -32.15 6.61
N SER B 794 -9.64 -31.94 5.61
CA SER B 794 -8.19 -31.92 5.79
C SER B 794 -7.71 -30.49 5.91
N SER B 795 -7.17 -30.13 7.07
CA SER B 795 -6.64 -28.80 7.28
C SER B 795 -5.32 -28.56 6.56
N ALA B 796 -4.67 -29.62 6.06
CA ALA B 796 -3.49 -29.42 5.24
C ALA B 796 -3.86 -29.14 3.79
N LEU B 797 -4.88 -29.82 3.27
CA LEU B 797 -5.39 -29.49 1.94
C LEU B 797 -6.05 -28.11 1.93
N GLN B 798 -6.63 -27.69 3.05
CA GLN B 798 -7.23 -26.37 3.16
C GLN B 798 -6.17 -25.27 3.18
N ALA B 799 -4.98 -25.57 3.70
CA ALA B 799 -3.93 -24.58 3.71
C ALA B 799 -3.32 -24.42 2.32
N ILE B 800 -3.38 -25.46 1.49
CA ILE B 800 -2.88 -25.34 0.13
C ILE B 800 -3.86 -24.55 -0.73
N GLN B 801 -5.16 -24.84 -0.59
CA GLN B 801 -6.21 -24.18 -1.35
C GLN B 801 -6.27 -22.69 -1.04
N ALA B 802 -5.97 -22.31 0.20
CA ALA B 802 -5.91 -20.89 0.56
C ALA B 802 -4.78 -20.16 -0.17
N VAL B 803 -3.68 -20.85 -0.47
CA VAL B 803 -2.62 -20.22 -1.23
C VAL B 803 -3.01 -20.11 -2.69
N VAL B 804 -3.63 -21.16 -3.22
CA VAL B 804 -4.06 -21.20 -4.60
C VAL B 804 -5.20 -20.22 -4.85
N ASN B 805 -6.06 -19.98 -3.85
CA ASN B 805 -7.13 -19.01 -4.04
C ASN B 805 -6.62 -17.59 -3.98
N GLN B 806 -5.59 -17.32 -3.16
CA GLN B 806 -5.05 -15.96 -3.12
C GLN B 806 -4.26 -15.64 -4.37
N ASN B 807 -3.69 -16.64 -5.05
CA ASN B 807 -2.96 -16.34 -6.28
C ASN B 807 -3.90 -15.98 -7.42
N ALA B 808 -5.06 -16.65 -7.51
CA ALA B 808 -6.01 -16.34 -8.57
C ALA B 808 -6.63 -14.96 -8.39
N ALA B 809 -6.89 -14.55 -7.15
CA ALA B 809 -7.50 -13.25 -6.88
C ALA B 809 -6.56 -12.11 -7.20
N GLN B 810 -5.26 -12.35 -7.07
CA GLN B 810 -4.25 -11.36 -7.43
C GLN B 810 -4.10 -11.26 -8.94
N VAL B 811 -4.28 -12.38 -9.65
CA VAL B 811 -4.14 -12.37 -11.10
C VAL B 811 -5.30 -11.64 -11.75
N GLU B 812 -6.53 -11.84 -11.23
CA GLU B 812 -7.70 -11.13 -11.73
C GLU B 812 -7.55 -9.63 -11.56
N SER B 813 -6.87 -9.20 -10.50
CA SER B 813 -6.66 -7.79 -10.24
C SER B 813 -5.76 -7.16 -11.30
N LEU B 814 -4.73 -7.89 -11.74
CA LEU B 814 -3.88 -7.41 -12.82
C LEU B 814 -4.59 -7.47 -14.16
N VAL B 815 -5.46 -8.46 -14.36
CA VAL B 815 -6.23 -8.53 -15.59
C VAL B 815 -7.27 -7.42 -15.66
N SER B 816 -7.95 -7.13 -14.55
CA SER B 816 -8.93 -6.05 -14.52
C SER B 816 -8.30 -4.66 -14.62
N GLY B 817 -7.04 -4.51 -14.23
CA GLY B 817 -6.40 -3.21 -14.23
C GLY B 817 -6.09 -2.66 -15.61
N ILE B 818 -6.07 -3.51 -16.61
CA ILE B 818 -5.89 -3.11 -18.00
C ILE B 818 -7.13 -3.37 -18.84
N THR B 819 -8.19 -3.89 -18.25
CA THR B 819 -9.44 -4.02 -18.99
C THR B 819 -10.33 -2.81 -18.84
N GLU B 820 -10.42 -2.24 -17.65
CA GLU B 820 -11.36 -1.18 -17.34
C GLU B 820 -10.75 0.18 -17.69
N ASN B 821 -11.59 1.21 -17.81
CA ASN B 821 -11.11 2.48 -18.33
C ASN B 821 -11.00 3.58 -17.28
N PHE B 822 -11.41 3.30 -16.03
CA PHE B 822 -11.26 4.20 -14.87
C PHE B 822 -11.98 5.55 -15.03
N GLY B 823 -12.92 5.62 -15.98
CA GLY B 823 -13.62 6.85 -16.27
C GLY B 823 -13.25 7.55 -17.55
N ALA B 824 -12.12 7.22 -18.17
CA ALA B 824 -11.77 7.80 -19.44
C ALA B 824 -12.59 7.17 -20.56
N ILE B 825 -12.63 7.86 -21.70
CA ILE B 825 -13.47 7.44 -22.82
C ILE B 825 -12.97 6.19 -23.52
N SER B 826 -11.70 5.81 -23.34
CA SER B 826 -11.15 4.63 -23.98
C SER B 826 -9.90 4.23 -23.21
N THR B 827 -9.42 3.02 -23.45
CA THR B 827 -8.09 2.65 -23.02
C THR B 827 -7.03 2.94 -24.07
N ASN B 828 -7.41 3.46 -25.24
CA ASN B 828 -6.45 3.85 -26.26
C ASN B 828 -6.10 5.32 -26.04
N PHE B 829 -4.80 5.60 -25.88
CA PHE B 829 -4.36 6.95 -25.60
C PHE B 829 -4.49 7.86 -26.80
N LYS B 830 -4.28 7.34 -28.01
CA LYS B 830 -4.35 8.17 -29.19
C LYS B 830 -5.79 8.57 -29.50
N VAL B 831 -6.74 7.71 -29.13
CA VAL B 831 -8.16 8.05 -29.22
C VAL B 831 -8.49 9.25 -28.34
N ILE B 832 -7.95 9.25 -27.12
CA ILE B 832 -8.27 10.28 -26.12
C ILE B 832 -7.80 11.65 -26.59
N SER B 833 -6.56 11.73 -27.07
CA SER B 833 -6.03 13.02 -27.49
C SER B 833 -6.65 13.49 -28.80
N GLN B 834 -7.18 12.59 -29.62
CA GLN B 834 -7.80 13.00 -30.87
C GLN B 834 -9.21 13.52 -30.72
N ARG B 835 -10.00 13.04 -29.77
CA ARG B 835 -11.38 13.46 -29.69
C ARG B 835 -11.63 14.62 -28.74
N LEU B 836 -10.79 14.80 -27.73
CA LEU B 836 -11.00 15.80 -26.70
C LEU B 836 -10.11 17.01 -26.97
N ASP B 837 -10.39 18.10 -26.26
CA ASP B 837 -9.48 19.23 -26.31
C ASP B 837 -8.35 19.02 -25.30
N LYS B 838 -7.44 20.00 -25.22
CA LYS B 838 -6.19 19.82 -24.48
C LYS B 838 -6.40 19.66 -22.98
N LEU B 839 -7.36 20.37 -22.42
CA LEU B 839 -7.58 20.30 -20.98
C LEU B 839 -8.24 18.99 -20.60
N GLU B 840 -9.21 18.53 -21.39
CA GLU B 840 -9.92 17.31 -21.04
C GLU B 840 -9.15 16.06 -21.42
N ALA B 841 -8.25 16.16 -22.42
CA ALA B 841 -7.39 15.03 -22.73
C ALA B 841 -6.37 14.80 -21.63
N ASP B 842 -5.95 15.85 -20.95
CA ASP B 842 -4.97 15.70 -19.89
C ASP B 842 -5.61 15.25 -18.59
N VAL B 843 -6.89 15.55 -18.41
CA VAL B 843 -7.63 15.05 -17.25
C VAL B 843 -7.87 13.53 -17.39
N GLN B 844 -8.20 13.07 -18.59
CA GLN B 844 -8.60 11.66 -18.71
C GLN B 844 -7.40 10.73 -18.82
N MET B 845 -6.31 11.19 -19.43
CA MET B 845 -5.08 10.41 -19.42
C MET B 845 -4.54 10.25 -18.01
N ASP B 846 -4.67 11.29 -17.18
CA ASP B 846 -4.29 11.19 -15.78
C ASP B 846 -5.15 10.18 -15.03
N ARG B 847 -6.38 9.96 -15.47
CA ARG B 847 -7.23 8.94 -14.85
C ARG B 847 -6.77 7.53 -15.20
N LEU B 848 -6.36 7.30 -16.45
CA LEU B 848 -5.88 5.97 -16.84
C LEU B 848 -4.53 5.65 -16.22
N ILE B 849 -3.62 6.62 -16.21
CA ILE B 849 -2.27 6.35 -15.72
C ILE B 849 -2.31 6.06 -14.23
N ASN B 850 -3.05 6.86 -13.47
CA ASN B 850 -3.17 6.64 -12.02
C ASN B 850 -3.94 5.37 -11.70
N GLY B 851 -4.94 5.03 -12.52
CA GLY B 851 -5.67 3.80 -12.28
C GLY B 851 -4.83 2.56 -12.50
N ARG B 852 -3.97 2.59 -13.52
CA ARG B 852 -3.09 1.46 -13.76
C ARG B 852 -1.91 1.46 -12.81
N MET B 853 -1.47 2.64 -12.36
CA MET B 853 -0.37 2.71 -11.39
C MET B 853 -0.78 2.13 -10.06
N ASN B 854 -2.02 2.37 -9.64
CA ASN B 854 -2.52 1.88 -8.36
C ASN B 854 -2.64 0.36 -8.33
N VAL B 855 -3.12 -0.26 -9.41
CA VAL B 855 -3.22 -1.72 -9.50
C VAL B 855 -1.85 -2.36 -9.53
N LEU B 856 -0.95 -1.85 -10.36
CA LEU B 856 0.40 -2.39 -10.45
C LEU B 856 1.16 -2.23 -9.14
N GLN B 857 1.03 -1.07 -8.48
CA GLN B 857 1.70 -0.84 -7.20
C GLN B 857 1.16 -1.77 -6.11
N LEU B 858 -0.13 -2.08 -6.14
CA LEU B 858 -0.73 -2.97 -5.16
C LEU B 858 -0.23 -4.40 -5.30
N PHE B 859 0.06 -4.81 -6.54
CA PHE B 859 0.63 -6.14 -6.78
C PHE B 859 2.03 -6.24 -6.20
N VAL B 860 2.84 -5.19 -6.34
CA VAL B 860 4.22 -5.23 -5.84
C VAL B 860 4.24 -5.24 -4.31
N THR B 861 3.32 -4.49 -3.67
CA THR B 861 3.21 -4.49 -2.22
C THR B 861 2.81 -5.86 -1.68
N ASN B 862 1.79 -6.49 -2.28
CA ASN B 862 1.38 -7.82 -1.87
C ASN B 862 2.46 -8.85 -2.11
N TYR B 863 3.23 -8.68 -3.19
CA TYR B 863 4.34 -9.57 -3.46
C TYR B 863 5.48 -9.39 -2.45
N LYS B 864 5.75 -8.15 -2.05
CA LYS B 864 6.75 -7.91 -1.02
C LYS B 864 6.28 -8.37 0.35
N LEU B 865 4.98 -8.26 0.62
CA LEU B 865 4.43 -8.75 1.87
C LEU B 865 4.51 -10.27 1.96
N LYS B 866 4.41 -10.97 0.84
CA LYS B 866 4.52 -12.42 0.88
C LYS B 866 5.98 -12.87 1.02
N ILE B 867 6.93 -12.13 0.45
CA ILE B 867 8.35 -12.44 0.59
C ILE B 867 8.79 -12.30 2.05
N ALA B 868 8.29 -11.26 2.73
CA ALA B 868 8.74 -10.97 4.09
C ALA B 868 8.23 -12.02 5.08
N GLU B 869 7.05 -12.57 4.85
CA GLU B 869 6.58 -13.72 5.62
C GLU B 869 7.43 -14.95 5.37
N LEU B 870 7.87 -15.16 4.12
CA LEU B 870 8.55 -16.41 3.79
C LEU B 870 10.01 -16.44 4.24
N ARG B 871 10.57 -15.31 4.68
CA ARG B 871 11.94 -15.32 5.21
C ARG B 871 12.00 -16.12 6.50
N ASN B 872 11.06 -15.87 7.41
CA ASN B 872 11.04 -16.58 8.68
C ASN B 872 10.29 -17.91 8.58
N THR B 873 9.47 -18.11 7.53
CA THR B 873 8.93 -19.44 7.28
C THR B 873 10.03 -20.41 6.83
N HIS B 874 10.98 -19.95 6.01
CA HIS B 874 12.09 -20.80 5.57
C HIS B 874 12.99 -21.25 6.71
N ARG B 875 13.23 -20.38 7.69
CA ARG B 875 14.05 -20.78 8.83
C ARG B 875 13.33 -21.81 9.68
N TYR B 876 12.00 -21.74 9.71
CA TYR B 876 11.23 -22.79 10.36
C TYR B 876 11.28 -24.08 9.58
N VAL B 877 11.26 -23.97 8.25
CA VAL B 877 11.27 -25.16 7.39
C VAL B 877 12.61 -25.85 7.45
N GLN B 878 13.71 -25.09 7.49
CA GLN B 878 15.03 -25.69 7.61
C GLN B 878 15.21 -26.37 8.96
N SER B 879 14.52 -25.88 9.99
CA SER B 879 14.62 -26.56 11.27
C SER B 879 13.84 -27.87 11.28
N LEU B 880 12.73 -27.96 10.53
CA LEU B 880 11.99 -29.23 10.49
C LEU B 880 12.74 -30.30 9.72
N ILE B 881 13.46 -29.92 8.66
CA ILE B 881 14.22 -30.90 7.90
C ILE B 881 15.42 -31.40 8.73
N ASN B 882 16.17 -30.49 9.35
CA ASN B 882 17.37 -30.85 10.11
C ASN B 882 17.08 -31.61 11.39
N GLU B 883 15.94 -31.35 12.02
CA GLU B 883 15.73 -31.86 13.37
C GLU B 883 14.64 -32.92 13.46
N CYS B 884 13.68 -32.93 12.54
CA CYS B 884 12.65 -33.96 12.49
C CYS B 884 12.86 -34.98 11.39
N VAL B 885 13.38 -34.56 10.24
CA VAL B 885 13.49 -35.49 9.12
C VAL B 885 14.86 -36.16 9.10
N TYR B 886 15.94 -35.41 9.30
CA TYR B 886 17.29 -35.92 9.18
C TYR B 886 17.95 -36.19 10.52
N ALA B 887 17.20 -36.12 11.61
CA ALA B 887 17.72 -36.41 12.93
C ALA B 887 16.55 -36.81 13.82
N GLN B 888 16.87 -37.16 15.05
CA GLN B 888 15.87 -37.48 16.07
C GLN B 888 15.90 -36.40 17.14
N SER B 889 14.77 -35.73 17.32
CA SER B 889 14.69 -34.51 18.11
C SER B 889 14.35 -34.83 19.56
N LEU B 890 14.75 -33.91 20.44
CA LEU B 890 14.43 -33.99 21.86
C LEU B 890 13.37 -32.99 22.28
N ARG B 891 12.83 -32.23 21.34
CA ARG B 891 11.91 -31.13 21.63
C ARG B 891 10.47 -31.64 21.63
N ASN B 892 9.81 -31.57 22.79
CA ASN B 892 8.40 -31.94 22.96
C ASN B 892 7.48 -31.18 22.00
N GLY B 893 6.69 -31.94 21.27
CA GLY B 893 5.65 -31.40 20.43
C GLY B 893 6.14 -30.70 19.18
N PHE B 894 7.42 -30.79 18.85
CA PHE B 894 7.94 -30.05 17.71
C PHE B 894 7.74 -30.81 16.41
N CYS B 895 7.71 -32.14 16.47
CA CYS B 895 7.44 -32.97 15.31
C CYS B 895 6.07 -33.63 15.42
N GLY B 896 5.09 -32.93 15.97
CA GLY B 896 3.83 -33.53 16.37
C GLY B 896 3.82 -33.91 17.84
N GLN B 897 2.63 -34.13 18.38
CA GLN B 897 2.50 -34.53 19.78
C GLN B 897 2.74 -36.03 19.90
N GLY B 898 3.38 -36.42 21.00
CA GLY B 898 3.65 -37.82 21.26
C GLY B 898 5.07 -38.23 20.92
N LEU B 899 5.32 -39.53 21.07
CA LEU B 899 6.66 -40.09 20.90
C LEU B 899 6.95 -40.28 19.41
N HIS B 900 8.03 -39.67 18.93
CA HIS B 900 8.22 -39.48 17.50
C HIS B 900 8.94 -40.67 16.85
N VAL B 901 8.29 -41.26 15.85
CA VAL B 901 8.81 -42.44 15.18
C VAL B 901 9.51 -42.09 13.88
N LEU B 902 8.88 -41.29 13.03
CA LEU B 902 9.40 -41.04 11.70
C LEU B 902 8.78 -39.76 11.15
N SER B 903 9.55 -39.04 10.34
CA SER B 903 9.02 -37.92 9.58
C SER B 903 9.55 -37.97 8.16
N LEU B 904 8.65 -37.76 7.21
CA LEU B 904 8.97 -37.76 5.78
C LEU B 904 8.45 -36.45 5.18
N MET B 905 8.89 -36.13 3.98
CA MET B 905 8.49 -34.88 3.35
C MET B 905 8.22 -35.06 1.87
N GLN B 906 7.26 -34.30 1.35
CA GLN B 906 6.79 -34.39 -0.02
C GLN B 906 6.57 -32.99 -0.57
N ASN B 907 6.75 -32.84 -1.87
CA ASN B 907 6.40 -31.60 -2.54
C ASN B 907 4.89 -31.46 -2.69
N ALA B 908 4.44 -30.24 -2.66
CA ALA B 908 3.04 -29.84 -2.72
C ALA B 908 2.94 -28.65 -3.68
N PRO B 909 1.72 -28.23 -4.09
CA PRO B 909 1.59 -26.95 -4.80
C PRO B 909 2.09 -25.75 -3.99
N SER B 910 3.18 -25.17 -4.48
CA SER B 910 3.89 -24.03 -3.91
C SER B 910 4.42 -24.29 -2.50
N GLY B 911 5.08 -25.41 -2.25
CA GLY B 911 5.58 -25.66 -0.93
C GLY B 911 5.91 -27.10 -0.63
N ILE B 912 5.83 -27.48 0.63
CA ILE B 912 6.33 -28.75 1.14
C ILE B 912 5.34 -29.26 2.18
N MET B 913 5.10 -30.57 2.19
CA MET B 913 4.25 -31.18 3.20
C MET B 913 5.06 -32.18 4.01
N PHE B 914 5.00 -32.05 5.32
CA PHE B 914 5.70 -32.92 6.26
C PHE B 914 4.72 -33.92 6.84
N PHE B 915 5.12 -35.19 6.82
CA PHE B 915 4.31 -36.30 7.30
C PHE B 915 4.93 -36.81 8.59
N HIS B 916 4.34 -36.47 9.75
CA HIS B 916 4.91 -36.82 11.04
C HIS B 916 4.17 -38.03 11.65
N TYR B 917 4.91 -39.06 12.03
CA TYR B 917 4.35 -40.29 12.59
C TYR B 917 4.71 -40.40 14.07
N SER B 918 3.71 -40.57 14.93
CA SER B 918 3.93 -40.56 16.36
C SER B 918 3.13 -41.65 17.06
N LEU B 919 3.56 -42.00 18.27
CA LEU B 919 2.87 -42.89 19.17
C LEU B 919 2.31 -42.10 20.34
N ILE B 920 0.98 -42.00 20.42
CA ILE B 920 0.36 -41.39 21.59
C ILE B 920 -0.31 -42.52 22.38
N PRO B 921 -0.41 -42.41 23.71
CA PRO B 921 -0.98 -43.51 24.49
C PRO B 921 -2.49 -43.65 24.30
N ASN B 922 -2.98 -44.87 24.53
CA ASN B 922 -4.39 -45.18 24.37
C ASN B 922 -5.03 -45.57 25.70
N ASN B 923 -4.58 -46.64 26.33
CA ASN B 923 -5.09 -47.10 27.61
C ASN B 923 -3.96 -47.00 28.64
N THR B 924 -4.31 -46.59 29.84
CA THR B 924 -3.32 -46.46 30.89
C THR B 924 -3.61 -47.42 32.03
N ILE B 925 -2.61 -47.62 32.87
CA ILE B 925 -2.72 -48.38 34.10
C ILE B 925 -1.94 -47.62 35.16
N THR B 926 -2.38 -47.72 36.41
CA THR B 926 -1.80 -47.01 37.54
C THR B 926 -1.10 -48.01 38.44
N VAL B 927 0.22 -47.95 38.51
CA VAL B 927 0.98 -48.91 39.29
C VAL B 927 1.77 -48.15 40.36
N LYS B 928 2.39 -48.92 41.25
CA LYS B 928 3.35 -48.40 42.21
C LYS B 928 4.74 -48.36 41.57
N THR B 929 5.55 -47.39 41.96
CA THR B 929 6.90 -47.27 41.42
C THR B 929 7.82 -46.74 42.51
N THR B 930 9.12 -46.92 42.32
CA THR B 930 10.12 -46.57 43.32
C THR B 930 11.46 -46.36 42.63
N PRO B 931 12.33 -45.50 43.15
CA PRO B 931 13.62 -45.29 42.49
C PRO B 931 14.56 -46.47 42.58
N GLY B 932 14.56 -47.18 43.71
CA GLY B 932 15.37 -48.37 43.82
C GLY B 932 14.87 -49.24 44.94
N LEU B 933 15.50 -50.42 45.03
CA LEU B 933 15.15 -51.42 46.03
C LEU B 933 16.40 -51.81 46.81
N CYS B 934 16.29 -51.82 48.13
CA CYS B 934 17.36 -52.25 48.99
C CYS B 934 16.90 -53.42 49.84
N GLU B 935 17.86 -54.24 50.26
CA GLU B 935 17.55 -55.38 51.12
C GLU B 935 17.12 -54.92 52.51
N SER B 936 17.98 -54.21 53.21
CA SER B 936 17.75 -53.89 54.60
C SER B 936 17.81 -52.39 54.82
N ASP B 937 17.48 -51.99 56.04
CA ASP B 937 17.46 -50.60 56.45
C ASP B 937 18.85 -50.03 56.72
N GLU B 938 19.84 -50.89 56.94
CA GLU B 938 21.15 -50.40 57.35
C GLU B 938 21.91 -49.80 56.17
N LEU B 939 22.64 -48.73 56.43
CA LEU B 939 23.47 -48.10 55.42
C LEU B 939 24.65 -49.02 55.09
N GLY B 940 24.82 -49.30 53.80
CA GLY B 940 25.74 -50.33 53.36
C GLY B 940 25.06 -51.59 52.87
N SER B 941 23.74 -51.58 52.73
CA SER B 941 22.99 -52.71 52.20
C SER B 941 23.21 -52.86 50.71
N LYS B 942 22.89 -54.04 50.20
CA LYS B 942 22.89 -54.26 48.76
C LYS B 942 21.62 -53.68 48.15
N CYS B 943 21.79 -52.79 47.18
CA CYS B 943 20.67 -52.11 46.55
C CYS B 943 20.74 -52.32 45.04
N ILE B 944 19.57 -52.27 44.41
CA ILE B 944 19.48 -52.36 42.95
C ILE B 944 18.55 -51.27 42.44
N VAL B 945 18.85 -50.79 41.24
CA VAL B 945 17.95 -49.95 40.46
C VAL B 945 17.69 -50.65 39.14
N ALA B 946 16.65 -50.22 38.45
CA ALA B 946 16.30 -50.83 37.18
C ALA B 946 17.27 -50.41 36.10
N LYS B 947 17.59 -51.35 35.23
CA LYS B 947 18.49 -51.11 34.11
C LYS B 947 17.68 -50.81 32.86
N ASP B 948 17.77 -49.56 32.38
CA ASP B 948 17.08 -49.07 31.19
C ASP B 948 15.56 -49.30 31.26
N GLY B 949 14.99 -49.11 32.45
CA GLY B 949 13.59 -49.33 32.64
C GLY B 949 13.20 -48.84 34.01
N VAL B 950 12.00 -49.22 34.44
CA VAL B 950 11.45 -48.73 35.71
C VAL B 950 10.98 -49.90 36.56
N LEU B 951 11.11 -49.73 37.87
CA LEU B 951 10.62 -50.70 38.84
C LEU B 951 9.14 -50.44 39.09
N VAL B 952 8.29 -51.41 38.80
CA VAL B 952 6.85 -51.25 38.91
C VAL B 952 6.27 -52.37 39.75
N SER B 953 5.09 -52.14 40.32
CA SER B 953 4.35 -53.16 41.05
C SER B 953 2.86 -52.86 40.94
N ALA B 954 2.11 -53.78 40.34
CA ALA B 954 0.67 -53.58 40.13
C ALA B 954 -0.14 -54.08 41.32
N ASN B 955 0.13 -53.46 42.47
CA ASN B 955 -0.44 -53.83 43.78
C ASN B 955 -0.18 -55.29 44.10
N LEU B 956 1.03 -55.74 43.79
CA LEU B 956 1.47 -57.09 44.05
C LEU B 956 2.23 -57.13 45.36
N SER B 957 2.80 -58.29 45.67
CA SER B 957 3.69 -58.39 46.82
C SER B 957 5.16 -58.39 46.43
N TYR B 958 5.46 -58.22 45.14
CA TYR B 958 6.82 -58.27 44.63
C TYR B 958 6.96 -57.22 43.54
N TRP B 959 8.20 -56.99 43.11
CA TRP B 959 8.51 -55.93 42.16
C TRP B 959 8.92 -56.50 40.81
N GLN B 960 8.65 -55.73 39.76
CA GLN B 960 8.92 -56.14 38.39
C GLN B 960 9.53 -54.98 37.61
N TRP B 961 9.94 -55.29 36.38
CA TRP B 961 10.60 -54.37 35.47
C TRP B 961 9.70 -54.09 34.28
N SER B 962 9.65 -52.83 33.87
CA SER B 962 8.90 -52.44 32.68
C SER B 962 9.73 -51.45 31.87
N PRO B 963 9.49 -51.33 30.55
CA PRO B 963 10.01 -50.16 29.82
C PRO B 963 9.43 -48.87 30.37
N ARG B 964 10.19 -47.79 30.20
CA ARG B 964 9.84 -46.52 30.84
C ARG B 964 8.57 -45.89 30.25
N ASN B 965 8.21 -46.20 29.01
CA ASN B 965 7.02 -45.61 28.38
C ASN B 965 5.96 -46.63 28.01
N LEU B 966 6.01 -47.84 28.55
CA LEU B 966 4.97 -48.83 28.29
C LEU B 966 4.98 -49.85 29.41
N TYR B 967 3.81 -50.24 29.88
CA TYR B 967 3.69 -51.23 30.94
C TYR B 967 3.75 -52.62 30.31
N LYS B 968 4.85 -53.32 30.54
CA LYS B 968 5.05 -54.66 29.98
C LYS B 968 5.91 -55.44 30.96
N PRO B 969 5.32 -55.96 32.02
CA PRO B 969 6.10 -56.37 33.19
C PRO B 969 6.81 -57.71 33.03
N GLU B 970 7.96 -57.81 33.70
CA GLU B 970 8.69 -59.07 33.76
C GLU B 970 9.48 -59.10 35.06
N ASN B 971 9.73 -60.31 35.55
CA ASN B 971 10.36 -60.47 36.86
C ASN B 971 11.81 -60.01 36.84
N LEU B 972 12.32 -59.64 38.01
CA LEU B 972 13.64 -59.05 38.13
C LEU B 972 14.70 -60.13 37.98
N THR B 973 15.75 -59.82 37.22
CA THR B 973 16.76 -60.79 36.85
C THR B 973 18.10 -60.08 36.93
N PHE B 974 19.17 -60.86 37.02
CA PHE B 974 20.48 -60.38 36.59
C PHE B 974 20.39 -60.02 35.12
N ALA B 975 21.17 -59.01 34.70
CA ALA B 975 21.06 -58.33 33.40
C ALA B 975 19.70 -57.70 33.18
N ASN B 976 19.03 -57.34 34.26
CA ASN B 976 17.84 -56.52 34.23
C ASN B 976 17.89 -55.40 35.24
N VAL B 977 18.74 -55.52 36.26
CA VAL B 977 18.94 -54.51 37.27
C VAL B 977 20.42 -54.14 37.30
N ILE B 978 20.76 -53.17 38.14
CA ILE B 978 22.13 -52.68 38.30
C ILE B 978 22.38 -52.55 39.80
N ALA B 979 23.45 -53.16 40.28
CA ALA B 979 23.81 -53.05 41.69
C ALA B 979 24.43 -51.69 41.96
N VAL B 980 23.83 -50.93 42.87
CA VAL B 980 24.26 -49.59 43.21
C VAL B 980 24.38 -49.51 44.73
N SER B 981 24.75 -48.33 45.21
CA SER B 981 24.66 -48.02 46.63
C SER B 981 23.34 -47.33 46.92
N ARG B 982 23.02 -47.26 48.20
CA ARG B 982 21.72 -46.76 48.65
C ARG B 982 21.58 -45.28 48.37
N GLY B 983 20.55 -44.93 47.59
CA GLY B 983 20.18 -43.55 47.35
C GLY B 983 19.10 -43.10 48.32
N ALA B 984 18.51 -41.96 47.99
CA ALA B 984 17.48 -41.38 48.85
C ALA B 984 16.12 -42.00 48.55
N ASN B 985 15.40 -42.37 49.61
CA ASN B 985 14.02 -42.87 49.57
C ASN B 985 13.85 -44.16 48.77
N TYR B 986 14.81 -45.09 48.84
CA TYR B 986 14.57 -46.38 48.22
C TYR B 986 13.64 -47.22 49.10
N THR B 987 12.97 -48.18 48.47
CA THR B 987 12.04 -49.07 49.16
C THR B 987 12.81 -50.22 49.79
N THR B 988 12.60 -50.45 51.08
CA THR B 988 13.24 -51.53 51.81
C THR B 988 12.37 -52.78 51.74
N LEU B 989 12.99 -53.91 51.40
CA LEU B 989 12.28 -55.18 51.29
C LEU B 989 12.27 -55.98 52.59
N ASN B 990 13.37 -55.91 53.37
CA ASN B 990 13.67 -56.83 54.48
C ASN B 990 13.57 -58.29 54.02
N ARG B 991 14.18 -58.59 52.87
CA ARG B 991 13.90 -59.87 52.25
C ARG B 991 15.11 -60.58 51.62
N THR B 992 16.17 -59.86 51.23
CA THR B 992 17.34 -60.41 50.52
C THR B 992 16.93 -61.10 49.22
N PHE B 993 16.60 -60.24 48.24
CA PHE B 993 16.14 -60.64 46.90
C PHE B 993 17.06 -61.67 46.24
N ASP B 994 16.47 -62.52 45.40
CA ASP B 994 17.18 -63.66 44.83
C ASP B 994 17.34 -63.50 43.32
N ILE B 995 18.53 -63.05 42.91
CA ILE B 995 18.91 -63.03 41.50
C ILE B 995 20.23 -63.77 41.34
N CYS C 17 -2.15 50.39 24.46
CA CYS C 17 -3.38 50.34 25.25
C CYS C 17 -3.05 49.87 26.67
N ASP C 18 -3.90 50.24 27.64
CA ASP C 18 -3.56 50.00 29.04
C ASP C 18 -4.14 48.69 29.54
N TYR C 19 -5.35 48.33 29.13
CA TYR C 19 -5.96 47.08 29.57
C TYR C 19 -6.87 46.53 28.48
N VAL C 20 -6.47 45.41 27.88
CA VAL C 20 -7.31 44.64 26.99
C VAL C 20 -7.75 43.39 27.74
N ASP C 21 -9.05 43.11 27.74
CA ASP C 21 -9.61 41.93 28.38
C ASP C 21 -9.34 40.72 27.51
N PHE C 22 -8.34 39.92 27.89
CA PHE C 22 -7.95 38.78 27.07
C PHE C 22 -8.85 37.57 27.29
N ARG C 23 -9.75 37.61 28.27
CA ARG C 23 -10.71 36.52 28.44
C ARG C 23 -11.87 36.64 27.46
N LEU C 24 -11.98 37.79 26.78
CA LEU C 24 -13.01 37.92 25.75
C LEU C 24 -12.60 37.29 24.44
N PHE C 25 -11.37 36.79 24.31
CA PHE C 25 -10.96 36.19 23.05
C PHE C 25 -11.65 34.86 22.82
N ASN C 26 -12.17 34.23 23.88
CA ASN C 26 -12.75 32.88 23.78
C ASN C 26 -13.98 32.87 22.87
N GLY C 27 -14.71 33.97 22.82
CA GLY C 27 -15.96 33.98 22.09
C GLY C 27 -15.78 34.18 20.59
N ILE C 28 -14.59 34.57 20.16
CA ILE C 28 -14.42 34.71 18.71
C ILE C 28 -13.69 33.50 18.13
N PHE C 29 -13.28 32.55 18.95
CA PHE C 29 -12.67 31.34 18.40
C PHE C 29 -13.75 30.30 18.18
N SER C 30 -13.64 29.57 17.07
CA SER C 30 -14.58 28.51 16.79
C SER C 30 -13.88 27.47 15.92
N THR C 31 -14.42 26.27 15.96
CA THR C 31 -13.96 25.19 15.10
C THR C 31 -14.97 25.00 13.98
N SER C 32 -14.64 24.10 13.05
CA SER C 32 -15.56 23.82 11.95
C SER C 32 -16.78 23.02 12.43
N ARG C 33 -16.56 22.04 13.28
CA ARG C 33 -17.64 21.28 13.88
C ARG C 33 -17.64 21.51 15.38
N GLY C 34 -18.71 21.10 16.05
CA GLY C 34 -18.73 21.13 17.50
C GLY C 34 -17.97 19.96 18.10
N LEU C 35 -17.03 20.26 18.98
CA LEU C 35 -16.15 19.26 19.56
C LEU C 35 -16.19 19.36 21.08
N SER C 36 -16.51 18.23 21.72
CA SER C 36 -16.65 18.20 23.17
C SER C 36 -15.33 17.76 23.81
N ASN C 37 -14.83 18.60 24.72
CA ASN C 37 -13.60 18.38 25.51
C ASN C 37 -12.34 18.14 24.68
N THR C 38 -12.26 18.71 23.49
CA THR C 38 -11.10 18.37 22.68
C THR C 38 -10.05 19.45 22.80
N THR C 39 -8.89 19.14 22.23
CA THR C 39 -7.78 20.06 22.09
C THR C 39 -7.37 20.07 20.63
N THR C 40 -7.52 21.21 19.97
CA THR C 40 -7.23 21.27 18.56
C THR C 40 -6.55 22.59 18.23
N VAL C 41 -5.88 22.64 17.08
CA VAL C 41 -5.28 23.85 16.56
C VAL C 41 -6.19 24.40 15.47
N ILE C 42 -6.51 25.69 15.58
CA ILE C 42 -7.23 26.43 14.55
C ILE C 42 -6.29 27.48 13.98
N THR C 43 -6.62 27.98 12.80
CA THR C 43 -5.71 28.86 12.07
C THR C 43 -6.53 29.89 11.29
N GLY C 44 -6.14 31.15 11.40
CA GLY C 44 -6.87 32.22 10.73
C GLY C 44 -6.38 33.57 11.17
N ALA C 45 -7.10 34.60 10.73
CA ALA C 45 -6.74 35.98 11.04
C ALA C 45 -7.33 36.34 12.40
N TYR C 46 -6.48 36.43 13.40
CA TYR C 46 -6.90 36.54 14.78
C TYR C 46 -6.25 37.74 15.47
N PRO C 47 -6.85 38.28 16.53
CA PRO C 47 -6.26 39.44 17.19
C PRO C 47 -4.98 39.11 17.95
N SER C 48 -4.04 40.05 17.89
CA SER C 48 -2.79 40.00 18.63
C SER C 48 -3.00 39.98 20.14
N THR C 49 -2.22 39.15 20.82
CA THR C 49 -2.19 39.15 22.27
C THR C 49 -1.19 40.15 22.84
N ASN C 50 -0.45 40.85 21.99
CA ASN C 50 0.44 41.93 22.42
C ASN C 50 -0.40 43.19 22.66
N LYS C 51 -0.37 43.70 23.89
CA LYS C 51 -1.23 44.82 24.26
C LYS C 51 -0.78 46.14 23.64
N ALA C 52 0.46 46.24 23.17
CA ALA C 52 0.94 47.41 22.48
C ALA C 52 0.47 47.48 21.03
N LYS C 53 -0.11 46.41 20.50
CA LYS C 53 -0.74 46.45 19.20
C LYS C 53 -2.15 46.99 19.26
N TRP C 54 -2.68 47.19 20.45
CA TRP C 54 -4.01 47.73 20.62
C TRP C 54 -3.97 49.24 20.76
N PHE C 55 -5.14 49.86 20.66
CA PHE C 55 -5.27 51.30 20.53
C PHE C 55 -6.44 51.77 21.39
N CYS C 56 -6.16 52.39 22.55
CA CYS C 56 -7.24 52.93 23.37
C CYS C 56 -6.96 54.25 24.11
N PRO C 57 -6.38 55.31 23.47
CA PRO C 57 -5.95 56.46 24.29
C PRO C 57 -7.10 57.37 24.70
N THR C 58 -7.01 57.92 25.92
CA THR C 58 -7.92 58.95 26.35
C THR C 58 -7.29 60.33 26.14
N ASN C 59 -8.07 61.23 25.56
CA ASN C 59 -7.63 62.60 25.30
C ASN C 59 -8.85 63.50 25.43
N VAL C 60 -8.73 64.75 24.99
CA VAL C 60 -9.83 65.69 25.09
C VAL C 60 -10.91 65.37 24.06
N GLY C 61 -10.52 64.80 22.92
CA GLY C 61 -11.47 64.47 21.89
C GLY C 61 -11.45 62.98 21.59
N ARG C 62 -12.05 62.63 20.46
CA ARG C 62 -11.94 61.28 19.96
C ARG C 62 -10.72 61.17 19.05
N PRO C 63 -9.75 60.31 19.39
CA PRO C 63 -8.56 60.19 18.54
C PRO C 63 -8.79 59.22 17.38
N VAL C 64 -8.23 59.55 16.22
CA VAL C 64 -8.38 58.75 15.01
C VAL C 64 -7.14 57.88 14.85
N GLY C 65 -7.29 56.58 14.96
CA GLY C 65 -6.20 55.64 14.74
C GLY C 65 -6.30 55.01 13.37
N THR C 66 -5.15 54.62 12.81
CA THR C 66 -5.10 53.99 11.51
C THR C 66 -4.32 52.68 11.59
N GLY C 67 -4.42 51.88 10.54
CA GLY C 67 -3.67 50.63 10.47
C GLY C 67 -3.72 50.04 9.07
N VAL C 68 -2.75 49.19 8.79
CA VAL C 68 -2.62 48.50 7.52
C VAL C 68 -2.54 47.01 7.79
N GLY C 69 -3.39 46.23 7.13
CA GLY C 69 -3.35 44.79 7.31
C GLY C 69 -4.54 44.10 6.68
N ILE C 70 -4.90 42.98 7.30
CA ILE C 70 -5.91 42.07 6.76
C ILE C 70 -7.18 42.02 7.58
N GLY C 71 -7.27 42.75 8.68
CA GLY C 71 -8.44 42.60 9.52
C GLY C 71 -8.41 43.63 10.62
N VAL C 72 -9.49 43.63 11.40
CA VAL C 72 -9.56 44.46 12.59
C VAL C 72 -10.42 43.73 13.60
N TYR C 73 -10.12 43.93 14.88
CA TYR C 73 -10.93 43.45 15.99
C TYR C 73 -11.13 44.59 16.97
N ALA C 74 -12.11 44.43 17.85
CA ALA C 74 -12.54 45.52 18.70
C ALA C 74 -13.22 44.99 19.95
N GLN C 75 -13.00 45.67 21.08
CA GLN C 75 -13.65 45.34 22.35
C GLN C 75 -14.28 46.59 22.93
N THR C 76 -15.54 46.49 23.32
CA THR C 76 -16.15 47.57 24.08
C THR C 76 -15.89 47.38 25.56
N ALA C 77 -15.92 48.49 26.30
CA ALA C 77 -15.56 48.46 27.71
C ALA C 77 -16.67 47.82 28.55
N GLN C 78 -16.29 47.43 29.77
CA GLN C 78 -17.26 46.85 30.69
C GLN C 78 -18.27 47.89 31.13
N ALA C 79 -19.51 47.75 30.66
CA ALA C 79 -20.55 48.74 30.86
C ALA C 79 -21.21 48.65 32.22
N SER C 80 -21.45 47.44 32.71
CA SER C 80 -22.10 47.27 34.01
C SER C 80 -21.15 47.63 35.13
N TYR C 81 -21.65 48.44 36.08
CA TYR C 81 -20.92 48.94 37.25
C TYR C 81 -19.65 49.68 36.85
N GLU C 82 -19.84 50.75 36.07
CA GLU C 82 -18.72 51.57 35.60
C GLU C 82 -19.01 53.05 35.63
N THR C 83 -20.14 53.49 36.21
CA THR C 83 -20.60 54.88 36.24
C THR C 83 -20.74 55.47 34.84
N GLY C 84 -21.20 54.67 33.88
CA GLY C 84 -21.45 55.17 32.55
C GLY C 84 -22.90 55.59 32.37
N GLY C 85 -23.82 54.71 32.71
CA GLY C 85 -25.24 54.97 32.51
C GLY C 85 -25.73 54.42 31.19
N SER C 86 -25.80 55.28 30.17
CA SER C 86 -26.32 54.89 28.86
C SER C 86 -25.33 55.08 27.73
N GLY C 87 -24.38 56.00 27.85
CA GLY C 87 -23.40 56.24 26.78
C GLY C 87 -22.40 55.11 26.72
N ALA C 88 -22.21 54.57 25.51
CA ALA C 88 -21.37 53.39 25.33
C ALA C 88 -20.12 53.67 24.50
N GLY C 89 -20.29 54.13 23.27
CA GLY C 89 -19.18 54.22 22.35
C GLY C 89 -19.60 53.97 20.92
N GLY C 90 -19.01 54.71 19.99
CA GLY C 90 -19.52 54.72 18.63
C GLY C 90 -18.75 53.83 17.68
N TYR C 91 -17.42 53.81 17.82
CA TYR C 91 -16.49 52.99 17.05
C TYR C 91 -16.68 53.05 15.54
N THR C 92 -16.84 54.26 15.00
CA THR C 92 -16.86 54.42 13.56
C THR C 92 -15.55 53.96 12.94
N PHE C 93 -15.63 52.99 12.03
CA PHE C 93 -14.43 52.60 11.32
C PHE C 93 -14.73 52.31 9.85
N SER C 94 -13.71 52.50 9.01
CA SER C 94 -13.82 52.24 7.59
C SER C 94 -12.61 51.45 7.12
N VAL C 95 -12.82 50.66 6.08
CA VAL C 95 -11.79 49.84 5.46
C VAL C 95 -11.85 50.14 3.97
N SER C 96 -10.69 50.24 3.32
CA SER C 96 -10.65 50.70 1.94
C SER C 96 -9.37 50.19 1.29
N PRO C 97 -9.31 50.14 -0.03
CA PRO C 97 -8.03 49.84 -0.70
C PRO C 97 -7.08 51.03 -0.69
N LYS C 98 -5.95 50.84 -1.36
CA LYS C 98 -4.89 51.84 -1.35
C LYS C 98 -5.23 53.05 -2.23
N HIS C 99 -6.09 52.85 -3.23
CA HIS C 99 -6.53 53.93 -4.10
C HIS C 99 -8.03 53.89 -4.30
N VAL C 100 -8.73 54.74 -3.57
CA VAL C 100 -10.18 54.82 -3.58
C VAL C 100 -10.60 55.67 -4.77
N THR C 101 -11.37 55.09 -5.68
CA THR C 101 -11.91 55.81 -6.82
C THR C 101 -13.42 55.64 -6.80
N ASN C 102 -14.07 56.06 -7.89
CA ASN C 102 -15.50 55.78 -8.08
C ASN C 102 -15.78 54.31 -8.24
N LEU C 103 -14.76 53.52 -8.60
CA LEU C 103 -14.94 52.15 -9.04
C LEU C 103 -14.60 51.11 -7.99
N THR C 104 -14.15 51.52 -6.80
CA THR C 104 -13.71 50.57 -5.80
C THR C 104 -14.74 50.42 -4.68
N TRP C 105 -14.77 49.25 -4.08
CA TRP C 105 -15.64 48.96 -2.94
C TRP C 105 -14.94 49.32 -1.65
N SER C 106 -15.71 49.83 -0.69
CA SER C 106 -15.17 50.12 0.63
C SER C 106 -16.18 49.74 1.70
N LEU C 107 -15.73 49.68 2.94
CA LEU C 107 -16.56 49.31 4.07
C LEU C 107 -16.72 50.52 4.99
N TRP C 108 -17.90 50.64 5.62
CA TRP C 108 -18.14 51.67 6.60
C TRP C 108 -19.03 51.13 7.70
N VAL C 109 -18.54 51.15 8.93
CA VAL C 109 -19.23 50.55 10.07
C VAL C 109 -19.36 51.60 11.16
N HIS C 110 -20.58 51.81 11.64
CA HIS C 110 -20.85 52.86 12.63
C HIS C 110 -21.83 52.36 13.70
N ARG C 111 -21.53 52.66 14.95
CA ARG C 111 -22.54 52.56 15.99
C ARG C 111 -22.78 53.95 16.55
N PRO C 112 -23.99 54.30 16.96
CA PRO C 112 -24.21 55.62 17.54
C PRO C 112 -24.02 55.65 19.06
N TRP C 113 -24.21 56.83 19.62
CA TRP C 113 -23.99 57.06 21.05
C TRP C 113 -25.22 56.61 21.83
N GLY C 114 -25.04 55.64 22.70
CA GLY C 114 -26.10 55.25 23.61
C GLY C 114 -26.22 53.74 23.69
N ALA C 115 -26.96 53.30 24.69
CA ALA C 115 -27.35 51.90 24.77
C ALA C 115 -28.58 51.65 23.91
N ASN C 116 -28.86 50.36 23.67
CA ASN C 116 -29.87 49.89 22.73
C ASN C 116 -29.68 50.50 21.34
N ALA C 117 -28.43 50.58 20.91
CA ALA C 117 -28.08 51.18 19.63
C ALA C 117 -27.83 50.09 18.60
N ASN C 118 -28.15 50.41 17.34
CA ASN C 118 -27.97 49.47 16.25
C ASN C 118 -26.67 49.77 15.54
N VAL C 119 -25.90 48.71 15.25
CA VAL C 119 -24.74 48.84 14.40
C VAL C 119 -25.20 48.91 12.95
N THR C 120 -24.69 49.87 12.20
CA THR C 120 -24.90 49.92 10.77
C THR C 120 -23.63 49.52 10.03
N VAL C 121 -23.76 48.63 9.05
CA VAL C 121 -22.64 48.11 8.28
C VAL C 121 -22.91 48.35 6.80
N ARG C 122 -21.99 49.03 6.12
CA ARG C 122 -22.20 49.42 4.73
C ARG C 122 -20.99 49.08 3.88
N LEU C 123 -21.20 48.25 2.86
CA LEU C 123 -20.19 47.89 1.87
C LEU C 123 -20.64 48.43 0.52
N CYS C 124 -20.12 49.59 0.10
CA CYS C 124 -20.70 50.28 -1.04
C CYS C 124 -19.61 50.82 -1.95
N ARG C 125 -20.03 51.48 -3.02
CA ARG C 125 -19.17 52.29 -3.88
C ARG C 125 -19.64 53.74 -3.78
N TRP C 126 -18.82 54.59 -3.17
CA TRP C 126 -19.14 55.99 -2.94
C TRP C 126 -18.38 56.87 -3.92
N TRP C 127 -19.02 57.93 -4.41
CA TRP C 127 -18.30 58.93 -5.20
C TRP C 127 -17.67 60.01 -4.34
N GLN C 128 -18.06 60.12 -3.08
CA GLN C 128 -17.49 61.10 -2.17
C GLN C 128 -16.07 60.71 -1.79
N GLY C 142 -19.20 58.93 7.21
CA GLY C 142 -19.65 58.13 6.07
C GLY C 142 -20.76 58.74 5.27
N PRO C 143 -20.60 58.77 3.94
CA PRO C 143 -21.52 59.53 3.09
C PRO C 143 -22.88 58.87 2.99
N SER C 144 -23.85 59.65 2.54
CA SER C 144 -25.23 59.17 2.53
C SER C 144 -25.56 58.47 1.22
N SER C 145 -25.08 59.01 0.09
CA SER C 145 -25.47 58.53 -1.23
C SER C 145 -24.29 57.81 -1.89
N ALA C 146 -24.56 56.62 -2.41
CA ALA C 146 -23.58 55.80 -3.06
C ALA C 146 -24.16 55.30 -4.37
N PHE C 147 -23.29 54.76 -5.23
CA PHE C 147 -23.77 54.16 -6.48
C PHE C 147 -24.59 52.91 -6.19
N GLU C 148 -24.05 52.02 -5.37
CA GLU C 148 -24.65 50.72 -5.11
C GLU C 148 -23.99 50.13 -3.87
N CYS C 149 -24.72 49.24 -3.19
CA CYS C 149 -24.23 48.63 -1.98
C CYS C 149 -24.46 47.13 -2.06
N LEU C 150 -23.56 46.36 -1.45
CA LEU C 150 -23.81 44.93 -1.32
C LEU C 150 -24.34 44.60 0.07
N VAL C 151 -23.86 45.30 1.09
CA VAL C 151 -24.36 45.18 2.44
C VAL C 151 -24.87 46.55 2.85
N ASN C 152 -26.14 46.63 3.20
CA ASN C 152 -26.74 47.84 3.74
C ASN C 152 -27.64 47.39 4.89
N GLY C 153 -27.07 47.21 6.07
CA GLY C 153 -27.75 46.54 7.15
C GLY C 153 -27.58 47.25 8.48
N SER C 154 -28.60 47.09 9.31
CA SER C 154 -28.62 47.61 10.68
C SER C 154 -29.17 46.52 11.59
N PHE C 155 -28.54 46.34 12.75
CA PHE C 155 -28.89 45.25 13.64
C PHE C 155 -28.47 45.59 15.06
N PRO C 156 -29.16 45.04 16.07
CA PRO C 156 -28.77 45.29 17.46
C PRO C 156 -27.47 44.60 17.84
N SER C 157 -26.90 45.05 18.97
CA SER C 157 -25.63 44.54 19.46
C SER C 157 -25.67 44.39 20.97
N SER C 158 -24.66 43.71 21.51
CA SER C 158 -24.54 43.45 22.93
C SER C 158 -23.87 44.63 23.64
N GLN C 159 -24.45 45.05 24.77
CA GLN C 159 -23.88 46.11 25.59
C GLN C 159 -23.95 45.76 27.08
N HIS C 160 -24.69 44.72 27.44
CA HIS C 160 -24.84 44.35 28.85
C HIS C 160 -23.57 43.77 29.46
N LYS C 161 -22.63 43.31 28.64
CA LYS C 161 -21.34 42.85 29.12
C LYS C 161 -20.26 43.44 28.20
N GLY C 162 -19.02 43.01 28.40
CA GLY C 162 -17.99 43.29 27.44
C GLY C 162 -18.19 42.46 26.18
N TYR C 163 -17.86 43.05 25.04
CA TYR C 163 -18.23 42.46 23.77
C TYR C 163 -17.08 42.60 22.78
N MET C 164 -16.87 41.56 21.99
CA MET C 164 -15.75 41.56 21.06
C MET C 164 -16.22 41.11 19.69
N PHE C 165 -15.76 41.81 18.65
CA PHE C 165 -16.18 41.54 17.29
C PHE C 165 -15.04 41.88 16.35
N GLY C 166 -15.24 41.60 15.07
CA GLY C 166 -14.19 41.85 14.11
C GLY C 166 -14.65 41.67 12.68
N VAL C 167 -13.83 42.20 11.77
CA VAL C 167 -14.06 42.11 10.32
C VAL C 167 -12.74 41.76 9.67
N THR C 168 -12.69 40.68 8.90
CA THR C 168 -11.47 40.25 8.24
C THR C 168 -11.68 40.12 6.73
N TRP C 169 -10.63 40.34 5.97
CA TRP C 169 -10.70 40.33 4.51
C TRP C 169 -9.48 39.67 3.88
N TYR C 170 -8.93 38.66 4.54
CA TYR C 170 -7.79 37.91 4.00
C TYR C 170 -8.16 37.14 2.74
N ASN C 171 -7.39 37.35 1.67
CA ASN C 171 -7.59 36.78 0.33
C ASN C 171 -8.98 37.11 -0.22
N ASP C 172 -9.43 38.34 0.01
CA ASP C 172 -10.66 38.92 -0.50
C ASP C 172 -11.92 38.20 -0.02
N PHE C 173 -11.84 37.42 1.04
CA PHE C 173 -13.02 36.75 1.61
C PHE C 173 -13.45 37.55 2.84
N VAL C 174 -14.47 38.36 2.67
CA VAL C 174 -14.97 39.23 3.73
C VAL C 174 -15.68 38.38 4.76
N ARG C 175 -15.34 38.56 6.03
CA ARG C 175 -16.03 37.89 7.12
C ARG C 175 -16.36 38.93 8.17
N ILE C 176 -17.65 39.07 8.47
CA ILE C 176 -18.12 40.08 9.42
C ILE C 176 -18.63 39.32 10.65
N ILE C 177 -17.87 39.38 11.72
CA ILE C 177 -18.07 38.52 12.88
C ILE C 177 -18.60 39.40 14.00
N PHE C 178 -19.92 39.52 14.10
CA PHE C 178 -20.60 40.09 15.26
C PHE C 178 -21.29 38.93 15.96
N PRO C 179 -20.68 38.32 16.97
CA PRO C 179 -21.20 37.07 17.55
C PRO C 179 -22.55 37.28 18.21
N PRO C 180 -23.46 36.31 18.09
CA PRO C 180 -23.28 34.94 17.56
C PRO C 180 -23.27 34.75 16.02
N THR C 181 -23.61 35.76 15.21
CA THR C 181 -23.73 35.55 13.78
C THR C 181 -22.43 35.89 13.03
N VAL C 182 -22.20 35.20 11.92
CA VAL C 182 -21.07 35.44 11.04
C VAL C 182 -21.59 35.57 9.61
N PHE C 183 -21.32 36.71 8.98
CA PHE C 183 -21.66 36.94 7.59
C PHE C 183 -20.40 36.83 6.75
N GLU C 184 -20.46 36.07 5.67
CA GLU C 184 -19.30 35.80 4.82
C GLU C 184 -19.65 36.03 3.36
N LEU C 185 -18.65 36.46 2.59
CA LEU C 185 -18.80 36.75 1.17
C LEU C 185 -17.44 36.89 0.50
N GLN C 186 -17.20 36.12 -0.56
CA GLN C 186 -15.97 36.24 -1.36
C GLN C 186 -16.19 37.26 -2.46
N LEU C 187 -15.28 38.22 -2.58
CA LEU C 187 -15.36 39.29 -3.57
C LEU C 187 -14.00 39.48 -4.22
N ASP C 188 -13.79 38.88 -5.39
CA ASP C 188 -12.47 38.85 -6.02
C ASP C 188 -11.99 40.23 -6.43
N GLY C 189 -10.69 40.44 -6.25
CA GLY C 189 -10.07 41.72 -6.57
C GLY C 189 -10.43 42.85 -5.64
N LEU C 190 -10.76 42.54 -4.38
CA LEU C 190 -11.17 43.58 -3.44
C LEU C 190 -9.97 44.43 -2.99
N GLN C 191 -8.93 43.76 -2.48
CA GLN C 191 -7.62 44.35 -2.17
C GLN C 191 -7.72 45.40 -1.06
N TRP C 192 -8.50 45.11 -0.03
CA TRP C 192 -8.58 45.97 1.13
C TRP C 192 -7.31 45.89 1.95
N GLU C 193 -6.79 47.04 2.33
CA GLU C 193 -5.64 47.04 3.23
C GLU C 193 -5.64 48.13 4.29
N TYR C 194 -6.34 49.24 4.11
CA TYR C 194 -6.15 50.43 4.93
C TYR C 194 -7.35 50.64 5.84
N VAL C 195 -7.07 50.76 7.14
CA VAL C 195 -8.10 50.78 8.17
C VAL C 195 -8.00 52.10 8.93
N GLN C 196 -9.14 52.75 9.13
CA GLN C 196 -9.23 53.95 9.96
C GLN C 196 -10.31 53.73 10.99
N PHE C 197 -10.13 54.27 12.19
CA PHE C 197 -11.10 54.06 13.26
C PHE C 197 -11.09 55.20 14.26
N THR C 198 -12.28 55.58 14.71
CA THR C 198 -12.48 56.63 15.69
C THR C 198 -13.30 56.06 16.82
N GLY C 199 -13.20 56.66 18.01
CA GLY C 199 -14.04 56.26 19.12
C GLY C 199 -14.20 57.36 20.15
N PRO C 200 -15.45 57.66 20.52
CA PRO C 200 -15.70 58.73 21.50
C PRO C 200 -15.33 58.29 22.91
N VAL C 201 -14.53 59.12 23.59
CA VAL C 201 -14.15 58.85 24.96
C VAL C 201 -15.34 59.04 25.87
N ASN C 202 -15.63 58.03 26.67
CA ASN C 202 -16.65 58.09 27.70
C ASN C 202 -15.96 57.99 29.05
N ALA C 203 -16.63 58.47 30.10
CA ALA C 203 -16.14 58.45 31.49
C ALA C 203 -14.79 59.13 31.67
N ARG C 205 -14.82 54.06 28.97
CA ARG C 205 -13.55 54.57 28.48
C ARG C 205 -13.62 54.84 26.98
N MET C 206 -13.11 53.90 26.19
CA MET C 206 -13.12 53.98 24.74
C MET C 206 -13.19 52.55 24.20
N THR C 207 -13.76 52.37 23.02
CA THR C 207 -13.64 51.08 22.34
C THR C 207 -12.20 50.89 21.85
N LYS C 208 -11.66 49.71 22.11
CA LYS C 208 -10.29 49.36 21.80
C LYS C 208 -10.20 48.73 20.42
N PHE C 209 -9.06 48.86 19.77
CA PHE C 209 -8.91 48.44 18.38
C PHE C 209 -7.57 47.75 18.13
N ASN C 210 -7.60 46.73 17.27
CA ASN C 210 -6.39 46.01 16.89
C ASN C 210 -6.47 45.68 15.40
N VAL C 211 -5.53 46.17 14.63
CA VAL C 211 -5.44 45.82 13.22
C VAL C 211 -4.63 44.52 13.10
N VAL C 212 -5.19 43.52 12.43
CA VAL C 212 -4.55 42.24 12.23
C VAL C 212 -3.64 42.32 11.01
N THR C 213 -2.40 41.88 11.15
CA THR C 213 -1.47 41.91 10.02
C THR C 213 -1.17 40.56 9.40
N GLU C 214 -1.36 39.46 10.11
CA GLU C 214 -0.98 38.17 9.55
C GLU C 214 -1.82 37.04 10.13
N ILE C 215 -1.71 35.88 9.48
CA ILE C 215 -2.44 34.67 9.86
C ILE C 215 -1.72 33.96 11.00
N SER C 216 -2.50 33.54 12.01
CA SER C 216 -1.96 32.92 13.22
C SER C 216 -2.53 31.52 13.43
N SER C 217 -1.78 30.70 14.14
CA SER C 217 -2.26 29.41 14.64
C SER C 217 -2.47 29.52 16.14
N VAL C 218 -3.56 28.93 16.63
CA VAL C 218 -3.96 29.00 18.03
C VAL C 218 -4.38 27.61 18.49
N LEU C 219 -3.78 27.13 19.57
CA LEU C 219 -4.25 25.91 20.24
C LEU C 219 -5.43 26.27 21.13
N VAL C 220 -6.49 25.47 21.12
CA VAL C 220 -7.66 25.75 21.94
C VAL C 220 -8.12 24.50 22.66
N LEU C 221 -8.72 24.72 23.83
CA LEU C 221 -9.38 23.70 24.62
C LEU C 221 -10.86 24.02 24.73
N THR C 222 -11.72 23.04 24.48
CA THR C 222 -13.15 23.23 24.54
C THR C 222 -13.71 22.60 25.82
N ASP C 223 -14.89 23.05 26.23
CA ASP C 223 -15.56 22.42 27.35
C ASP C 223 -16.55 21.38 26.82
N GLN C 224 -17.45 20.90 27.68
CA GLN C 224 -18.42 19.88 27.29
C GLN C 224 -19.33 20.36 26.16
N SER C 225 -19.73 21.63 26.18
CA SER C 225 -20.65 22.14 25.18
C SER C 225 -19.95 22.60 23.91
N GLY C 226 -18.64 22.48 23.82
CA GLY C 226 -17.92 22.87 22.63
C GLY C 226 -17.40 24.29 22.62
N ALA C 227 -17.57 25.04 23.70
CA ALA C 227 -17.10 26.42 23.77
C ALA C 227 -15.65 26.46 24.21
N VAL C 228 -14.87 27.33 23.57
CA VAL C 228 -13.46 27.46 23.89
C VAL C 228 -13.31 28.11 25.25
N THR C 229 -12.57 27.45 26.15
CA THR C 229 -12.31 27.97 27.47
C THR C 229 -10.83 28.23 27.75
N ARG C 230 -9.94 27.86 26.84
CA ARG C 230 -8.51 28.08 27.05
C ARG C 230 -7.81 28.08 25.70
N TYR C 231 -7.04 29.13 25.43
CA TYR C 231 -6.29 29.23 24.20
C TYR C 231 -4.84 29.57 24.51
N SER C 232 -4.02 29.52 23.46
CA SER C 232 -2.60 29.87 23.51
C SER C 232 -2.10 30.00 22.08
N TYR C 233 -1.48 31.14 21.76
CA TYR C 233 -1.04 31.36 20.38
C TYR C 233 0.24 30.62 20.13
N CYS C 234 0.39 30.06 18.94
CA CYS C 234 1.50 29.16 18.69
C CYS C 234 2.82 29.89 18.51
N ALA C 235 2.81 31.20 18.30
CA ALA C 235 4.02 31.96 18.06
C ALA C 235 4.34 32.98 19.14
N ASP C 236 3.66 32.96 20.29
CA ASP C 236 4.01 33.90 21.34
C ASP C 236 5.30 33.57 22.07
N GLY C 237 5.92 32.42 21.82
CA GLY C 237 7.15 32.07 22.51
C GLY C 237 7.63 30.71 22.09
N PHE C 238 8.71 30.27 22.73
CA PHE C 238 9.33 29.00 22.38
C PHE C 238 8.48 27.82 22.86
N VAL C 239 8.00 27.88 24.09
CA VAL C 239 7.22 26.79 24.68
C VAL C 239 5.86 26.69 23.99
N ASN C 240 5.33 27.81 23.50
CA ASN C 240 4.04 27.82 22.84
C ASN C 240 4.08 27.06 21.52
N GLY C 241 5.21 27.12 20.81
CA GLY C 241 5.35 26.35 19.59
C GLY C 241 5.37 24.86 19.85
N LEU C 242 5.96 24.45 20.97
CA LEU C 242 6.00 23.05 21.33
C LEU C 242 4.63 22.58 21.83
N GLN C 243 3.87 23.47 22.46
CA GLN C 243 2.49 23.18 22.85
C GLN C 243 1.60 22.88 21.66
N CYS C 244 1.79 23.62 20.56
CA CYS C 244 0.98 23.40 19.37
C CYS C 244 1.45 22.18 18.60
N LYS C 245 2.73 21.87 18.67
CA LYS C 245 3.25 20.69 18.02
C LYS C 245 2.72 19.41 18.67
N LEU C 246 2.58 19.41 19.99
CA LEU C 246 2.16 18.24 20.74
C LEU C 246 0.67 18.21 21.07
N ARG C 247 -0.07 19.29 20.78
CA ARG C 247 -1.50 19.45 21.13
C ARG C 247 -1.74 19.32 22.63
N LEU C 248 -0.84 19.90 23.42
CA LEU C 248 -0.92 19.80 24.86
C LEU C 248 -0.67 21.16 25.48
N PHE C 249 -1.45 21.49 26.50
CA PHE C 249 -1.17 22.70 27.26
C PHE C 249 -0.12 22.46 28.35
N ASP C 250 -0.25 21.38 29.12
CA ASP C 250 0.71 21.07 30.18
C ASP C 250 1.61 19.93 29.71
N ILE C 251 2.84 20.27 29.32
CA ILE C 251 3.75 19.34 28.67
C ILE C 251 4.52 18.58 29.74
N PRO C 252 4.39 17.25 29.83
CA PRO C 252 5.20 16.47 30.76
C PRO C 252 6.64 16.43 30.28
N PRO C 253 7.60 16.08 31.14
CA PRO C 253 9.01 16.05 30.71
C PRO C 253 9.29 14.93 29.72
N GLY C 254 10.12 15.21 28.73
CA GLY C 254 10.44 14.22 27.73
C GLY C 254 11.40 14.76 26.69
N VAL C 255 11.58 13.97 25.64
CA VAL C 255 12.41 14.33 24.48
C VAL C 255 11.49 14.40 23.28
N TYR C 256 11.36 15.59 22.69
CA TYR C 256 10.36 15.84 21.65
C TYR C 256 11.10 16.24 20.38
N SER C 257 10.98 15.41 19.36
CA SER C 257 11.84 15.52 18.18
C SER C 257 11.20 16.29 17.03
N ASN C 258 12.07 16.86 16.19
CA ASN C 258 11.77 17.42 14.87
C ASN C 258 10.87 18.66 14.98
N SER C 259 11.28 19.61 15.80
CA SER C 259 10.75 20.96 15.70
C SER C 259 11.51 21.70 14.61
N GLU C 260 10.79 22.46 13.81
CA GLU C 260 11.36 22.98 12.58
C GLU C 260 11.38 24.50 12.58
N VAL C 261 12.36 25.06 11.90
CA VAL C 261 12.52 26.49 11.74
C VAL C 261 12.03 26.87 10.35
N GLU C 262 11.21 27.91 10.27
CA GLU C 262 10.75 28.42 8.99
C GLU C 262 11.67 29.54 8.51
N TYR C 263 11.87 29.60 7.20
CA TYR C 263 12.76 30.53 6.53
C TYR C 263 12.02 31.18 5.37
N PRO C 264 12.36 32.42 5.00
CA PRO C 264 11.61 33.10 3.94
C PRO C 264 11.84 32.50 2.54
N VAL C 265 11.13 33.04 1.57
CA VAL C 265 11.04 32.44 0.24
C VAL C 265 11.64 33.37 -0.81
N ALA C 266 11.94 32.77 -1.96
CA ALA C 266 12.52 33.49 -3.10
C ALA C 266 12.17 32.72 -4.36
N LEU C 267 11.30 33.29 -5.19
CA LEU C 267 10.88 32.69 -6.44
C LEU C 267 11.72 33.24 -7.58
N TYR C 268 12.13 32.36 -8.49
CA TYR C 268 12.73 32.74 -9.76
C TYR C 268 11.92 32.09 -10.86
N THR C 269 11.04 32.86 -11.48
CA THR C 269 10.39 32.40 -12.70
C THR C 269 11.40 32.29 -13.84
N VAL C 270 12.38 33.19 -13.88
CA VAL C 270 13.53 33.08 -14.76
C VAL C 270 14.78 33.41 -13.94
N VAL C 271 15.93 33.12 -14.54
CA VAL C 271 17.22 33.36 -13.89
C VAL C 271 18.15 34.23 -14.72
N HIS C 272 17.82 34.50 -15.98
CA HIS C 272 18.64 35.35 -16.83
C HIS C 272 17.98 36.70 -17.02
N ASN C 273 18.71 37.62 -17.65
CA ASN C 273 18.19 38.91 -18.08
C ASN C 273 17.43 38.78 -19.39
N MET C 274 16.28 39.43 -19.47
CA MET C 274 15.52 39.51 -20.70
C MET C 274 15.61 40.93 -21.26
N SER C 275 15.55 41.02 -22.58
CA SER C 275 15.42 42.29 -23.27
C SER C 275 13.96 42.74 -23.29
N VAL C 276 13.70 43.91 -23.86
CA VAL C 276 12.35 44.45 -23.85
C VAL C 276 11.48 43.70 -24.86
N CYS C 277 10.18 43.78 -24.67
CA CYS C 277 9.20 43.18 -25.55
C CYS C 277 8.99 44.05 -26.79
N PRO C 278 8.38 43.52 -27.85
CA PRO C 278 7.97 44.39 -28.96
C PRO C 278 6.80 45.29 -28.59
N GLN C 279 6.41 46.13 -29.54
CA GLN C 279 5.26 46.98 -29.32
C GLN C 279 3.96 46.22 -29.56
N ARG C 280 2.88 46.77 -29.03
CA ARG C 280 1.56 46.24 -29.33
C ARG C 280 1.26 46.47 -30.80
N PRO C 281 0.66 45.50 -31.50
CA PRO C 281 0.26 45.73 -32.89
C PRO C 281 -0.76 46.85 -33.01
N GLU C 282 -0.61 47.66 -34.05
CA GLU C 282 -1.55 48.75 -34.27
C GLU C 282 -2.89 48.21 -34.74
N SER C 283 -3.95 48.85 -34.27
CA SER C 283 -5.31 48.40 -34.49
C SER C 283 -5.96 49.03 -35.70
N TYR C 284 -5.33 50.02 -36.30
CA TYR C 284 -5.91 50.74 -37.42
C TYR C 284 -5.78 49.91 -38.69
N CYS C 285 -6.90 49.43 -39.21
CA CYS C 285 -6.90 48.74 -40.48
C CYS C 285 -7.13 49.73 -41.60
N GLY C 286 -6.23 49.70 -42.60
CA GLY C 286 -6.05 50.78 -43.56
C GLY C 286 -7.24 51.26 -44.36
N SER C 287 -7.72 50.45 -45.30
CA SER C 287 -8.72 50.96 -46.23
C SER C 287 -9.94 50.05 -46.33
N ASN C 288 -9.79 48.78 -45.97
CA ASN C 288 -10.82 47.78 -46.22
C ASN C 288 -10.91 46.88 -44.99
N TYR C 289 -11.54 45.72 -45.16
CA TYR C 289 -11.52 44.71 -44.11
C TYR C 289 -10.23 43.91 -44.20
N CYS C 290 -9.60 43.67 -43.05
CA CYS C 290 -8.34 42.95 -43.00
C CYS C 290 -8.32 42.07 -41.75
N PRO C 291 -7.56 40.98 -41.79
CA PRO C 291 -7.41 40.16 -40.58
C PRO C 291 -6.51 40.85 -39.57
N PHE C 292 -6.52 40.31 -38.35
CA PHE C 292 -5.83 40.98 -37.26
C PHE C 292 -4.32 40.77 -37.38
N LYS C 293 -3.57 41.56 -36.64
CA LYS C 293 -2.11 41.50 -36.67
C LYS C 293 -1.60 40.83 -35.39
N ARG C 294 -0.91 39.70 -35.54
CA ARG C 294 -0.42 38.90 -34.44
C ARG C 294 1.06 39.14 -34.21
N VAL C 295 1.45 39.26 -32.94
CA VAL C 295 2.85 39.41 -32.53
C VAL C 295 3.09 38.47 -31.35
N VAL C 296 4.23 37.78 -31.35
CA VAL C 296 4.59 36.84 -30.30
C VAL C 296 5.33 37.58 -29.20
N PHE C 297 4.86 37.44 -27.96
CA PHE C 297 5.56 37.99 -26.81
C PHE C 297 6.13 36.82 -26.04
N SER C 298 7.45 36.79 -25.88
CA SER C 298 8.12 35.65 -25.30
C SER C 298 9.52 36.04 -24.90
N ASN C 299 9.93 35.66 -23.68
CA ASN C 299 11.29 35.84 -23.15
C ASN C 299 11.68 37.31 -23.09
N CYS C 300 10.80 38.14 -22.55
CA CYS C 300 11.01 39.57 -22.59
C CYS C 300 10.36 40.24 -21.40
N VAL C 301 10.70 41.51 -21.22
CA VAL C 301 10.19 42.36 -20.15
C VAL C 301 9.17 43.31 -20.76
N VAL C 302 7.98 43.38 -20.18
CA VAL C 302 6.86 44.05 -20.78
C VAL C 302 6.45 45.26 -19.96
N ASN C 303 6.00 46.30 -20.63
CA ASN C 303 5.37 47.47 -20.06
C ASN C 303 3.92 47.44 -20.54
N TYR C 304 3.00 47.03 -19.67
CA TYR C 304 1.63 46.83 -20.13
C TYR C 304 0.90 48.13 -20.39
N THR C 305 1.25 49.21 -19.69
CA THR C 305 0.53 50.46 -19.89
C THR C 305 0.98 51.19 -21.15
N SER C 306 2.01 50.67 -21.82
CA SER C 306 2.32 51.08 -23.18
C SER C 306 1.28 50.63 -24.20
N TRP C 307 0.42 49.68 -23.84
CA TRP C 307 -0.59 49.20 -24.77
C TRP C 307 -1.79 50.13 -24.87
N THR C 308 -1.84 51.18 -24.07
CA THR C 308 -2.91 52.15 -24.12
C THR C 308 -2.39 53.45 -24.70
N SER C 309 -3.26 54.45 -24.76
CA SER C 309 -2.85 55.76 -25.26
C SER C 309 -2.02 56.51 -24.24
N GLY C 310 -2.29 56.30 -22.96
CA GLY C 310 -1.58 56.98 -21.89
C GLY C 310 -2.42 57.97 -21.12
N LEU C 311 -3.51 58.47 -21.68
CA LEU C 311 -4.41 59.34 -20.95
C LEU C 311 -5.27 58.50 -20.02
N LEU C 312 -5.43 58.96 -18.78
CA LEU C 312 -6.04 58.15 -17.73
C LEU C 312 -7.50 57.84 -18.01
N ARG C 313 -8.21 58.75 -18.67
CA ARG C 313 -9.64 58.56 -18.92
C ARG C 313 -9.91 57.45 -19.92
N ASP C 314 -8.89 56.98 -20.64
CA ASP C 314 -9.08 55.89 -21.59
C ASP C 314 -9.00 54.53 -20.93
N TYR C 315 -8.21 54.40 -19.85
CA TYR C 315 -7.95 53.08 -19.29
C TYR C 315 -8.34 52.92 -17.82
N GLN C 316 -9.22 53.78 -17.28
CA GLN C 316 -9.58 53.76 -15.85
C GLN C 316 -10.12 52.43 -15.36
N HIS C 317 -10.83 51.71 -16.21
CA HIS C 317 -11.38 50.39 -15.94
C HIS C 317 -10.31 49.31 -15.83
N LEU C 318 -9.06 49.59 -16.19
CA LEU C 318 -7.96 48.64 -16.10
C LEU C 318 -7.07 48.89 -14.89
N VAL C 319 -7.38 49.89 -14.09
CA VAL C 319 -6.59 50.18 -12.90
C VAL C 319 -7.13 49.33 -11.76
N LEU C 320 -6.26 48.58 -11.13
CA LEU C 320 -6.68 47.78 -9.99
C LEU C 320 -6.87 48.65 -8.76
N PRO C 321 -7.64 48.16 -7.74
CA PRO C 321 -7.79 48.90 -6.48
C PRO C 321 -6.52 49.25 -5.73
N ASN C 322 -5.42 48.53 -5.96
CA ASN C 322 -4.13 48.89 -5.39
C ASN C 322 -3.36 49.89 -6.26
N GLY C 323 -4.01 50.51 -7.25
CA GLY C 323 -3.39 51.52 -8.08
C GLY C 323 -2.58 50.99 -9.22
N LYS C 324 -2.59 49.69 -9.45
CA LYS C 324 -1.72 49.06 -10.43
C LYS C 324 -2.46 48.85 -11.75
N PHE C 325 -1.75 49.04 -12.85
CA PHE C 325 -2.30 48.74 -14.16
C PHE C 325 -2.37 47.23 -14.37
N ASN C 326 -3.47 46.77 -14.95
CA ASN C 326 -3.74 45.37 -15.23
C ASN C 326 -4.17 45.28 -16.69
N PRO C 327 -3.51 44.48 -17.52
CA PRO C 327 -3.89 44.44 -18.94
C PRO C 327 -5.22 43.76 -19.26
N PHE C 328 -5.81 42.95 -18.40
CA PHE C 328 -6.91 42.10 -18.82
C PHE C 328 -8.17 42.31 -17.98
N THR C 329 -9.33 42.14 -18.62
CA THR C 329 -10.63 42.24 -17.97
C THR C 329 -11.34 40.91 -17.83
N GLU C 330 -10.93 39.87 -18.56
CA GLU C 330 -11.63 38.60 -18.58
C GLU C 330 -10.71 37.54 -19.16
N CYS C 331 -10.60 36.40 -18.48
CA CYS C 331 -9.80 35.28 -18.97
C CYS C 331 -10.61 34.01 -18.98
N ASN C 332 -10.15 33.06 -19.79
CA ASN C 332 -10.69 31.70 -19.82
C ASN C 332 -9.56 30.79 -19.34
N GLY C 333 -9.68 30.29 -18.11
CA GLY C 333 -8.75 29.32 -17.58
C GLY C 333 -7.57 29.89 -16.83
N LEU C 334 -7.36 31.19 -16.89
CA LEU C 334 -6.25 31.84 -16.24
C LEU C 334 -6.78 32.86 -15.23
N ASN C 335 -5.89 33.37 -14.40
CA ASN C 335 -6.20 34.45 -13.49
C ASN C 335 -6.06 35.77 -14.25
N ARG C 336 -7.11 36.61 -14.22
CA ARG C 336 -7.04 37.87 -14.95
C ARG C 336 -6.06 38.84 -14.31
N ILE C 337 -5.91 38.80 -12.99
CA ILE C 337 -4.90 39.61 -12.33
C ILE C 337 -3.53 39.03 -12.63
N VAL C 338 -2.65 39.86 -13.15
CA VAL C 338 -1.32 39.43 -13.55
C VAL C 338 -0.33 39.78 -12.44
N ASP C 339 0.21 38.76 -11.78
CA ASP C 339 1.19 38.97 -10.72
C ASP C 339 2.62 38.76 -11.18
N ASP C 340 3.15 39.72 -11.96
CA ASP C 340 4.54 39.99 -12.32
C ASP C 340 5.14 39.04 -13.36
N CYS C 341 4.59 37.85 -13.58
CA CYS C 341 5.15 36.97 -14.60
C CYS C 341 4.09 36.00 -15.10
N VAL C 342 3.98 35.87 -16.41
CA VAL C 342 3.12 34.89 -17.05
C VAL C 342 3.98 34.09 -18.03
N THR C 343 3.37 33.11 -18.69
CA THR C 343 4.06 32.42 -19.76
C THR C 343 4.02 33.27 -21.03
N GLY C 344 4.70 32.82 -22.08
CA GLY C 344 4.67 33.53 -23.34
C GLY C 344 3.31 33.46 -24.01
N PHE C 345 3.01 34.48 -24.82
CA PHE C 345 1.70 34.52 -25.47
C PHE C 345 1.80 35.09 -26.88
N VAL C 346 0.75 34.81 -27.65
CA VAL C 346 0.54 35.39 -28.98
C VAL C 346 -0.59 36.41 -28.83
N LEU C 347 -0.33 37.64 -29.24
CA LEU C 347 -1.20 38.78 -29.01
C LEU C 347 -1.79 39.29 -30.31
N ARG C 348 -3.12 39.37 -30.39
CA ARG C 348 -3.78 39.96 -31.54
C ARG C 348 -4.63 41.14 -31.11
N VAL C 349 -4.74 42.14 -31.97
CA VAL C 349 -5.41 43.40 -31.66
C VAL C 349 -6.54 43.63 -32.64
N GLY C 350 -7.36 44.62 -32.33
CA GLY C 350 -8.47 44.99 -33.18
C GLY C 350 -9.12 46.25 -32.68
N ARG C 351 -10.24 46.60 -33.29
CA ARG C 351 -10.92 47.86 -32.97
C ARG C 351 -12.43 47.71 -33.16
N GLY C 352 -13.21 48.32 -32.25
CA GLY C 352 -14.65 48.25 -32.34
C GLY C 352 -15.32 49.54 -31.92
N THR C 353 -16.65 49.49 -31.89
CA THR C 353 -17.50 50.60 -31.46
C THR C 353 -18.44 50.10 -30.37
N ALA C 354 -18.47 50.81 -29.25
CA ALA C 354 -19.35 50.46 -28.14
C ALA C 354 -20.67 51.18 -28.26
N VAL C 355 -21.77 50.45 -28.12
CA VAL C 355 -23.09 51.05 -28.06
C VAL C 355 -23.48 51.24 -26.58
N ASN C 356 -23.85 52.47 -26.24
CA ASN C 356 -24.16 52.91 -24.86
C ASN C 356 -23.05 52.57 -23.88
N ARG C 357 -21.80 52.83 -24.30
CA ARG C 357 -20.60 52.73 -23.46
C ARG C 357 -20.35 51.31 -22.92
N THR C 358 -20.76 50.29 -23.67
CA THR C 358 -20.70 48.91 -23.19
C THR C 358 -19.87 48.08 -24.14
N VAL C 359 -18.65 47.74 -23.72
CA VAL C 359 -17.78 46.87 -24.50
C VAL C 359 -18.18 45.42 -24.22
N ILE C 360 -18.47 44.68 -25.27
CA ILE C 360 -18.91 43.30 -25.14
C ILE C 360 -17.70 42.38 -25.19
N THR C 361 -17.60 41.50 -24.21
CA THR C 361 -16.57 40.48 -24.23
C THR C 361 -16.92 39.43 -25.26
N PRO C 362 -16.03 39.11 -26.20
CA PRO C 362 -16.31 38.09 -27.20
C PRO C 362 -16.14 36.68 -26.66
N TYR C 363 -16.28 35.70 -27.55
CA TYR C 363 -16.07 34.30 -27.20
C TYR C 363 -14.59 34.04 -26.99
N LEU C 364 -14.24 33.48 -25.83
CA LEU C 364 -12.85 33.25 -25.48
C LEU C 364 -12.57 31.76 -25.50
N LYS C 365 -11.61 31.35 -26.32
CA LYS C 365 -11.08 30.00 -26.29
C LYS C 365 -10.33 29.78 -24.98
N PRO C 366 -10.11 28.53 -24.57
CA PRO C 366 -9.34 28.27 -23.34
C PRO C 366 -7.90 28.75 -23.48
N ASN C 367 -7.37 29.26 -22.36
CA ASN C 367 -6.07 29.94 -22.24
C ASN C 367 -6.03 31.23 -23.04
N GLU C 368 -7.12 31.99 -23.01
CA GLU C 368 -7.11 33.32 -23.59
C GLU C 368 -7.64 34.35 -22.60
N CYS C 369 -7.15 35.57 -22.76
CA CYS C 369 -7.50 36.70 -21.91
C CYS C 369 -7.82 37.90 -22.79
N PHE C 370 -8.76 38.72 -22.34
CA PHE C 370 -9.26 39.83 -23.12
C PHE C 370 -9.06 41.14 -22.37
N GLY C 371 -8.78 42.22 -23.10
CA GLY C 371 -8.72 43.53 -22.51
C GLY C 371 -8.92 44.62 -23.55
N TRP C 372 -9.13 45.84 -23.07
CA TRP C 372 -9.51 46.94 -23.96
C TRP C 372 -9.29 48.27 -23.26
N SER C 373 -9.10 49.33 -24.06
CA SER C 373 -9.09 50.70 -23.56
C SER C 373 -9.67 51.61 -24.63
N TRP C 374 -10.09 52.80 -24.23
CA TRP C 374 -10.69 53.73 -25.19
C TRP C 374 -9.64 54.30 -26.14
N ASN C 375 -10.03 54.43 -27.40
CA ASN C 375 -9.21 55.08 -28.41
C ASN C 375 -9.71 56.48 -28.72
N ASP C 376 -10.97 56.60 -29.15
CA ASP C 376 -11.64 57.89 -29.33
C ASP C 376 -12.89 57.82 -28.45
N TYR C 377 -12.78 58.36 -27.24
CA TYR C 377 -13.83 58.21 -26.23
C TYR C 377 -15.11 58.91 -26.64
N GLN C 378 -15.02 60.08 -27.29
CA GLN C 378 -16.22 60.82 -27.65
C GLN C 378 -16.98 60.12 -28.76
N ASP C 379 -16.28 59.45 -29.66
CA ASP C 379 -16.91 58.70 -30.72
C ASP C 379 -17.20 57.26 -30.34
N SER C 380 -16.89 56.87 -29.09
CA SER C 380 -17.04 55.50 -28.57
C SER C 380 -16.27 54.48 -29.42
N ILE C 381 -15.00 54.75 -29.66
CA ILE C 381 -14.11 53.84 -30.37
C ILE C 381 -13.11 53.28 -29.37
N TYR C 382 -12.89 51.97 -29.40
CA TYR C 382 -11.95 51.35 -28.47
C TYR C 382 -11.03 50.39 -29.20
N ASP C 383 -9.83 50.24 -28.67
CA ASP C 383 -8.93 49.16 -29.08
C ASP C 383 -9.15 47.98 -28.15
N TRP C 384 -8.99 46.77 -28.68
CA TRP C 384 -9.00 45.59 -27.84
C TRP C 384 -7.81 44.72 -28.19
N TRP C 385 -7.53 43.78 -27.29
CA TRP C 385 -6.45 42.81 -27.49
C TRP C 385 -6.82 41.49 -26.84
N ILE C 386 -6.56 40.40 -27.56
CA ILE C 386 -6.69 39.06 -27.03
C ILE C 386 -5.32 38.40 -27.01
N ALA C 387 -4.93 37.88 -25.85
CA ALA C 387 -3.66 37.18 -25.67
C ALA C 387 -3.93 35.69 -25.53
N ASP C 388 -3.34 34.91 -26.43
CA ASP C 388 -3.53 33.46 -26.46
C ASP C 388 -2.26 32.81 -25.94
N PHE C 389 -2.33 32.27 -24.72
CA PHE C 389 -1.12 31.80 -24.05
C PHE C 389 -0.87 30.37 -24.53
N VAL C 390 0.01 30.24 -25.48
CA VAL C 390 0.36 28.94 -26.06
C VAL C 390 1.66 28.45 -25.43
N SER C 391 1.93 27.17 -25.59
CA SER C 391 3.15 26.56 -25.03
C SER C 391 4.39 27.12 -25.73
N THR C 392 5.23 27.77 -24.97
CA THR C 392 6.47 28.34 -25.47
C THR C 392 7.68 27.90 -24.68
N GLY C 393 7.52 27.61 -23.39
CA GLY C 393 8.65 27.35 -22.52
C GLY C 393 9.26 28.61 -21.95
N ALA C 394 8.84 29.78 -22.44
CA ALA C 394 9.43 31.03 -22.01
C ALA C 394 8.40 31.88 -21.30
N PHE C 395 8.85 33.00 -20.76
CA PHE C 395 8.06 33.76 -19.81
C PHE C 395 8.09 35.24 -20.16
N VAL C 396 7.04 35.94 -19.77
CA VAL C 396 6.94 37.38 -19.97
C VAL C 396 6.81 38.00 -18.59
N CYS C 397 7.77 38.81 -18.20
CA CYS C 397 7.75 39.39 -16.87
C CYS C 397 7.72 40.91 -16.96
N GLU C 398 7.50 41.53 -15.81
CA GLU C 398 7.50 42.97 -15.69
C GLU C 398 8.79 43.54 -15.14
N LYS C 399 9.71 42.68 -14.69
CA LYS C 399 11.04 43.10 -14.29
C LYS C 399 11.99 41.93 -14.39
N ASN C 400 13.28 42.25 -14.34
CA ASN C 400 14.35 41.26 -14.34
C ASN C 400 14.62 40.75 -12.92
N PRO C 401 15.17 39.55 -12.77
CA PRO C 401 15.49 39.06 -11.43
C PRO C 401 16.70 39.76 -10.83
N ASP C 402 16.87 39.55 -9.53
CA ASP C 402 17.96 40.11 -8.75
C ASP C 402 18.94 39.01 -8.37
N ALA C 403 20.12 39.41 -7.93
CA ALA C 403 21.09 38.46 -7.42
C ALA C 403 20.62 37.92 -6.07
N PRO C 404 20.88 36.64 -5.78
CA PRO C 404 20.43 36.09 -4.51
C PRO C 404 21.25 36.61 -3.35
N ARG C 405 20.65 36.55 -2.16
CA ARG C 405 21.37 36.86 -0.93
C ARG C 405 22.09 35.59 -0.48
N THR C 406 23.41 35.63 -0.49
CA THR C 406 24.19 34.43 -0.16
C THR C 406 24.34 34.29 1.35
N GLY C 407 24.58 33.05 1.77
CA GLY C 407 24.88 32.76 3.16
C GLY C 407 23.73 32.78 4.14
N VAL C 408 22.48 32.71 3.67
CA VAL C 408 21.31 32.55 4.55
C VAL C 408 20.46 31.42 4.00
N CYS C 409 19.73 30.74 4.88
CA CYS C 409 18.87 29.64 4.44
C CYS C 409 17.53 30.18 3.95
N ILE C 410 17.21 29.90 2.69
CA ILE C 410 16.03 30.42 2.01
C ILE C 410 15.34 29.23 1.35
N THR C 411 14.00 29.22 1.36
CA THR C 411 13.26 28.30 0.51
C THR C 411 13.21 28.88 -0.90
N TYR C 412 14.01 28.37 -1.81
CA TYR C 412 14.03 28.83 -3.20
C TYR C 412 13.07 28.03 -4.07
N THR C 413 12.69 28.63 -5.19
CA THR C 413 12.05 27.93 -6.30
C THR C 413 12.78 28.35 -7.57
N ILE C 414 13.47 27.39 -8.20
CA ILE C 414 14.28 27.65 -9.39
C ILE C 414 14.03 26.51 -10.36
N GLU C 415 13.62 26.86 -11.59
CA GLU C 415 13.30 25.94 -12.67
C GLU C 415 12.18 24.97 -12.27
N LYS C 416 11.13 25.55 -11.69
CA LYS C 416 9.88 24.88 -11.26
C LYS C 416 10.08 23.88 -10.14
N VAL C 417 11.22 23.90 -9.46
CA VAL C 417 11.53 22.96 -8.41
C VAL C 417 11.85 23.76 -7.15
N THR C 418 11.22 23.39 -6.04
CA THR C 418 11.35 24.10 -4.78
C THR C 418 12.35 23.36 -3.89
N PHE C 419 13.28 24.11 -3.29
CA PHE C 419 14.27 23.53 -2.40
C PHE C 419 14.65 24.55 -1.35
N GLN C 420 14.93 24.06 -0.16
CA GLN C 420 15.40 24.86 0.96
C GLN C 420 16.92 24.72 1.07
N GLY C 421 17.62 25.82 1.29
CA GLY C 421 19.07 25.73 1.27
C GLY C 421 19.74 27.08 1.33
N VAL C 422 21.06 27.05 1.17
CA VAL C 422 21.96 28.19 1.29
C VAL C 422 22.79 28.28 0.02
N LEU C 423 22.93 29.47 -0.55
CA LEU C 423 23.74 29.67 -1.75
C LEU C 423 25.06 30.33 -1.41
N TYR C 424 26.15 29.81 -1.98
CA TYR C 424 27.46 30.42 -1.90
C TYR C 424 28.02 30.63 -3.30
N GLU C 425 28.75 31.71 -3.49
CA GLU C 425 29.41 31.95 -4.76
C GLU C 425 30.50 30.91 -4.99
N SER C 426 30.64 30.48 -6.23
CA SER C 426 31.44 29.32 -6.59
C SER C 426 32.22 29.59 -7.85
N ASN C 427 33.38 28.93 -7.98
CA ASN C 427 34.17 28.95 -9.20
C ASN C 427 33.88 27.77 -10.10
N PHE C 428 32.81 27.05 -9.83
CA PHE C 428 32.47 25.88 -10.63
C PHE C 428 31.85 26.35 -11.94
N THR C 429 32.02 25.54 -12.99
CA THR C 429 31.47 25.83 -14.30
C THR C 429 30.76 24.59 -14.81
N PHE C 430 29.55 24.78 -15.33
CA PHE C 430 28.84 23.73 -16.05
C PHE C 430 28.30 24.34 -17.33
N ALA C 431 27.68 23.51 -18.16
CA ALA C 431 27.36 23.90 -19.53
C ALA C 431 26.27 24.97 -19.59
N GLN C 432 26.36 25.81 -20.63
CA GLN C 432 25.56 27.04 -20.68
C GLN C 432 24.11 26.77 -20.99
N TYR C 433 23.79 25.58 -21.49
CA TYR C 433 22.41 25.25 -21.78
C TYR C 433 21.62 25.02 -20.50
N TYR C 434 22.29 24.72 -19.39
CA TYR C 434 21.61 24.38 -18.16
C TYR C 434 21.71 25.50 -17.14
N ASN C 435 20.67 25.60 -16.31
CA ASN C 435 20.66 26.56 -15.22
C ASN C 435 20.74 25.88 -13.85
N VAL C 436 20.61 24.56 -13.78
CA VAL C 436 20.78 23.79 -12.55
C VAL C 436 21.64 22.58 -12.88
N LEU C 437 22.36 22.08 -11.87
CA LEU C 437 23.20 20.90 -12.07
C LEU C 437 23.03 19.92 -10.92
N TYR C 438 22.70 18.68 -11.26
CA TYR C 438 22.46 17.61 -10.29
C TYR C 438 23.66 16.68 -10.22
N PHE C 439 23.95 16.18 -9.02
CA PHE C 439 24.83 15.02 -8.83
C PHE C 439 23.95 13.87 -8.36
N GLY C 440 23.60 12.97 -9.26
CA GLY C 440 22.63 11.95 -8.95
C GLY C 440 21.25 12.56 -8.85
N SER C 441 20.63 12.50 -7.67
CA SER C 441 19.37 13.18 -7.44
C SER C 441 19.51 14.39 -6.51
N GLN C 442 20.72 14.87 -6.27
CA GLN C 442 20.97 15.97 -5.37
C GLN C 442 21.32 17.22 -6.18
N LEU C 443 20.61 18.31 -5.91
CA LEU C 443 20.89 19.59 -6.54
C LEU C 443 22.16 20.18 -5.93
N LYS C 444 23.18 20.37 -6.76
CA LYS C 444 24.48 20.86 -6.31
C LYS C 444 24.78 22.29 -6.71
N TYR C 445 24.48 22.69 -7.95
CA TYR C 445 24.82 24.01 -8.45
C TYR C 445 23.66 24.60 -9.24
N VAL C 446 23.47 25.91 -9.09
CA VAL C 446 22.53 26.66 -9.92
C VAL C 446 23.29 27.81 -10.57
N ARG C 447 22.64 28.46 -11.53
CA ARG C 447 23.18 29.63 -12.21
C ARG C 447 22.14 30.73 -12.21
N ILE C 448 22.47 31.88 -11.63
CA ILE C 448 21.55 33.00 -11.56
C ILE C 448 22.26 34.24 -12.08
N LEU C 449 21.71 34.84 -13.15
CA LEU C 449 22.23 36.05 -13.79
C LEU C 449 23.66 35.85 -14.29
N GLY C 450 23.95 34.64 -14.75
CA GLY C 450 25.26 34.32 -15.27
C GLY C 450 26.29 33.86 -14.26
N LYS C 451 26.00 33.94 -12.97
CA LYS C 451 26.92 33.53 -11.92
C LYS C 451 26.48 32.19 -11.34
N VAL C 452 27.45 31.34 -10.97
CA VAL C 452 27.20 29.98 -10.50
C VAL C 452 27.29 29.94 -8.99
N TYR C 453 26.29 29.31 -8.35
CA TYR C 453 26.19 29.20 -6.91
C TYR C 453 26.14 27.74 -6.46
N GLU C 454 26.95 27.41 -5.48
CA GLU C 454 26.86 26.14 -4.79
C GLU C 454 25.68 26.12 -3.83
N VAL C 455 24.87 25.08 -3.92
CA VAL C 455 23.73 24.90 -3.02
C VAL C 455 24.22 24.13 -1.80
N ALA C 456 24.07 24.71 -0.64
CA ALA C 456 24.48 24.03 0.57
C ALA C 456 23.28 23.75 1.46
N PRO C 457 23.30 22.69 2.26
CA PRO C 457 22.18 22.43 3.16
C PRO C 457 22.25 23.26 4.42
N CYS C 458 21.11 23.81 4.82
CA CYS C 458 21.00 24.45 6.12
C CYS C 458 20.69 23.37 7.17
N PHE C 459 21.72 23.01 7.94
CA PHE C 459 21.70 21.94 8.92
C PHE C 459 20.91 22.30 10.17
N GLU C 460 20.61 23.58 10.37
CA GLU C 460 20.02 24.07 11.60
C GLU C 460 18.52 24.27 11.48
N ALA C 461 17.88 23.63 10.50
CA ALA C 461 16.45 23.75 10.31
C ALA C 461 15.64 22.86 11.25
N SER C 462 16.27 21.87 11.88
CA SER C 462 15.55 20.91 12.71
C SER C 462 16.23 20.78 14.06
N TYR C 463 15.44 20.78 15.14
CA TYR C 463 16.02 20.57 16.46
C TYR C 463 15.06 19.78 17.35
N ASP C 464 15.60 19.17 18.39
CA ASP C 464 14.79 18.50 19.40
C ASP C 464 14.85 19.27 20.71
N VAL C 465 13.86 19.05 21.56
CA VAL C 465 13.78 19.72 22.86
C VAL C 465 13.88 18.67 23.97
N LEU C 466 14.86 18.84 24.84
CA LEU C 466 15.13 17.97 25.99
C LEU C 466 14.54 18.67 27.20
N PHE C 467 13.27 18.42 27.45
CA PHE C 467 12.39 19.33 28.17
C PHE C 467 12.16 18.84 29.60
N ARG C 468 12.53 19.65 30.58
CA ARG C 468 12.08 19.40 31.95
C ARG C 468 10.81 20.17 32.25
N SER C 469 10.85 21.48 32.05
CA SER C 469 9.75 22.38 32.33
C SER C 469 9.96 23.61 31.47
N SER C 470 9.11 24.61 31.66
CA SER C 470 9.13 25.80 30.80
C SER C 470 10.33 26.69 31.08
N SER C 471 11.02 26.45 32.19
CA SER C 471 12.16 27.25 32.57
C SER C 471 13.47 26.47 32.55
N SER C 472 13.46 25.23 32.06
CA SER C 472 14.66 24.41 32.02
C SER C 472 14.53 23.40 30.88
N PHE C 473 15.20 23.66 29.77
CA PHE C 473 15.22 22.74 28.64
C PHE C 473 16.55 22.84 27.94
N GLY C 474 16.90 21.80 27.20
CA GLY C 474 18.09 21.78 26.39
C GLY C 474 17.73 21.51 24.94
N LEU C 475 18.59 21.93 24.03
CA LEU C 475 18.35 21.82 22.61
C LEU C 475 19.37 20.91 21.94
N LEU C 476 18.91 20.07 21.04
CA LEU C 476 19.76 19.13 20.31
C LEU C 476 19.54 19.33 18.81
N TYR C 477 20.58 19.77 18.13
CA TYR C 477 20.52 19.98 16.68
C TYR C 477 21.14 18.74 16.03
N ARG C 478 20.29 17.76 15.70
CA ARG C 478 20.75 16.40 15.40
C ARG C 478 21.51 16.29 14.09
N SER C 479 21.33 17.23 13.17
CA SER C 479 22.05 17.12 11.91
C SER C 479 23.13 18.18 11.75
N PHE C 480 23.60 18.77 12.83
CA PHE C 480 24.48 19.92 12.77
C PHE C 480 25.75 19.65 13.56
N ASP C 481 26.87 19.48 12.86
CA ASP C 481 28.19 19.35 13.46
C ASP C 481 28.75 20.72 13.80
N CYS C 482 28.62 21.12 15.05
CA CYS C 482 29.00 22.47 15.48
C CYS C 482 30.40 22.51 16.11
N ASN C 483 31.41 22.07 15.36
CA ASN C 483 32.77 22.30 15.82
C ASN C 483 33.13 23.77 15.65
N GLN C 484 34.11 24.22 16.44
CA GLN C 484 34.37 25.64 16.57
C GLN C 484 35.00 26.23 15.32
N LEU C 485 35.56 25.40 14.44
CA LEU C 485 36.11 25.91 13.20
C LEU C 485 35.00 26.33 12.23
N ARG C 486 33.88 25.62 12.24
CA ARG C 486 32.82 25.87 11.28
C ARG C 486 32.01 27.11 11.64
N ILE C 487 31.60 27.23 12.91
CA ILE C 487 30.74 28.34 13.30
C ILE C 487 31.49 29.66 13.47
N SER C 488 32.83 29.63 13.42
CA SER C 488 33.63 30.84 13.46
C SER C 488 34.00 31.37 12.09
N ALA C 489 33.76 30.59 11.04
CA ALA C 489 34.17 31.01 9.70
C ALA C 489 33.28 32.14 9.19
N SER C 490 33.75 32.77 8.12
CA SER C 490 32.94 33.75 7.40
C SER C 490 31.80 33.09 6.64
N ARG C 491 31.90 31.77 6.42
CA ARG C 491 30.85 31.00 5.78
C ARG C 491 29.58 30.99 6.63
N PHE C 492 29.72 30.92 7.94
CA PHE C 492 28.58 30.76 8.84
C PHE C 492 28.24 32.07 9.56
N ALA C 493 28.70 33.21 9.04
CA ALA C 493 28.56 34.47 9.76
C ALA C 493 27.11 34.94 9.82
N GLU C 494 26.39 34.89 8.69
CA GLU C 494 25.01 35.31 8.65
C GLU C 494 24.05 34.28 9.25
N ARG C 495 24.52 33.08 9.54
CA ARG C 495 23.67 32.00 10.02
C ARG C 495 23.77 31.76 11.52
N LEU C 496 24.73 32.38 12.19
CA LEU C 496 24.96 32.13 13.60
C LEU C 496 23.89 32.77 14.48
N LEU C 497 23.20 31.92 15.22
CA LEU C 497 22.32 32.24 16.34
C LEU C 497 23.06 31.97 17.64
N PRO C 498 22.60 32.50 18.79
CA PRO C 498 23.30 32.18 20.04
C PRO C 498 23.20 30.72 20.46
N SER C 499 22.15 30.01 20.06
CA SER C 499 22.00 28.62 20.46
C SER C 499 22.85 27.66 19.64
N HIS C 500 23.59 28.11 18.63
CA HIS C 500 24.43 27.19 17.90
C HIS C 500 25.82 27.02 18.51
N ASN C 501 26.08 27.65 19.64
CA ASN C 501 27.38 27.53 20.28
C ASN C 501 27.26 26.51 21.41
N GLY C 502 27.14 25.25 21.03
CA GLY C 502 26.99 24.21 22.02
C GLY C 502 28.08 23.17 21.91
N THR C 503 27.79 21.95 22.34
CA THR C 503 28.78 20.89 22.36
C THR C 503 28.56 20.00 21.14
N ALA C 504 29.63 19.71 20.42
CA ALA C 504 29.57 18.78 19.31
C ALA C 504 29.65 17.35 19.86
N THR C 505 28.60 16.58 19.61
CA THR C 505 28.50 15.21 20.06
C THR C 505 28.33 14.31 18.84
N ALA C 506 28.26 13.00 19.08
CA ALA C 506 27.91 12.07 18.01
C ALA C 506 26.43 12.11 17.67
N LEU C 507 25.61 12.77 18.48
CA LEU C 507 24.21 12.97 18.20
C LEU C 507 23.90 14.32 17.56
N GLY C 508 24.89 15.15 17.32
CA GLY C 508 24.67 16.50 16.86
C GLY C 508 25.10 17.53 17.89
N CYS C 509 24.55 18.73 17.74
CA CYS C 509 24.96 19.87 18.53
C CYS C 509 24.04 20.02 19.74
N LEU C 510 24.60 19.91 20.92
CA LEU C 510 23.84 19.90 22.17
C LEU C 510 23.98 21.28 22.81
N PHE C 511 22.87 22.00 22.97
CA PHE C 511 22.93 23.35 23.55
C PHE C 511 22.23 23.36 24.90
N ASN C 512 22.85 24.12 25.84
CA ASN C 512 22.56 24.27 27.27
C ASN C 512 22.03 23.00 27.93
N ALA C 513 22.69 21.91 27.66
CA ALA C 513 22.63 20.69 28.43
C ALA C 513 24.06 20.27 28.69
N THR C 514 24.32 19.70 29.86
CA THR C 514 25.66 19.20 30.11
C THR C 514 25.82 17.81 29.52
N TYR C 515 27.01 17.55 28.99
CA TYR C 515 27.30 16.33 28.27
C TYR C 515 28.35 15.55 29.05
N ALA C 516 27.98 14.35 29.48
CA ALA C 516 28.80 13.51 30.36
C ALA C 516 28.85 12.09 29.83
N PRO C 517 29.66 11.84 28.81
CA PRO C 517 29.67 10.49 28.20
C PRO C 517 30.46 9.44 28.98
N ASN C 518 30.96 9.74 30.17
CA ASN C 518 31.59 8.71 30.98
C ASN C 518 30.69 8.16 32.07
N ASP C 519 29.58 8.83 32.36
CA ASP C 519 28.64 8.31 33.32
C ASP C 519 27.69 7.35 32.64
N THR C 520 27.08 6.46 33.44
CA THR C 520 26.23 5.41 32.92
C THR C 520 24.88 5.43 33.61
N MET C 521 23.91 4.81 32.96
CA MET C 521 22.57 4.60 33.48
C MET C 521 22.09 3.25 32.98
N VAL C 522 21.61 2.42 33.89
CA VAL C 522 20.94 1.19 33.50
C VAL C 522 19.44 1.39 33.43
N ASN C 523 18.93 2.46 34.02
CA ASN C 523 17.52 2.77 34.04
C ASN C 523 17.33 4.02 33.19
N CYS C 524 17.06 3.83 31.90
CA CYS C 524 16.92 4.94 30.96
C CYS C 524 15.45 5.09 30.59
N THR C 525 14.84 6.17 31.07
CA THR C 525 13.48 6.50 30.68
C THR C 525 13.44 7.38 29.43
N ASN C 526 14.51 8.08 29.10
CA ASN C 526 14.51 9.04 27.99
C ASN C 526 15.68 8.77 27.06
N PRO C 527 15.53 7.84 26.13
CA PRO C 527 16.64 7.52 25.24
C PRO C 527 16.76 8.54 24.12
N LEU C 528 18.00 8.76 23.70
CA LEU C 528 18.29 9.69 22.62
C LEU C 528 18.73 9.00 21.34
N GLY C 529 18.99 7.71 21.38
CA GLY C 529 19.61 7.03 20.27
C GLY C 529 21.10 6.89 20.51
N ASP C 530 21.69 5.88 19.87
CA ASP C 530 23.14 5.62 19.84
C ASP C 530 23.72 5.34 21.24
N GLY C 531 22.92 4.75 22.12
CA GLY C 531 23.39 4.45 23.46
C GLY C 531 23.47 5.64 24.40
N PHE C 532 22.79 6.72 24.09
CA PHE C 532 22.76 7.89 24.96
C PHE C 532 21.38 8.00 25.57
N CYS C 533 21.32 8.67 26.71
CA CYS C 533 20.08 8.84 27.44
C CYS C 533 20.06 10.26 27.99
N ALA C 534 18.87 10.80 28.18
CA ALA C 534 18.72 12.14 28.75
C ALA C 534 18.18 12.03 30.17
N ASP C 535 18.95 12.49 31.13
CA ASP C 535 18.55 12.51 32.53
C ASP C 535 17.90 13.85 32.83
N LEU C 536 16.61 13.82 33.14
CA LEU C 536 15.79 15.02 33.24
C LEU C 536 15.24 15.17 34.65
N LEU C 537 16.01 14.77 35.66
CA LEU C 537 15.59 14.82 37.05
C LEU C 537 15.91 16.16 37.71
N SER C 538 17.18 16.55 37.74
CA SER C 538 17.59 17.81 38.36
C SER C 538 17.82 18.90 37.33
N ASN C 539 18.72 18.66 36.38
CA ASN C 539 18.91 19.50 35.22
C ASN C 539 19.13 18.56 34.03
N VAL C 540 19.39 19.11 32.87
CA VAL C 540 19.39 18.34 31.63
C VAL C 540 20.80 17.81 31.42
N VAL C 541 20.97 16.49 31.54
CA VAL C 541 22.27 15.86 31.38
C VAL C 541 22.13 14.75 30.36
N VAL C 542 23.16 14.54 29.56
CA VAL C 542 23.22 13.43 28.62
C VAL C 542 24.25 12.42 29.13
N ARG C 543 23.77 11.21 29.45
CA ARG C 543 24.59 10.09 29.92
C ARG C 543 24.61 8.97 28.88
N ARG C 544 25.35 7.92 29.21
CA ARG C 544 25.38 6.68 28.44
C ARG C 544 24.43 5.65 29.03
N MET C 545 23.92 4.79 28.17
CA MET C 545 23.15 3.62 28.58
C MET C 545 24.08 2.44 28.81
N THR C 546 23.72 1.60 29.77
CA THR C 546 24.32 0.29 29.90
C THR C 546 23.22 -0.76 30.00
N PHE C 547 23.63 -2.01 29.99
CA PHE C 547 22.75 -3.15 30.09
C PHE C 547 23.31 -4.06 31.16
N GLU C 548 22.43 -4.77 31.85
CA GLU C 548 22.86 -5.69 32.88
C GLU C 548 23.39 -6.97 32.24
N LYS C 549 24.56 -7.41 32.70
CA LYS C 549 25.22 -8.57 32.12
C LYS C 549 24.62 -9.85 32.70
N HIS C 550 24.31 -10.80 31.83
CA HIS C 550 23.80 -12.09 32.27
C HIS C 550 24.86 -13.18 32.08
N ASP C 551 24.53 -14.36 32.58
CA ASP C 551 25.35 -15.56 32.59
C ASP C 551 24.68 -16.61 31.69
N THR C 552 25.20 -17.84 31.71
CA THR C 552 24.67 -18.94 30.91
C THR C 552 24.50 -20.18 31.79
N THR C 553 23.79 -21.20 31.29
CA THR C 553 23.61 -22.44 32.03
C THR C 553 24.51 -23.56 31.56
N TYR C 554 25.10 -23.45 30.38
CA TYR C 554 26.10 -24.41 29.94
C TYR C 554 27.33 -24.37 30.84
N VAL C 555 27.69 -25.52 31.39
CA VAL C 555 28.91 -25.67 32.18
C VAL C 555 29.90 -26.47 31.34
N ALA C 556 31.09 -25.94 31.18
CA ALA C 556 32.11 -26.64 30.44
C ALA C 556 32.58 -27.84 31.25
N PRO C 557 32.89 -28.95 30.59
CA PRO C 557 33.26 -30.16 31.34
C PRO C 557 34.62 -30.04 32.00
N VAL C 558 34.75 -30.71 33.13
CA VAL C 558 35.97 -30.68 33.92
C VAL C 558 36.81 -31.88 33.49
N THR C 559 37.94 -31.61 32.84
CA THR C 559 38.76 -32.69 32.32
C THR C 559 40.07 -32.86 33.08
N ASN C 560 40.48 -31.88 33.88
CA ASN C 560 41.65 -32.02 34.72
C ASN C 560 41.41 -31.21 36.00
N GLU C 561 42.34 -31.32 36.95
CA GLU C 561 42.23 -30.59 38.20
C GLU C 561 42.50 -29.11 37.98
N ARG C 562 41.55 -28.27 38.38
CA ARG C 562 41.66 -26.83 38.17
C ARG C 562 40.71 -26.13 39.13
N PHE C 563 40.72 -24.80 39.07
CA PHE C 563 39.77 -23.99 39.80
C PHE C 563 38.49 -23.83 39.00
N THR C 564 37.37 -23.77 39.73
CA THR C 564 36.07 -23.54 39.15
C THR C 564 35.32 -22.60 40.07
N GLU C 565 34.33 -21.93 39.53
CA GLU C 565 33.58 -20.92 40.25
C GLU C 565 32.15 -21.37 40.40
N LEU C 566 31.80 -21.84 41.60
CA LEU C 566 30.45 -22.32 41.90
C LEU C 566 29.64 -21.24 42.61
N PRO C 567 28.33 -21.17 42.36
CA PRO C 567 27.49 -20.22 43.10
C PRO C 567 27.24 -20.65 44.54
N LEU C 568 27.07 -19.65 45.40
CA LEU C 568 26.73 -19.91 46.79
C LEU C 568 25.24 -19.90 47.07
N ASP C 569 24.48 -19.07 46.35
CA ASP C 569 23.04 -19.06 46.47
C ASP C 569 22.46 -18.49 45.19
N HIS C 570 21.14 -18.62 45.06
CA HIS C 570 20.45 -18.23 43.85
C HIS C 570 19.34 -17.24 44.13
N GLN C 571 19.05 -16.44 43.13
CA GLN C 571 17.96 -15.47 43.17
C GLN C 571 16.86 -16.00 42.27
N LEU C 572 15.63 -16.02 42.80
CA LEU C 572 14.49 -16.40 41.99
C LEU C 572 13.96 -15.17 41.26
N VAL C 573 13.73 -15.33 39.95
CA VAL C 573 13.45 -14.22 39.03
C VAL C 573 12.19 -14.56 38.25
N LEU C 574 11.29 -13.57 38.14
CA LEU C 574 10.14 -13.64 37.26
C LEU C 574 10.35 -12.72 36.07
N THR C 575 10.28 -13.27 34.88
CA THR C 575 10.33 -12.51 33.64
C THR C 575 9.04 -12.71 32.85
N GLU C 576 8.43 -11.61 32.41
CA GLU C 576 7.19 -11.64 31.65
C GLU C 576 7.48 -11.51 30.15
N GLN C 577 6.58 -12.06 29.33
CA GLN C 577 6.76 -12.03 27.88
C GLN C 577 5.40 -12.01 27.19
N PHE C 578 5.10 -10.92 26.51
CA PHE C 578 3.85 -10.77 25.79
C PHE C 578 4.02 -11.07 24.31
N LEU C 579 3.06 -11.80 23.76
CA LEU C 579 3.04 -12.14 22.34
C LEU C 579 1.61 -12.00 21.86
N GLN C 580 1.41 -11.19 20.82
CA GLN C 580 0.09 -11.01 20.24
C GLN C 580 -0.30 -12.24 19.44
N THR C 581 -1.49 -12.76 19.69
CA THR C 581 -1.97 -13.93 18.98
C THR C 581 -3.22 -13.70 18.17
N THR C 582 -4.01 -12.68 18.44
CA THR C 582 -5.32 -12.64 17.82
C THR C 582 -5.69 -11.23 17.40
N MET C 583 -6.66 -11.16 16.50
CA MET C 583 -7.36 -9.95 16.07
C MET C 583 -8.82 -10.31 15.86
N PRO C 584 -9.71 -9.33 15.80
CA PRO C 584 -11.06 -9.62 15.32
C PRO C 584 -11.08 -9.85 13.81
N LYS C 585 -12.11 -10.53 13.37
CA LYS C 585 -12.33 -10.68 11.94
C LYS C 585 -13.12 -9.50 11.42
N PHE C 586 -13.03 -9.25 10.13
CA PHE C 586 -13.82 -8.20 9.50
C PHE C 586 -14.56 -8.73 8.29
N SER C 587 -15.80 -8.31 8.16
CA SER C 587 -16.56 -8.49 6.93
C SER C 587 -16.83 -7.09 6.38
N ILE C 588 -16.55 -6.90 5.09
CA ILE C 588 -16.59 -5.58 4.48
C ILE C 588 -17.55 -5.62 3.30
N SER C 589 -18.52 -4.74 3.31
CA SER C 589 -19.31 -4.46 2.12
C SER C 589 -18.71 -3.18 1.53
N CYS C 590 -17.91 -3.31 0.49
CA CYS C 590 -17.15 -2.16 0.02
C CYS C 590 -18.02 -1.20 -0.78
N GLU C 591 -19.12 -1.69 -1.33
CA GLU C 591 -20.10 -0.80 -1.95
C GLU C 591 -20.78 0.08 -0.90
N THR C 592 -20.98 -0.45 0.31
CA THR C 592 -21.61 0.36 1.34
C THR C 592 -20.65 1.38 1.91
N TYR C 593 -19.37 1.05 2.01
CA TYR C 593 -18.39 1.99 2.56
C TYR C 593 -18.15 3.13 1.60
N ILE C 594 -18.11 2.85 0.31
CA ILE C 594 -17.80 3.89 -0.67
C ILE C 594 -19.06 4.68 -1.02
N CYS C 595 -20.14 3.99 -1.37
CA CYS C 595 -21.32 4.58 -2.01
C CYS C 595 -22.51 4.17 -1.18
N ASP C 596 -22.81 4.90 -0.09
CA ASP C 596 -23.61 4.36 1.01
C ASP C 596 -25.01 3.85 0.65
N VAL C 597 -25.86 4.68 0.06
CA VAL C 597 -27.13 4.22 -0.50
C VAL C 597 -27.30 4.68 -1.95
N SER C 598 -26.34 5.46 -2.45
CA SER C 598 -26.43 6.05 -3.78
C SER C 598 -26.33 4.97 -4.87
N LYS C 599 -27.41 4.80 -5.63
CA LYS C 599 -27.35 3.87 -6.76
C LYS C 599 -26.54 4.45 -7.91
N ALA C 600 -26.42 5.77 -7.98
CA ALA C 600 -25.62 6.38 -9.04
C ALA C 600 -24.13 6.11 -8.83
N CYS C 601 -23.68 6.10 -7.58
CA CYS C 601 -22.28 5.81 -7.29
C CYS C 601 -21.94 4.35 -7.54
N LYS C 602 -22.86 3.44 -7.18
CA LYS C 602 -22.63 2.01 -7.39
C LYS C 602 -22.59 1.64 -8.87
N ASN C 603 -23.26 2.40 -9.72
CA ASN C 603 -23.13 2.19 -11.15
C ASN C 603 -21.81 2.71 -11.72
N LEU C 604 -21.05 3.48 -10.94
CA LEU C 604 -19.74 3.92 -11.38
C LEU C 604 -18.60 3.06 -10.88
N LEU C 605 -18.84 2.09 -9.99
CA LEU C 605 -17.73 1.40 -9.35
C LEU C 605 -17.10 0.36 -10.27
N PHE C 606 -17.79 -0.06 -11.33
CA PHE C 606 -17.26 -1.11 -12.20
C PHE C 606 -16.08 -0.60 -13.00
N ARG C 607 -15.94 0.71 -13.16
CA ARG C 607 -14.85 1.31 -13.94
C ARG C 607 -13.50 1.03 -13.32
N TYR C 608 -13.42 0.95 -12.00
CA TYR C 608 -12.15 0.78 -11.35
C TYR C 608 -11.76 -0.68 -11.40
N GLY C 609 -10.49 -0.94 -11.67
CA GLY C 609 -10.07 -2.22 -12.21
C GLY C 609 -10.15 -3.37 -11.24
N GLY C 610 -11.38 -3.76 -10.91
CA GLY C 610 -11.66 -4.86 -10.01
C GLY C 610 -11.44 -4.58 -8.55
N PHE C 611 -11.58 -3.32 -8.12
CA PHE C 611 -11.28 -2.91 -6.74
C PHE C 611 -12.12 -3.66 -5.73
N CYS C 612 -13.43 -3.69 -5.93
CA CYS C 612 -14.33 -4.12 -4.87
C CYS C 612 -14.34 -5.64 -4.79
N GLN C 613 -14.01 -6.31 -5.90
CA GLN C 613 -13.82 -7.76 -5.88
C GLN C 613 -12.53 -8.14 -5.16
N LYS C 614 -11.50 -7.32 -5.31
CA LYS C 614 -10.20 -7.65 -4.74
C LYS C 614 -10.15 -7.36 -3.24
N ILE C 615 -10.86 -6.30 -2.80
CA ILE C 615 -10.98 -6.00 -1.38
C ILE C 615 -11.66 -7.15 -0.64
N GLU C 616 -12.78 -7.63 -1.16
CA GLU C 616 -13.57 -8.64 -0.47
C GLU C 616 -12.92 -10.02 -0.53
N ALA C 617 -12.07 -10.28 -1.52
CA ALA C 617 -11.27 -11.50 -1.51
C ALA C 617 -10.08 -11.42 -0.55
N ASP C 618 -9.49 -10.25 -0.33
CA ASP C 618 -8.34 -10.13 0.55
C ASP C 618 -8.73 -10.13 2.03
N ILE C 619 -9.86 -9.51 2.39
CA ILE C 619 -10.18 -9.43 3.81
C ILE C 619 -10.76 -10.75 4.30
N ARG C 620 -11.34 -11.54 3.40
CA ARG C 620 -11.92 -12.83 3.73
C ARG C 620 -10.86 -13.92 3.79
N GLY C 621 -9.86 -13.87 2.91
CA GLY C 621 -8.80 -14.86 2.94
C GLY C 621 -7.87 -14.64 4.12
N ALA C 622 -7.73 -13.40 4.56
CA ALA C 622 -6.92 -13.12 5.73
C ALA C 622 -7.57 -13.61 7.01
N GLY C 623 -8.89 -13.55 7.12
CA GLY C 623 -9.57 -14.13 8.25
C GLY C 623 -9.55 -15.64 8.27
N VAL C 624 -9.46 -16.26 7.10
CA VAL C 624 -9.29 -17.70 7.03
C VAL C 624 -7.91 -18.10 7.56
N LEU C 625 -6.88 -17.31 7.27
CA LEU C 625 -5.56 -17.57 7.81
C LEU C 625 -5.51 -17.28 9.31
N LEU C 626 -6.27 -16.27 9.75
CA LEU C 626 -6.36 -16.00 11.18
C LEU C 626 -7.07 -17.13 11.91
N ASP C 627 -8.15 -17.65 11.34
CA ASP C 627 -8.84 -18.75 12.00
C ASP C 627 -8.04 -20.03 11.97
N SER C 628 -7.24 -20.24 10.93
CA SER C 628 -6.38 -21.42 10.87
C SER C 628 -5.26 -21.38 11.90
N ASP C 629 -4.81 -20.19 12.29
CA ASP C 629 -3.74 -20.11 13.29
C ASP C 629 -4.29 -20.25 14.70
N VAL C 630 -5.40 -19.57 14.97
CA VAL C 630 -6.00 -19.57 16.30
C VAL C 630 -6.52 -20.96 16.66
N SER C 631 -7.02 -21.72 15.67
CA SER C 631 -7.45 -23.09 15.92
C SER C 631 -6.28 -24.00 16.27
N GLY C 632 -5.14 -23.83 15.61
CA GLY C 632 -3.97 -24.62 15.95
C GLY C 632 -3.43 -24.29 17.32
N LEU C 633 -3.54 -23.02 17.71
CA LEU C 633 -3.14 -22.60 19.05
C LEU C 633 -3.99 -23.27 20.14
N TYR C 634 -5.30 -23.33 19.96
CA TYR C 634 -6.16 -23.90 20.98
C TYR C 634 -6.19 -25.42 20.98
N SER C 635 -5.71 -26.07 19.94
CA SER C 635 -5.54 -27.50 20.09
C SER C 635 -4.21 -27.82 20.78
N THR C 636 -3.23 -26.92 20.70
CA THR C 636 -2.02 -27.00 21.51
C THR C 636 -2.29 -26.66 22.98
N ILE C 637 -3.17 -25.69 23.24
CA ILE C 637 -3.45 -25.28 24.62
C ILE C 637 -4.21 -26.37 25.37
N ALA C 638 -5.12 -27.08 24.70
CA ALA C 638 -6.02 -28.03 25.36
C ALA C 638 -5.26 -29.29 25.73
N ALA C 639 -5.26 -29.63 27.02
CA ALA C 639 -4.34 -30.61 27.56
C ALA C 639 -4.97 -31.35 28.73
N LYS C 640 -4.52 -32.57 28.96
CA LYS C 640 -5.09 -33.42 29.99
C LYS C 640 -4.59 -33.05 31.37
N THR C 641 -5.50 -33.12 32.34
CA THR C 641 -5.15 -32.97 33.75
C THR C 641 -5.14 -34.35 34.40
N SER C 642 -4.62 -34.40 35.62
CA SER C 642 -4.71 -35.60 36.42
C SER C 642 -6.12 -35.72 37.01
N SER C 643 -6.59 -36.96 37.12
CA SER C 643 -7.91 -37.21 37.69
C SER C 643 -7.96 -36.91 39.18
N ILE C 644 -6.82 -36.98 39.87
CA ILE C 644 -6.71 -36.51 41.23
C ILE C 644 -5.91 -35.22 41.21
N THR C 645 -6.50 -34.13 41.66
CA THR C 645 -5.86 -32.83 41.57
C THR C 645 -4.84 -32.69 42.70
N PRO C 646 -3.58 -32.37 42.40
CA PRO C 646 -2.59 -32.19 43.46
C PRO C 646 -2.86 -30.96 44.30
N THR C 647 -2.34 -30.96 45.52
CA THR C 647 -2.58 -29.85 46.41
C THR C 647 -1.42 -28.88 46.38
N THR C 648 -1.73 -27.60 46.23
CA THR C 648 -0.77 -26.53 46.36
C THR C 648 -0.60 -26.27 47.84
N ASP C 649 0.59 -26.50 48.36
CA ASP C 649 0.77 -26.44 49.81
C ASP C 649 0.96 -24.99 50.26
N ARG C 650 2.03 -24.36 49.84
CA ARG C 650 2.32 -22.99 50.20
C ARG C 650 2.51 -22.13 48.96
N PHE C 651 2.53 -22.75 47.79
CA PHE C 651 2.57 -22.04 46.51
C PHE C 651 1.17 -21.51 46.23
N ASN C 652 1.04 -20.18 46.12
CA ASN C 652 -0.27 -19.57 45.86
C ASN C 652 -0.50 -19.41 44.36
N VAL C 653 -0.66 -20.54 43.68
CA VAL C 653 -0.87 -20.47 42.25
C VAL C 653 -2.35 -20.39 41.93
N SER C 654 -3.21 -21.02 42.74
CA SER C 654 -4.64 -20.99 42.45
C SER C 654 -5.29 -19.64 42.73
N GLN C 655 -4.71 -18.85 43.63
CA GLN C 655 -5.28 -17.54 43.95
C GLN C 655 -4.99 -16.52 42.85
N PHE C 656 -3.98 -16.76 42.03
CA PHE C 656 -3.54 -15.79 41.04
C PHE C 656 -3.77 -16.22 39.61
N PHE C 657 -3.65 -17.50 39.29
CA PHE C 657 -3.67 -17.93 37.91
C PHE C 657 -4.94 -18.66 37.50
N LEU C 658 -5.68 -19.05 38.37
CA LEU C 658 -6.90 -19.83 38.21
C LEU C 658 -8.12 -18.94 38.30
N PRO C 659 -9.19 -19.30 37.57
CA PRO C 659 -10.38 -18.44 37.50
C PRO C 659 -11.01 -18.22 38.87
N LYS C 660 -11.56 -17.02 39.04
CA LYS C 660 -12.12 -16.64 40.32
C LYS C 660 -13.43 -17.36 40.57
N VAL C 661 -13.58 -17.87 41.79
CA VAL C 661 -14.76 -18.63 42.15
C VAL C 661 -15.95 -17.68 42.30
N GLN C 662 -17.12 -18.14 41.86
CA GLN C 662 -18.31 -17.30 41.84
C GLN C 662 -18.75 -16.94 43.25
N SER C 663 -18.80 -15.64 43.53
CA SER C 663 -19.13 -15.14 44.85
C SER C 663 -20.65 -15.17 45.07
N ASN C 664 -21.12 -14.48 46.11
CA ASN C 664 -22.54 -14.40 46.43
C ASN C 664 -23.22 -13.33 45.56
N SER C 665 -23.20 -13.58 44.26
CA SER C 665 -23.67 -12.64 43.25
C SER C 665 -23.79 -13.38 41.93
N GLU C 666 -24.85 -13.08 41.18
CA GLU C 666 -25.07 -13.71 39.87
C GLU C 666 -24.35 -12.92 38.77
N ARG C 667 -23.04 -12.76 38.96
CA ARG C 667 -22.16 -12.10 38.00
C ARG C 667 -20.98 -13.05 37.81
N PHE C 668 -21.12 -13.99 36.88
CA PHE C 668 -20.11 -15.00 36.64
C PHE C 668 -18.86 -14.38 36.01
N GLU C 669 -17.69 -14.82 36.45
CA GLU C 669 -16.41 -14.34 35.93
C GLU C 669 -15.54 -15.52 35.54
N SER C 670 -14.99 -15.47 34.33
CA SER C 670 -14.12 -16.52 33.84
C SER C 670 -12.63 -16.21 34.02
N ARG C 671 -12.28 -14.99 34.38
CA ARG C 671 -10.89 -14.56 34.44
C ARG C 671 -10.29 -14.83 35.81
N SER C 672 -8.97 -14.99 35.83
CA SER C 672 -8.20 -15.02 37.06
C SER C 672 -7.88 -13.60 37.52
N VAL C 673 -7.24 -13.51 38.68
CA VAL C 673 -6.88 -12.21 39.25
C VAL C 673 -5.82 -11.53 38.40
N ILE C 674 -4.86 -12.29 37.87
CA ILE C 674 -3.81 -11.72 37.03
C ILE C 674 -4.40 -11.25 35.70
N GLU C 675 -5.32 -12.03 35.13
CA GLU C 675 -5.93 -11.67 33.85
C GLU C 675 -6.76 -10.40 33.95
N ASP C 676 -7.36 -10.14 35.12
CA ASP C 676 -8.10 -8.90 35.31
C ASP C 676 -7.19 -7.70 35.41
N LEU C 677 -6.07 -7.84 36.13
CA LEU C 677 -5.12 -6.74 36.27
C LEU C 677 -4.47 -6.36 34.94
N LEU C 678 -4.35 -7.31 34.02
CA LEU C 678 -3.75 -6.97 32.73
C LEU C 678 -4.71 -6.17 31.87
N PHE C 679 -6.01 -6.44 31.94
CA PHE C 679 -7.00 -5.63 31.23
C PHE C 679 -7.16 -4.24 31.84
N SER C 680 -7.02 -4.09 33.14
CA SER C 680 -7.33 -2.83 33.81
C SER C 680 -6.16 -1.85 33.87
N LYS C 681 -4.93 -2.30 33.66
CA LYS C 681 -3.79 -1.39 33.63
C LYS C 681 -3.54 -0.78 32.25
N ILE C 682 -4.24 -1.22 31.22
CA ILE C 682 -4.05 -0.66 29.88
C ILE C 682 -4.85 0.63 29.78
N GLU C 683 -4.19 1.70 29.37
CA GLU C 683 -4.82 3.02 29.31
C GLU C 683 -5.90 3.08 28.23
N THR C 684 -6.81 4.03 28.40
CA THR C 684 -7.85 4.25 27.42
C THR C 684 -7.30 5.02 26.22
N THR C 685 -8.02 4.95 25.11
CA THR C 685 -7.70 5.75 23.93
C THR C 685 -8.69 6.88 23.73
N GLY C 686 -9.54 7.16 24.71
CA GLY C 686 -10.46 8.27 24.62
C GLY C 686 -11.82 7.84 24.13
N PRO C 687 -12.68 8.81 23.79
CA PRO C 687 -13.98 8.47 23.21
C PRO C 687 -13.83 7.98 21.78
N GLY C 688 -14.79 7.19 21.35
CA GLY C 688 -14.80 6.69 19.99
C GLY C 688 -15.31 5.27 19.94
N PHE C 689 -15.22 4.68 18.76
CA PHE C 689 -15.73 3.33 18.56
C PHE C 689 -14.81 2.28 19.16
N TYR C 690 -13.50 2.46 19.05
CA TYR C 690 -12.58 1.43 19.55
C TYR C 690 -12.55 1.43 21.07
N GLY C 691 -12.65 2.60 21.68
CA GLY C 691 -12.71 2.66 23.14
C GLY C 691 -13.99 2.07 23.67
N ASP C 692 -15.07 2.15 22.90
CA ASP C 692 -16.29 1.40 23.21
C ASP C 692 -16.09 -0.09 23.03
N TYR C 693 -15.25 -0.50 22.07
CA TYR C 693 -15.02 -1.92 21.86
C TYR C 693 -14.16 -2.51 22.97
N TYR C 694 -13.13 -1.77 23.40
CA TYR C 694 -12.22 -2.25 24.44
C TYR C 694 -12.95 -2.41 25.75
N ASN C 695 -13.80 -1.45 26.08
CA ASN C 695 -14.48 -1.47 27.37
C ASN C 695 -15.56 -2.55 27.43
N CYS C 696 -16.06 -3.00 26.27
CA CYS C 696 -16.94 -4.15 26.26
C CYS C 696 -16.16 -5.44 26.54
N LYS C 697 -14.95 -5.54 25.98
CA LYS C 697 -14.10 -6.69 26.23
C LYS C 697 -13.54 -6.69 27.65
N LYS C 698 -13.24 -5.51 28.18
CA LYS C 698 -12.74 -5.41 29.54
C LYS C 698 -13.82 -5.75 30.56
N ASN C 699 -15.06 -5.33 30.33
CA ASN C 699 -16.08 -5.52 31.34
C ASN C 699 -16.58 -6.95 31.38
N ALA C 700 -16.58 -7.66 30.25
CA ALA C 700 -16.83 -9.10 30.13
C ALA C 700 -18.20 -9.50 30.69
N ILE C 701 -19.20 -8.72 30.35
CA ILE C 701 -20.57 -8.96 30.80
C ILE C 701 -21.14 -10.17 30.06
N GLN C 702 -21.80 -11.07 30.81
CA GLN C 702 -22.31 -12.31 30.26
C GLN C 702 -23.46 -12.07 29.29
N ASP C 703 -23.40 -12.76 28.14
CA ASP C 703 -24.43 -12.74 27.08
C ASP C 703 -24.64 -11.36 26.48
N LEU C 704 -23.59 -10.53 26.47
CA LEU C 704 -23.63 -9.22 25.86
C LEU C 704 -22.70 -9.21 24.66
N THR C 705 -23.25 -8.85 23.50
CA THR C 705 -22.45 -8.84 22.28
C THR C 705 -21.55 -7.61 22.23
N CYS C 706 -20.34 -7.80 21.74
CA CYS C 706 -19.38 -6.72 21.55
C CYS C 706 -19.17 -6.38 20.08
N ALA C 707 -19.87 -7.04 19.18
CA ALA C 707 -19.75 -6.77 17.76
C ALA C 707 -20.35 -5.41 17.41
N GLN C 708 -19.71 -4.70 16.49
CA GLN C 708 -20.22 -3.43 16.02
C GLN C 708 -20.37 -3.47 14.51
N TYR C 709 -21.23 -2.61 13.99
CA TYR C 709 -21.40 -2.42 12.56
C TYR C 709 -21.38 -0.93 12.26
N HIS C 710 -20.57 -0.52 11.30
CA HIS C 710 -20.51 0.88 10.90
C HIS C 710 -20.18 0.93 9.43
N ASN C 711 -21.11 1.46 8.63
CA ASN C 711 -20.83 1.93 7.27
C ASN C 711 -20.46 0.80 6.34
N GLY C 712 -21.01 -0.37 6.56
CA GLY C 712 -20.70 -1.54 5.77
C GLY C 712 -19.63 -2.44 6.35
N ILE C 713 -19.19 -2.22 7.58
CA ILE C 713 -18.08 -2.96 8.18
C ILE C 713 -18.55 -3.67 9.43
N LEU C 714 -18.49 -4.99 9.42
CA LEU C 714 -18.84 -5.80 10.58
C LEU C 714 -17.57 -6.26 11.30
N VAL C 715 -17.59 -6.20 12.62
CA VAL C 715 -16.49 -6.65 13.47
C VAL C 715 -16.92 -7.94 14.13
N ILE C 716 -16.36 -9.06 13.68
CA ILE C 716 -16.77 -10.40 14.08
C ILE C 716 -15.70 -10.99 14.99
N PRO C 717 -16.05 -11.72 16.04
CA PRO C 717 -15.01 -12.38 16.85
C PRO C 717 -14.31 -13.45 16.05
N PRO C 718 -13.06 -13.77 16.40
CA PRO C 718 -12.40 -14.93 15.78
C PRO C 718 -12.96 -16.24 16.31
N VAL C 719 -12.36 -17.37 15.88
CA VAL C 719 -12.93 -18.68 16.15
C VAL C 719 -12.91 -19.05 17.64
N MET C 720 -11.95 -18.53 18.41
CA MET C 720 -12.01 -18.81 19.85
C MET C 720 -12.11 -17.60 20.75
N ASP C 721 -11.41 -16.49 20.44
CA ASP C 721 -11.47 -15.21 21.18
C ASP C 721 -11.03 -15.36 22.65
N ALA C 722 -9.70 -15.37 22.80
CA ALA C 722 -9.02 -15.35 24.10
C ALA C 722 -9.52 -14.29 25.08
N GLU C 723 -10.04 -13.18 24.58
CA GLU C 723 -10.44 -12.06 25.44
C GLU C 723 -11.68 -12.34 26.29
N THR C 724 -12.44 -13.40 26.07
CA THR C 724 -13.53 -13.78 26.97
C THR C 724 -13.25 -15.04 27.78
N LEU C 725 -12.06 -15.62 27.68
CA LEU C 725 -11.76 -16.89 28.32
C LEU C 725 -10.71 -16.69 29.42
N GLY C 726 -10.82 -17.51 30.46
CA GLY C 726 -9.71 -17.72 31.38
C GLY C 726 -8.86 -18.85 30.84
N MET C 727 -7.54 -18.75 31.06
CA MET C 727 -6.59 -19.72 30.53
C MET C 727 -6.79 -21.10 31.14
N TYR C 728 -7.01 -21.16 32.44
CA TYR C 728 -7.05 -22.45 33.13
C TYR C 728 -8.46 -22.86 33.54
N GLY C 729 -9.48 -22.38 32.84
CA GLY C 729 -10.81 -22.93 33.01
C GLY C 729 -11.46 -23.13 31.67
N GLY C 730 -12.73 -23.54 31.67
CA GLY C 730 -13.50 -23.55 30.44
C GLY C 730 -13.49 -24.88 29.71
N ILE C 731 -13.94 -24.81 28.45
CA ILE C 731 -14.05 -26.00 27.60
C ILE C 731 -12.69 -26.38 27.06
N ALA C 732 -11.90 -25.39 26.67
CA ALA C 732 -10.58 -25.60 26.08
C ALA C 732 -9.47 -25.32 27.08
N ALA C 733 -9.61 -25.80 28.31
CA ALA C 733 -8.73 -25.42 29.41
C ALA C 733 -7.31 -25.93 29.23
N ALA C 734 -6.35 -25.13 29.69
CA ALA C 734 -4.96 -25.49 29.74
C ALA C 734 -4.65 -26.22 31.03
N SER C 735 -3.64 -27.05 31.00
CA SER C 735 -3.21 -27.82 32.15
C SER C 735 -2.28 -26.98 33.01
N LEU C 736 -2.52 -26.99 34.31
CA LEU C 736 -1.66 -26.28 35.24
C LEU C 736 -0.48 -27.13 35.68
N THR C 737 -0.58 -28.44 35.56
CA THR C 737 0.33 -29.36 36.18
C THR C 737 1.28 -30.04 35.21
N LEU C 738 1.07 -29.86 33.91
CA LEU C 738 1.64 -30.78 32.92
C LEU C 738 3.15 -30.61 32.78
N GLY C 739 3.68 -29.42 33.06
CA GLY C 739 5.09 -29.21 32.83
C GLY C 739 5.99 -29.35 34.03
N ILE C 740 5.44 -29.48 35.23
CA ILE C 740 6.26 -29.83 36.38
C ILE C 740 5.87 -31.16 37.01
N PHE C 741 4.60 -31.59 36.92
CA PHE C 741 4.24 -32.93 37.32
C PHE C 741 4.41 -33.95 36.20
N GLY C 742 4.56 -33.49 34.96
CA GLY C 742 4.76 -34.39 33.83
C GLY C 742 3.50 -35.06 33.33
N GLY C 743 3.70 -35.90 32.32
CA GLY C 743 2.65 -36.65 31.68
C GLY C 743 2.34 -38.02 32.23
N GLN C 744 2.98 -38.45 33.31
CA GLN C 744 2.65 -39.68 34.03
C GLN C 744 2.36 -39.30 35.47
N ALA C 745 1.09 -39.18 35.82
CA ALA C 745 0.66 -38.54 37.05
C ALA C 745 0.92 -39.42 38.27
N GLY C 746 0.89 -38.79 39.44
CA GLY C 746 1.09 -39.50 40.68
C GLY C 746 1.81 -38.75 41.76
N ILE C 747 2.53 -37.69 41.41
CA ILE C 747 3.14 -36.82 42.42
C ILE C 747 2.02 -36.07 43.13
N THR C 748 1.97 -36.22 44.46
CA THR C 748 0.80 -35.80 45.20
C THR C 748 0.74 -34.31 45.45
N THR C 749 1.85 -33.64 45.70
CA THR C 749 1.83 -32.25 46.11
C THR C 749 2.79 -31.42 45.26
N TRP C 750 2.60 -30.10 45.37
CA TRP C 750 3.51 -29.15 44.73
C TRP C 750 4.86 -29.11 45.43
N SER C 751 4.91 -29.38 46.73
CA SER C 751 6.19 -29.45 47.44
C SER C 751 7.04 -30.62 46.98
N LEU C 752 6.39 -31.75 46.68
CA LEU C 752 7.13 -32.90 46.17
C LEU C 752 7.50 -32.72 44.71
N ALA C 753 6.73 -31.92 43.98
CA ALA C 753 7.06 -31.70 42.59
C ALA C 753 8.22 -30.72 42.46
N MET C 754 8.22 -29.68 43.31
CA MET C 754 9.28 -28.69 43.30
C MET C 754 10.59 -29.22 43.85
N ALA C 755 10.54 -30.16 44.79
CA ALA C 755 11.74 -30.80 45.28
C ALA C 755 12.43 -31.62 44.20
N GLY C 756 11.64 -32.37 43.42
CA GLY C 756 12.20 -33.08 42.28
C GLY C 756 12.72 -32.16 41.19
N ARG C 757 12.13 -30.98 41.03
CA ARG C 757 12.62 -30.02 40.03
C ARG C 757 13.93 -29.37 40.49
N LEU C 758 14.08 -29.11 41.80
CA LEU C 758 15.33 -28.58 42.29
C LEU C 758 16.44 -29.62 42.23
N ASN C 759 16.08 -30.90 42.40
CA ASN C 759 17.04 -31.98 42.26
C ASN C 759 17.54 -32.10 40.83
N ALA C 760 16.63 -32.00 39.86
CA ALA C 760 17.02 -32.13 38.46
C ALA C 760 17.73 -30.90 37.93
N LEU C 761 17.64 -29.77 38.62
CA LEU C 761 18.43 -28.61 38.22
C LEU C 761 19.79 -28.58 38.90
N GLY C 762 20.09 -29.55 39.75
CA GLY C 762 21.39 -29.65 40.36
C GLY C 762 21.72 -28.63 41.43
N VAL C 763 20.74 -28.13 42.16
CA VAL C 763 21.00 -27.13 43.19
C VAL C 763 20.83 -27.68 44.60
N VAL C 764 20.02 -28.73 44.77
CA VAL C 764 19.88 -29.44 46.04
C VAL C 764 19.82 -30.92 45.69
N GLN C 765 20.53 -31.78 46.43
CA GLN C 765 20.39 -33.21 46.18
C GLN C 765 19.04 -33.74 46.68
N ASN C 766 18.66 -33.43 47.91
CA ASN C 766 17.44 -33.94 48.51
C ASN C 766 16.81 -32.79 49.28
N ALA C 767 15.76 -32.20 48.73
CA ALA C 767 15.26 -30.94 49.26
C ALA C 767 14.48 -31.16 50.55
N LEU C 768 14.86 -30.41 51.57
CA LEU C 768 14.15 -30.41 52.83
C LEU C 768 13.01 -29.40 52.81
N VAL C 769 12.32 -29.28 53.94
CA VAL C 769 11.15 -28.43 54.00
C VAL C 769 11.54 -26.95 54.00
N ASP C 770 12.72 -26.61 54.51
CA ASP C 770 13.20 -25.23 54.42
C ASP C 770 13.65 -24.86 53.02
N ASP C 771 14.11 -25.83 52.22
CA ASP C 771 14.51 -25.52 50.84
C ASP C 771 13.30 -25.25 49.98
N VAL C 772 12.21 -25.99 50.21
CA VAL C 772 11.00 -25.84 49.41
C VAL C 772 10.20 -24.62 49.87
N ASN C 773 10.21 -24.31 51.18
CA ASN C 773 9.51 -23.12 51.66
C ASN C 773 10.18 -21.85 51.20
N LYS C 774 11.50 -21.85 51.11
CA LYS C 774 12.24 -20.73 50.57
C LYS C 774 11.90 -20.49 49.11
N LEU C 775 11.64 -21.56 48.35
CA LEU C 775 11.18 -21.42 46.97
C LEU C 775 9.72 -20.99 46.93
N ALA C 776 8.91 -21.38 47.91
CA ALA C 776 7.51 -20.98 47.90
C ALA C 776 7.33 -19.53 48.31
N ASN C 777 8.21 -19.00 49.14
CA ASN C 777 8.11 -17.59 49.50
C ASN C 777 8.54 -16.71 48.34
N GLY C 778 9.62 -17.09 47.67
CA GLY C 778 10.09 -16.32 46.54
C GLY C 778 9.14 -16.34 45.36
N PHE C 779 8.42 -17.45 45.18
CA PHE C 779 7.36 -17.49 44.19
C PHE C 779 6.23 -16.51 44.54
N ASN C 780 5.81 -16.51 45.81
CA ASN C 780 4.61 -15.75 46.20
C ASN C 780 4.88 -14.26 46.25
N GLN C 781 6.11 -13.86 46.57
CA GLN C 781 6.45 -12.44 46.54
C GLN C 781 6.50 -11.91 45.11
N LEU C 782 7.08 -12.67 44.18
CA LEU C 782 7.13 -12.24 42.79
C LEU C 782 5.74 -12.18 42.17
N THR C 783 4.89 -13.17 42.44
CA THR C 783 3.55 -13.20 41.89
C THR C 783 2.69 -12.07 42.45
N ALA C 784 2.91 -11.68 43.70
CA ALA C 784 2.22 -10.52 44.24
C ALA C 784 2.80 -9.21 43.70
N SER C 785 3.97 -9.23 43.09
CA SER C 785 4.53 -7.99 42.56
C SER C 785 4.01 -7.70 41.16
N VAL C 786 3.27 -8.63 40.58
CA VAL C 786 2.67 -8.39 39.27
C VAL C 786 1.56 -7.35 39.37
N GLY C 787 0.88 -7.32 40.52
CA GLY C 787 -0.19 -6.37 40.75
C GLY C 787 0.25 -4.93 40.99
N LYS C 788 1.56 -4.70 41.00
CA LYS C 788 2.12 -3.36 41.16
C LYS C 788 2.91 -2.92 39.93
N LEU C 789 2.82 -3.65 38.82
CA LEU C 789 3.43 -3.22 37.59
C LEU C 789 2.76 -1.95 37.08
N ALA C 790 3.59 -0.94 36.78
CA ALA C 790 3.12 0.28 36.16
C ALA C 790 3.37 0.19 34.67
N LEU C 791 2.69 1.05 33.91
CA LEU C 791 2.92 1.07 32.47
C LEU C 791 4.28 1.65 32.14
N THR C 792 4.79 2.57 32.96
CA THR C 792 6.04 3.25 32.62
C THR C 792 7.26 2.37 32.83
N THR C 793 7.15 1.33 33.68
CA THR C 793 8.30 0.52 34.02
C THR C 793 8.27 -0.89 33.43
N SER C 794 7.10 -1.38 33.05
CA SER C 794 6.94 -2.77 32.62
C SER C 794 6.97 -2.84 31.10
N SER C 795 7.99 -3.50 30.55
CA SER C 795 8.07 -3.67 29.11
C SER C 795 7.07 -4.66 28.55
N ALA C 796 6.42 -5.45 29.40
CA ALA C 796 5.34 -6.32 28.93
C ALA C 796 4.03 -5.55 28.83
N LEU C 797 3.75 -4.67 29.80
CA LEU C 797 2.59 -3.80 29.69
C LEU C 797 2.76 -2.79 28.55
N GLN C 798 3.99 -2.40 28.25
CA GLN C 798 4.27 -1.48 27.14
C GLN C 798 4.05 -2.16 25.80
N ALA C 799 4.27 -3.47 25.73
CA ALA C 799 4.05 -4.18 24.47
C ALA C 799 2.56 -4.38 24.22
N ILE C 800 1.75 -4.42 25.27
CA ILE C 800 0.32 -4.54 25.08
C ILE C 800 -0.28 -3.21 24.66
N GLN C 801 0.16 -2.11 25.29
CA GLN C 801 -0.32 -0.77 24.98
C GLN C 801 0.03 -0.37 23.55
N ALA C 802 1.17 -0.82 23.04
CA ALA C 802 1.53 -0.56 21.66
C ALA C 802 0.56 -1.23 20.68
N VAL C 803 0.00 -2.38 21.05
CA VAL C 803 -0.97 -3.02 20.18
C VAL C 803 -2.30 -2.28 20.26
N VAL C 804 -2.68 -1.89 21.46
CA VAL C 804 -3.93 -1.18 21.68
C VAL C 804 -3.88 0.23 21.08
N ASN C 805 -2.71 0.86 21.04
CA ASN C 805 -2.63 2.17 20.42
C ASN C 805 -2.65 2.09 18.91
N GLN C 806 -2.10 1.02 18.33
CA GLN C 806 -2.15 0.89 16.87
C GLN C 806 -3.55 0.53 16.39
N ASN C 807 -4.36 -0.12 17.22
CA ASN C 807 -5.72 -0.43 16.81
C ASN C 807 -6.60 0.80 16.77
N ALA C 808 -6.43 1.72 17.74
CA ALA C 808 -7.23 2.93 17.77
C ALA C 808 -6.89 3.86 16.61
N ALA C 809 -5.62 3.93 16.22
CA ALA C 809 -5.17 4.81 15.14
C ALA C 809 -5.69 4.33 13.80
N GLN C 810 -5.87 3.02 13.65
CA GLN C 810 -6.44 2.46 12.44
C GLN C 810 -7.94 2.68 12.38
N VAL C 811 -8.61 2.70 13.53
CA VAL C 811 -10.05 2.90 13.56
C VAL C 811 -10.40 4.34 13.21
N GLU C 812 -9.61 5.30 13.73
CA GLU C 812 -9.81 6.71 13.40
C GLU C 812 -9.64 6.97 11.91
N SER C 813 -8.76 6.21 11.26
CA SER C 813 -8.54 6.34 9.82
C SER C 813 -9.77 5.94 9.03
N LEU C 814 -10.46 4.87 9.46
CA LEU C 814 -11.69 4.46 8.81
C LEU C 814 -12.84 5.41 9.14
N VAL C 815 -12.84 5.99 10.34
CA VAL C 815 -13.86 6.97 10.68
C VAL C 815 -13.66 8.27 9.91
N SER C 816 -12.41 8.73 9.77
CA SER C 816 -12.13 9.94 9.00
C SER C 816 -12.34 9.77 7.51
N GLY C 817 -12.27 8.55 6.98
CA GLY C 817 -12.39 8.32 5.56
C GLY C 817 -13.79 8.51 5.02
N ILE C 818 -14.79 8.49 5.88
CA ILE C 818 -16.17 8.75 5.51
C ILE C 818 -16.70 10.02 6.14
N THR C 819 -15.89 10.72 6.90
CA THR C 819 -16.32 12.01 7.42
C THR C 819 -15.94 13.15 6.50
N GLU C 820 -14.75 13.13 5.92
CA GLU C 820 -14.20 14.24 5.15
C GLU C 820 -14.66 14.14 3.70
N ASN C 821 -14.56 15.24 2.95
CA ASN C 821 -15.16 15.26 1.62
C ASN C 821 -14.14 15.24 0.48
N PHE C 822 -12.83 15.24 0.80
CA PHE C 822 -11.73 15.09 -0.16
C PHE C 822 -11.70 16.19 -1.23
N GLY C 823 -12.39 17.30 -0.99
CA GLY C 823 -12.47 18.37 -1.96
C GLY C 823 -13.80 18.52 -2.68
N ALA C 824 -14.67 17.52 -2.64
CA ALA C 824 -15.97 17.65 -3.23
C ALA C 824 -16.89 18.49 -2.35
N ILE C 825 -17.98 18.98 -2.94
CA ILE C 825 -18.88 19.90 -2.25
C ILE C 825 -19.69 19.25 -1.16
N SER C 826 -19.82 17.92 -1.17
CA SER C 826 -20.60 17.21 -0.15
C SER C 826 -20.16 15.76 -0.16
N THR C 827 -20.53 15.03 0.89
CA THR C 827 -20.43 13.58 0.84
C THR C 827 -21.70 12.92 0.32
N ASN C 828 -22.72 13.69 -0.02
CA ASN C 828 -23.92 13.15 -0.61
C ASN C 828 -23.78 13.19 -2.13
N PHE C 829 -23.92 12.02 -2.76
CA PHE C 829 -23.72 11.93 -4.19
C PHE C 829 -24.84 12.58 -4.98
N LYS C 830 -26.08 12.52 -4.48
CA LYS C 830 -27.20 13.09 -5.19
C LYS C 830 -27.15 14.61 -5.17
N VAL C 831 -26.58 15.17 -4.09
CA VAL C 831 -26.33 16.61 -4.01
C VAL C 831 -25.37 17.05 -5.11
N ILE C 832 -24.31 16.27 -5.33
CA ILE C 832 -23.25 16.64 -6.26
C ILE C 832 -23.79 16.69 -7.70
N SER C 833 -24.54 15.67 -8.10
CA SER C 833 -25.05 15.64 -9.46
C SER C 833 -26.18 16.65 -9.67
N GLN C 834 -26.86 17.08 -8.62
CA GLN C 834 -27.92 18.06 -8.77
C GLN C 834 -27.43 19.49 -8.88
N ARG C 835 -26.34 19.86 -8.26
CA ARG C 835 -25.92 21.25 -8.28
C ARG C 835 -24.92 21.59 -9.36
N LEU C 836 -24.14 20.63 -9.82
CA LEU C 836 -23.07 20.87 -10.77
C LEU C 836 -23.51 20.44 -12.17
N ASP C 837 -22.74 20.85 -13.17
CA ASP C 837 -22.98 20.34 -14.50
C ASP C 837 -22.26 19.00 -14.67
N LYS C 838 -22.38 18.41 -15.86
CA LYS C 838 -21.95 17.02 -16.09
C LYS C 838 -20.46 16.82 -15.94
N LEU C 839 -19.66 17.79 -16.39
CA LEU C 839 -18.22 17.65 -16.32
C LEU C 839 -17.71 17.80 -14.90
N GLU C 840 -18.28 18.75 -14.14
CA GLU C 840 -17.79 18.99 -12.79
C GLU C 840 -18.37 18.00 -11.80
N ALA C 841 -19.54 17.43 -12.09
CA ALA C 841 -20.07 16.38 -11.24
C ALA C 841 -19.25 15.11 -11.35
N ASP C 842 -18.66 14.86 -12.51
CA ASP C 842 -17.87 13.65 -12.70
C ASP C 842 -16.46 13.83 -12.15
N VAL C 843 -15.98 15.07 -12.08
CA VAL C 843 -14.69 15.34 -11.45
C VAL C 843 -14.79 15.16 -9.93
N GLN C 844 -15.89 15.62 -9.33
CA GLN C 844 -15.94 15.62 -7.87
C GLN C 844 -16.35 14.27 -7.30
N MET C 845 -17.19 13.52 -8.02
CA MET C 845 -17.49 12.16 -7.61
C MET C 845 -16.24 11.28 -7.68
N ASP C 846 -15.40 11.50 -8.68
CA ASP C 846 -14.12 10.80 -8.76
C ASP C 846 -13.21 11.14 -7.58
N ARG C 847 -13.34 12.33 -7.01
CA ARG C 847 -12.56 12.68 -5.84
C ARG C 847 -13.04 11.94 -4.58
N LEU C 848 -14.36 11.79 -4.41
CA LEU C 848 -14.87 11.05 -3.26
C LEU C 848 -14.59 9.56 -3.35
N ILE C 849 -14.78 8.98 -4.54
CA ILE C 849 -14.62 7.54 -4.68
C ILE C 849 -13.17 7.14 -4.48
N ASN C 850 -12.23 7.89 -5.07
CA ASN C 850 -10.81 7.60 -4.90
C ASN C 850 -10.33 7.89 -3.48
N GLY C 851 -10.91 8.90 -2.83
CA GLY C 851 -10.54 9.18 -1.45
C GLY C 851 -10.97 8.10 -0.50
N ARG C 852 -12.15 7.54 -0.72
CA ARG C 852 -12.62 6.46 0.13
C ARG C 852 -11.98 5.14 -0.24
N MET C 853 -11.62 4.97 -1.52
CA MET C 853 -10.93 3.74 -1.95
C MET C 853 -9.56 3.64 -1.34
N ASN C 854 -8.85 4.77 -1.24
CA ASN C 854 -7.50 4.81 -0.69
C ASN C 854 -7.47 4.47 0.80
N VAL C 855 -8.42 5.00 1.58
CA VAL C 855 -8.51 4.70 3.01
C VAL C 855 -8.87 3.25 3.25
N LEU C 856 -9.88 2.74 2.53
CA LEU C 856 -10.29 1.36 2.69
C LEU C 856 -9.20 0.39 2.25
N GLN C 857 -8.51 0.69 1.15
CA GLN C 857 -7.41 -0.16 0.68
C GLN C 857 -6.24 -0.17 1.66
N LEU C 858 -5.98 0.95 2.32
CA LEU C 858 -4.90 1.03 3.30
C LEU C 858 -5.19 0.18 4.54
N PHE C 859 -6.47 0.08 4.91
CA PHE C 859 -6.85 -0.77 6.03
C PHE C 859 -6.62 -2.24 5.71
N VAL C 860 -6.92 -2.66 4.48
CA VAL C 860 -6.76 -4.06 4.12
C VAL C 860 -5.29 -4.44 4.04
N THR C 861 -4.44 -3.52 3.55
CA THR C 861 -2.99 -3.75 3.51
C THR C 861 -2.40 -3.89 4.91
N ASN C 862 -2.77 -2.99 5.83
CA ASN C 862 -2.30 -3.07 7.20
C ASN C 862 -2.80 -4.32 7.89
N TYR C 863 -4.02 -4.74 7.57
CA TYR C 863 -4.57 -5.96 8.13
C TYR C 863 -3.85 -7.20 7.59
N LYS C 864 -3.50 -7.20 6.30
CA LYS C 864 -2.73 -8.29 5.74
C LYS C 864 -1.29 -8.30 6.25
N LEU C 865 -0.73 -7.13 6.49
CA LEU C 865 0.61 -7.04 7.06
C LEU C 865 0.65 -7.56 8.49
N LYS C 866 -0.43 -7.41 9.24
CA LYS C 866 -0.44 -7.94 10.60
C LYS C 866 -0.66 -9.45 10.61
N ILE C 867 -1.42 -9.99 9.66
CA ILE C 867 -1.62 -11.44 9.55
C ILE C 867 -0.31 -12.14 9.23
N ALA C 868 0.49 -11.55 8.34
CA ALA C 868 1.72 -12.18 7.87
C ALA C 868 2.77 -12.25 8.96
N GLU C 869 2.81 -11.25 9.83
CA GLU C 869 3.66 -11.31 11.03
C GLU C 869 3.18 -12.40 11.99
N LEU C 870 1.86 -12.58 12.12
CA LEU C 870 1.37 -13.49 13.15
C LEU C 870 1.45 -14.96 12.75
N ARG C 871 1.76 -15.27 11.48
CA ARG C 871 1.96 -16.65 11.09
C ARG C 871 3.19 -17.25 11.77
N ASN C 872 4.30 -16.51 11.75
CA ASN C 872 5.52 -16.98 12.38
C ASN C 872 5.58 -16.64 13.86
N THR C 873 4.75 -15.70 14.33
CA THR C 873 4.60 -15.50 15.78
C THR C 873 3.90 -16.70 16.42
N HIS C 874 2.88 -17.26 15.76
CA HIS C 874 2.17 -18.44 16.29
C HIS C 874 3.06 -19.67 16.40
N ARG C 875 3.97 -19.87 15.45
CA ARG C 875 4.88 -21.00 15.56
C ARG C 875 5.85 -20.83 16.70
N TYR C 876 6.20 -19.58 17.00
CA TYR C 876 6.99 -19.31 18.19
C TYR C 876 6.20 -19.53 19.46
N VAL C 877 4.91 -19.18 19.43
CA VAL C 877 4.05 -19.33 20.60
C VAL C 877 3.78 -20.79 20.88
N GLN C 878 3.57 -21.61 19.85
CA GLN C 878 3.38 -23.04 20.04
C GLN C 878 4.63 -23.70 20.58
N SER C 879 5.80 -23.17 20.25
CA SER C 879 7.00 -23.75 20.81
C SER C 879 7.18 -23.39 22.29
N LEU C 880 6.71 -22.20 22.72
CA LEU C 880 6.82 -21.88 24.15
C LEU C 880 5.86 -22.70 25.00
N ILE C 881 4.68 -23.01 24.50
CA ILE C 881 3.74 -23.83 25.25
C ILE C 881 4.26 -25.27 25.36
N ASN C 882 4.71 -25.86 24.24
CA ASN C 882 5.15 -27.25 24.21
C ASN C 882 6.46 -27.49 24.96
N GLU C 883 7.34 -26.50 25.00
CA GLU C 883 8.69 -26.76 25.49
C GLU C 883 9.01 -26.08 26.80
N CYS C 884 8.34 -24.97 27.13
CA CYS C 884 8.52 -24.29 28.40
C CYS C 884 7.38 -24.52 29.37
N VAL C 885 6.14 -24.62 28.89
CA VAL C 885 5.01 -24.74 29.79
C VAL C 885 4.65 -26.19 30.06
N TYR C 886 4.61 -27.02 29.03
CA TYR C 886 4.17 -28.40 29.14
C TYR C 886 5.31 -29.41 29.15
N ALA C 887 6.55 -28.93 29.24
CA ALA C 887 7.71 -29.80 29.32
C ALA C 887 8.84 -29.04 29.98
N GLN C 888 9.95 -29.71 30.17
CA GLN C 888 11.17 -29.11 30.70
C GLN C 888 12.22 -29.08 29.60
N SER C 889 12.67 -27.88 29.27
CA SER C 889 13.48 -27.64 28.09
C SER C 889 14.97 -27.75 28.41
N LEU C 890 15.75 -28.06 27.38
CA LEU C 890 17.20 -28.11 27.48
C LEU C 890 17.88 -26.94 26.80
N ARG C 891 17.10 -26.01 26.27
CA ARG C 891 17.63 -24.91 25.45
C ARG C 891 17.95 -23.71 26.35
N ASN C 892 19.23 -23.34 26.41
CA ASN C 892 19.73 -22.17 27.14
C ASN C 892 19.03 -20.89 26.73
N GLY C 893 18.49 -20.19 27.71
CA GLY C 893 17.92 -18.88 27.52
C GLY C 893 16.60 -18.84 26.78
N PHE C 894 15.98 -19.99 26.52
CA PHE C 894 14.77 -20.00 25.72
C PHE C 894 13.54 -19.73 26.57
N CYS C 895 13.58 -20.09 27.85
CA CYS C 895 12.49 -19.81 28.78
C CYS C 895 12.92 -18.74 29.78
N GLY C 896 13.70 -17.76 29.37
CA GLY C 896 14.36 -16.85 30.28
C GLY C 896 15.79 -17.30 30.57
N GLN C 897 16.59 -16.37 31.08
CA GLN C 897 17.96 -16.69 31.43
C GLN C 897 18.01 -17.37 32.80
N GLY C 898 18.91 -18.33 32.94
CA GLY C 898 19.08 -19.03 34.20
C GLY C 898 18.40 -20.39 34.20
N LEU C 899 18.46 -21.03 35.38
CA LEU C 899 17.97 -22.39 35.55
C LEU C 899 16.46 -22.38 35.72
N HIS C 900 15.75 -23.09 34.86
CA HIS C 900 14.32 -22.89 34.70
C HIS C 900 13.50 -23.74 35.66
N VAL C 901 12.67 -23.08 36.46
CA VAL C 901 11.87 -23.74 37.48
C VAL C 901 10.44 -24.00 37.02
N LEU C 902 9.79 -22.98 36.47
CA LEU C 902 8.37 -23.09 36.15
C LEU C 902 8.01 -22.02 35.12
N SER C 903 7.06 -22.35 34.24
CA SER C 903 6.46 -21.37 33.35
C SER C 903 4.96 -21.54 33.33
N LEU C 904 4.24 -20.43 33.43
CA LEU C 904 2.79 -20.40 33.40
C LEU C 904 2.35 -19.40 32.33
N MET C 905 1.08 -19.45 31.95
CA MET C 905 0.60 -18.58 30.89
C MET C 905 -0.79 -18.03 31.22
N GLN C 906 -1.04 -16.80 30.77
CA GLN C 906 -2.27 -16.07 31.07
C GLN C 906 -2.73 -15.34 29.81
N ASN C 907 -4.04 -15.17 29.68
CA ASN C 907 -4.58 -14.33 28.63
C ASN C 907 -4.36 -12.86 28.92
N ALA C 908 -4.21 -12.10 27.88
CA ALA C 908 -3.93 -10.67 27.89
C ALA C 908 -4.81 -10.01 26.82
N PRO C 909 -4.92 -8.67 26.78
CA PRO C 909 -5.56 -8.02 25.62
C PRO C 909 -4.86 -8.33 24.30
N SER C 910 -5.58 -9.07 23.46
CA SER C 910 -5.17 -9.54 22.14
C SER C 910 -3.93 -10.43 22.17
N GLY C 911 -3.88 -11.42 23.04
CA GLY C 911 -2.70 -12.26 23.08
C GLY C 911 -2.53 -13.04 24.36
N ILE C 912 -1.28 -13.36 24.68
CA ILE C 912 -0.93 -14.31 25.73
C ILE C 912 0.30 -13.78 26.45
N MET C 913 0.35 -13.93 27.77
CA MET C 913 1.51 -13.53 28.55
C MET C 913 2.09 -14.77 29.23
N PHE C 914 3.38 -14.97 29.06
CA PHE C 914 4.11 -16.09 29.66
C PHE C 914 4.89 -15.59 30.87
N PHE C 915 4.74 -16.32 31.97
CA PHE C 915 5.38 -16.00 33.24
C PHE C 915 6.49 -17.02 33.48
N HIS C 916 7.75 -16.64 33.28
CA HIS C 916 8.87 -17.56 33.39
C HIS C 916 9.61 -17.36 34.71
N TYR C 917 9.79 -18.43 35.48
CA TYR C 917 10.45 -18.38 36.79
C TYR C 917 11.80 -19.09 36.72
N SER C 918 12.85 -18.40 37.12
CA SER C 918 14.20 -18.94 36.99
C SER C 918 15.05 -18.66 38.22
N LEU C 919 16.11 -19.45 38.37
CA LEU C 919 17.13 -19.26 39.39
C LEU C 919 18.42 -18.78 38.72
N ILE C 920 18.81 -17.54 38.99
CA ILE C 920 20.10 -17.05 38.52
C ILE C 920 21.00 -16.94 39.75
N PRO C 921 22.32 -17.11 39.62
CA PRO C 921 23.20 -17.07 40.80
C PRO C 921 23.37 -15.67 41.35
N ASN C 922 23.68 -15.61 42.65
CA ASN C 922 23.85 -14.35 43.36
C ASN C 922 25.28 -14.16 43.84
N ASN C 923 25.77 -15.04 44.71
CA ASN C 923 27.13 -14.99 45.22
C ASN C 923 27.85 -16.25 44.78
N THR C 924 29.12 -16.09 44.42
CA THR C 924 29.91 -17.21 43.96
C THR C 924 31.07 -17.47 44.91
N ILE C 925 31.64 -18.67 44.78
CA ILE C 925 32.85 -19.05 45.48
C ILE C 925 33.71 -19.81 44.48
N THR C 926 35.03 -19.71 44.64
CA THR C 926 35.99 -20.32 43.74
C THR C 926 36.70 -21.46 44.46
N VAL C 927 36.45 -22.69 44.03
CA VAL C 927 37.02 -23.85 44.70
C VAL C 927 37.88 -24.60 43.71
N LYS C 928 38.59 -25.61 44.21
CA LYS C 928 39.31 -26.58 43.40
C LYS C 928 38.36 -27.71 43.01
N THR C 929 38.57 -28.28 41.82
CA THR C 929 37.73 -29.38 41.37
C THR C 929 38.58 -30.33 40.55
N THR C 930 38.08 -31.56 40.36
CA THR C 930 38.84 -32.62 39.69
C THR C 930 37.84 -33.64 39.16
N PRO C 931 38.17 -34.33 38.06
CA PRO C 931 37.22 -35.33 37.53
C PRO C 931 37.08 -36.56 38.39
N GLY C 932 38.15 -37.02 39.02
CA GLY C 932 38.04 -38.13 39.93
C GLY C 932 39.23 -38.17 40.86
N LEU C 933 39.16 -39.10 41.80
CA LEU C 933 40.18 -39.31 42.81
C LEU C 933 40.64 -40.75 42.79
N CYS C 934 41.95 -40.95 42.77
CA CYS C 934 42.52 -42.28 42.84
C CYS C 934 43.44 -42.38 44.05
N GLU C 935 43.61 -43.60 44.55
CA GLU C 935 44.50 -43.83 45.68
C GLU C 935 45.95 -43.62 45.30
N SER C 936 46.44 -44.38 44.34
CA SER C 936 47.86 -44.40 44.03
C SER C 936 48.09 -44.08 42.56
N ASP C 937 49.36 -43.94 42.22
CA ASP C 937 49.79 -43.62 40.87
C ASP C 937 49.73 -44.81 39.93
N GLU C 938 49.70 -46.04 40.45
CA GLU C 938 49.80 -47.21 39.60
C GLU C 938 48.48 -47.47 38.87
N LEU C 939 48.59 -47.90 37.62
CA LEU C 939 47.42 -48.27 36.84
C LEU C 939 46.80 -49.55 37.40
N GLY C 940 45.51 -49.49 37.69
CA GLY C 940 44.85 -50.53 38.44
C GLY C 940 44.50 -50.15 39.86
N SER C 941 44.67 -48.89 40.23
CA SER C 941 44.33 -48.38 41.54
C SER C 941 42.81 -48.29 41.70
N LYS C 942 42.37 -48.21 42.95
CA LYS C 942 40.96 -47.94 43.23
C LYS C 942 40.68 -46.45 43.06
N CYS C 943 39.72 -46.14 42.20
CA CYS C 943 39.38 -44.76 41.89
C CYS C 943 37.90 -44.53 42.16
N ILE C 944 37.56 -43.29 42.46
CA ILE C 944 36.17 -42.89 42.65
C ILE C 944 35.91 -41.60 41.88
N VAL C 945 34.68 -41.46 41.40
CA VAL C 945 34.15 -40.21 40.89
C VAL C 945 32.90 -39.86 41.69
N ALA C 946 32.49 -38.60 41.61
CA ALA C 946 31.34 -38.15 42.36
C ALA C 946 30.06 -38.70 41.73
N LYS C 947 29.12 -39.06 42.58
CA LYS C 947 27.82 -39.58 42.15
C LYS C 947 26.81 -38.45 42.16
N ASP C 948 26.35 -38.06 40.96
CA ASP C 948 25.37 -37.00 40.74
C ASP C 948 25.79 -35.67 41.38
N GLY C 949 27.07 -35.37 41.29
CA GLY C 949 27.59 -34.17 41.90
C GLY C 949 29.02 -33.98 41.47
N VAL C 950 29.72 -33.08 42.14
CA VAL C 950 31.08 -32.72 41.77
C VAL C 950 31.99 -32.80 42.98
N LEU C 951 33.24 -33.17 42.72
CA LEU C 951 34.29 -33.22 43.73
C LEU C 951 34.87 -31.83 43.88
N VAL C 952 34.77 -31.25 45.08
CA VAL C 952 35.23 -29.88 45.32
C VAL C 952 36.15 -29.86 46.52
N SER C 953 36.99 -28.83 46.60
CA SER C 953 37.85 -28.59 47.75
C SER C 953 38.10 -27.10 47.88
N ALA C 954 37.68 -26.52 49.00
CA ALA C 954 37.81 -25.07 49.22
C ALA C 954 39.15 -24.74 49.87
N ASN C 955 40.22 -25.07 49.15
CA ASN C 955 41.62 -24.96 49.59
C ASN C 955 41.84 -25.68 50.90
N LEU C 956 41.24 -26.86 51.01
CA LEU C 956 41.37 -27.72 52.18
C LEU C 956 42.47 -28.75 51.93
N SER C 957 42.60 -29.67 52.87
CA SER C 957 43.51 -30.79 52.67
C SER C 957 42.78 -32.07 52.27
N TYR C 958 41.48 -32.00 52.08
CA TYR C 958 40.66 -33.17 51.77
C TYR C 958 39.58 -32.75 50.78
N TRP C 959 38.88 -33.74 50.24
CA TRP C 959 37.90 -33.51 49.17
C TRP C 959 36.49 -33.73 49.67
N GLN C 960 35.54 -33.03 49.06
CA GLN C 960 34.15 -33.08 49.45
C GLN C 960 33.26 -33.14 48.21
N TRP C 961 31.97 -33.32 48.45
CA TRP C 961 30.94 -33.47 47.43
C TRP C 961 30.00 -32.28 47.46
N SER C 962 29.63 -31.78 46.29
CA SER C 962 28.66 -30.69 46.19
C SER C 962 27.70 -30.99 45.05
N PRO C 963 26.48 -30.43 45.06
CA PRO C 963 25.67 -30.43 43.83
C PRO C 963 26.37 -29.65 42.72
N ARG C 964 26.04 -30.00 41.48
CA ARG C 964 26.77 -29.46 40.34
C ARG C 964 26.50 -27.98 40.12
N ASN C 965 25.38 -27.43 40.58
CA ASN C 965 25.06 -26.02 40.37
C ASN C 965 24.93 -25.24 41.66
N LEU C 966 25.42 -25.75 42.79
CA LEU C 966 25.39 -25.00 44.04
C LEU C 966 26.45 -25.57 44.96
N TYR C 967 27.18 -24.69 45.64
CA TYR C 967 28.22 -25.10 46.58
C TYR C 967 27.57 -25.41 47.91
N LYS C 968 27.52 -26.68 48.27
CA LYS C 968 26.90 -27.12 49.52
C LYS C 968 27.63 -28.37 49.98
N PRO C 969 28.80 -28.20 50.60
CA PRO C 969 29.74 -29.33 50.71
C PRO C 969 29.40 -30.33 51.81
N GLU C 970 29.76 -31.58 51.55
CA GLU C 970 29.64 -32.63 52.54
C GLU C 970 30.72 -33.67 52.29
N ASN C 971 31.11 -34.37 53.36
CA ASN C 971 32.23 -35.30 53.27
C ASN C 971 31.87 -36.52 52.42
N LEU C 972 32.91 -37.15 51.87
CA LEU C 972 32.72 -38.24 50.92
C LEU C 972 32.31 -39.50 51.67
N THR C 973 31.33 -40.21 51.13
CA THR C 973 30.71 -41.34 51.79
C THR C 973 30.49 -42.41 50.72
N PHE C 974 30.31 -43.65 51.17
CA PHE C 974 29.60 -44.63 50.36
C PHE C 974 28.19 -44.10 50.11
N ALA C 975 27.62 -44.44 48.96
CA ALA C 975 26.39 -43.85 48.39
C ALA C 975 26.51 -42.35 48.19
N ASN C 976 27.73 -41.88 47.96
CA ASN C 976 27.99 -40.53 47.53
C ASN C 976 28.98 -40.50 46.38
N VAL C 977 29.77 -41.55 46.21
CA VAL C 977 30.73 -41.69 45.13
C VAL C 977 30.41 -42.97 44.36
N ILE C 978 31.16 -43.20 43.30
CA ILE C 978 31.02 -44.37 42.43
C ILE C 978 32.41 -44.91 42.17
N ALA C 979 32.63 -46.19 42.42
CA ALA C 979 33.91 -46.82 42.16
C ALA C 979 34.05 -47.08 40.66
N VAL C 980 35.09 -46.51 40.06
CA VAL C 980 35.34 -46.61 38.64
C VAL C 980 36.80 -47.05 38.45
N SER C 981 37.20 -47.17 37.19
CA SER C 981 38.61 -47.33 36.86
C SER C 981 39.21 -45.97 36.55
N ARG C 982 40.54 -45.95 36.51
CA ARG C 982 41.29 -44.69 36.38
C ARG C 982 41.07 -44.08 35.00
N GLY C 983 40.56 -42.84 35.00
CA GLY C 983 40.44 -42.06 33.79
C GLY C 983 41.64 -41.15 33.61
N ALA C 984 41.49 -40.20 32.70
CA ALA C 984 42.57 -39.28 32.39
C ALA C 984 42.59 -38.12 33.38
N ASN C 985 43.78 -37.79 33.88
CA ASN C 985 44.06 -36.64 34.75
C ASN C 985 43.30 -36.67 36.07
N TYR C 986 43.13 -37.84 36.69
CA TYR C 986 42.55 -37.83 38.03
C TYR C 986 43.60 -37.41 39.06
N THR C 987 43.13 -36.92 40.20
CA THR C 987 44.01 -36.46 41.27
C THR C 987 44.41 -37.65 42.13
N THR C 988 45.72 -37.81 42.34
CA THR C 988 46.26 -38.88 43.17
C THR C 988 46.37 -38.41 44.61
N LEU C 989 45.87 -39.23 45.53
CA LEU C 989 45.91 -38.91 46.95
C LEU C 989 47.16 -39.43 47.66
N ASN C 990 47.66 -40.61 47.25
CA ASN C 990 48.64 -41.41 48.00
C ASN C 990 48.20 -41.62 49.44
N ARG C 991 46.92 -42.00 49.62
CA ARG C 991 46.35 -41.97 50.96
C ARG C 991 45.47 -43.15 51.33
N THR C 992 44.84 -43.84 50.36
CA THR C 992 43.86 -44.93 50.60
C THR C 992 42.69 -44.43 51.44
N PHE C 993 41.82 -43.66 50.74
CA PHE C 993 40.63 -43.04 51.33
C PHE C 993 39.75 -44.03 52.09
N ASP C 994 39.05 -43.54 53.11
CA ASP C 994 38.31 -44.38 54.03
C ASP C 994 36.80 -44.15 53.90
N ILE C 995 36.14 -45.03 53.16
CA ILE C 995 34.68 -45.04 53.11
C ILE C 995 34.20 -46.45 53.45
C1 NAG D . 35.93 -55.17 5.97
C2 NAG D . 36.50 -54.39 4.79
C3 NAG D . 35.45 -53.44 4.22
C4 NAG D . 34.28 -54.29 3.74
C5 NAG D . 33.74 -55.20 4.87
C6 NAG D . 32.79 -56.25 4.37
C7 NAG D . 38.51 -52.98 5.67
C8 NAG D . 37.75 -52.32 6.78
N2 NAG D . 37.87 -53.85 4.85
O3 NAG D . 36.00 -52.68 3.15
O4 NAG D . 33.24 -53.47 3.21
O5 NAG D . 34.80 -55.93 5.54
O6 NAG D . 33.48 -57.30 3.72
O7 NAG D . 39.68 -52.72 5.48
C1 NAG D . 33.01 -53.75 1.80
C2 NAG D . 31.53 -53.52 1.49
C3 NAG D . 31.27 -53.78 0.01
C4 NAG D . 32.18 -52.90 -0.84
C5 NAG D . 33.63 -53.14 -0.46
C6 NAG D . 34.60 -52.22 -1.17
C7 NAG D . 29.73 -53.87 3.12
C8 NAG D . 28.94 -54.86 3.89
N2 NAG D . 30.67 -54.36 2.31
O3 NAG D . 29.91 -53.55 -0.31
O4 NAG D . 31.99 -53.19 -2.22
O5 NAG D . 33.81 -52.92 0.95
O6 NAG D . 34.74 -50.99 -0.47
O7 NAG D . 29.53 -52.67 3.21
C1 NAG E . -4.83 34.59 -52.67
C2 NAG E . -6.16 34.60 -53.44
C3 NAG E . -6.03 35.43 -54.71
C4 NAG E . -5.45 36.82 -54.43
C5 NAG E . -4.15 36.67 -53.66
C6 NAG E . -3.54 37.99 -53.23
C7 NAG E . -7.55 32.61 -53.09
C8 NAG E . -7.86 31.22 -53.55
N2 NAG E . -6.59 33.25 -53.76
O3 NAG E . -7.31 35.55 -55.31
O4 NAG E . -5.19 37.47 -55.66
O5 NAG E . -4.38 35.92 -52.46
O6 NAG E . -4.11 38.46 -52.02
O7 NAG E . -8.14 33.13 -52.14
C1 NAG E . -6.09 38.58 -55.87
C2 NAG E . -5.43 39.55 -56.86
C3 NAG E . -6.37 40.71 -57.20
C4 NAG E . -7.71 40.19 -57.67
C5 NAG E . -8.31 39.23 -56.64
C6 NAG E . -9.60 38.60 -57.09
C7 NAG E . -3.84 40.75 -55.33
C8 NAG E . -2.39 41.10 -55.14
N2 NAG E . -4.12 40.02 -56.43
O3 NAG E . -5.78 41.53 -58.20
O4 NAG E . -8.62 41.28 -57.85
O5 NAG E . -7.37 38.16 -56.38
O6 NAG E . -10.13 37.73 -56.09
O7 NAG E . -4.69 41.11 -54.53
C1 NAG F . 10.27 41.31 -41.77
C2 NAG F . 9.16 42.24 -42.22
C3 NAG F . 9.63 43.09 -43.39
C4 NAG F . 10.91 43.83 -43.06
C5 NAG F . 11.98 42.86 -42.54
C6 NAG F . 13.21 43.56 -42.02
C7 NAG F . 6.76 41.86 -42.07
C8 NAG F . 5.60 41.03 -42.53
N2 NAG F . 7.95 41.52 -42.55
O3 NAG F . 8.59 44.01 -43.72
O4 NAG F . 11.41 44.48 -44.22
O5 NAG F . 11.46 42.08 -41.45
O6 NAG F . 13.99 42.70 -41.20
O7 NAG F . 6.61 42.78 -41.27
C1 NAG F . 11.24 45.92 -44.10
C2 NAG F . 12.07 46.59 -45.23
C3 NAG F . 11.84 48.12 -45.28
C4 NAG F . 10.36 48.45 -45.26
C5 NAG F . 9.67 47.74 -44.10
C6 NAG F . 8.17 47.98 -44.07
C7 NAG F . 14.56 46.33 -44.46
C8 NAG F . 14.39 47.03 -43.13
N2 NAG F . 13.49 46.20 -45.31
O3 NAG F . 12.45 48.64 -46.47
O4 NAG F . 10.19 49.86 -45.11
O5 NAG F . 9.86 46.32 -44.22
O6 NAG F . 7.55 47.43 -45.23
O7 NAG F . 15.65 45.89 -44.79
C1 NAG G . -19.53 13.93 -50.92
C2 NAG G . -19.63 12.95 -52.09
C3 NAG G . -19.09 13.60 -53.38
C4 NAG G . -19.71 14.97 -53.62
C5 NAG G . -19.57 15.83 -52.37
C6 NAG G . -20.27 17.16 -52.47
C7 NAG G . -17.69 11.45 -51.55
C8 NAG G . -17.32 10.03 -51.28
N2 NAG G . -18.98 11.67 -51.81
O3 NAG G . -19.39 12.73 -54.48
O4 NAG G . -19.04 15.61 -54.70
O5 NAG G . -20.15 15.16 -51.25
O6 NAG G . -21.55 17.02 -53.08
O7 NAG G . -16.84 12.35 -51.53
C1 NAG G . -19.87 15.71 -55.87
C2 NAG G . -19.08 16.53 -56.90
C3 NAG G . -19.87 16.67 -58.20
C4 NAG G . -20.26 15.29 -58.73
C5 NAG G . -21.01 14.50 -57.65
C6 NAG G . -21.30 13.08 -58.08
C7 NAG G . -19.43 18.84 -55.96
C8 NAG G . -18.70 20.05 -55.48
N2 NAG G . -18.66 17.83 -56.39
O3 NAG G . -19.07 17.36 -59.16
O4 NAG G . -21.08 15.43 -59.88
O5 NAG G . -20.22 14.43 -56.46
O6 NAG G . -22.69 12.82 -58.15
O7 NAG G . -20.67 18.78 -55.96
C1 NAG H . 14.40 -25.52 -38.67
C2 NAG H . 13.76 -25.72 -40.05
C3 NAG H . 13.83 -27.20 -40.45
C4 NAG H . 15.22 -27.77 -40.29
C5 NAG H . 15.80 -27.46 -38.91
C6 NAG H . 17.25 -27.83 -38.75
C7 NAG H . 12.03 -23.99 -40.34
C8 NAG H . 10.56 -23.71 -40.32
N2 NAG H . 12.39 -25.25 -40.06
O3 NAG H . 13.39 -27.33 -41.80
O4 NAG H . 15.18 -29.19 -40.43
O5 NAG H . 15.73 -26.04 -38.68
O6 NAG H . 18.05 -27.18 -39.73
O7 NAG H . 12.86 -23.13 -40.60
C1 NAG H . 15.85 -29.59 -41.64
C2 NAG H . 16.14 -31.12 -41.56
C3 NAG H . 16.62 -31.72 -42.90
C4 NAG H . 15.79 -31.20 -44.08
C5 NAG H . 15.71 -29.68 -44.03
C6 NAG H . 14.92 -29.07 -45.15
C7 NAG H . 18.24 -31.34 -40.01
C8 NAG H . 19.14 -30.45 -40.86
N2 NAG H . 16.95 -31.56 -40.41
O3 NAG H . 16.52 -33.15 -42.84
O4 NAG H . 16.40 -31.59 -45.30
O5 NAG H . 15.07 -29.31 -42.80
O6 NAG H . 15.67 -28.07 -45.83
O7 NAG H . 18.67 -31.85 -38.99
C1 NAG I . 48.50 -15.98 13.99
C2 NAG I . 48.95 -15.67 12.55
C3 NAG I . 50.48 -15.75 12.46
C4 NAG I . 51.14 -14.88 13.54
C5 NAG I . 50.58 -15.23 14.91
C6 NAG I . 51.07 -14.32 16.01
C7 NAG I . 47.42 -16.21 10.71
C8 NAG I . 46.94 -17.27 9.77
N2 NAG I . 48.35 -16.59 11.59
O3 NAG I . 50.90 -15.32 11.17
O4 NAG I . 52.54 -15.19 13.57
O5 NAG I . 49.16 -15.10 14.88
O6 NAG I . 52.07 -14.96 16.80
O7 NAG I . 46.97 -15.07 10.68
C1 NAG I . 53.36 -14.07 13.17
C2 NAG I . 54.75 -14.62 12.81
C3 NAG I . 55.65 -13.50 12.29
C4 NAG I . 54.96 -12.72 11.17
C5 NAG I . 53.58 -12.25 11.62
C6 NAG I . 52.80 -11.60 10.51
C7 NAG I . 55.11 -16.55 14.30
C8 NAG I . 55.83 -17.05 15.52
N2 NAG I . 55.36 -15.28 13.96
O3 NAG I . 56.86 -14.07 11.80
O4 NAG I . 55.74 -11.58 10.81
O5 NAG I . 52.81 -13.39 12.04
O6 NAG I . 53.10 -12.19 9.24
O7 NAG I . 54.35 -17.26 13.66
C1 NAG J . 46.86 -55.21 20.03
C2 NAG J . 48.39 -55.25 19.90
C3 NAG J . 48.83 -56.29 18.87
C4 NAG J . 48.21 -57.67 19.15
C5 NAG J . 46.69 -57.49 19.22
C6 NAG J . 45.93 -58.76 19.56
C7 NAG J . 49.54 -53.11 20.37
C8 NAG J . 49.74 -53.59 21.78
N2 NAG J . 48.89 -53.93 19.54
O3 NAG J . 50.25 -56.39 18.87
O4 NAG J . 48.62 -58.56 18.12
O5 NAG J . 46.36 -56.54 20.24
O6 NAG J . 46.57 -59.48 20.61
O7 NAG J . 49.93 -52.01 20.00
C1 NAG J . 49.18 -59.84 18.57
C2 NAG J . 49.45 -60.71 17.32
C3 NAG J . 49.92 -62.11 17.74
C4 NAG J . 51.04 -62.06 18.80
C5 NAG J . 50.78 -61.01 19.89
C6 NAG J . 51.99 -60.75 20.74
C7 NAG J . 47.10 -61.27 16.65
C8 NAG J . 46.15 -61.21 15.48
N2 NAG J . 48.32 -60.77 16.40
O3 NAG J . 50.35 -62.83 16.60
O4 NAG J . 51.04 -63.34 19.43
O5 NAG J . 50.39 -59.74 19.33
O6 NAG J . 52.96 -59.95 20.08
O7 NAG J . 46.75 -61.72 17.73
C1 BMA J . 52.24 -64.18 19.39
C2 BMA J . 52.23 -65.15 18.15
C3 BMA J . 53.47 -66.08 18.21
C4 BMA J . 54.78 -65.39 18.69
C5 BMA J . 54.53 -64.32 19.80
C6 BMA J . 55.74 -63.53 20.18
O2 BMA J . 52.30 -64.46 16.91
O3 BMA J . 53.71 -66.70 16.95
O4 BMA J . 55.67 -66.36 19.18
O5 BMA J . 53.47 -63.45 19.37
O6 BMA J . 56.54 -64.33 21.04
C1 NAG K . -3.69 -50.47 42.53
C2 NAG K . -4.96 -50.50 41.70
C3 NAG K . -5.25 -49.13 41.10
C4 NAG K . -5.45 -48.17 42.27
C5 NAG K . -4.26 -48.19 43.23
C6 NAG K . -4.53 -47.48 44.53
C7 NAG K . -4.56 -52.18 39.74
C8 NAG K . -3.29 -51.54 39.26
N2 NAG K . -5.21 -51.64 40.79
O3 NAG K . -6.41 -49.17 40.27
O4 NAG K . -5.71 -46.85 41.80
O5 NAG K . -3.87 -49.54 43.61
O6 NAG K . -5.35 -48.28 45.38
O7 NAG K . -5.00 -53.16 39.16
C1 NAG K . -7.03 -46.39 42.20
C2 NAG K . -6.99 -44.87 42.42
C3 NAG K . -8.37 -44.36 42.81
C4 NAG K . -9.39 -44.76 41.75
C5 NAG K . -9.37 -46.27 41.55
C6 NAG K . -10.26 -46.74 40.43
C7 NAG K . -4.99 -43.67 43.17
C8 NAG K . -4.07 -43.39 44.31
N2 NAG K . -6.00 -44.50 43.42
O3 NAG K . -8.36 -42.96 42.98
O4 NAG K . -10.69 -44.35 42.14
O5 NAG K . -8.04 -46.70 41.22
O6 NAG K . -9.59 -46.69 39.18
O7 NAG K . -4.83 -43.17 42.07
C1 NAG L . -49.40 26.45 -29.23
C2 NAG L . -49.82 27.87 -28.84
C3 NAG L . -51.08 28.28 -29.61
C4 NAG L . -50.91 28.07 -31.11
C5 NAG L . -50.47 26.63 -31.38
C6 NAG L . -50.17 26.35 -32.83
C7 NAG L . -49.20 28.52 -26.56
C8 NAG L . -49.60 28.52 -25.12
N2 NAG L . -50.06 27.95 -27.41
O3 NAG L . -51.36 29.64 -29.33
O4 NAG L . -52.16 28.29 -31.76
O5 NAG L . -49.27 26.36 -30.65
O6 NAG L . -48.85 26.73 -33.18
O7 NAG L . -48.13 28.99 -26.94
C1 NAG L . -52.13 29.49 -32.55
C2 NAG L . -53.24 29.38 -33.61
C3 NAG L . -53.32 30.66 -34.46
C4 NAG L . -53.46 31.88 -33.56
C5 NAG L . -52.35 31.92 -32.52
C6 NAG L . -52.49 33.05 -31.53
C7 NAG L . -52.10 27.89 -35.29
C8 NAG L . -52.24 26.60 -36.04
N2 NAG L . -53.11 28.19 -34.46
O3 NAG L . -54.41 30.57 -35.36
O4 NAG L . -53.41 33.08 -34.34
O5 NAG L . -52.33 30.69 -31.77
O6 NAG L . -51.42 33.06 -30.59
O7 NAG L . -51.11 28.60 -35.44
C1 NAG M . -42.22 11.78 -40.44
C2 NAG M . -42.37 13.18 -41.01
C3 NAG M . -43.61 13.26 -41.89
C4 NAG M . -43.57 12.20 -42.97
C5 NAG M . -43.34 10.81 -42.37
C6 NAG M . -43.11 9.75 -43.40
C7 NAG M . -41.67 15.29 -39.96
C8 NAG M . -41.87 16.23 -38.83
N2 NAG M . -42.43 14.18 -39.96
O3 NAG M . -43.66 14.57 -42.47
O4 NAG M . -44.80 12.19 -43.68
O5 NAG M . -42.17 10.83 -41.53
O6 NAG M . -42.51 8.59 -42.84
O7 NAG M . -40.85 15.49 -40.85
C1 NAG M . -44.63 12.73 -45.02
C2 NAG M . -45.90 12.41 -45.84
C3 NAG M . -45.87 13.06 -47.24
C4 NAG M . -45.49 14.53 -47.15
C5 NAG M . -44.22 14.71 -46.32
C6 NAG M . -43.84 16.16 -46.13
C7 NAG M . -45.75 9.84 -46.32
C8 NAG M . -44.39 9.89 -47.01
N2 NAG M . -46.31 11.00 -45.86
O3 NAG M . -47.15 12.92 -47.85
O4 NAG M . -45.29 15.06 -48.44
O5 NAG M . -44.40 14.15 -45.02
O6 NAG M . -44.82 16.85 -45.38
O7 NAG M . -46.33 8.77 -46.19
C1 NAG N . -44.63 33.86 -5.41
C2 NAG N . -45.76 33.95 -4.38
C3 NAG N . -47.14 33.94 -5.08
C4 NAG N . -47.19 34.96 -6.22
C5 NAG N . -45.99 34.78 -7.14
C6 NAG N . -45.91 35.84 -8.21
C7 NAG N . -45.73 31.60 -3.51
C8 NAG N . -45.58 30.79 -2.26
N2 NAG N . -45.68 32.93 -3.34
O3 NAG N . -48.15 34.22 -4.12
O4 NAG N . -48.39 34.76 -6.96
O5 NAG N . -44.78 34.88 -6.38
O6 NAG N . -46.20 37.13 -7.69
O7 NAG N . -45.89 31.05 -4.61
C1 NAG N . -49.34 35.83 -6.77
C2 NAG N . -50.50 35.57 -7.73
C3 NAG N . -51.58 36.64 -7.58
C4 NAG N . -52.03 36.74 -6.12
C5 NAG N . -50.82 36.96 -5.20
C6 NAG N . -51.20 36.92 -3.74
C7 NAG N . -49.46 36.33 -9.88
C8 NAG N . -49.14 35.89 -11.28
N2 NAG N . -50.08 35.42 -9.12
O3 NAG N . -52.69 36.32 -8.41
O4 NAG N . -52.95 37.81 -5.96
O5 NAG N . -49.84 35.93 -5.41
O6 NAG N . -50.95 38.16 -3.10
O7 NAG N . -49.17 37.46 -9.50
C1 NAG O . -41.45 -11.73 22.33
C2 NAG O . -42.65 -10.88 22.76
C3 NAG O . -43.09 -11.26 24.18
C4 NAG O . -43.27 -12.76 24.33
C5 NAG O . -42.05 -13.52 23.79
C6 NAG O . -42.25 -15.01 23.75
C7 NAG O . -42.50 -8.70 21.61
C8 NAG O . -42.12 -7.27 21.74
N2 NAG O . -42.33 -9.45 22.70
O3 NAG O . -44.30 -10.58 24.49
O4 NAG O . -43.42 -13.09 25.71
O5 NAG O . -41.79 -13.10 22.45
O6 NAG O . -43.38 -15.35 22.95
O7 NAG O . -42.93 -9.17 20.56
C1 NAG O . -44.76 -13.54 25.97
C2 NAG O . -44.78 -14.26 27.35
C3 NAG O . -46.20 -14.57 27.86
C4 NAG O . -47.14 -13.38 27.65
C5 NAG O . -47.04 -12.89 26.21
C6 NAG O . -47.94 -11.73 25.90
C7 NAG O . -43.78 -16.64 26.90
C8 NAG O . -44.79 -17.03 25.83
N2 NAG O . -43.86 -15.41 27.49
O3 NAG O . -46.15 -14.90 29.24
O4 NAG O . -48.49 -13.79 27.91
O5 NAG O . -45.70 -12.48 25.97
O6 NAG O . -48.76 -11.98 24.77
O7 NAG O . -42.88 -17.42 27.21
C1 NAG P . 1.89 -52.90 1.06
C2 NAG P . 0.39 -52.91 0.71
C3 NAG P . -0.04 -54.33 0.35
C4 NAG P . 0.86 -54.95 -0.71
C5 NAG P . 2.32 -54.84 -0.28
C6 NAG P . 3.29 -55.29 -1.35
C7 NAG P . -1.05 -51.20 1.75
C8 NAG P . -1.86 -50.84 2.94
N2 NAG P . -0.42 -52.39 1.80
O3 NAG P . -1.40 -54.30 -0.12
O4 NAG P . 0.55 -56.34 -0.81
O5 NAG P . 2.63 -53.47 -0.01
O6 NAG P . 3.81 -56.58 -1.06
O7 NAG P . -0.95 -50.45 0.78
C1 NAG P . -0.01 -56.69 -2.09
C2 NAG P . -0.69 -58.06 -1.93
C3 NAG P . -1.39 -58.46 -3.24
C4 NAG P . -2.30 -57.34 -3.75
C5 NAG P . -1.54 -56.03 -3.82
C6 NAG P . -2.42 -54.86 -4.17
C7 NAG P . 0.63 -59.29 -0.27
C8 NAG P . 1.64 -60.38 -0.04
N2 NAG P . 0.27 -59.08 -1.53
O3 NAG P . -2.16 -59.63 -3.01
O4 NAG P . -2.80 -57.65 -5.03
O5 NAG P . -0.96 -55.73 -2.54
O6 NAG P . -3.72 -55.01 -3.64
O7 NAG P . 0.17 -58.64 0.66
C1 NAG Q . 7.39 -63.89 38.84
C2 NAG Q . 6.92 -65.30 38.45
C3 NAG Q . 5.79 -65.76 39.38
C4 NAG Q . 6.19 -65.65 40.85
C5 NAG Q . 6.61 -64.19 41.11
C6 NAG Q . 7.09 -63.92 42.52
C7 NAG Q . 7.14 -65.87 36.05
C8 NAG Q . 8.46 -66.52 36.39
N2 NAG Q . 6.47 -65.31 37.07
O3 NAG Q . 5.45 -67.11 39.09
O4 NAG Q . 5.06 -66.04 41.64
O5 NAG Q . 7.69 -63.85 40.24
O6 NAG Q . 7.95 -64.96 42.99
O7 NAG Q . 6.71 -65.84 34.91
C1 NAG Q . 5.34 -67.03 42.70
C2 NAG Q . 4.05 -67.25 43.51
C3 NAG Q . 4.33 -68.17 44.71
C4 NAG Q . 5.09 -69.44 44.30
C5 NAG Q . 6.22 -69.16 43.30
C6 NAG Q . 6.78 -70.41 42.67
C7 NAG Q . 3.94 -65.05 44.74
C8 NAG Q . 3.03 -63.88 45.01
N2 NAG Q . 3.41 -66.00 43.93
O3 NAG Q . 3.10 -68.52 45.32
O4 NAG Q . 5.68 -69.95 45.49
O5 NAG Q . 5.81 -68.30 42.22
O6 NAG Q . 5.91 -70.92 41.67
O7 NAG Q . 5.06 -65.12 45.22
C1 BMA Q . 5.35 -71.29 45.96
C2 BMA Q . 4.12 -71.28 46.96
C3 BMA Q . 3.86 -72.71 47.49
C4 BMA Q . 4.04 -73.85 46.44
C5 BMA Q . 5.20 -73.56 45.44
C6 BMA Q . 5.30 -74.56 44.31
O2 BMA Q . 2.92 -70.85 46.34
O3 BMA Q . 2.58 -72.81 48.08
O4 BMA Q . 4.29 -75.07 47.10
O5 BMA Q . 5.04 -72.23 44.91
O6 BMA Q . 5.93 -75.72 44.81
C1 NAG R . 41.24 -20.68 47.34
C2 NAG R . 40.71 -19.32 47.77
C3 NAG R . 40.23 -18.52 46.57
C4 NAG R . 41.43 -18.33 45.64
C5 NAG R . 42.09 -19.68 45.28
C6 NAG R . 43.43 -19.51 44.61
C7 NAG R . 38.68 -19.72 49.36
C8 NAG R . 37.93 -20.61 48.42
N2 NAG R . 39.88 -19.20 48.98
O3 NAG R . 39.70 -17.27 46.97
O4 NAG R . 41.07 -17.61 44.47
O5 NAG R . 42.34 -20.51 46.44
O6 NAG R . 44.43 -19.18 45.57
O7 NAG R . 38.22 -19.45 50.45
C1 NAG R . 41.77 -16.34 44.38
C2 NAG R . 42.00 -16.00 42.90
C3 NAG R . 42.72 -14.66 42.79
C4 NAG R . 41.93 -13.58 43.50
C5 NAG R . 41.70 -13.99 44.95
C6 NAG R . 40.80 -13.03 45.72
C7 NAG R . 42.28 -17.70 41.16
C8 NAG R . 43.18 -18.74 40.57
N2 NAG R . 42.75 -17.05 42.23
O3 NAG R . 42.92 -14.32 41.42
O4 NAG R . 42.62 -12.35 43.45
O5 NAG R . 41.05 -15.27 45.01
O6 NAG R . 39.44 -13.35 45.54
O7 NAG R . 41.19 -17.45 40.68
C1 NAG S . -16.30 60.22 -10.10
C2 NAG S . -15.79 60.93 -11.36
C3 NAG S . -16.24 62.39 -11.36
C4 NAG S . -17.74 62.52 -11.14
C5 NAG S . -18.13 61.76 -9.87
C6 NAG S . -19.62 61.74 -9.61
C7 NAG S . -13.71 60.00 -12.27
C8 NAG S . -12.22 60.04 -12.24
N2 NAG S . -14.35 60.84 -11.45
O3 NAG S . -15.88 62.97 -12.61
O4 NAG S . -18.07 63.89 -10.97
O5 NAG S . -17.71 60.40 -9.98
O6 NAG S . -20.27 60.70 -10.33
O7 NAG S . -14.32 59.23 -13.01
C1 NAG S . -18.83 64.39 -12.08
C2 NAG S . -19.61 65.63 -11.62
C3 NAG S . -20.39 66.26 -12.78
C4 NAG S . -19.45 66.54 -13.96
C5 NAG S . -18.70 65.27 -14.36
C6 NAG S . -17.68 65.50 -15.44
C7 NAG S . -21.53 64.54 -10.43
C8 NAG S . -22.24 64.48 -9.12
N2 NAG S . -20.47 65.38 -10.47
O3 NAG S . -21.00 67.47 -12.35
O4 NAG S . -20.20 67.01 -15.07
O5 NAG S . -17.99 64.73 -13.22
O6 NAG S . -17.02 64.29 -15.81
O7 NAG S . -21.89 63.85 -11.39
C1 NAG T . -29.16 51.96 2.50
C2 NAG T . -29.65 52.63 1.22
C3 NAG T . -30.22 54.01 1.54
C4 NAG T . -31.30 53.92 2.60
C5 NAG T . -30.79 53.17 3.83
C6 NAG T . -31.87 52.89 4.84
C7 NAG T . -28.76 52.33 -1.04
C8 NAG T . -27.59 52.52 -1.95
N2 NAG T . -28.59 52.73 0.23
O3 NAG T . -30.74 54.56 0.33
O4 NAG T . -31.69 55.23 2.98
O5 NAG T . -30.25 51.89 3.45
O6 NAG T . -31.48 51.87 5.75
O7 NAG T . -29.81 51.83 -1.42
C1 NAG T . -33.02 55.52 2.48
C2 NAG T . -33.53 56.81 3.19
C3 NAG T . -34.89 57.29 2.63
C4 NAG T . -34.85 57.33 1.11
C5 NAG T . -34.35 56.00 0.53
C6 NAG T . -34.23 56.02 -0.97
C7 NAG T . -34.08 56.05 5.63
C8 NAG T . -35.07 54.96 5.24
N2 NAG T . -33.48 56.80 4.67
O3 NAG T . -35.18 58.58 3.14
O4 NAG T . -36.15 57.59 0.60
O5 NAG T . -33.05 55.71 1.05
O6 NAG T . -33.25 56.96 -1.39
O7 NAG T . -33.84 56.26 6.81
C1 NAG U . 5.88 52.39 -19.70
C2 NAG U . 7.14 53.24 -19.52
C3 NAG U . 6.78 54.67 -19.09
C4 NAG U . 5.72 55.27 -20.00
C5 NAG U . 4.52 54.32 -20.12
C6 NAG U . 3.49 54.78 -21.11
C7 NAG U . 7.94 52.33 -17.32
C8 NAG U . 9.10 51.68 -16.65
N2 NAG U . 8.11 52.62 -18.62
O3 NAG U . 7.96 55.47 -19.12
O4 NAG U . 5.27 56.51 -19.43
O5 NAG U . 4.99 53.04 -20.59
O6 NAG U . 4.09 55.30 -22.28
O7 NAG U . 6.90 52.58 -16.70
C1 NAG U . 5.69 57.64 -20.21
C2 NAG U . 5.03 58.87 -19.58
C3 NAG U . 5.45 60.15 -20.32
C4 NAG U . 6.97 60.25 -20.36
C5 NAG U . 7.59 58.98 -20.95
C6 NAG U . 9.10 58.99 -20.89
C7 NAG U . 2.70 58.62 -20.50
C8 NAG U . 1.27 58.52 -20.09
N2 NAG U . 3.58 58.76 -19.49
O3 NAG U . 4.90 61.28 -19.66
O4 NAG U . 7.36 61.38 -21.13
O5 NAG U . 7.13 57.83 -20.23
O6 NAG U . 9.68 58.96 -22.17
O7 NAG U . 3.03 58.57 -21.69
C1 NAG V . 31.22 30.11 21.76
C2 NAG V . 31.93 31.36 21.26
C3 NAG V . 33.41 31.33 21.67
C4 NAG V . 33.56 31.05 23.17
C5 NAG V . 32.74 29.82 23.57
C6 NAG V . 32.71 29.59 25.07
C7 NAG V . 30.81 32.11 19.19
C8 NAG V . 30.88 32.13 17.70
N2 NAG V . 31.82 31.49 19.82
O3 NAG V . 33.99 32.58 21.36
O4 NAG V . 34.93 30.77 23.45
O5 NAG V . 31.38 30.00 23.17
O6 NAG V . 32.19 30.73 25.75
O7 NAG V . 29.88 32.61 19.81
C1 NAG V . 35.49 31.83 24.25
C2 NAG V . 36.82 31.33 24.88
C3 NAG V . 37.65 32.46 25.55
C4 NAG V . 37.68 33.71 24.69
C5 NAG V . 36.27 34.09 24.26
C6 NAG V . 36.21 35.33 23.41
C7 NAG V . 36.10 29.82 26.90
C8 NAG V . 35.30 30.91 27.61
N2 NAG V . 36.72 30.12 25.72
O3 NAG V . 38.98 31.99 25.78
O4 NAG V . 38.24 34.78 25.43
O5 NAG V . 35.73 33.01 23.49
O6 NAG V . 35.30 36.28 23.94
O7 NAG V . 36.19 28.70 27.38
C1 NAG W . -0.42 -17.01 50.14
C2 NAG W . -0.41 -15.54 50.57
C3 NAG W . -0.69 -15.45 52.08
C4 NAG W . -1.94 -16.22 52.47
C5 NAG W . -1.87 -17.65 51.93
C6 NAG W . -3.15 -18.44 52.15
C7 NAG W . 0.96 -13.95 49.29
C8 NAG W . 2.32 -13.36 49.12
N2 NAG W . 0.84 -14.88 50.26
O3 NAG W . -0.83 -14.08 52.45
O4 NAG W . -2.00 -16.31 53.89
O5 NAG W . -1.66 -17.61 50.53
O6 NAG W . -3.01 -19.36 53.22
O7 NAG W . 0.01 -13.61 48.60
C1 NAG W . -3.12 -15.59 54.45
C2 NAG W . -2.83 -15.38 55.95
C3 NAG W . -3.94 -14.55 56.59
C4 NAG W . -4.20 -13.26 55.79
C5 NAG W . -4.42 -13.59 54.32
C6 NAG W . -4.55 -12.35 53.47
C7 NAG W . -1.55 -17.34 56.68
C8 NAG W . -1.58 -18.64 57.43
N2 NAG W . -2.69 -16.66 56.63
O3 NAG W . -3.57 -14.22 57.92
O4 NAG W . -5.34 -12.59 56.30
O5 NAG W . -3.31 -14.33 53.82
O6 NAG W . -3.71 -11.30 53.96
O7 NAG W . -0.52 -16.95 56.13
C1 NAG X . 34.79 -33.96 57.29
C2 NAG X . 34.49 -33.83 58.79
C3 NAG X . 35.65 -33.12 59.50
C4 NAG X . 36.99 -33.79 59.21
C5 NAG X . 37.17 -33.84 57.69
C6 NAG X . 38.43 -34.53 57.22
C7 NAG X . 32.09 -33.64 59.39
C8 NAG X . 32.10 -35.13 59.63
N2 NAG X . 33.25 -33.09 59.00
O3 NAG X . 35.42 -33.12 60.91
O4 NAG X . 38.01 -33.05 59.87
O5 NAG X . 36.08 -34.55 57.10
O6 NAG X . 38.67 -35.73 57.96
O7 NAG X . 31.09 -32.96 59.55
C1 NAG X . 38.96 -33.83 60.69
C2 NAG X . 40.04 -32.89 61.20
C3 NAG X . 41.13 -33.68 61.96
C4 NAG X . 40.53 -34.65 62.98
C5 NAG X . 39.29 -35.40 62.44
C6 NAG X . 38.53 -36.12 63.52
C7 NAG X . 41.31 -32.43 59.09
C8 NAG X . 41.81 -31.32 58.20
N2 NAG X . 40.63 -32.03 60.17
O3 NAG X . 42.01 -32.77 62.61
O4 NAG X . 41.53 -35.62 63.25
O5 NAG X . 38.35 -34.51 61.80
O6 NAG X . 37.74 -35.23 64.31
O7 NAG X . 41.51 -33.61 58.80
C1 BMA X . 42.04 -35.80 64.60
C2 BMA X . 43.30 -34.88 64.89
C3 BMA X . 43.86 -35.17 66.30
C4 BMA X . 42.77 -35.41 67.40
C5 BMA X . 41.53 -36.18 66.85
C6 BMA X . 40.38 -36.30 67.84
O2 BMA X . 42.99 -33.49 64.85
O3 BMA X . 44.73 -34.14 66.74
O4 BMA X . 43.32 -36.15 68.47
O5 BMA X . 41.08 -35.54 65.65
O6 BMA X . 40.71 -37.33 68.74
C1 NAG Y . 19.62 -60.85 18.23
C2 NAG Y . 19.81 -61.54 16.87
C3 NAG Y . 18.53 -62.26 16.46
C4 NAG Y . 18.10 -63.23 17.53
C5 NAG Y . 17.90 -62.46 18.84
C6 NAG Y . 17.52 -63.35 20.00
C7 NAG Y . 21.08 -60.91 14.87
C8 NAG Y . 21.39 -59.83 13.88
N2 NAG Y . 20.22 -60.59 15.84
O3 NAG Y . 18.74 -62.95 15.23
O4 NAG Y . 16.89 -63.87 17.16
O5 NAG Y . 19.13 -61.80 19.19
O6 NAG Y . 17.32 -62.59 21.18
O7 NAG Y . 21.58 -62.03 14.78
C1 NAG Z . 32.73 12.34 -12.56
C2 NAG Z . 33.87 11.70 -13.39
C3 NAG Z . 35.09 12.65 -13.49
C4 NAG Z . 35.43 13.34 -12.17
C5 NAG Z . 34.17 13.76 -11.42
C6 NAG Z . 34.23 15.17 -10.87
C7 NAG Z . 33.62 9.28 -13.04
C8 NAG Z . 34.17 8.07 -12.35
N2 NAG Z . 34.26 10.43 -12.81
O3 NAG Z . 34.88 13.61 -14.51
O4 NAG Z . 36.19 12.47 -11.35
O5 NAG Z . 33.05 13.69 -12.29
O6 NAG Z . 32.99 15.53 -10.27
O7 NAG Z . 32.65 9.21 -13.79
C1 NAG AA . 24.15 40.85 -38.74
C2 NAG AA . 23.74 42.28 -39.20
C3 NAG AA . 24.47 43.33 -38.36
C4 NAG AA . 24.26 43.08 -36.88
C5 NAG AA . 24.69 41.67 -36.52
C6 NAG AA . 24.44 41.32 -35.08
C7 NAG AA . 23.19 42.11 -41.60
C8 NAG AA . 23.66 42.41 -43.00
N2 NAG AA . 24.03 42.46 -40.62
O3 NAG AA . 23.97 44.62 -38.71
O4 NAG AA . 25.04 44.00 -36.12
O5 NAG AA . 23.93 40.73 -37.32
O6 NAG AA . 23.08 40.97 -34.85
O7 NAG AA . 22.12 41.57 -41.38
C1 NAG BA . -19.76 -4.05 -45.69
C2 NAG BA . -20.46 -5.19 -46.45
C3 NAG BA . -19.70 -5.56 -47.72
C4 NAG BA . -19.47 -4.32 -48.58
C5 NAG BA . -18.73 -3.27 -47.76
C6 NAG BA . -18.56 -1.96 -48.50
C7 NAG BA . -19.83 -7.14 -44.99
C8 NAG BA . -20.40 -8.28 -44.20
N2 NAG BA . -20.73 -6.36 -45.61
O3 NAG BA . -20.42 -6.55 -48.45
O4 NAG BA . -18.70 -4.66 -49.73
O5 NAG BA . -19.50 -2.95 -46.58
O6 NAG BA . -17.95 -2.18 -49.77
O7 NAG BA . -18.61 -6.95 -45.06
C1 NAG CA . -17.20 47.87 -41.10
C2 NAG CA . -16.77 48.42 -39.74
C3 NAG CA . -16.86 49.96 -39.70
C4 NAG CA . -16.11 50.56 -40.88
C5 NAG CA . -16.63 49.97 -42.19
C6 NAG CA . -15.89 50.46 -43.40
C7 NAG CA . -18.81 47.85 -38.39
C8 NAG CA . -19.27 47.11 -37.16
N2 NAG CA . -17.49 47.81 -38.62
O3 NAG CA . -16.32 50.43 -38.48
O4 NAG CA . -16.28 51.98 -40.90
O5 NAG CA . -16.47 48.53 -42.16
O6 NAG CA . -15.45 49.38 -44.23
O7 NAG CA . -19.61 48.44 -39.11
C1 NAG DA . -14.83 -24.47 -40.37
C2 NAG DA . -13.53 -25.27 -40.20
C3 NAG DA . -12.98 -25.70 -41.57
C4 NAG DA . -14.05 -26.44 -42.36
C5 NAG DA . -15.32 -25.60 -42.46
C6 NAG DA . -16.46 -26.35 -43.11
C7 NAG DA . -11.96 -23.37 -39.67
C8 NAG DA . -10.96 -22.89 -38.66
N2 NAG DA . -12.53 -24.57 -39.41
O3 NAG DA . -11.85 -26.53 -41.38
O4 NAG DA . -13.58 -26.74 -43.67
O5 NAG DA . -15.77 -25.23 -41.14
O6 NAG DA . -16.63 -27.63 -42.52
O7 NAG DA . -12.23 -22.72 -40.68
C1 NAG EA . 24.46 -17.54 -35.01
C2 NAG EA . 25.48 -16.41 -34.70
C3 NAG EA . 25.31 -15.21 -35.65
C4 NAG EA . 23.96 -15.20 -36.36
C5 NAG EA . 22.85 -15.63 -35.42
C6 NAG EA . 21.48 -15.58 -36.04
C7 NAG EA . 26.24 -16.31 -32.34
C8 NAG EA . 27.40 -17.18 -32.73
N2 NAG EA . 25.37 -15.99 -33.31
O3 NAG EA . 26.35 -15.24 -36.61
O4 NAG EA . 23.68 -13.88 -36.84
O5 NAG EA . 23.06 -16.98 -34.98
O6 NAG EA . 20.53 -15.02 -35.14
O7 NAG EA . 26.10 -15.92 -31.19
C1 NAG FA . 32.92 -20.34 -8.91
C2 NAG FA . 34.42 -20.46 -8.55
C3 NAG FA . 35.04 -19.07 -8.48
C4 NAG FA . 34.81 -18.31 -9.78
C5 NAG FA . 33.32 -18.24 -10.08
C6 NAG FA . 33.01 -17.62 -11.43
C7 NAG FA . 34.66 -22.50 -7.22
C8 NAG FA . 34.87 -23.07 -5.85
N2 NAG FA . 34.61 -21.17 -7.30
O3 NAG FA . 36.44 -19.18 -8.23
O4 NAG FA . 35.35 -16.99 -9.68
O5 NAG FA . 32.77 -19.57 -10.11
O6 NAG FA . 33.18 -18.56 -12.47
O7 NAG FA . 34.53 -23.22 -8.20
C1 NAG GA . 40.35 -34.79 2.65
C2 NAG GA . 41.79 -34.34 2.91
C3 NAG GA . 42.52 -34.11 1.59
C4 NAG GA . 42.43 -35.34 0.71
C5 NAG GA . 40.97 -35.77 0.54
C6 NAG GA . 40.83 -37.08 -0.21
C7 NAG GA . 42.81 -32.84 4.56
C8 NAG GA . 42.66 -31.56 5.34
N2 NAG GA . 41.81 -33.14 3.73
O3 NAG GA . 43.89 -33.79 1.82
O4 NAG GA . 43.01 -35.08 -0.57
O5 NAG GA . 40.36 -35.97 1.82
O6 NAG GA . 39.75 -37.03 -1.13
O7 NAG GA . 43.79 -33.56 4.69
C1 NAG HA . 11.94 -39.72 51.95
C2 NAG HA . 10.56 -39.79 52.63
C3 NAG HA . 10.44 -38.70 53.70
C4 NAG HA . 11.57 -38.82 54.70
C5 NAG HA . 12.90 -38.72 53.96
C6 NAG HA . 14.10 -38.89 54.86
C7 NAG HA . 8.32 -40.33 51.77
C8 NAG HA . 7.32 -40.08 50.70
N2 NAG HA . 9.48 -39.66 51.66
O3 NAG HA . 9.19 -38.81 54.37
O4 NAG HA . 11.48 -37.79 55.67
O5 NAG HA . 12.97 -39.75 52.96
O6 NAG HA . 15.31 -38.75 54.13
O7 NAG HA . 8.10 -41.09 52.71
C1 NAG IA . -19.66 -24.07 -20.39
C2 NAG IA . -20.75 -25.12 -20.05
C3 NAG IA . -21.11 -25.96 -21.29
C4 NAG IA . -19.90 -26.38 -22.11
C5 NAG IA . -18.86 -25.27 -22.21
C6 NAG IA . -18.32 -25.05 -23.59
C7 NAG IA . -20.40 -25.66 -17.68
C8 NAG IA . -19.88 -26.67 -16.70
N2 NAG IA . -20.29 -25.98 -18.97
O3 NAG IA . -22.04 -25.26 -22.11
O4 NAG IA . -19.30 -27.53 -21.54
O5 NAG IA . -19.45 -24.04 -21.78
O6 NAG IA . -17.44 -23.94 -23.62
O7 NAG IA . -20.89 -24.59 -17.30
C1 NAG JA . -42.55 -1.96 -44.03
C2 NAG JA . -42.87 -1.07 -45.26
C3 NAG JA . -42.20 -1.64 -46.52
C4 NAG JA . -40.72 -1.86 -46.30
C5 NAG JA . -40.50 -2.75 -45.08
C6 NAG JA . -39.04 -2.95 -44.74
C7 NAG JA . -45.07 -0.05 -44.84
C8 NAG JA . -46.53 -0.08 -45.18
N2 NAG JA . -44.31 -0.97 -45.46
O3 NAG JA . -42.41 -0.73 -47.59
O4 NAG JA . -40.14 -2.50 -47.43
O5 NAG JA . -41.11 -2.12 -43.93
O6 NAG JA . -38.51 -1.83 -44.05
O7 NAG JA . -44.61 0.74 -44.04
C1 NAG KA . -39.84 27.78 11.65
C2 NAG KA . -40.43 28.28 12.98
C3 NAG KA . -41.86 27.76 13.18
C4 NAG KA . -42.72 28.10 11.97
C5 NAG KA . -42.08 27.52 10.71
C6 NAG KA . -42.83 27.90 9.46
C7 NAG KA . -39.21 26.80 14.59
C8 NAG KA . -38.33 26.83 15.81
N2 NAG KA . -39.58 28.01 14.13
O3 NAG KA . -42.42 28.32 14.36
O4 NAG KA . -44.02 27.55 12.13
O5 NAG KA . -40.75 28.05 10.56
O6 NAG KA . -44.20 27.56 9.55
O7 NAG KA . -39.56 25.74 14.08
C1 NAG LA . -34.99 39.06 -39.07
C2 NAG LA . -33.76 38.51 -39.78
C3 NAG LA . -33.67 39.02 -41.23
C4 NAG LA . -34.98 38.76 -41.96
C5 NAG LA . -36.14 39.38 -41.18
C6 NAG LA . -37.48 39.11 -41.81
C7 NAG LA . -31.98 39.93 -38.73
C8 NAG LA . -30.69 39.87 -37.96
N2 NAG LA . -32.52 38.74 -39.05
O3 NAG LA . -32.60 38.36 -41.90
O4 NAG LA . -34.94 39.33 -43.27
O5 NAG LA . -36.17 38.81 -39.87
O6 NAG LA . -38.40 38.59 -40.86
O7 NAG LA . -32.48 41.01 -39.04
C1 NAG MA . -36.22 16.17 29.60
C2 NAG MA . -36.38 14.70 29.98
C3 NAG MA . -37.84 14.38 30.30
C4 NAG MA . -38.39 15.34 31.35
C5 NAG MA . -38.15 16.80 30.91
C6 NAG MA . -38.53 17.79 31.98
C7 NAG MA . -36.20 13.66 27.70
C8 NAG MA . -35.44 12.63 26.91
N2 NAG MA . -35.83 13.78 28.99
O3 NAG MA . -37.94 13.04 30.78
O4 NAG MA . -39.77 15.12 31.57
O5 NAG MA . -36.77 17.01 30.62
O6 NAG MA . -37.96 17.45 33.23
O7 NAG MA . -37.11 14.31 27.19
C1 NAG NA . -40.10 -19.66 11.67
C2 NAG NA . -40.02 -20.37 10.30
C3 NAG NA . -40.89 -19.65 9.24
C4 NAG NA . -41.27 -18.23 9.64
C5 NAG NA . -40.09 -17.53 10.31
C6 NAG NA . -40.37 -16.10 10.68
C7 NAG NA . -37.91 -21.59 9.87
C8 NAG NA . -38.58 -22.83 10.40
N2 NAG NA . -38.64 -20.47 9.85
O3 NAG NA . -42.07 -20.41 9.02
O4 NAG NA . -41.63 -17.49 8.48
O5 NAG NA . -39.73 -18.22 11.53
O6 NAG NA . -39.26 -15.27 10.36
O7 NAG NA . -36.75 -21.62 9.47
C1 NAG OA . -16.78 -34.36 10.71
C2 NAG OA . -16.78 -35.87 10.39
C3 NAG OA . -16.84 -36.07 8.88
C4 NAG OA . -18.03 -35.34 8.28
C5 NAG OA . -17.98 -33.87 8.65
C6 NAG OA . -19.20 -33.09 8.21
C7 NAG OA . -15.58 -36.97 12.22
C8 NAG OA . -14.31 -37.65 12.64
N2 NAG OA . -15.63 -36.53 10.95
O3 NAG OA . -16.92 -37.46 8.59
O4 NAG OA . -18.05 -35.50 6.87
O5 NAG OA . -17.90 -33.72 10.08
O6 NAG OA . -20.28 -33.27 9.12
O7 NAG OA . -16.53 -36.84 13.00
C1 NAG PA . -7.57 -48.04 21.93
C2 NAG PA . -7.65 -49.31 21.08
C3 NAG PA . -9.10 -49.62 20.72
C4 NAG PA . -9.96 -49.68 21.97
C5 NAG PA . -9.79 -48.40 22.80
C6 NAG PA . -10.50 -48.47 24.13
C7 NAG PA . -6.25 -50.21 19.27
C8 NAG PA . -5.43 -49.89 18.05
N2 NAG PA . -6.83 -49.17 19.88
O3 NAG PA . -9.18 -50.85 20.02
O4 NAG PA . -11.33 -49.85 21.62
O5 NAG PA . -8.40 -48.19 23.09
O6 NAG PA . -11.14 -47.23 24.43
O7 NAG PA . -6.37 -51.35 19.68
C1 NAG QA . 46.93 -34.36 32.20
C2 NAG QA . 47.90 -33.25 32.62
C3 NAG QA . 48.99 -33.08 31.56
C4 NAG QA . 49.70 -34.39 31.31
C5 NAG QA . 48.67 -35.43 30.87
C6 NAG QA . 49.25 -36.81 30.66
C7 NAG QA . 47.59 -31.13 33.80
C8 NAG QA . 46.79 -29.87 33.90
N2 NAG QA . 47.21 -31.99 32.84
O3 NAG QA . 49.93 -32.10 31.98
O4 NAG QA . 50.69 -34.24 30.30
O5 NAG QA . 47.66 -35.57 31.89
O6 NAG QA . 48.27 -37.72 30.22
O7 NAG QA . 48.53 -31.35 34.55
C1 NAG RA . -15.66 16.17 29.58
C2 NAG RA . -15.10 16.80 30.87
C3 NAG RA . -16.23 17.19 31.84
C4 NAG RA . -17.32 16.14 31.95
C5 NAG RA . -17.64 15.51 30.59
C6 NAG RA . -19.11 15.38 30.29
C7 NAG RA . -12.88 15.78 31.17
C8 NAG RA . -12.07 14.78 31.95
N2 NAG RA . -14.17 15.89 31.52
O3 NAG RA . -16.79 18.44 31.46
O4 NAG RA . -16.93 15.11 32.85
O5 NAG RA . -17.06 16.30 29.55
O6 NAG RA . -19.32 14.88 28.98
O7 NAG RA . -12.38 16.46 30.28
C1 NAG SA . -32.84 49.20 15.94
C2 NAG SA . -33.94 50.03 15.24
C3 NAG SA . -35.33 49.54 15.65
C4 NAG SA . -35.47 48.04 15.44
C5 NAG SA . -34.35 47.31 16.17
C6 NAG SA . -34.37 45.81 15.94
C7 NAG SA . -32.99 52.27 14.85
C8 NAG SA . -32.98 53.71 15.31
N2 NAG SA . -33.79 51.45 15.54
O3 NAG SA . -36.31 50.23 14.89
O4 NAG SA . -36.72 47.58 15.94
O5 NAG SA . -33.08 47.79 15.69
O6 NAG SA . -33.79 45.48 14.68
O7 NAG SA . -32.30 51.88 13.92
C1 NAG TA . 21.21 42.27 -16.04
C2 NAG TA . 22.65 42.66 -16.43
C3 NAG TA . 23.16 43.79 -15.54
C4 NAG TA . 22.20 44.97 -15.56
C5 NAG TA . 20.82 44.50 -15.13
C6 NAG TA . 19.78 45.59 -15.22
C7 NAG TA . 23.90 40.73 -15.43
C8 NAG TA . 24.89 39.64 -15.77
N2 NAG TA . 23.57 41.53 -16.46
O3 NAG TA . 24.46 44.20 -15.97
O4 NAG TA . 22.67 46.00 -14.68
O5 NAG TA . 20.37 43.45 -16.00
O6 NAG TA . 20.20 46.75 -14.52
O7 NAG TA . 23.47 40.87 -14.30
C1 NAG UA . -29.00 52.66 -25.75
C2 NAG UA . -30.00 51.52 -25.52
C3 NAG UA . -31.41 51.91 -25.98
C4 NAG UA . -31.82 53.22 -25.32
C5 NAG UA . -30.78 54.30 -25.63
C6 NAG UA . -31.07 55.62 -24.96
C7 NAG UA . -29.36 50.01 -27.45
C8 NAG UA . -28.92 48.62 -27.78
N2 NAG UA . -29.58 50.25 -26.13
O3 NAG UA . -32.33 50.88 -25.61
O4 NAG UA . -33.09 53.64 -25.82
O5 NAG UA . -29.50 53.87 -25.14
O6 NAG UA . -29.95 56.11 -24.25
O7 NAG UA . -29.53 50.86 -28.32
C1 NAG VA . 37.57 31.47 -6.81
C2 NAG VA . 37.97 31.12 -5.37
C3 NAG VA . 38.61 32.32 -4.67
C4 NAG VA . 39.77 32.85 -5.50
C5 NAG VA . 39.33 33.15 -6.92
C6 NAG VA . 40.47 33.53 -7.83
C7 NAG VA . 35.68 31.18 -4.31
C8 NAG VA . 34.72 30.36 -3.50
N2 NAG VA . 36.85 30.58 -4.59
O3 NAG VA . 39.07 31.92 -3.38
O4 NAG VA . 40.31 34.02 -4.91
O5 NAG VA . 38.72 31.98 -7.51
O6 NAG VA . 41.54 32.61 -7.73
O7 NAG VA . 35.41 32.33 -4.66
C1 NAG WA . 20.39 29.06 29.51
C2 NAG WA . 19.02 29.10 30.23
C3 NAG WA . 18.21 30.35 29.84
C4 NAG WA . 18.70 31.01 28.56
C5 NAG WA . 19.10 29.96 27.53
C6 NAG WA . 19.55 30.54 26.22
C7 NAG WA . 18.08 26.88 30.84
C8 NAG WA . 18.73 27.04 32.19
N2 NAG WA . 18.25 27.88 29.96
O3 NAG WA . 18.26 31.29 30.91
O4 NAG WA . 17.68 31.83 28.01
O5 NAG WA . 20.19 29.16 28.03
O6 NAG WA . 19.00 29.82 25.12
O7 NAG WA . 17.42 25.89 30.56
C1 NAG XA . 13.70 3.41 37.12
C2 NAG XA . 13.35 3.05 38.57
C3 NAG XA . 11.89 3.39 38.86
C4 NAG XA . 11.61 4.85 38.53
C5 NAG XA . 11.97 5.13 37.08
C6 NAG XA . 11.84 6.59 36.70
C7 NAG XA . 14.83 1.21 39.22
C8 NAG XA . 14.92 -0.27 39.48
N2 NAG XA . 13.62 1.65 38.86
O3 NAG XA . 11.60 3.14 40.24
O4 NAG XA . 10.23 5.14 38.74
O5 NAG XA . 13.35 4.77 36.85
O6 NAG XA . 12.98 7.33 37.13
O7 NAG XA . 15.80 1.94 39.31
C1 NAG YA . 22.16 -11.64 47.10
C2 NAG YA . 21.34 -11.73 48.38
C3 NAG YA . 21.33 -10.39 49.10
C4 NAG YA . 22.74 -9.89 49.34
C5 NAG YA . 23.53 -9.87 48.04
C6 NAG YA . 24.98 -9.54 48.23
C7 NAG YA . 19.23 -12.87 48.94
C8 NAG YA . 17.86 -13.26 48.47
N2 NAG YA . 19.99 -12.18 48.08
O3 NAG YA . 20.64 -10.49 50.35
O4 NAG YA . 22.71 -8.58 49.91
O5 NAG YA . 23.49 -11.18 47.42
O6 NAG YA . 25.45 -8.66 47.21
O7 NAG YA . 19.65 -13.17 50.06
#